data_1T8Y
#
_entry.id   1T8Y
#
_cell.length_a   268.500
_cell.length_b   268.500
_cell.length_c   114.200
_cell.angle_alpha   90.00
_cell.angle_beta   90.00
_cell.angle_gamma   90.00
#
_symmetry.space_group_name_H-M   'I 4'
#
loop_
_entity.id
_entity.type
_entity.pdbx_description
1 polymer 'AMP nucleosidase'
2 non-polymer 'PHOSPHATE ION'
3 water water
#
_entity_poly.entity_id   1
_entity_poly.type   'polypeptide(L)'
_entity_poly.pdbx_seq_one_letter_code
;MNNKGSGLTPAQALDKLDALYEQSVVALRNAIGNYITSGELPDENARKQGLFVYPSLTVTWDGSTTNPPKTRAFGRFTHA
GSYTTTITRPTLFRSYLNEQLTLLYQDYGAHISVQPSQHEIPYPYVIDGSELTLDRS(MSE)SAGLTRYFPTTELAQIGD
ETADGIYHPTEFSPLSHFDARRVDFSLARLRHYTGTPVEHFQPFVLFTNYTRYVDEFVRWGCSQILDPDSPYIALSCAGG
NWITAETEAPEEAISDLAWKKHQ(MSE)PAWHLITADGQGITLVNIGVGPSNAKTICDHLAVLRPDVWL(MSE)IGHCGG
LRESQAIGDYVLAHAYLRDDHVLDAVLPPDIPIPSIAEVQRALYDATKLVSGRPGEEVKQRLRTGTVVTTDDRNWELRYS
ASALRFNLSRAVAID(MSE)ESATIAAQGYRFRVPYGTLLCVSDKPLHGEIKLPGQANRFYEGAISEHLQIGIRAIDLLR
AEGDRLHSRKLRTFNEPPFR
;
_entity_poly.pdbx_strand_id   A,B,C,D,E,F
#
loop_
_chem_comp.id
_chem_comp.type
_chem_comp.name
_chem_comp.formula
PO4 non-polymer 'PHOSPHATE ION' 'O4 P -3'
#
# COMPACT_ATOMS: atom_id res chain seq x y z
N LEU A 8 18.28 -50.49 4.21
CA LEU A 8 19.05 -50.19 2.95
C LEU A 8 20.19 -49.17 3.18
N THR A 9 21.33 -49.39 2.55
CA THR A 9 22.48 -48.51 2.77
C THR A 9 22.78 -47.52 1.65
N PRO A 10 23.66 -46.53 1.93
CA PRO A 10 24.07 -45.50 0.98
C PRO A 10 24.41 -46.05 -0.38
N ALA A 11 25.57 -46.68 -0.47
CA ALA A 11 26.01 -47.24 -1.73
C ALA A 11 24.91 -48.03 -2.43
N GLN A 12 24.16 -48.83 -1.65
CA GLN A 12 23.07 -49.63 -2.23
C GLN A 12 21.99 -48.73 -2.80
N ALA A 13 21.58 -47.74 -2.01
CA ALA A 13 20.54 -46.80 -2.42
C ALA A 13 20.93 -46.12 -3.74
N LEU A 14 22.18 -45.67 -3.82
CA LEU A 14 22.67 -45.01 -5.03
C LEU A 14 22.54 -45.91 -6.24
N ASP A 15 22.86 -47.18 -6.07
CA ASP A 15 22.77 -48.10 -7.19
C ASP A 15 21.33 -48.36 -7.61
N LYS A 16 20.43 -48.52 -6.64
CA LYS A 16 19.04 -48.75 -6.98
C LYS A 16 18.48 -47.51 -7.66
N LEU A 17 18.98 -46.35 -7.25
CA LEU A 17 18.53 -45.10 -7.86
C LEU A 17 19.02 -45.13 -9.29
N ASP A 18 20.33 -45.32 -9.46
CA ASP A 18 20.94 -45.39 -10.78
C ASP A 18 20.10 -46.30 -11.66
N ALA A 19 19.87 -47.51 -11.15
CA ALA A 19 19.11 -48.52 -11.86
C ALA A 19 17.72 -48.03 -12.27
N LEU A 20 16.89 -47.80 -11.26
CA LEU A 20 15.53 -47.35 -11.49
C LEU A 20 15.44 -46.22 -12.49
N TYR A 21 16.36 -45.26 -12.39
CA TYR A 21 16.40 -44.11 -13.29
C TYR A 21 16.66 -44.50 -14.76
N GLU A 22 17.84 -45.06 -15.02
CA GLU A 22 18.22 -45.48 -16.36
C GLU A 22 17.07 -46.26 -16.98
N GLN A 23 16.51 -47.16 -16.18
CA GLN A 23 15.40 -47.99 -16.63
C GLN A 23 14.27 -47.13 -17.19
N SER A 24 13.81 -46.16 -16.42
CA SER A 24 12.73 -45.27 -16.82
C SER A 24 13.03 -44.39 -18.04
N VAL A 25 14.19 -43.75 -18.03
CA VAL A 25 14.55 -42.91 -19.16
C VAL A 25 14.64 -43.77 -20.42
N VAL A 26 15.27 -44.93 -20.33
CA VAL A 26 15.38 -45.82 -21.48
C VAL A 26 13.99 -46.28 -21.95
N ALA A 27 13.14 -46.62 -21.00
CA ALA A 27 11.79 -47.06 -21.29
C ALA A 27 10.97 -45.99 -22.01
N LEU A 28 11.22 -44.72 -21.65
CA LEU A 28 10.51 -43.59 -22.25
C LEU A 28 11.02 -43.33 -23.65
N ARG A 29 12.35 -43.34 -23.80
CA ARG A 29 12.96 -43.12 -25.12
C ARG A 29 12.38 -44.16 -26.06
N ASN A 30 12.33 -45.40 -25.58
CA ASN A 30 11.80 -46.48 -26.36
C ASN A 30 10.36 -46.15 -26.75
N ALA A 31 9.53 -45.85 -25.75
CA ALA A 31 8.12 -45.52 -26.01
C ALA A 31 7.97 -44.42 -27.05
N ILE A 32 8.80 -43.38 -26.95
CA ILE A 32 8.73 -42.27 -27.88
C ILE A 32 9.07 -42.68 -29.32
N GLY A 33 10.11 -43.49 -29.46
CA GLY A 33 10.51 -43.96 -30.77
C GLY A 33 9.39 -44.81 -31.35
N ASN A 34 8.97 -45.81 -30.59
CA ASN A 34 7.89 -46.71 -31.01
C ASN A 34 6.70 -45.91 -31.51
N TYR A 35 6.47 -44.72 -30.95
CA TYR A 35 5.34 -43.89 -31.38
C TYR A 35 5.70 -43.19 -32.67
N ILE A 36 6.88 -42.59 -32.70
CA ILE A 36 7.30 -41.88 -33.88
C ILE A 36 7.34 -42.79 -35.11
N THR A 37 7.87 -43.99 -34.95
CA THR A 37 7.99 -44.94 -36.06
C THR A 37 6.68 -45.60 -36.46
N SER A 38 5.99 -46.22 -35.51
CA SER A 38 4.74 -46.89 -35.88
C SER A 38 3.48 -46.18 -35.43
N GLY A 39 3.58 -45.33 -34.42
CA GLY A 39 2.42 -44.63 -33.92
C GLY A 39 1.82 -45.40 -32.75
N GLU A 40 2.65 -46.25 -32.16
CA GLU A 40 2.25 -47.07 -31.04
C GLU A 40 2.25 -46.29 -29.73
N LEU A 41 1.28 -46.57 -28.87
CA LEU A 41 1.14 -45.90 -27.59
C LEU A 41 1.54 -46.84 -26.46
N PRO A 42 2.02 -46.28 -25.33
CA PRO A 42 2.43 -47.11 -24.20
C PRO A 42 1.17 -47.66 -23.53
N ASP A 43 1.27 -48.79 -22.84
CA ASP A 43 0.08 -49.35 -22.18
C ASP A 43 -0.10 -48.72 -20.80
N GLU A 44 -1.23 -48.07 -20.61
CA GLU A 44 -1.53 -47.38 -19.37
C GLU A 44 -1.19 -48.18 -18.13
N ASN A 45 -1.25 -49.49 -18.24
CA ASN A 45 -0.97 -50.36 -17.11
C ASN A 45 0.48 -50.30 -16.67
N ALA A 46 1.41 -50.45 -17.61
CA ALA A 46 2.83 -50.43 -17.29
C ALA A 46 3.27 -49.07 -16.73
N ARG A 47 2.60 -48.00 -17.18
CA ARG A 47 2.90 -46.65 -16.70
C ARG A 47 2.52 -46.59 -15.24
N LYS A 48 1.28 -46.97 -14.93
CA LYS A 48 0.78 -46.97 -13.57
C LYS A 48 1.75 -47.76 -12.69
N GLN A 49 2.36 -48.78 -13.29
CA GLN A 49 3.30 -49.62 -12.58
C GLN A 49 4.63 -48.90 -12.32
N GLY A 50 4.82 -47.75 -12.96
CA GLY A 50 6.04 -46.96 -12.77
C GLY A 50 7.00 -47.05 -13.94
N LEU A 51 6.44 -47.10 -15.15
CA LEU A 51 7.24 -47.23 -16.37
C LEU A 51 8.15 -46.03 -16.65
N PHE A 52 7.57 -44.84 -16.59
CA PHE A 52 8.30 -43.60 -16.87
C PHE A 52 8.69 -42.79 -15.63
N VAL A 53 8.28 -43.27 -14.46
CA VAL A 53 8.54 -42.60 -13.18
C VAL A 53 10.01 -42.39 -12.76
N TYR A 54 10.27 -41.34 -11.99
CA TYR A 54 11.62 -41.09 -11.48
C TYR A 54 11.76 -41.97 -10.24
N PRO A 55 13.01 -42.26 -9.81
CA PRO A 55 13.15 -43.08 -8.62
C PRO A 55 12.69 -42.18 -7.47
N SER A 56 12.45 -42.76 -6.32
CA SER A 56 12.02 -41.98 -5.17
C SER A 56 12.88 -42.37 -3.96
N LEU A 57 13.65 -41.43 -3.45
CA LEU A 57 14.54 -41.67 -2.31
C LEU A 57 13.89 -41.26 -0.98
N THR A 58 13.83 -42.20 -0.05
CA THR A 58 13.23 -41.93 1.25
C THR A 58 14.15 -42.25 2.41
N VAL A 59 14.18 -41.38 3.41
CA VAL A 59 14.99 -41.60 4.58
C VAL A 59 14.10 -41.38 5.79
N THR A 60 14.20 -42.29 6.77
CA THR A 60 13.38 -42.18 7.96
C THR A 60 14.20 -42.16 9.23
N TRP A 61 13.67 -41.51 10.26
CA TRP A 61 14.33 -41.41 11.53
C TRP A 61 13.31 -41.62 12.65
N ASP A 62 13.60 -42.58 13.52
CA ASP A 62 12.73 -42.92 14.65
C ASP A 62 12.73 -41.81 15.69
N GLY A 63 13.67 -40.88 15.55
CA GLY A 63 13.75 -39.76 16.45
C GLY A 63 14.47 -39.98 17.78
N SER A 64 15.37 -40.95 17.81
CA SER A 64 16.11 -41.21 19.04
C SER A 64 17.55 -41.62 18.80
N THR A 65 18.45 -40.66 19.02
CA THR A 65 19.88 -40.88 18.88
C THR A 65 20.45 -40.22 20.13
N THR A 66 21.45 -40.85 20.73
CA THR A 66 22.07 -40.36 21.95
C THR A 66 22.73 -38.98 21.85
N ASN A 67 23.58 -38.79 20.84
CA ASN A 67 24.27 -37.51 20.66
C ASN A 67 24.04 -36.90 19.27
N PRO A 68 22.81 -36.43 19.00
CA PRO A 68 22.45 -35.82 17.71
C PRO A 68 23.24 -34.56 17.39
N PRO A 69 23.89 -34.52 16.23
CA PRO A 69 24.65 -33.31 15.89
C PRO A 69 23.69 -32.12 15.93
N LYS A 70 24.03 -31.10 16.72
CA LYS A 70 23.19 -29.91 16.84
C LYS A 70 23.91 -28.65 16.38
N THR A 71 25.16 -28.79 15.97
CA THR A 71 25.96 -27.65 15.51
C THR A 71 26.14 -27.67 14.00
N ARG A 72 26.09 -28.84 13.40
CA ARG A 72 26.27 -28.92 11.95
C ARG A 72 25.17 -28.11 11.27
N ALA A 73 25.53 -27.50 10.16
CA ALA A 73 24.61 -26.67 9.42
C ALA A 73 23.64 -27.47 8.56
N PHE A 74 24.10 -28.60 8.08
CA PHE A 74 23.27 -29.42 7.22
C PHE A 74 23.28 -30.90 7.61
N GLY A 75 22.50 -31.69 6.89
CA GLY A 75 22.44 -33.11 7.17
C GLY A 75 21.96 -33.38 8.57
N ARG A 76 20.93 -32.68 9.01
CA ARG A 76 20.38 -32.87 10.34
C ARG A 76 18.91 -33.21 10.28
N PHE A 77 18.36 -33.57 11.43
CA PHE A 77 16.94 -33.92 11.54
C PHE A 77 16.31 -33.03 12.60
N THR A 78 15.26 -32.32 12.21
CA THR A 78 14.59 -31.42 13.13
C THR A 78 13.71 -32.24 14.03
N HIS A 79 12.99 -33.15 13.39
CA HIS A 79 12.06 -34.02 14.07
C HIS A 79 12.22 -35.43 13.52
N ALA A 80 11.39 -36.35 14.03
CA ALA A 80 11.43 -37.73 13.57
C ALA A 80 10.35 -37.95 12.54
N GLY A 81 10.60 -38.86 11.60
CA GLY A 81 9.63 -39.14 10.57
C GLY A 81 10.25 -39.59 9.27
N SER A 82 9.47 -39.51 8.19
CA SER A 82 9.93 -39.90 6.87
C SER A 82 10.14 -38.71 5.94
N TYR A 83 11.32 -38.64 5.34
CA TYR A 83 11.64 -37.57 4.43
C TYR A 83 11.87 -38.19 3.06
N THR A 84 11.16 -37.71 2.06
CA THR A 84 11.29 -38.25 0.72
C THR A 84 11.50 -37.15 -0.33
N THR A 85 11.76 -37.57 -1.56
CA THR A 85 11.94 -36.67 -2.69
C THR A 85 12.18 -37.51 -3.92
N THR A 86 11.82 -36.99 -5.09
CA THR A 86 12.05 -37.72 -6.33
C THR A 86 13.50 -37.39 -6.67
N ILE A 87 14.15 -38.30 -7.39
CA ILE A 87 15.55 -38.11 -7.76
C ILE A 87 15.73 -38.19 -9.26
N THR A 88 16.75 -37.51 -9.77
CA THR A 88 17.06 -37.52 -11.19
C THR A 88 18.57 -37.45 -11.36
N ARG A 89 19.06 -37.81 -12.54
CA ARG A 89 20.49 -37.81 -12.82
C ARG A 89 21.29 -38.26 -11.59
N PRO A 90 21.03 -39.48 -11.09
CA PRO A 90 21.73 -40.01 -9.92
C PRO A 90 23.24 -40.01 -10.13
N THR A 91 23.65 -40.26 -11.36
CA THR A 91 25.06 -40.28 -11.69
C THR A 91 25.69 -38.93 -11.41
N LEU A 92 25.09 -37.89 -11.96
CA LEU A 92 25.59 -36.54 -11.77
C LEU A 92 25.67 -36.19 -10.29
N PHE A 93 24.64 -36.54 -9.54
CA PHE A 93 24.56 -36.25 -8.10
C PHE A 93 25.08 -37.34 -7.17
N ARG A 94 25.73 -38.34 -7.74
CA ARG A 94 26.30 -39.46 -6.98
C ARG A 94 27.12 -38.96 -5.77
N SER A 95 28.11 -38.10 -6.04
CA SER A 95 28.95 -37.57 -4.96
C SER A 95 28.08 -36.99 -3.86
N TYR A 96 27.32 -35.97 -4.25
CA TYR A 96 26.42 -35.26 -3.33
C TYR A 96 25.47 -36.21 -2.62
N LEU A 97 24.76 -37.01 -3.39
CA LEU A 97 23.80 -37.94 -2.83
C LEU A 97 24.41 -38.88 -1.80
N ASN A 98 25.63 -39.32 -2.08
CA ASN A 98 26.31 -40.21 -1.16
C ASN A 98 26.67 -39.44 0.11
N GLU A 99 27.47 -38.38 -0.05
CA GLU A 99 27.88 -37.56 1.08
C GLU A 99 26.73 -37.27 2.03
N GLN A 100 25.56 -36.96 1.47
CA GLN A 100 24.40 -36.63 2.29
C GLN A 100 23.76 -37.84 2.95
N LEU A 101 23.46 -38.87 2.16
CA LEU A 101 22.85 -40.10 2.69
C LEU A 101 23.71 -40.69 3.80
N THR A 102 25.02 -40.70 3.56
CA THR A 102 25.97 -41.22 4.53
C THR A 102 25.77 -40.51 5.88
N LEU A 103 25.84 -39.19 5.87
CA LEU A 103 25.67 -38.42 7.10
C LEU A 103 24.43 -38.81 7.89
N LEU A 104 23.31 -38.98 7.21
CA LEU A 104 22.08 -39.35 7.89
C LEU A 104 22.09 -40.80 8.33
N TYR A 105 22.71 -41.63 7.51
CA TYR A 105 22.81 -43.06 7.79
C TYR A 105 23.60 -43.31 9.06
N GLN A 106 24.82 -42.77 9.11
CA GLN A 106 25.71 -42.93 10.25
C GLN A 106 25.31 -42.12 11.50
N ASP A 107 25.47 -40.81 11.45
CA ASP A 107 25.14 -39.96 12.58
C ASP A 107 23.76 -40.15 13.18
N TYR A 108 22.76 -40.49 12.37
CA TYR A 108 21.42 -40.68 12.92
C TYR A 108 20.92 -42.10 12.81
N GLY A 109 21.62 -42.92 12.02
CA GLY A 109 21.21 -44.30 11.83
C GLY A 109 19.84 -44.34 11.17
N ALA A 110 19.72 -43.66 10.03
CA ALA A 110 18.44 -43.59 9.32
C ALA A 110 18.17 -44.76 8.40
N HIS A 111 16.89 -45.00 8.17
CA HIS A 111 16.44 -46.08 7.31
C HIS A 111 16.22 -45.59 5.88
N ILE A 112 17.15 -45.93 4.99
CA ILE A 112 17.08 -45.56 3.59
C ILE A 112 16.25 -46.58 2.79
N SER A 113 15.60 -46.11 1.73
CA SER A 113 14.80 -46.98 0.86
C SER A 113 14.55 -46.28 -0.47
N VAL A 114 14.66 -47.03 -1.56
CA VAL A 114 14.44 -46.48 -2.88
C VAL A 114 13.29 -47.21 -3.56
N GLN A 115 12.49 -46.50 -4.36
CA GLN A 115 11.36 -47.11 -5.04
C GLN A 115 10.68 -46.18 -6.04
N PRO A 116 10.07 -46.75 -7.09
CA PRO A 116 9.38 -45.91 -8.08
C PRO A 116 8.43 -44.88 -7.45
N SER A 117 8.58 -43.64 -7.88
CA SER A 117 7.76 -42.55 -7.40
C SER A 117 6.42 -42.57 -8.16
N GLN A 118 5.69 -41.47 -8.10
CA GLN A 118 4.41 -41.37 -8.78
C GLN A 118 4.50 -40.34 -9.87
N HIS A 119 5.70 -39.82 -10.09
CA HIS A 119 5.92 -38.77 -11.09
C HIS A 119 6.71 -39.24 -12.30
N GLU A 120 6.10 -39.13 -13.48
CA GLU A 120 6.76 -39.53 -14.72
C GLU A 120 7.72 -38.45 -15.20
N ILE A 121 8.72 -38.86 -15.95
CA ILE A 121 9.71 -37.93 -16.47
C ILE A 121 9.19 -37.28 -17.73
N PRO A 122 9.12 -35.94 -17.77
CA PRO A 122 8.64 -35.26 -18.98
C PRO A 122 9.50 -35.73 -20.15
N TYR A 123 8.88 -36.12 -21.25
CA TYR A 123 9.65 -36.64 -22.38
C TYR A 123 10.78 -35.76 -22.90
N PRO A 124 10.64 -34.43 -22.83
CA PRO A 124 11.76 -33.62 -23.33
C PRO A 124 13.06 -33.84 -22.59
N TYR A 125 12.98 -34.24 -21.33
CA TYR A 125 14.17 -34.45 -20.54
C TYR A 125 14.92 -35.75 -20.85
N VAL A 126 14.31 -36.66 -21.62
CA VAL A 126 14.96 -37.91 -21.96
C VAL A 126 15.49 -37.93 -23.38
N ILE A 127 15.03 -36.99 -24.20
CA ILE A 127 15.51 -36.91 -25.56
C ILE A 127 16.92 -36.32 -25.53
N ASP A 128 17.89 -37.20 -25.37
CA ASP A 128 19.32 -36.90 -25.28
C ASP A 128 19.88 -36.07 -26.44
N GLY A 129 19.78 -36.62 -27.65
CA GLY A 129 20.26 -35.93 -28.84
C GLY A 129 19.45 -34.69 -29.15
N SER A 130 19.77 -34.06 -30.28
CA SER A 130 19.08 -32.84 -30.73
C SER A 130 17.59 -32.85 -30.44
N GLU A 131 17.00 -31.66 -30.42
CA GLU A 131 15.57 -31.55 -30.20
C GLU A 131 14.94 -32.20 -31.43
N LEU A 132 13.63 -32.36 -31.40
CA LEU A 132 12.94 -32.97 -32.51
C LEU A 132 12.41 -31.98 -33.52
N THR A 133 12.12 -32.49 -34.70
CA THR A 133 11.60 -31.68 -35.80
C THR A 133 10.28 -32.26 -36.27
N LEU A 134 9.61 -32.99 -35.38
CA LEU A 134 8.32 -33.58 -35.72
C LEU A 134 7.36 -32.51 -36.23
N ASP A 135 6.48 -32.90 -37.14
CA ASP A 135 5.51 -31.98 -37.70
C ASP A 135 4.44 -31.63 -36.67
N ARG A 136 3.41 -30.93 -37.11
CA ARG A 136 2.33 -30.53 -36.22
C ARG A 136 1.72 -31.69 -35.47
N SER A 137 0.97 -32.51 -36.18
CA SER A 137 0.31 -33.66 -35.58
C SER A 137 1.24 -34.49 -34.71
N MSE A 138 2.42 -34.80 -35.22
CA MSE A 138 3.36 -35.59 -34.45
C MSE A 138 3.60 -34.99 -33.07
O MSE A 138 3.60 -35.73 -32.07
CB MSE A 138 4.68 -35.75 -35.22
CG MSE A 138 4.73 -36.98 -36.16
SE MSE A 138 4.31 -38.73 -35.27
CE MSE A 138 5.97 -38.99 -34.29
N SER A 139 3.80 -33.68 -33.01
CA SER A 139 4.04 -33.01 -31.74
C SER A 139 2.80 -33.10 -30.86
N ALA A 140 1.66 -32.70 -31.42
CA ALA A 140 0.41 -32.73 -30.69
C ALA A 140 0.22 -34.10 -30.06
N GLY A 141 0.47 -35.14 -30.85
CA GLY A 141 0.32 -36.49 -30.36
C GLY A 141 1.26 -36.75 -29.22
N LEU A 142 2.47 -36.24 -29.34
CA LEU A 142 3.46 -36.42 -28.29
C LEU A 142 2.99 -35.81 -26.97
N THR A 143 2.76 -34.51 -26.96
CA THR A 143 2.33 -33.82 -25.74
C THR A 143 0.98 -34.32 -25.21
N ARG A 144 0.25 -35.07 -26.03
CA ARG A 144 -1.05 -35.59 -25.60
C ARG A 144 -0.98 -36.97 -24.92
N TYR A 145 -0.16 -37.86 -25.44
CA TYR A 145 -0.06 -39.22 -24.90
C TYR A 145 1.19 -39.50 -24.06
N PHE A 146 2.04 -38.50 -23.90
CA PHE A 146 3.26 -38.69 -23.13
C PHE A 146 3.44 -37.67 -22.03
N PRO A 147 4.41 -37.91 -21.15
CA PRO A 147 4.66 -36.98 -20.07
C PRO A 147 5.29 -35.67 -20.56
N THR A 148 4.68 -34.54 -20.17
CA THR A 148 5.17 -33.23 -20.54
C THR A 148 5.32 -32.37 -19.28
N THR A 149 6.04 -31.26 -19.36
CA THR A 149 6.20 -30.41 -18.19
C THR A 149 4.89 -29.70 -17.90
N GLU A 150 4.52 -29.65 -16.63
CA GLU A 150 3.29 -28.97 -16.26
C GLU A 150 3.55 -27.95 -15.15
N LEU A 151 3.18 -26.69 -15.43
CA LEU A 151 3.39 -25.60 -14.49
C LEU A 151 2.09 -25.23 -13.79
N PHE A 168 6.69 -37.86 4.27
CA PHE A 168 5.76 -36.74 4.13
C PHE A 168 6.47 -35.40 4.13
N SER A 169 7.76 -35.40 4.46
CA SER A 169 8.53 -34.16 4.50
C SER A 169 9.64 -34.13 3.47
N PRO A 170 9.79 -33.00 2.77
CA PRO A 170 10.82 -32.84 1.74
C PRO A 170 12.18 -33.31 2.20
N LEU A 171 12.80 -34.20 1.44
CA LEU A 171 14.12 -34.69 1.79
C LEU A 171 15.20 -33.69 1.34
N SER A 172 14.97 -33.08 0.19
CA SER A 172 15.90 -32.09 -0.35
C SER A 172 15.22 -30.78 -0.71
N HIS A 173 15.99 -29.86 -1.26
CA HIS A 173 15.48 -28.54 -1.65
C HIS A 173 14.70 -28.55 -2.94
N PHE A 174 15.15 -29.35 -3.91
CA PHE A 174 14.47 -29.40 -5.19
C PHE A 174 14.10 -30.84 -5.54
N ASP A 175 12.96 -31.02 -6.19
CA ASP A 175 12.56 -32.37 -6.57
C ASP A 175 13.05 -32.63 -7.99
N ALA A 176 12.90 -33.87 -8.42
CA ALA A 176 13.32 -34.32 -9.75
C ALA A 176 13.05 -33.36 -10.90
N ARG A 177 11.77 -33.05 -11.13
CA ARG A 177 11.39 -32.17 -12.21
C ARG A 177 12.04 -30.80 -12.16
N ARG A 178 12.05 -30.20 -10.96
CA ARG A 178 12.66 -28.88 -10.81
C ARG A 178 14.14 -28.90 -11.17
N VAL A 179 14.82 -30.00 -10.83
CA VAL A 179 16.23 -30.16 -11.12
C VAL A 179 16.48 -30.34 -12.61
N ASP A 180 15.70 -31.22 -13.25
CA ASP A 180 15.86 -31.44 -14.68
C ASP A 180 15.65 -30.14 -15.44
N PHE A 181 14.64 -29.39 -15.03
CA PHE A 181 14.29 -28.09 -15.60
C PHE A 181 15.48 -27.13 -15.56
N SER A 182 16.12 -27.02 -14.41
CA SER A 182 17.25 -26.12 -14.24
C SER A 182 18.50 -26.65 -14.91
N LEU A 183 18.68 -27.96 -14.91
CA LEU A 183 19.87 -28.52 -15.54
C LEU A 183 19.85 -28.19 -17.02
N ALA A 184 18.69 -28.36 -17.66
CA ALA A 184 18.55 -28.04 -19.07
C ALA A 184 18.95 -26.58 -19.34
N ARG A 185 18.39 -25.67 -18.56
CA ARG A 185 18.68 -24.25 -18.71
C ARG A 185 20.15 -23.92 -18.50
N LEU A 186 20.72 -24.39 -17.39
CA LEU A 186 22.11 -24.12 -17.08
C LEU A 186 23.00 -24.34 -18.28
N ARG A 187 22.77 -25.43 -18.99
CA ARG A 187 23.54 -25.78 -20.17
C ARG A 187 23.35 -24.70 -21.25
N HIS A 188 22.11 -24.44 -21.60
CA HIS A 188 21.75 -23.46 -22.61
C HIS A 188 22.34 -22.07 -22.33
N TYR A 189 22.03 -21.51 -21.15
CA TYR A 189 22.51 -20.18 -20.78
C TYR A 189 24.02 -20.13 -20.64
N THR A 190 24.57 -21.16 -20.01
CA THR A 190 25.99 -21.23 -19.75
C THR A 190 26.90 -21.63 -20.89
N GLY A 191 26.41 -22.50 -21.76
CA GLY A 191 27.20 -23.00 -22.87
C GLY A 191 28.24 -23.98 -22.36
N THR A 192 27.88 -24.67 -21.29
CA THR A 192 28.74 -25.62 -20.61
C THR A 192 27.96 -26.82 -20.12
N PRO A 193 28.63 -27.97 -19.92
CA PRO A 193 28.02 -29.21 -19.43
C PRO A 193 27.87 -29.12 -17.91
N VAL A 194 26.69 -29.45 -17.40
CA VAL A 194 26.46 -29.38 -15.96
C VAL A 194 27.45 -30.16 -15.10
N GLU A 195 28.13 -31.14 -15.70
CA GLU A 195 29.08 -31.97 -14.96
C GLU A 195 30.37 -31.25 -14.62
N HIS A 196 30.66 -30.17 -15.35
CA HIS A 196 31.88 -29.40 -15.15
C HIS A 196 31.82 -28.32 -14.08
N PHE A 197 30.62 -28.00 -13.62
CA PHE A 197 30.45 -26.95 -12.59
C PHE A 197 31.15 -27.29 -11.28
N GLN A 198 31.93 -26.34 -10.76
CA GLN A 198 32.65 -26.52 -9.49
C GLN A 198 31.85 -25.95 -8.34
N PRO A 199 32.13 -26.43 -7.11
CA PRO A 199 31.44 -25.99 -5.89
C PRO A 199 31.64 -24.52 -5.50
N PHE A 200 32.71 -23.92 -5.98
CA PHE A 200 32.98 -22.53 -5.66
C PHE A 200 32.77 -21.67 -6.91
N VAL A 201 31.74 -20.81 -6.84
CA VAL A 201 31.36 -19.95 -7.95
C VAL A 201 31.71 -18.48 -7.84
N LEU A 202 32.07 -17.90 -8.98
CA LEU A 202 32.41 -16.49 -9.06
C LEU A 202 31.52 -15.84 -10.12
N PHE A 203 30.81 -14.78 -9.73
CA PHE A 203 29.91 -14.09 -10.64
C PHE A 203 30.53 -12.76 -11.05
N THR A 204 30.61 -12.50 -12.36
CA THR A 204 31.16 -11.22 -12.86
C THR A 204 30.25 -10.53 -13.89
N ASN A 205 30.25 -9.20 -13.85
CA ASN A 205 29.42 -8.41 -14.75
C ASN A 205 30.23 -7.70 -15.83
N TYR A 206 31.51 -8.04 -15.95
CA TYR A 206 32.33 -7.41 -16.96
C TYR A 206 33.11 -8.47 -17.70
N THR A 207 33.08 -8.37 -19.02
CA THR A 207 33.75 -9.31 -19.92
C THR A 207 35.25 -9.46 -19.64
N ARG A 208 35.93 -8.37 -19.31
CA ARG A 208 37.35 -8.44 -19.02
C ARG A 208 37.71 -9.34 -17.84
N TYR A 209 36.74 -9.72 -17.02
CA TYR A 209 37.03 -10.61 -15.89
C TYR A 209 37.27 -12.03 -16.39
N VAL A 210 36.55 -12.43 -17.43
CA VAL A 210 36.72 -13.78 -17.94
C VAL A 210 38.09 -13.87 -18.59
N ASP A 211 38.43 -12.87 -19.39
CA ASP A 211 39.73 -12.86 -20.04
C ASP A 211 40.79 -13.14 -18.99
N GLU A 212 40.84 -12.31 -17.95
CA GLU A 212 41.80 -12.46 -16.89
C GLU A 212 41.73 -13.82 -16.20
N PHE A 213 40.52 -14.38 -16.12
CA PHE A 213 40.30 -15.68 -15.48
C PHE A 213 40.86 -16.78 -16.35
N VAL A 214 40.53 -16.77 -17.63
CA VAL A 214 41.01 -17.78 -18.57
C VAL A 214 42.54 -17.77 -18.55
N ARG A 215 43.13 -16.59 -18.76
CA ARG A 215 44.57 -16.44 -18.76
C ARG A 215 45.18 -17.09 -17.53
N TRP A 216 44.73 -16.66 -16.35
CA TRP A 216 45.22 -17.21 -15.09
C TRP A 216 44.99 -18.70 -15.03
N GLY A 217 43.86 -19.12 -15.61
CA GLY A 217 43.49 -20.53 -15.64
C GLY A 217 44.48 -21.39 -16.37
N CYS A 218 44.65 -21.12 -17.66
CA CYS A 218 45.60 -21.87 -18.49
C CYS A 218 46.95 -21.91 -17.78
N SER A 219 47.38 -20.75 -17.29
CA SER A 219 48.62 -20.65 -16.55
C SER A 219 48.63 -21.69 -15.44
N GLN A 220 47.54 -21.77 -14.67
CA GLN A 220 47.45 -22.74 -13.58
C GLN A 220 47.56 -24.20 -14.01
N ILE A 221 47.00 -24.52 -15.17
CA ILE A 221 47.04 -25.87 -15.68
C ILE A 221 48.48 -26.27 -15.98
N LEU A 222 49.19 -25.43 -16.71
CA LEU A 222 50.58 -25.70 -17.05
C LEU A 222 51.45 -25.86 -15.80
N ASP A 223 51.14 -25.16 -14.72
CA ASP A 223 51.90 -25.30 -13.51
C ASP A 223 51.57 -26.66 -12.93
N PRO A 224 52.57 -27.56 -12.86
CA PRO A 224 52.40 -28.93 -12.33
C PRO A 224 52.26 -28.99 -10.81
N ASP A 225 51.80 -27.90 -10.20
CA ASP A 225 51.59 -27.84 -8.75
C ASP A 225 50.17 -27.36 -8.49
N SER A 226 49.61 -26.67 -9.48
CA SER A 226 48.27 -26.14 -9.38
C SER A 226 47.29 -27.28 -9.62
N PRO A 227 46.46 -27.61 -8.62
CA PRO A 227 45.47 -28.69 -8.74
C PRO A 227 44.57 -28.59 -9.96
N TYR A 228 44.52 -27.40 -10.55
CA TYR A 228 43.69 -27.14 -11.72
C TYR A 228 44.27 -27.87 -12.91
N ILE A 229 43.57 -28.91 -13.35
CA ILE A 229 44.01 -29.76 -14.44
C ILE A 229 43.24 -29.63 -15.76
N ALA A 230 42.21 -28.78 -15.78
CA ALA A 230 41.39 -28.62 -16.98
C ALA A 230 40.63 -27.29 -16.99
N LEU A 231 40.02 -26.98 -18.13
CA LEU A 231 39.25 -25.74 -18.27
C LEU A 231 38.10 -25.85 -19.27
N SER A 232 36.91 -26.16 -18.79
CA SER A 232 35.74 -26.26 -19.66
C SER A 232 35.37 -24.84 -20.04
N CYS A 233 35.18 -24.59 -21.33
CA CYS A 233 34.88 -23.25 -21.82
C CYS A 233 33.52 -23.10 -22.44
N ALA A 234 32.87 -21.97 -22.18
CA ALA A 234 31.56 -21.71 -22.73
C ALA A 234 31.70 -21.78 -24.25
N GLY A 235 30.99 -22.73 -24.84
CA GLY A 235 31.06 -22.92 -26.27
C GLY A 235 31.39 -24.38 -26.57
N GLY A 236 32.26 -24.97 -25.75
CA GLY A 236 32.63 -26.36 -25.95
C GLY A 236 34.08 -26.68 -25.65
N ASN A 237 34.98 -25.81 -26.11
CA ASN A 237 36.41 -26.01 -25.89
C ASN A 237 36.77 -26.58 -24.54
N TRP A 238 37.52 -27.68 -24.55
CA TRP A 238 37.99 -28.33 -23.34
C TRP A 238 39.51 -28.17 -23.38
N ILE A 239 40.07 -27.53 -22.37
CA ILE A 239 41.51 -27.30 -22.35
C ILE A 239 42.25 -28.00 -21.23
N THR A 240 43.23 -28.80 -21.62
CA THR A 240 44.03 -29.53 -20.66
C THR A 240 45.51 -29.21 -20.88
N ALA A 241 46.36 -29.69 -19.97
CA ALA A 241 47.79 -29.46 -20.03
C ALA A 241 48.34 -29.57 -21.45
N GLU A 242 47.86 -30.56 -22.20
CA GLU A 242 48.32 -30.76 -23.56
C GLU A 242 47.28 -30.36 -24.59
N THR A 243 47.26 -29.07 -24.91
CA THR A 243 46.31 -28.57 -25.90
C THR A 243 47.03 -27.60 -26.83
N GLU A 244 47.23 -28.03 -28.08
CA GLU A 244 47.90 -27.24 -29.12
C GLU A 244 47.96 -25.75 -28.83
N ALA A 245 46.93 -25.04 -29.30
CA ALA A 245 46.85 -23.59 -29.12
C ALA A 245 45.70 -23.20 -28.18
N PRO A 246 46.00 -22.95 -26.89
CA PRO A 246 44.98 -22.54 -25.92
C PRO A 246 44.44 -21.14 -26.21
N GLU A 247 44.02 -20.90 -27.45
CA GLU A 247 43.49 -19.60 -27.86
C GLU A 247 41.96 -19.54 -27.94
N GLU A 248 41.37 -20.54 -28.60
CA GLU A 248 39.93 -20.59 -28.76
C GLU A 248 39.20 -20.67 -27.42
N ALA A 249 39.97 -20.56 -26.34
CA ALA A 249 39.42 -20.59 -24.98
C ALA A 249 38.29 -19.59 -24.84
N ILE A 250 38.46 -18.42 -25.46
CA ILE A 250 37.44 -17.37 -25.41
C ILE A 250 36.84 -17.13 -26.81
N SER A 251 36.30 -18.20 -27.40
CA SER A 251 35.67 -18.15 -28.72
C SER A 251 34.55 -17.11 -28.70
N ASP A 252 34.85 -15.91 -29.24
CA ASP A 252 33.89 -14.81 -29.27
C ASP A 252 32.45 -15.21 -29.57
N LEU A 253 32.28 -16.27 -30.36
CA LEU A 253 30.94 -16.73 -30.72
C LEU A 253 30.10 -17.04 -29.47
N ALA A 254 30.78 -17.30 -28.36
CA ALA A 254 30.11 -17.62 -27.10
C ALA A 254 29.11 -16.56 -26.67
N TRP A 255 29.56 -15.31 -26.65
CA TRP A 255 28.71 -14.20 -26.25
C TRP A 255 27.51 -13.91 -27.16
N LYS A 256 27.33 -14.68 -28.21
CA LYS A 256 26.20 -14.47 -29.10
C LYS A 256 25.22 -15.63 -28.94
N LYS A 257 25.74 -16.77 -28.49
CA LYS A 257 24.95 -17.97 -28.30
C LYS A 257 24.58 -18.21 -26.85
N HIS A 258 25.31 -17.60 -25.92
CA HIS A 258 25.04 -17.80 -24.51
C HIS A 258 24.94 -16.51 -23.72
N GLN A 259 23.77 -16.30 -23.14
CA GLN A 259 23.50 -15.11 -22.35
C GLN A 259 24.34 -15.00 -21.09
N MSE A 260 24.93 -16.10 -20.64
CA MSE A 260 25.77 -16.06 -19.44
C MSE A 260 26.78 -17.17 -19.50
O MSE A 260 26.64 -18.18 -18.83
CB MSE A 260 24.93 -16.21 -18.20
CG MSE A 260 24.03 -15.02 -17.95
SE MSE A 260 22.39 -15.65 -17.12
CE MSE A 260 21.36 -16.27 -18.70
N PRO A 261 27.82 -16.96 -20.28
CA PRO A 261 28.93 -17.89 -20.48
C PRO A 261 29.59 -18.25 -19.18
N ALA A 262 29.99 -19.50 -19.05
CA ALA A 262 30.68 -19.95 -17.85
C ALA A 262 32.02 -20.56 -18.23
N TRP A 263 32.91 -20.62 -17.26
CA TRP A 263 34.23 -21.20 -17.43
C TRP A 263 34.55 -21.96 -16.17
N HIS A 264 34.91 -23.23 -16.32
CA HIS A 264 35.20 -24.04 -15.16
C HIS A 264 36.66 -24.51 -15.07
N LEU A 265 37.36 -24.06 -14.03
CA LEU A 265 38.74 -24.50 -13.83
C LEU A 265 38.56 -25.71 -12.94
N ILE A 266 38.54 -26.88 -13.57
CA ILE A 266 38.34 -28.15 -12.89
C ILE A 266 39.58 -28.80 -12.26
N THR A 267 39.34 -29.57 -11.20
CA THR A 267 40.41 -30.28 -10.52
C THR A 267 39.98 -31.73 -10.39
N ALA A 268 40.96 -32.58 -10.08
CA ALA A 268 40.75 -33.99 -9.91
C ALA A 268 39.51 -34.25 -9.05
N ASP A 269 39.57 -33.78 -7.81
CA ASP A 269 38.48 -33.97 -6.85
C ASP A 269 37.30 -33.03 -7.02
N GLY A 270 37.28 -32.29 -8.13
CA GLY A 270 36.19 -31.38 -8.41
C GLY A 270 35.96 -30.26 -7.40
N GLN A 271 37.05 -29.69 -6.89
CA GLN A 271 36.96 -28.58 -5.94
C GLN A 271 37.52 -27.36 -6.62
N GLY A 272 37.29 -27.27 -7.93
CA GLY A 272 37.76 -26.14 -8.71
C GLY A 272 37.00 -24.84 -8.50
N ILE A 273 37.04 -23.99 -9.52
CA ILE A 273 36.37 -22.70 -9.49
C ILE A 273 35.58 -22.48 -10.77
N THR A 274 34.30 -22.19 -10.63
CA THR A 274 33.46 -21.94 -11.78
C THR A 274 33.20 -20.46 -11.82
N LEU A 275 33.36 -19.87 -13.01
CA LEU A 275 33.10 -18.47 -13.17
C LEU A 275 32.04 -18.22 -14.24
N VAL A 276 31.01 -17.50 -13.84
CA VAL A 276 29.92 -17.16 -14.74
C VAL A 276 29.86 -15.65 -14.92
N ASN A 277 29.79 -15.21 -16.17
CA ASN A 277 29.67 -13.80 -16.43
C ASN A 277 28.18 -13.57 -16.67
N ILE A 278 27.49 -13.21 -15.60
CA ILE A 278 26.06 -13.00 -15.63
C ILE A 278 25.63 -11.77 -16.42
N GLY A 279 26.61 -10.96 -16.82
CA GLY A 279 26.26 -9.77 -17.57
C GLY A 279 25.55 -8.78 -16.68
N VAL A 280 24.77 -7.87 -17.26
CA VAL A 280 24.07 -6.84 -16.48
C VAL A 280 22.53 -6.89 -16.45
N GLY A 281 21.99 -6.68 -15.23
CA GLY A 281 20.56 -6.68 -14.99
C GLY A 281 20.19 -7.63 -13.88
N PRO A 282 19.29 -7.26 -12.97
CA PRO A 282 18.89 -8.16 -11.89
C PRO A 282 18.13 -9.35 -12.43
N SER A 283 17.42 -9.10 -13.51
CA SER A 283 16.62 -10.13 -14.18
C SER A 283 17.53 -11.32 -14.44
N ASN A 284 18.74 -11.04 -14.91
CA ASN A 284 19.73 -12.06 -15.23
C ASN A 284 20.31 -12.80 -14.01
N ALA A 285 20.68 -12.03 -13.00
CA ALA A 285 21.24 -12.59 -11.77
C ALA A 285 20.22 -13.56 -11.16
N LYS A 286 18.95 -13.21 -11.17
CA LYS A 286 17.98 -14.12 -10.60
C LYS A 286 17.91 -15.41 -11.38
N THR A 287 17.76 -15.29 -12.70
CA THR A 287 17.64 -16.46 -13.56
C THR A 287 18.78 -17.45 -13.38
N ILE A 288 20.01 -16.97 -13.45
CA ILE A 288 21.17 -17.85 -13.31
C ILE A 288 21.19 -18.60 -11.97
N CYS A 289 20.92 -17.92 -10.87
CA CYS A 289 20.93 -18.57 -9.56
C CYS A 289 19.79 -19.57 -9.42
N ASP A 290 18.65 -19.27 -10.02
CA ASP A 290 17.50 -20.18 -9.94
C ASP A 290 17.94 -21.57 -10.34
N HIS A 291 18.79 -21.65 -11.36
CA HIS A 291 19.25 -22.93 -11.88
C HIS A 291 20.51 -23.43 -11.20
N LEU A 292 21.54 -22.59 -11.19
CA LEU A 292 22.80 -22.99 -10.57
C LEU A 292 22.60 -23.50 -9.14
N ALA A 293 21.48 -23.16 -8.51
CA ALA A 293 21.20 -23.58 -7.16
C ALA A 293 20.96 -25.07 -7.00
N VAL A 294 20.42 -25.72 -8.04
CA VAL A 294 20.13 -27.15 -7.95
C VAL A 294 21.40 -28.00 -7.87
N LEU A 295 22.53 -27.42 -8.29
CA LEU A 295 23.80 -28.13 -8.19
C LEU A 295 24.35 -28.00 -6.78
N ARG A 296 23.59 -27.38 -5.88
CA ARG A 296 24.00 -27.21 -4.48
C ARG A 296 25.45 -26.76 -4.28
N PRO A 297 25.81 -25.56 -4.81
CA PRO A 297 27.19 -25.07 -4.66
C PRO A 297 27.53 -24.83 -3.20
N ASP A 298 28.80 -24.54 -2.93
CA ASP A 298 29.23 -24.29 -1.58
C ASP A 298 29.27 -22.80 -1.29
N VAL A 299 29.39 -22.01 -2.35
CA VAL A 299 29.43 -20.57 -2.20
C VAL A 299 29.59 -19.84 -3.53
N TRP A 300 28.83 -18.77 -3.71
CA TRP A 300 29.02 -17.98 -4.91
C TRP A 300 29.32 -16.56 -4.49
N LEU A 301 30.27 -15.95 -5.19
CA LEU A 301 30.71 -14.60 -4.89
C LEU A 301 30.48 -13.64 -6.06
N MSE A 302 30.00 -12.44 -5.72
CA MSE A 302 29.75 -11.40 -6.73
C MSE A 302 31.00 -10.58 -6.89
O MSE A 302 31.35 -9.78 -6.02
CB MSE A 302 28.61 -10.47 -6.29
CG MSE A 302 28.29 -9.39 -7.33
SE MSE A 302 27.77 -10.14 -9.16
CE MSE A 302 28.87 -8.97 -10.42
N ILE A 303 31.69 -10.79 -8.00
CA ILE A 303 32.91 -10.06 -8.26
C ILE A 303 32.68 -9.20 -9.50
N GLY A 304 32.33 -7.95 -9.27
CA GLY A 304 32.10 -7.05 -10.39
C GLY A 304 32.38 -5.60 -10.07
N HIS A 305 32.04 -4.73 -11.04
CA HIS A 305 32.25 -3.30 -10.90
C HIS A 305 31.01 -2.67 -10.27
N CYS A 306 31.14 -1.41 -9.89
CA CYS A 306 30.05 -0.68 -9.26
C CYS A 306 30.37 0.81 -9.24
N GLY A 307 29.39 1.61 -8.82
CA GLY A 307 29.58 3.05 -8.74
C GLY A 307 29.87 3.47 -7.31
N GLY A 308 30.87 4.31 -7.14
CA GLY A 308 31.22 4.76 -5.81
C GLY A 308 30.37 5.96 -5.47
N LEU A 309 29.64 5.87 -4.38
CA LEU A 309 28.78 6.97 -3.98
C LEU A 309 29.40 7.96 -3.01
N ARG A 310 30.47 7.56 -2.33
CA ARG A 310 31.12 8.46 -1.37
C ARG A 310 32.24 9.24 -2.01
N GLU A 311 32.36 10.52 -1.68
CA GLU A 311 33.42 11.29 -2.31
C GLU A 311 34.80 10.76 -1.94
N SER A 312 34.94 10.25 -0.72
CA SER A 312 36.24 9.70 -0.28
C SER A 312 36.72 8.45 -1.03
N GLN A 313 35.89 7.90 -1.91
CA GLN A 313 36.25 6.71 -2.69
C GLN A 313 37.00 7.09 -3.96
N ALA A 314 37.93 6.25 -4.38
CA ALA A 314 38.69 6.50 -5.60
C ALA A 314 38.47 5.34 -6.55
N ILE A 315 38.39 5.62 -7.84
CA ILE A 315 38.20 4.54 -8.80
C ILE A 315 39.26 3.48 -8.57
N GLY A 316 38.83 2.23 -8.46
CA GLY A 316 39.79 1.15 -8.23
C GLY A 316 39.69 0.60 -6.83
N ASP A 317 39.04 1.36 -5.95
CA ASP A 317 38.85 0.93 -4.56
C ASP A 317 37.88 -0.26 -4.49
N TYR A 318 37.88 -0.93 -3.35
CA TYR A 318 37.00 -2.08 -3.19
C TYR A 318 35.90 -1.79 -2.19
N VAL A 319 34.83 -2.54 -2.35
CA VAL A 319 33.68 -2.38 -1.50
C VAL A 319 33.24 -3.76 -1.04
N LEU A 320 33.17 -3.95 0.28
CA LEU A 320 32.72 -5.21 0.81
C LEU A 320 31.30 -4.97 1.30
N ALA A 321 30.34 -5.49 0.55
CA ALA A 321 28.94 -5.33 0.90
C ALA A 321 28.67 -6.02 2.22
N HIS A 322 28.06 -5.30 3.16
CA HIS A 322 27.73 -5.88 4.45
C HIS A 322 26.22 -5.79 4.64
N ALA A 323 25.53 -5.32 3.61
CA ALA A 323 24.06 -5.16 3.62
C ALA A 323 23.64 -4.69 2.22
N TYR A 324 22.35 -4.80 1.91
CA TYR A 324 21.88 -4.38 0.58
C TYR A 324 20.58 -3.59 0.59
N LEU A 325 20.52 -2.54 -0.22
CA LEU A 325 19.26 -1.81 -0.37
C LEU A 325 18.73 -2.44 -1.65
N ARG A 326 17.72 -3.29 -1.51
CA ARG A 326 17.15 -3.98 -2.65
C ARG A 326 16.21 -3.22 -3.58
N ASP A 327 16.79 -2.46 -4.52
CA ASP A 327 15.98 -1.73 -5.49
C ASP A 327 16.05 -2.53 -6.79
N ASP A 328 16.09 -3.85 -6.66
CA ASP A 328 16.18 -4.72 -7.81
C ASP A 328 14.81 -5.23 -8.31
N HIS A 329 13.80 -5.09 -7.45
CA HIS A 329 12.40 -5.49 -7.71
C HIS A 329 12.16 -6.95 -8.06
N VAL A 330 13.08 -7.53 -8.82
CA VAL A 330 12.92 -8.90 -9.30
C VAL A 330 12.62 -10.01 -8.29
N LEU A 331 12.91 -9.80 -7.01
CA LEU A 331 12.64 -10.82 -6.02
C LEU A 331 11.65 -10.41 -4.93
N ASP A 332 11.09 -9.21 -5.07
CA ASP A 332 10.14 -8.66 -4.11
C ASP A 332 8.97 -9.57 -3.81
N ALA A 333 8.47 -10.25 -4.83
CA ALA A 333 7.34 -11.15 -4.64
C ALA A 333 7.65 -12.27 -3.68
N VAL A 334 8.64 -13.09 -4.02
CA VAL A 334 9.05 -14.24 -3.22
C VAL A 334 9.81 -13.93 -1.94
N LEU A 335 10.40 -12.75 -1.85
CA LEU A 335 11.16 -12.35 -0.68
C LEU A 335 10.97 -10.86 -0.43
N PRO A 336 9.89 -10.49 0.28
CA PRO A 336 9.57 -9.10 0.59
C PRO A 336 10.79 -8.29 1.04
N PRO A 337 10.88 -7.02 0.60
CA PRO A 337 12.01 -6.13 0.93
C PRO A 337 12.27 -5.89 2.41
N ASP A 338 11.31 -6.19 3.27
CA ASP A 338 11.54 -5.99 4.69
C ASP A 338 12.12 -7.26 5.37
N ILE A 339 12.31 -8.31 4.58
CA ILE A 339 12.92 -9.54 5.09
C ILE A 339 14.42 -9.25 5.10
N PRO A 340 15.07 -9.39 6.25
CA PRO A 340 16.51 -9.13 6.36
C PRO A 340 17.46 -10.14 5.73
N ILE A 341 18.33 -9.65 4.84
CA ILE A 341 19.32 -10.49 4.20
C ILE A 341 20.63 -10.13 4.87
N PRO A 342 21.15 -10.99 5.76
CA PRO A 342 22.41 -10.75 6.46
C PRO A 342 23.66 -11.04 5.68
N SER A 343 24.80 -10.78 6.31
CA SER A 343 26.10 -11.08 5.71
C SER A 343 26.50 -12.42 6.30
N ILE A 344 27.24 -13.21 5.54
CA ILE A 344 27.69 -14.48 6.07
C ILE A 344 29.10 -14.27 6.62
N ALA A 345 29.19 -14.20 7.96
CA ALA A 345 30.46 -13.97 8.65
C ALA A 345 31.67 -14.69 8.03
N GLU A 346 31.54 -15.99 7.83
CA GLU A 346 32.62 -16.78 7.25
C GLU A 346 33.04 -16.21 5.91
N VAL A 347 32.06 -15.89 5.07
CA VAL A 347 32.36 -15.34 3.73
C VAL A 347 32.90 -13.91 3.82
N GLN A 348 32.44 -13.17 4.80
CA GLN A 348 32.90 -11.82 4.96
C GLN A 348 34.40 -11.84 5.31
N ARG A 349 34.78 -12.67 6.29
CA ARG A 349 36.19 -12.75 6.69
C ARG A 349 37.04 -13.14 5.48
N ALA A 350 36.60 -14.18 4.78
CA ALA A 350 37.33 -14.61 3.60
C ALA A 350 37.55 -13.44 2.63
N LEU A 351 36.48 -12.73 2.28
CA LEU A 351 36.59 -11.60 1.36
C LEU A 351 37.53 -10.52 1.93
N TYR A 352 37.40 -10.26 3.23
CA TYR A 352 38.22 -9.25 3.88
C TYR A 352 39.69 -9.61 3.82
N ASP A 353 40.04 -10.75 4.42
CA ASP A 353 41.42 -11.21 4.44
C ASP A 353 41.99 -11.33 3.03
N ALA A 354 41.18 -11.81 2.10
CA ALA A 354 41.63 -11.95 0.72
C ALA A 354 42.05 -10.59 0.19
N THR A 355 41.37 -9.53 0.62
CA THR A 355 41.72 -8.19 0.17
C THR A 355 43.00 -7.75 0.88
N LYS A 356 43.14 -8.15 2.15
CA LYS A 356 44.33 -7.83 2.93
C LYS A 356 45.57 -8.39 2.25
N LEU A 357 45.53 -9.67 1.94
CA LEU A 357 46.64 -10.38 1.32
C LEU A 357 46.90 -9.96 -0.12
N VAL A 358 45.90 -10.07 -0.97
CA VAL A 358 46.10 -9.72 -2.37
C VAL A 358 46.50 -8.29 -2.68
N SER A 359 45.94 -7.32 -1.95
CA SER A 359 46.28 -5.91 -2.17
C SER A 359 47.58 -5.54 -1.49
N GLY A 360 48.33 -6.56 -1.05
CA GLY A 360 49.59 -6.33 -0.37
C GLY A 360 49.32 -5.84 1.05
N ARG A 361 49.58 -4.56 1.27
CA ARG A 361 49.37 -3.92 2.57
C ARG A 361 48.26 -4.57 3.43
N PRO A 362 48.64 -5.37 4.45
CA PRO A 362 47.66 -6.03 5.33
C PRO A 362 47.34 -5.15 6.54
N GLY A 363 46.65 -5.71 7.54
CA GLY A 363 46.32 -4.95 8.74
C GLY A 363 45.12 -4.01 8.63
N GLU A 364 45.28 -2.76 9.09
CA GLU A 364 44.19 -1.78 9.02
C GLU A 364 44.44 -0.74 7.94
N GLU A 365 45.45 -1.00 7.10
CA GLU A 365 45.77 -0.14 5.98
C GLU A 365 44.67 -0.36 4.97
N VAL A 366 44.26 -1.62 4.86
CA VAL A 366 43.24 -2.02 3.91
C VAL A 366 42.10 -1.03 3.79
N LYS A 367 41.72 -0.42 4.91
CA LYS A 367 40.62 0.54 4.89
C LYS A 367 40.82 1.72 3.96
N GLN A 368 42.04 1.90 3.45
CA GLN A 368 42.31 2.98 2.52
C GLN A 368 41.99 2.55 1.12
N ARG A 369 41.83 1.23 0.94
CA ARG A 369 41.52 0.67 -0.36
C ARG A 369 40.20 -0.09 -0.35
N LEU A 370 39.76 -0.51 0.84
CA LEU A 370 38.51 -1.24 0.99
C LEU A 370 37.51 -0.59 1.94
N ARG A 371 36.28 -0.42 1.47
CA ARG A 371 35.23 0.17 2.30
C ARG A 371 34.13 -0.87 2.50
N THR A 372 33.77 -1.11 3.75
CA THR A 372 32.73 -2.07 4.04
C THR A 372 31.45 -1.27 4.32
N GLY A 373 30.39 -1.54 3.55
CA GLY A 373 29.19 -0.80 3.79
C GLY A 373 28.03 -1.37 3.03
N THR A 374 26.93 -0.62 3.00
CA THR A 374 25.73 -1.05 2.31
C THR A 374 25.79 -0.75 0.82
N VAL A 375 25.33 -1.71 0.02
CA VAL A 375 25.32 -1.56 -1.45
C VAL A 375 23.88 -1.52 -1.95
N VAL A 376 23.64 -0.65 -2.92
CA VAL A 376 22.33 -0.51 -3.52
C VAL A 376 22.38 -1.24 -4.85
N THR A 377 21.44 -2.13 -5.07
CA THR A 377 21.37 -2.85 -6.34
C THR A 377 20.08 -2.34 -7.00
N THR A 378 20.16 -2.01 -8.28
CA THR A 378 18.98 -1.48 -8.95
C THR A 378 18.79 -2.06 -10.34
N ASP A 379 17.54 -2.03 -10.81
CA ASP A 379 17.21 -2.50 -12.15
C ASP A 379 17.09 -1.32 -13.12
N ASP A 380 17.40 -0.12 -12.64
CA ASP A 380 17.36 1.06 -13.48
C ASP A 380 18.78 1.56 -13.66
N ARG A 381 19.38 1.18 -14.77
CA ARG A 381 20.74 1.60 -15.03
C ARG A 381 20.90 3.12 -15.10
N ASN A 382 19.98 3.83 -15.75
CA ASN A 382 20.11 5.28 -15.80
C ASN A 382 19.49 5.91 -14.56
N TRP A 383 19.80 5.35 -13.40
CA TRP A 383 19.24 5.85 -12.16
C TRP A 383 19.67 7.28 -11.90
N GLU A 384 20.81 7.68 -12.45
CA GLU A 384 21.31 9.03 -12.26
C GLU A 384 20.30 10.04 -12.74
N LEU A 385 19.54 9.70 -13.77
CA LEU A 385 18.53 10.61 -14.31
C LEU A 385 17.43 10.92 -13.30
N ARG A 386 17.48 10.31 -12.13
CA ARG A 386 16.49 10.54 -11.09
C ARG A 386 17.15 10.69 -9.73
N TYR A 387 18.45 11.01 -9.70
CA TYR A 387 19.16 11.11 -8.42
C TYR A 387 18.34 11.65 -7.26
N SER A 388 17.88 12.88 -7.39
CA SER A 388 17.09 13.52 -6.36
C SER A 388 16.11 12.56 -5.65
N ALA A 389 15.33 11.80 -6.42
CA ALA A 389 14.36 10.86 -5.85
C ALA A 389 15.02 9.74 -5.04
N SER A 390 16.19 9.32 -5.48
CA SER A 390 16.91 8.24 -4.84
C SER A 390 17.62 8.71 -3.58
N ALA A 391 18.33 9.82 -3.71
CA ALA A 391 19.10 10.41 -2.64
C ALA A 391 18.59 10.19 -1.22
N LEU A 392 17.30 10.33 -0.97
CA LEU A 392 16.82 10.13 0.39
C LEU A 392 17.10 8.73 0.89
N ARG A 393 16.69 7.73 0.13
CA ARG A 393 16.93 6.34 0.51
C ARG A 393 18.43 6.03 0.52
N PHE A 394 19.15 6.55 -0.46
CA PHE A 394 20.59 6.35 -0.50
C PHE A 394 21.17 6.76 0.83
N ASN A 395 20.83 7.97 1.28
CA ASN A 395 21.32 8.49 2.54
C ASN A 395 20.76 7.68 3.73
N LEU A 396 19.48 7.39 3.67
CA LEU A 396 18.84 6.63 4.73
C LEU A 396 19.53 5.31 5.01
N SER A 397 19.93 4.64 3.95
CA SER A 397 20.57 3.34 4.06
C SER A 397 22.10 3.41 4.14
N ARG A 398 22.63 4.62 4.25
CA ARG A 398 24.07 4.80 4.33
C ARG A 398 24.74 4.06 3.19
N ALA A 399 24.10 4.10 2.02
CA ALA A 399 24.63 3.43 0.83
C ALA A 399 26.05 3.89 0.57
N VAL A 400 26.86 3.00 0.03
CA VAL A 400 28.25 3.33 -0.20
C VAL A 400 28.68 3.07 -1.64
N ALA A 401 27.88 2.27 -2.34
CA ALA A 401 28.13 1.95 -3.75
C ALA A 401 26.82 1.49 -4.37
N ILE A 402 26.77 1.41 -5.70
CA ILE A 402 25.56 0.98 -6.38
C ILE A 402 25.92 0.08 -7.55
N ASP A 403 25.12 -0.98 -7.75
CA ASP A 403 25.35 -1.91 -8.85
C ASP A 403 24.00 -2.52 -9.28
N MSE A 404 24.06 -3.59 -10.08
CA MSE A 404 22.85 -4.25 -10.58
C MSE A 404 22.71 -5.75 -10.45
O MSE A 404 21.91 -6.34 -11.17
CB MSE A 404 22.67 -3.86 -12.02
CG MSE A 404 22.76 -2.36 -12.18
SE MSE A 404 22.27 -1.78 -14.03
CE MSE A 404 20.32 -2.45 -14.07
N GLU A 405 23.47 -6.38 -9.53
CA GLU A 405 23.38 -7.83 -9.36
C GLU A 405 23.54 -8.28 -7.90
N SER A 406 24.49 -7.66 -7.20
CA SER A 406 24.76 -7.97 -5.80
C SER A 406 23.59 -8.48 -4.99
N ALA A 407 22.70 -7.56 -4.59
CA ALA A 407 21.55 -7.91 -3.79
C ALA A 407 20.74 -9.05 -4.38
N THR A 408 20.75 -9.19 -5.70
CA THR A 408 20.00 -10.26 -6.33
C THR A 408 20.66 -11.61 -6.07
N ILE A 409 21.98 -11.62 -6.26
CA ILE A 409 22.83 -12.78 -6.03
C ILE A 409 22.76 -13.16 -4.53
N ALA A 410 22.94 -12.17 -3.68
CA ALA A 410 22.90 -12.38 -2.26
C ALA A 410 21.54 -12.94 -1.87
N ALA A 411 20.48 -12.28 -2.29
CA ALA A 411 19.15 -12.75 -1.92
C ALA A 411 18.91 -14.18 -2.36
N GLN A 412 19.30 -14.51 -3.60
CA GLN A 412 19.12 -15.86 -4.10
C GLN A 412 19.92 -16.86 -3.25
N GLY A 413 21.16 -16.49 -2.89
CA GLY A 413 21.97 -17.34 -2.04
C GLY A 413 21.19 -17.58 -0.76
N TYR A 414 20.73 -16.50 -0.16
CA TYR A 414 19.94 -16.53 1.05
C TYR A 414 18.73 -17.50 0.84
N ARG A 415 18.02 -17.33 -0.26
CA ARG A 415 16.87 -18.17 -0.53
C ARG A 415 17.23 -19.64 -0.68
N PHE A 416 18.26 -19.91 -1.48
CA PHE A 416 18.66 -21.29 -1.72
C PHE A 416 19.69 -21.86 -0.77
N ARG A 417 19.97 -21.16 0.31
CA ARG A 417 20.95 -21.67 1.27
C ARG A 417 22.29 -21.93 0.62
N VAL A 418 22.87 -20.91 0.01
CA VAL A 418 24.17 -21.03 -0.60
C VAL A 418 24.92 -19.84 -0.07
N PRO A 419 25.98 -20.07 0.73
CA PRO A 419 26.77 -18.97 1.28
C PRO A 419 27.12 -18.00 0.16
N TYR A 420 26.98 -16.71 0.47
CA TYR A 420 27.21 -15.66 -0.52
C TYR A 420 27.99 -14.46 0.01
N GLY A 421 28.53 -13.68 -0.91
CA GLY A 421 29.30 -12.52 -0.53
C GLY A 421 29.52 -11.60 -1.71
N THR A 422 29.72 -10.33 -1.41
CA THR A 422 29.92 -9.36 -2.47
C THR A 422 31.14 -8.48 -2.22
N LEU A 423 32.02 -8.44 -3.21
CA LEU A 423 33.21 -7.60 -3.13
C LEU A 423 33.36 -6.95 -4.49
N LEU A 424 32.88 -5.71 -4.58
CA LEU A 424 32.90 -4.98 -5.83
C LEU A 424 34.08 -4.06 -5.94
N CYS A 425 34.33 -3.57 -7.14
CA CYS A 425 35.43 -2.67 -7.35
C CYS A 425 34.87 -1.41 -7.97
N VAL A 426 35.19 -0.25 -7.38
CA VAL A 426 34.70 1.02 -7.88
C VAL A 426 35.19 1.35 -9.29
N SER A 427 34.29 1.33 -10.26
CA SER A 427 34.68 1.63 -11.63
C SER A 427 34.38 3.08 -12.02
N ASP A 428 33.73 3.82 -11.14
CA ASP A 428 33.40 5.22 -11.43
C ASP A 428 32.64 5.88 -10.29
N LYS A 429 32.57 7.22 -10.33
CA LYS A 429 31.87 7.97 -9.30
C LYS A 429 30.82 8.90 -9.93
N PRO A 430 29.61 8.37 -10.17
CA PRO A 430 28.47 9.07 -10.78
C PRO A 430 28.15 10.41 -10.16
N LEU A 431 28.21 10.44 -8.84
CA LEU A 431 27.90 11.63 -8.09
C LEU A 431 29.00 12.67 -8.06
N HIS A 432 30.12 12.37 -8.72
CA HIS A 432 31.24 13.30 -8.74
C HIS A 432 31.89 13.50 -10.10
N GLY A 433 31.05 13.80 -11.09
CA GLY A 433 31.51 14.09 -12.45
C GLY A 433 32.40 13.11 -13.19
N GLU A 434 32.75 12.01 -12.52
CA GLU A 434 33.60 10.97 -13.08
C GLU A 434 32.79 9.76 -13.54
N ILE A 435 31.96 9.96 -14.57
CA ILE A 435 31.15 8.88 -15.09
C ILE A 435 31.83 8.17 -16.25
N LYS A 436 32.40 7.02 -15.94
CA LYS A 436 33.09 6.19 -16.91
C LYS A 436 32.30 4.90 -17.03
N LEU A 437 31.80 4.63 -18.23
CA LEU A 437 30.99 3.44 -18.50
C LEU A 437 31.87 2.20 -18.62
N PRO A 438 31.51 1.12 -17.91
CA PRO A 438 32.30 -0.11 -17.98
C PRO A 438 32.63 -0.48 -19.43
N GLY A 439 33.70 0.13 -19.94
CA GLY A 439 34.14 -0.10 -21.31
C GLY A 439 35.02 1.02 -21.83
N GLN A 440 34.85 2.23 -21.30
CA GLN A 440 35.66 3.38 -21.71
C GLN A 440 37.08 3.22 -21.19
N ALA A 441 37.98 4.07 -21.65
CA ALA A 441 39.36 4.02 -21.21
C ALA A 441 39.43 4.47 -19.76
N ASN A 442 39.10 3.57 -18.84
CA ASN A 442 39.12 3.89 -17.43
C ASN A 442 40.38 3.33 -16.82
N ARG A 443 41.45 4.12 -16.85
CA ARG A 443 42.74 3.67 -16.34
C ARG A 443 42.70 2.96 -15.00
N PHE A 444 42.55 3.72 -13.94
CA PHE A 444 42.56 3.13 -12.61
C PHE A 444 41.61 1.98 -12.31
N TYR A 445 40.58 1.81 -13.15
CA TYR A 445 39.67 0.69 -12.93
C TYR A 445 40.23 -0.53 -13.66
N GLU A 446 40.51 -0.39 -14.95
CA GLU A 446 41.04 -1.50 -15.74
C GLU A 446 42.23 -2.15 -15.04
N GLY A 447 43.16 -1.30 -14.61
CA GLY A 447 44.36 -1.78 -13.93
C GLY A 447 44.13 -2.38 -12.55
N ALA A 448 42.89 -2.70 -12.22
CA ALA A 448 42.60 -3.31 -10.93
C ALA A 448 41.77 -4.56 -11.11
N ILE A 449 41.41 -4.85 -12.36
CA ILE A 449 40.59 -6.01 -12.66
C ILE A 449 41.29 -7.28 -12.25
N SER A 450 42.54 -7.42 -12.69
CA SER A 450 43.29 -8.60 -12.37
C SER A 450 43.39 -8.81 -10.86
N GLU A 451 43.76 -7.76 -10.13
CA GLU A 451 43.89 -7.85 -8.66
C GLU A 451 42.55 -8.18 -8.01
N HIS A 452 41.48 -7.61 -8.59
CA HIS A 452 40.13 -7.83 -8.08
C HIS A 452 39.83 -9.33 -8.18
N LEU A 453 39.88 -9.85 -9.41
CA LEU A 453 39.62 -11.26 -9.67
C LEU A 453 40.42 -12.14 -8.70
N GLN A 454 41.65 -11.73 -8.44
CA GLN A 454 42.49 -12.47 -7.53
C GLN A 454 41.95 -12.48 -6.12
N ILE A 455 41.36 -11.37 -5.68
CA ILE A 455 40.82 -11.34 -4.33
C ILE A 455 39.70 -12.35 -4.29
N GLY A 456 38.94 -12.41 -5.38
CA GLY A 456 37.84 -13.35 -5.43
C GLY A 456 38.35 -14.76 -5.27
N ILE A 457 39.31 -15.11 -6.12
CA ILE A 457 39.92 -16.42 -6.10
C ILE A 457 40.51 -16.75 -4.72
N ARG A 458 41.30 -15.84 -4.16
CA ARG A 458 41.90 -16.08 -2.85
C ARG A 458 40.84 -16.34 -1.79
N ALA A 459 39.75 -15.57 -1.84
CA ALA A 459 38.69 -15.73 -0.87
C ALA A 459 38.15 -17.16 -1.00
N ILE A 460 38.04 -17.64 -2.23
CA ILE A 460 37.55 -18.99 -2.45
C ILE A 460 38.51 -19.97 -1.79
N ASP A 461 39.80 -19.82 -2.10
CA ASP A 461 40.85 -20.66 -1.53
C ASP A 461 40.65 -20.75 -0.01
N LEU A 462 40.64 -19.58 0.63
CA LEU A 462 40.45 -19.48 2.06
C LEU A 462 39.19 -20.22 2.51
N LEU A 463 38.10 -20.03 1.77
CA LEU A 463 36.85 -20.68 2.12
C LEU A 463 36.90 -22.18 1.87
N ARG A 464 37.60 -22.59 0.81
CA ARG A 464 37.69 -24.02 0.50
C ARG A 464 38.41 -24.71 1.64
N ALA A 465 39.50 -24.09 2.10
CA ALA A 465 40.30 -24.64 3.19
C ALA A 465 39.48 -24.71 4.49
N GLU A 466 38.44 -23.88 4.57
CA GLU A 466 37.58 -23.84 5.74
C GLU A 466 36.87 -25.17 5.95
N GLY A 467 36.88 -26.01 4.92
CA GLY A 467 36.21 -27.29 5.04
C GLY A 467 34.73 -27.09 5.26
N ASP A 468 34.18 -27.71 6.29
CA ASP A 468 32.75 -27.58 6.57
C ASP A 468 32.45 -26.27 7.29
N ARG A 469 33.46 -25.65 7.87
CA ARG A 469 33.32 -24.38 8.58
C ARG A 469 32.52 -23.38 7.74
N LEU A 470 32.77 -23.39 6.44
CA LEU A 470 32.10 -22.52 5.49
C LEU A 470 30.61 -22.47 5.78
N HIS A 471 30.00 -23.63 5.94
CA HIS A 471 28.56 -23.69 6.19
C HIS A 471 28.15 -23.55 7.65
N SER A 472 27.35 -22.51 7.93
CA SER A 472 26.84 -22.23 9.27
C SER A 472 25.32 -22.45 9.26
N ARG A 473 24.67 -22.21 10.39
CA ARG A 473 23.22 -22.39 10.46
C ARG A 473 22.46 -21.12 10.09
N LYS A 474 23.20 -20.11 9.64
CA LYS A 474 22.63 -18.82 9.28
C LYS A 474 21.53 -18.81 8.22
N LEU A 475 21.43 -19.86 7.41
CA LEU A 475 20.41 -19.87 6.36
C LEU A 475 19.36 -20.95 6.51
N ARG A 476 19.48 -21.77 7.56
CA ARG A 476 18.52 -22.84 7.84
C ARG A 476 17.15 -22.29 8.13
N THR A 477 16.13 -22.86 7.52
CA THR A 477 14.77 -22.44 7.80
C THR A 477 14.31 -23.38 8.91
N PHE A 478 13.09 -23.22 9.39
CA PHE A 478 12.60 -24.11 10.43
C PHE A 478 12.41 -25.51 9.87
N ASN A 479 11.92 -25.58 8.63
CA ASN A 479 11.66 -26.85 7.96
C ASN A 479 12.85 -27.29 7.10
N GLU A 480 14.01 -26.70 7.37
CA GLU A 480 15.21 -27.02 6.60
C GLU A 480 15.33 -28.51 6.24
N PRO A 481 15.40 -28.82 4.95
CA PRO A 481 15.52 -30.21 4.52
C PRO A 481 16.79 -30.86 5.06
N PRO A 482 16.78 -32.19 5.24
CA PRO A 482 17.97 -32.86 5.75
C PRO A 482 19.19 -32.63 4.85
N PHE A 483 19.03 -32.84 3.54
CA PHE A 483 20.15 -32.64 2.61
C PHE A 483 20.63 -31.20 2.57
N ARG A 484 21.93 -31.02 2.44
CA ARG A 484 22.54 -29.68 2.38
C ARG A 484 22.04 -28.87 1.18
N LEU B 8 14.72 36.88 -36.36
CA LEU B 8 15.71 35.82 -36.77
C LEU B 8 15.03 34.64 -37.47
N THR B 9 15.64 34.12 -38.54
CA THR B 9 15.02 33.02 -39.28
C THR B 9 15.64 31.64 -39.07
N PRO B 10 14.93 30.59 -39.50
CA PRO B 10 15.39 29.21 -39.37
C PRO B 10 16.83 29.05 -39.77
N ALA B 11 17.08 29.08 -41.06
CA ALA B 11 18.44 28.93 -41.57
C ALA B 11 19.43 29.76 -40.76
N GLN B 12 19.07 31.00 -40.49
CA GLN B 12 19.96 31.87 -39.73
C GLN B 12 20.22 31.30 -38.36
N ALA B 13 19.15 30.94 -37.67
CA ALA B 13 19.22 30.38 -36.34
C ALA B 13 20.17 29.18 -36.27
N LEU B 14 20.03 28.28 -37.24
CA LEU B 14 20.86 27.09 -37.31
C LEU B 14 22.33 27.47 -37.42
N ASP B 15 22.64 28.44 -38.26
CA ASP B 15 24.02 28.88 -38.42
C ASP B 15 24.59 29.48 -37.15
N LYS B 16 23.81 30.32 -36.48
CA LYS B 16 24.30 30.92 -35.26
C LYS B 16 24.47 29.83 -34.20
N LEU B 17 23.63 28.80 -34.26
CA LEU B 17 23.74 27.69 -33.31
C LEU B 17 25.05 26.97 -33.64
N ASP B 18 25.20 26.56 -34.89
CA ASP B 18 26.41 25.91 -35.35
C ASP B 18 27.59 26.68 -34.81
N ALA B 19 27.63 27.97 -35.15
CA ALA B 19 28.69 28.87 -34.74
C ALA B 19 28.96 28.85 -33.24
N LEU B 20 28.02 29.36 -32.46
CA LEU B 20 28.15 29.41 -31.03
C LEU B 20 28.64 28.12 -30.42
N TYR B 21 28.10 26.99 -30.90
CA TYR B 21 28.49 25.68 -30.40
C TYR B 21 29.96 25.39 -30.68
N GLU B 22 30.33 25.32 -31.97
CA GLU B 22 31.70 25.05 -32.35
C GLU B 22 32.63 25.88 -31.50
N GLN B 23 32.31 27.16 -31.42
CA GLN B 23 33.11 28.11 -30.65
C GLN B 23 33.39 27.63 -29.24
N SER B 24 32.33 27.24 -28.53
CA SER B 24 32.44 26.77 -27.16
C SER B 24 33.20 25.46 -27.00
N VAL B 25 32.87 24.47 -27.82
CA VAL B 25 33.57 23.20 -27.72
C VAL B 25 35.05 23.42 -27.98
N VAL B 26 35.37 24.17 -29.03
CA VAL B 26 36.76 24.48 -29.35
C VAL B 26 37.44 25.21 -28.19
N ALA B 27 36.74 26.20 -27.65
CA ALA B 27 37.23 26.99 -26.53
C ALA B 27 37.52 26.13 -25.30
N LEU B 28 36.68 25.11 -25.06
CA LEU B 28 36.86 24.22 -23.91
C LEU B 28 38.03 23.27 -24.15
N ARG B 29 38.10 22.71 -25.36
CA ARG B 29 39.19 21.81 -25.70
C ARG B 29 40.50 22.57 -25.49
N ASN B 30 40.53 23.81 -25.97
CA ASN B 30 41.71 24.62 -25.82
C ASN B 30 42.03 24.76 -24.34
N ALA B 31 41.05 25.15 -23.55
CA ALA B 31 41.25 25.33 -22.11
C ALA B 31 41.82 24.05 -21.47
N ILE B 32 41.28 22.90 -21.85
CA ILE B 32 41.74 21.63 -21.28
C ILE B 32 43.19 21.32 -21.64
N GLY B 33 43.55 21.59 -22.88
CA GLY B 33 44.91 21.34 -23.31
C GLY B 33 45.84 22.24 -22.54
N ASN B 34 45.54 23.53 -22.55
CA ASN B 34 46.34 24.52 -21.83
C ASN B 34 46.55 24.12 -20.38
N TYR B 35 45.59 23.41 -19.79
CA TYR B 35 45.75 22.99 -18.41
C TYR B 35 46.67 21.79 -18.37
N ILE B 36 46.39 20.82 -19.22
CA ILE B 36 47.18 19.60 -19.28
C ILE B 36 48.65 19.89 -19.57
N THR B 37 48.93 20.77 -20.53
CA THR B 37 50.30 21.11 -20.89
C THR B 37 51.00 22.05 -19.89
N SER B 38 50.40 23.18 -19.55
CA SER B 38 51.08 24.08 -18.62
C SER B 38 50.49 24.15 -17.22
N GLY B 39 49.23 23.76 -17.06
CA GLY B 39 48.62 23.82 -15.74
C GLY B 39 47.87 25.14 -15.59
N GLU B 40 47.58 25.76 -16.73
CA GLU B 40 46.87 27.02 -16.79
C GLU B 40 45.35 26.84 -16.62
N LEU B 41 44.72 27.77 -15.91
CA LEU B 41 43.28 27.72 -15.70
C LEU B 41 42.60 28.80 -16.53
N PRO B 42 41.32 28.60 -16.85
CA PRO B 42 40.56 29.57 -17.65
C PRO B 42 40.18 30.77 -16.77
N ASP B 43 40.01 31.94 -17.36
CA ASP B 43 39.65 33.10 -16.53
C ASP B 43 38.16 33.14 -16.27
N GLU B 44 37.80 33.10 -14.98
CA GLU B 44 36.41 33.09 -14.56
C GLU B 44 35.55 34.10 -15.29
N ASN B 45 36.16 35.18 -15.74
CA ASN B 45 35.43 36.22 -16.44
C ASN B 45 34.93 35.80 -17.82
N ALA B 46 35.80 35.22 -18.64
CA ALA B 46 35.41 34.78 -19.97
C ALA B 46 34.36 33.68 -19.90
N ARG B 47 34.41 32.88 -18.83
CA ARG B 47 33.44 31.80 -18.64
C ARG B 47 32.08 32.44 -18.39
N LYS B 48 32.01 33.33 -17.41
CA LYS B 48 30.77 34.03 -17.09
C LYS B 48 30.22 34.65 -18.36
N GLN B 49 31.11 35.03 -19.26
CA GLN B 49 30.73 35.66 -20.52
C GLN B 49 30.13 34.66 -21.50
N GLY B 50 30.28 33.37 -21.20
CA GLY B 50 29.74 32.34 -22.06
C GLY B 50 30.80 31.63 -22.88
N LEU B 51 31.92 31.33 -22.24
CA LEU B 51 33.05 30.68 -22.90
C LEU B 51 32.79 29.22 -23.26
N PHE B 52 32.35 28.46 -22.27
CA PHE B 52 32.07 27.03 -22.40
C PHE B 52 30.60 26.65 -22.59
N VAL B 53 29.73 27.65 -22.53
CA VAL B 53 28.28 27.49 -22.64
C VAL B 53 27.71 26.95 -23.96
N TYR B 54 26.59 26.22 -23.85
CA TYR B 54 25.91 25.67 -25.02
C TYR B 54 25.08 26.80 -25.61
N PRO B 55 24.78 26.74 -26.91
CA PRO B 55 23.96 27.82 -27.47
C PRO B 55 22.60 27.65 -26.83
N SER B 56 21.77 28.67 -26.93
CA SER B 56 20.43 28.62 -26.35
C SER B 56 19.45 29.05 -27.44
N LEU B 57 18.54 28.15 -27.82
CA LEU B 57 17.54 28.44 -28.85
C LEU B 57 16.20 28.85 -28.24
N THR B 58 15.70 30.02 -28.63
CA THR B 58 14.44 30.50 -28.09
C THR B 58 13.44 30.88 -29.18
N VAL B 59 12.20 30.49 -28.97
CA VAL B 59 11.12 30.78 -29.91
C VAL B 59 9.97 31.39 -29.10
N THR B 60 9.43 32.48 -29.61
CA THR B 60 8.33 33.17 -28.94
C THR B 60 7.11 33.31 -29.84
N TRP B 61 5.94 33.33 -29.21
CA TRP B 61 4.70 33.47 -29.93
C TRP B 61 3.80 34.45 -29.17
N ASP B 62 3.35 35.47 -29.89
CA ASP B 62 2.48 36.50 -29.34
C ASP B 62 1.09 35.94 -29.04
N GLY B 63 0.83 34.74 -29.55
CA GLY B 63 -0.44 34.09 -29.30
C GLY B 63 -1.62 34.52 -30.14
N SER B 64 -1.35 34.99 -31.35
CA SER B 64 -2.42 35.41 -32.22
C SER B 64 -2.15 35.11 -33.67
N THR B 65 -2.74 34.02 -34.14
CA THR B 65 -2.62 33.63 -35.52
C THR B 65 -4.05 33.29 -35.93
N THR B 66 -4.41 33.68 -37.14
CA THR B 66 -5.76 33.47 -37.66
C THR B 66 -6.23 32.01 -37.73
N ASN B 67 -5.42 31.13 -38.33
CA ASN B 67 -5.78 29.72 -38.46
C ASN B 67 -4.73 28.76 -37.89
N PRO B 68 -4.57 28.76 -36.55
CA PRO B 68 -3.60 27.91 -35.86
C PRO B 68 -3.85 26.42 -36.11
N PRO B 69 -2.81 25.69 -36.54
CA PRO B 69 -3.01 24.26 -36.78
C PRO B 69 -3.46 23.61 -35.47
N LYS B 70 -4.62 22.95 -35.48
CA LYS B 70 -5.13 22.32 -34.27
C LYS B 70 -5.22 20.80 -34.39
N THR B 71 -4.87 20.28 -35.56
CA THR B 71 -4.90 18.86 -35.84
C THR B 71 -3.52 18.22 -35.84
N ARG B 72 -2.51 19.00 -36.21
CA ARG B 72 -1.15 18.48 -36.26
C ARG B 72 -0.76 17.95 -34.89
N ALA B 73 0.03 16.88 -34.89
CA ALA B 73 0.42 16.27 -33.63
C ALA B 73 1.57 16.98 -32.94
N PHE B 74 2.43 17.61 -33.72
CA PHE B 74 3.60 18.30 -33.16
C PHE B 74 3.79 19.66 -33.80
N GLY B 75 4.78 20.39 -33.29
CA GLY B 75 5.05 21.70 -33.83
C GLY B 75 3.89 22.63 -33.62
N ARG B 76 3.32 22.61 -32.44
CA ARG B 76 2.20 23.48 -32.14
C ARG B 76 2.47 24.31 -30.90
N PHE B 77 1.58 25.26 -30.64
CA PHE B 77 1.70 26.11 -29.48
C PHE B 77 0.39 25.97 -28.70
N THR B 78 0.51 25.69 -27.41
CA THR B 78 -0.66 25.53 -26.55
C THR B 78 -1.11 26.91 -26.12
N HIS B 79 -0.14 27.73 -25.75
CA HIS B 79 -0.38 29.07 -25.30
C HIS B 79 0.66 29.99 -25.91
N ALA B 80 0.63 31.25 -25.54
CA ALA B 80 1.58 32.22 -26.07
C ALA B 80 2.67 32.42 -25.06
N GLY B 81 3.85 32.75 -25.54
CA GLY B 81 4.96 32.95 -24.62
C GLY B 81 6.30 32.63 -25.23
N SER B 82 7.30 32.44 -24.37
CA SER B 82 8.65 32.12 -24.82
C SER B 82 9.03 30.69 -24.45
N TYR B 83 9.52 29.95 -25.44
CA TYR B 83 9.95 28.59 -25.25
C TYR B 83 11.43 28.51 -25.56
N THR B 84 12.21 28.03 -24.61
CA THR B 84 13.64 27.95 -24.83
C THR B 84 14.18 26.56 -24.51
N THR B 85 15.47 26.38 -24.77
CA THR B 85 16.15 25.12 -24.52
C THR B 85 17.59 25.26 -24.93
N THR B 86 18.48 24.51 -24.29
CA THR B 86 19.88 24.55 -24.68
C THR B 86 20.01 23.60 -25.86
N ILE B 87 20.96 23.87 -26.74
CA ILE B 87 21.19 23.06 -27.92
C ILE B 87 22.59 22.47 -27.98
N THR B 88 22.72 21.28 -28.56
CA THR B 88 24.01 20.62 -28.70
C THR B 88 24.05 19.93 -30.05
N ARG B 89 25.24 19.64 -30.56
CA ARG B 89 25.38 18.97 -31.84
C ARG B 89 24.37 19.49 -32.86
N PRO B 90 24.42 20.79 -33.17
CA PRO B 90 23.49 21.41 -34.13
C PRO B 90 23.60 20.74 -35.49
N THR B 91 24.80 20.30 -35.83
CA THR B 91 25.01 19.66 -37.13
C THR B 91 24.23 18.38 -37.18
N LEU B 92 24.42 17.53 -36.17
CA LEU B 92 23.71 16.28 -36.10
C LEU B 92 22.20 16.48 -36.20
N PHE B 93 21.69 17.47 -35.47
CA PHE B 93 20.26 17.79 -35.45
C PHE B 93 19.78 18.84 -36.45
N ARG B 94 20.66 19.28 -37.34
CA ARG B 94 20.33 20.29 -38.35
C ARG B 94 18.99 20.01 -39.03
N SER B 95 18.82 18.80 -39.56
CA SER B 95 17.59 18.41 -40.25
C SER B 95 16.37 18.63 -39.37
N TYR B 96 16.40 17.97 -38.22
CA TYR B 96 15.34 18.04 -37.23
C TYR B 96 15.07 19.47 -36.82
N LEU B 97 16.10 20.15 -36.33
CA LEU B 97 15.99 21.54 -35.88
C LEU B 97 15.39 22.46 -36.93
N ASN B 98 15.78 22.28 -38.18
CA ASN B 98 15.24 23.09 -39.26
C ASN B 98 13.76 22.78 -39.45
N GLU B 99 13.45 21.51 -39.68
CA GLU B 99 12.06 21.08 -39.87
C GLU B 99 11.15 21.64 -38.80
N GLN B 100 11.60 21.59 -37.55
CA GLN B 100 10.78 22.07 -36.46
C GLN B 100 10.67 23.58 -36.40
N LEU B 101 11.82 24.28 -36.42
CA LEU B 101 11.82 25.75 -36.38
C LEU B 101 11.00 26.34 -37.52
N THR B 102 11.13 25.75 -38.70
CA THR B 102 10.39 26.20 -39.85
C THR B 102 8.89 26.17 -39.56
N LEU B 103 8.38 25.03 -39.09
CA LEU B 103 6.96 24.90 -38.79
C LEU B 103 6.46 26.00 -37.87
N LEU B 104 7.21 26.34 -36.84
CA LEU B 104 6.80 27.36 -35.90
C LEU B 104 6.95 28.74 -36.53
N TYR B 105 7.98 28.89 -37.34
CA TYR B 105 8.25 30.15 -38.01
C TYR B 105 7.12 30.52 -38.94
N GLN B 106 6.81 29.63 -39.86
CA GLN B 106 5.77 29.84 -40.85
C GLN B 106 4.34 29.80 -40.33
N ASP B 107 3.89 28.62 -39.91
CA ASP B 107 2.54 28.46 -39.39
C ASP B 107 2.12 29.39 -38.25
N TYR B 108 3.03 29.75 -37.38
CA TYR B 108 2.67 30.63 -36.29
C TYR B 108 3.36 31.98 -36.36
N GLY B 109 4.36 32.10 -37.23
CA GLY B 109 5.09 33.34 -37.36
C GLY B 109 5.78 33.65 -36.04
N ALA B 110 6.58 32.71 -35.57
CA ALA B 110 7.28 32.86 -34.30
C ALA B 110 8.58 33.61 -34.40
N HIS B 111 8.99 34.21 -33.28
CA HIS B 111 10.22 34.97 -33.20
C HIS B 111 11.37 34.12 -32.68
N ILE B 112 12.26 33.72 -33.58
CA ILE B 112 13.41 32.90 -33.22
C ILE B 112 14.58 33.77 -32.78
N SER B 113 15.41 33.22 -31.89
CA SER B 113 16.59 33.93 -31.42
C SER B 113 17.58 32.94 -30.80
N VAL B 114 18.87 33.16 -31.04
CA VAL B 114 19.91 32.29 -30.52
C VAL B 114 20.88 33.11 -29.67
N GLN B 115 21.41 32.53 -28.60
CA GLN B 115 22.35 33.24 -27.75
C GLN B 115 22.94 32.34 -26.69
N PRO B 116 24.14 32.66 -26.20
CA PRO B 116 24.77 31.84 -25.16
C PRO B 116 23.84 31.57 -23.98
N SER B 117 23.78 30.31 -23.56
CA SER B 117 22.96 29.93 -22.43
C SER B 117 23.74 30.18 -21.14
N GLN B 118 23.32 29.54 -20.06
CA GLN B 118 23.98 29.71 -18.78
C GLN B 118 24.57 28.38 -18.37
N HIS B 119 24.55 27.42 -19.28
CA HIS B 119 25.05 26.08 -19.01
C HIS B 119 26.29 25.72 -19.79
N GLU B 120 27.35 25.39 -19.06
CA GLU B 120 28.60 25.01 -19.69
C GLU B 120 28.56 23.55 -20.12
N ILE B 121 29.36 23.21 -21.13
CA ILE B 121 29.43 21.86 -21.62
C ILE B 121 30.39 21.05 -20.77
N PRO B 122 29.91 19.94 -20.18
CA PRO B 122 30.82 19.14 -19.35
C PRO B 122 32.02 18.73 -20.21
N TYR B 123 33.23 18.91 -19.69
CA TYR B 123 34.42 18.60 -20.48
C TYR B 123 34.45 17.23 -21.16
N PRO B 124 33.89 16.18 -20.52
CA PRO B 124 33.95 14.89 -21.20
C PRO B 124 33.30 14.90 -22.59
N TYR B 125 32.28 15.72 -22.76
CA TYR B 125 31.57 15.77 -24.04
C TYR B 125 32.31 16.49 -25.15
N VAL B 126 33.45 17.10 -24.84
CA VAL B 126 34.21 17.79 -25.88
C VAL B 126 35.49 17.06 -26.24
N ILE B 127 35.87 16.09 -25.42
CA ILE B 127 37.07 15.32 -25.70
C ILE B 127 36.73 14.28 -26.75
N ASP B 128 36.89 14.70 -28.00
CA ASP B 128 36.61 13.93 -29.21
C ASP B 128 37.35 12.59 -29.37
N GLY B 129 38.69 12.65 -29.49
CA GLY B 129 39.46 11.42 -29.65
C GLY B 129 39.27 10.45 -28.48
N SER B 130 40.23 9.54 -28.29
CA SER B 130 40.11 8.59 -27.18
C SER B 130 40.03 9.35 -25.86
N GLU B 131 39.33 8.77 -24.90
CA GLU B 131 39.20 9.41 -23.60
C GLU B 131 40.60 9.56 -23.05
N LEU B 132 40.82 10.62 -22.28
CA LEU B 132 42.10 10.90 -21.68
C LEU B 132 42.52 9.85 -20.67
N THR B 133 43.78 9.92 -20.28
CA THR B 133 44.34 8.99 -19.32
C THR B 133 45.37 9.73 -18.47
N LEU B 134 44.85 10.69 -17.72
CA LEU B 134 45.63 11.54 -16.81
C LEU B 134 45.77 10.80 -15.48
N ASP B 135 46.80 11.16 -14.72
CA ASP B 135 47.02 10.52 -13.43
C ASP B 135 45.99 11.01 -12.41
N ARG B 136 46.19 10.67 -11.15
CA ARG B 136 45.27 11.07 -10.09
C ARG B 136 45.07 12.59 -10.03
N SER B 137 46.10 13.31 -9.62
CA SER B 137 46.04 14.77 -9.50
C SER B 137 45.48 15.42 -10.75
N MSE B 138 46.01 15.04 -11.90
CA MSE B 138 45.55 15.61 -13.15
C MSE B 138 44.05 15.55 -13.29
O MSE B 138 43.42 16.53 -13.67
CB MSE B 138 46.21 14.90 -14.33
CG MSE B 138 47.57 15.47 -14.71
SE MSE B 138 47.48 17.40 -15.08
CE MSE B 138 46.65 17.39 -16.86
N SER B 139 43.48 14.39 -12.96
CA SER B 139 42.03 14.19 -13.02
C SER B 139 41.33 15.08 -12.00
N ALA B 140 41.74 14.96 -10.74
CA ALA B 140 41.16 15.76 -9.68
C ALA B 140 41.09 17.23 -10.09
N GLY B 141 42.21 17.74 -10.59
CA GLY B 141 42.26 19.12 -11.02
C GLY B 141 41.26 19.41 -12.12
N LEU B 142 41.07 18.46 -13.03
CA LEU B 142 40.12 18.63 -14.13
C LEU B 142 38.71 18.78 -13.61
N THR B 143 38.24 17.79 -12.87
CA THR B 143 36.88 17.82 -12.33
C THR B 143 36.68 18.95 -11.33
N ARG B 144 37.77 19.57 -10.87
CA ARG B 144 37.64 20.67 -9.93
C ARG B 144 37.59 22.06 -10.57
N TYR B 145 38.33 22.26 -11.64
CA TYR B 145 38.35 23.58 -12.29
C TYR B 145 37.64 23.64 -13.62
N PHE B 146 36.98 22.55 -14.01
CA PHE B 146 36.29 22.53 -15.28
C PHE B 146 34.84 22.04 -15.21
N PRO B 147 34.08 22.30 -16.26
CA PRO B 147 32.68 21.89 -16.31
C PRO B 147 32.55 20.36 -16.24
N THR B 148 31.84 19.84 -15.24
CA THR B 148 31.65 18.39 -15.14
C THR B 148 30.13 18.13 -15.07
N THR B 149 29.73 16.86 -14.99
CA THR B 149 28.30 16.57 -14.92
C THR B 149 27.78 16.75 -13.53
N GLU B 150 26.56 17.23 -13.44
CA GLU B 150 25.94 17.44 -12.15
C GLU B 150 24.67 16.64 -12.03
N LEU B 151 24.39 16.17 -10.81
CA LEU B 151 23.20 15.38 -10.54
C LEU B 151 22.39 16.03 -9.41
N PHE B 168 10.88 30.67 -20.84
CA PHE B 168 10.28 30.29 -19.57
C PHE B 168 9.55 28.94 -19.64
N SER B 169 9.39 28.41 -20.86
CA SER B 169 8.75 27.10 -21.08
C SER B 169 9.64 26.21 -21.97
N PRO B 170 9.75 24.92 -21.65
CA PRO B 170 10.59 24.02 -22.44
C PRO B 170 10.30 24.06 -23.93
N LEU B 171 11.31 24.28 -24.76
CA LEU B 171 11.09 24.28 -26.21
C LEU B 171 11.11 22.85 -26.81
N SER B 172 11.89 21.96 -26.20
CA SER B 172 11.99 20.58 -26.64
C SER B 172 11.87 19.63 -25.46
N HIS B 173 11.95 18.33 -25.74
CA HIS B 173 11.85 17.30 -24.72
C HIS B 173 13.10 17.13 -23.88
N PHE B 174 14.27 17.30 -24.46
CA PHE B 174 15.51 17.13 -23.71
C PHE B 174 16.41 18.33 -23.87
N ASP B 175 17.15 18.68 -22.83
CA ASP B 175 18.04 19.82 -22.93
C ASP B 175 19.43 19.35 -23.34
N ALA B 176 20.30 20.29 -23.71
CA ALA B 176 21.65 19.96 -24.16
C ALA B 176 22.39 18.85 -23.40
N ARG B 177 22.53 18.99 -22.07
CA ARG B 177 23.21 17.98 -21.26
C ARG B 177 22.58 16.60 -21.35
N ARG B 178 21.25 16.54 -21.28
CA ARG B 178 20.56 15.26 -21.35
C ARG B 178 20.85 14.57 -22.68
N VAL B 179 20.86 15.34 -23.76
CA VAL B 179 21.14 14.81 -25.09
C VAL B 179 22.59 14.32 -25.19
N ASP B 180 23.56 15.13 -24.77
CA ASP B 180 24.97 14.73 -24.82
C ASP B 180 25.15 13.43 -24.07
N PHE B 181 24.55 13.37 -22.88
CA PHE B 181 24.60 12.20 -22.01
C PHE B 181 24.12 10.95 -22.75
N SER B 182 22.98 11.06 -23.43
CA SER B 182 22.43 9.93 -24.15
C SER B 182 23.22 9.63 -25.43
N LEU B 183 23.68 10.66 -26.12
CA LEU B 183 24.43 10.41 -27.34
C LEU B 183 25.68 9.59 -27.03
N ALA B 184 26.34 9.90 -25.93
CA ALA B 184 27.54 9.16 -25.52
C ALA B 184 27.18 7.69 -25.31
N ARG B 185 26.15 7.44 -24.53
CA ARG B 185 25.71 6.09 -24.24
C ARG B 185 25.31 5.31 -25.50
N LEU B 186 24.48 5.90 -26.34
CA LEU B 186 24.02 5.23 -27.55
C LEU B 186 25.17 4.63 -28.33
N ARG B 187 26.25 5.37 -28.44
CA ARG B 187 27.42 4.90 -29.16
C ARG B 187 27.97 3.66 -28.45
N HIS B 188 28.32 3.83 -27.17
CA HIS B 188 28.86 2.75 -26.36
C HIS B 188 28.02 1.47 -26.40
N TYR B 189 26.73 1.55 -26.04
CA TYR B 189 25.87 0.37 -26.03
C TYR B 189 25.66 -0.21 -27.42
N THR B 190 25.44 0.67 -28.38
CA THR B 190 25.16 0.28 -29.73
C THR B 190 26.35 -0.14 -30.58
N GLY B 191 27.50 0.50 -30.37
CA GLY B 191 28.67 0.17 -31.17
C GLY B 191 28.48 0.74 -32.56
N THR B 192 27.84 1.90 -32.61
CA THR B 192 27.56 2.58 -33.85
C THR B 192 27.58 4.10 -33.64
N PRO B 193 27.78 4.87 -34.72
CA PRO B 193 27.82 6.33 -34.73
C PRO B 193 26.39 6.88 -34.68
N VAL B 194 26.10 7.81 -33.77
CA VAL B 194 24.75 8.37 -33.68
C VAL B 194 24.22 8.98 -34.97
N GLU B 195 25.13 9.29 -35.90
CA GLU B 195 24.74 9.88 -37.18
C GLU B 195 24.10 8.89 -38.13
N HIS B 196 24.28 7.61 -37.86
CA HIS B 196 23.74 6.56 -38.72
C HIS B 196 22.34 6.06 -38.37
N PHE B 197 21.86 6.42 -37.18
CA PHE B 197 20.54 5.98 -36.77
C PHE B 197 19.44 6.51 -37.68
N GLN B 198 18.52 5.63 -38.05
CA GLN B 198 17.42 5.99 -38.90
C GLN B 198 16.16 6.26 -38.08
N PRO B 199 15.20 6.99 -38.65
CA PRO B 199 13.94 7.34 -37.99
C PRO B 199 13.00 6.18 -37.65
N PHE B 200 13.14 5.06 -38.36
CA PHE B 200 12.28 3.92 -38.10
C PHE B 200 13.10 2.82 -37.46
N VAL B 201 12.75 2.50 -36.22
CA VAL B 201 13.46 1.51 -35.43
C VAL B 201 12.77 0.17 -35.24
N LEU B 202 13.58 -0.86 -35.11
CA LEU B 202 13.09 -2.21 -34.89
C LEU B 202 13.89 -2.79 -33.71
N PHE B 203 13.19 -3.30 -32.69
CA PHE B 203 13.84 -3.89 -31.52
C PHE B 203 13.64 -5.40 -31.55
N THR B 204 14.72 -6.15 -31.36
CA THR B 204 14.65 -7.62 -31.36
C THR B 204 15.38 -8.22 -30.17
N ASN B 205 14.83 -9.30 -29.62
CA ASN B 205 15.43 -9.96 -28.48
C ASN B 205 16.09 -11.28 -28.84
N TYR B 206 16.26 -11.53 -30.13
CA TYR B 206 16.89 -12.76 -30.57
C TYR B 206 17.91 -12.46 -31.64
N THR B 207 19.11 -13.00 -31.43
CA THR B 207 20.23 -12.81 -32.33
C THR B 207 19.96 -13.15 -33.79
N ARG B 208 19.22 -14.22 -34.02
CA ARG B 208 18.90 -14.63 -35.39
C ARG B 208 18.16 -13.59 -36.20
N TYR B 209 17.63 -12.57 -35.53
CA TYR B 209 16.90 -11.54 -36.24
C TYR B 209 17.87 -10.62 -36.95
N VAL B 210 19.02 -10.35 -36.33
CA VAL B 210 19.99 -9.48 -36.96
C VAL B 210 20.55 -10.19 -38.18
N ASP B 211 20.86 -11.47 -38.01
CA ASP B 211 21.41 -12.26 -39.11
C ASP B 211 20.50 -12.09 -40.33
N GLU B 212 19.22 -12.33 -40.12
CA GLU B 212 18.26 -12.21 -41.19
C GLU B 212 18.13 -10.78 -41.70
N PHE B 213 18.35 -9.81 -40.82
CA PHE B 213 18.26 -8.41 -41.19
C PHE B 213 19.46 -8.03 -42.05
N VAL B 214 20.66 -8.35 -41.57
CA VAL B 214 21.88 -8.03 -42.32
C VAL B 214 21.81 -8.63 -43.73
N ARG B 215 21.48 -9.92 -43.81
CA ARG B 215 21.38 -10.61 -45.09
C ARG B 215 20.42 -9.84 -46.00
N TRP B 216 19.20 -9.59 -45.54
CA TRP B 216 18.22 -8.87 -46.34
C TRP B 216 18.75 -7.48 -46.68
N GLY B 217 19.56 -6.94 -45.80
CA GLY B 217 20.11 -5.62 -45.99
C GLY B 217 21.06 -5.56 -47.16
N CYS B 218 22.14 -6.34 -47.09
CA CYS B 218 23.13 -6.39 -48.14
C CYS B 218 22.39 -6.61 -49.45
N SER B 219 21.48 -7.57 -49.45
CA SER B 219 20.68 -7.86 -50.62
C SER B 219 20.06 -6.57 -51.16
N GLN B 220 19.46 -5.78 -50.28
CA GLN B 220 18.81 -4.53 -50.69
C GLN B 220 19.78 -3.53 -51.28
N ILE B 221 21.00 -3.52 -50.77
CA ILE B 221 22.00 -2.59 -51.25
C ILE B 221 22.35 -2.89 -52.71
N LEU B 222 22.65 -4.16 -52.98
CA LEU B 222 23.00 -4.58 -54.33
C LEU B 222 21.89 -4.31 -55.33
N ASP B 223 20.63 -4.39 -54.89
CA ASP B 223 19.50 -4.11 -55.77
C ASP B 223 19.49 -2.62 -56.06
N PRO B 224 19.74 -2.23 -57.31
CA PRO B 224 19.78 -0.82 -57.71
C PRO B 224 18.42 -0.14 -57.76
N ASP B 225 17.47 -0.65 -56.99
CA ASP B 225 16.13 -0.08 -56.93
C ASP B 225 15.78 0.20 -55.47
N SER B 226 16.42 -0.54 -54.58
CA SER B 226 16.22 -0.41 -53.14
C SER B 226 16.95 0.82 -52.66
N PRO B 227 16.21 1.79 -52.10
CA PRO B 227 16.78 3.04 -51.60
C PRO B 227 17.91 2.82 -50.61
N TYR B 228 17.98 1.62 -50.04
CA TYR B 228 19.03 1.31 -49.07
C TYR B 228 20.38 1.25 -49.77
N ILE B 229 21.22 2.23 -49.46
CA ILE B 229 22.52 2.34 -50.09
C ILE B 229 23.71 2.07 -49.18
N ALA B 230 23.48 1.78 -47.91
CA ALA B 230 24.58 1.50 -46.97
C ALA B 230 24.13 0.69 -45.77
N LEU B 231 25.09 0.24 -44.97
CA LEU B 231 24.77 -0.56 -43.79
C LEU B 231 25.78 -0.41 -42.68
N SER B 232 25.50 0.47 -41.72
CA SER B 232 26.41 0.67 -40.61
C SER B 232 26.24 -0.53 -39.69
N CYS B 233 27.35 -1.14 -39.28
CA CYS B 233 27.32 -2.33 -38.44
C CYS B 233 27.92 -2.13 -37.07
N ALA B 234 27.28 -2.74 -36.07
CA ALA B 234 27.76 -2.65 -34.71
C ALA B 234 29.19 -3.18 -34.72
N GLY B 235 30.14 -2.33 -34.36
CA GLY B 235 31.52 -2.75 -34.37
C GLY B 235 32.32 -1.79 -35.21
N GLY B 236 31.74 -1.32 -36.31
CA GLY B 236 32.45 -0.38 -37.15
C GLY B 236 32.23 -0.57 -38.65
N ASN B 237 32.27 -1.81 -39.10
CA ASN B 237 32.09 -2.12 -40.52
C ASN B 237 31.03 -1.29 -41.23
N TRP B 238 31.44 -0.64 -42.30
CA TRP B 238 30.54 0.18 -43.10
C TRP B 238 30.42 -0.57 -44.42
N ILE B 239 29.21 -0.96 -44.80
CA ILE B 239 29.01 -1.70 -46.03
C ILE B 239 28.22 -0.96 -47.10
N THR B 240 28.83 -0.81 -48.26
CA THR B 240 28.19 -0.14 -49.38
C THR B 240 28.15 -1.07 -50.58
N ALA B 241 27.47 -0.64 -51.65
CA ALA B 241 27.36 -1.44 -52.87
C ALA B 241 28.68 -2.10 -53.27
N GLU B 242 29.77 -1.36 -53.17
CA GLU B 242 31.07 -1.92 -53.53
C GLU B 242 31.92 -2.22 -52.31
N THR B 243 31.71 -3.40 -51.74
CA THR B 243 32.46 -3.83 -50.57
C THR B 243 32.92 -5.28 -50.76
N GLU B 244 34.22 -5.46 -50.97
CA GLU B 244 34.83 -6.78 -51.17
C GLU B 244 33.97 -7.94 -50.68
N ALA B 245 34.21 -8.33 -49.43
CA ALA B 245 33.51 -9.44 -48.82
C ALA B 245 32.56 -8.97 -47.74
N PRO B 246 31.26 -8.85 -48.07
CA PRO B 246 30.26 -8.41 -47.09
C PRO B 246 30.03 -9.49 -46.03
N GLU B 247 31.11 -9.95 -45.38
CA GLU B 247 31.02 -10.98 -44.34
C GLU B 247 31.15 -10.47 -42.91
N GLU B 248 32.16 -9.65 -42.67
CA GLU B 248 32.41 -9.10 -41.34
C GLU B 248 31.23 -8.24 -40.85
N ALA B 249 30.16 -8.24 -41.63
CA ALA B 249 28.96 -7.49 -41.29
C ALA B 249 28.52 -7.83 -39.87
N ILE B 250 28.61 -9.10 -39.51
CA ILE B 250 28.22 -9.57 -38.17
C ILE B 250 29.45 -10.05 -37.38
N SER B 251 30.46 -9.18 -37.25
CA SER B 251 31.67 -9.50 -36.51
C SER B 251 31.33 -9.93 -35.09
N ASP B 252 31.32 -11.24 -34.86
CA ASP B 252 31.00 -11.80 -33.55
C ASP B 252 31.51 -11.02 -32.35
N LEU B 253 32.65 -10.35 -32.51
CA LEU B 253 33.23 -9.56 -31.43
C LEU B 253 32.26 -8.49 -30.91
N ALA B 254 31.28 -8.13 -31.73
CA ALA B 254 30.30 -7.12 -31.36
C ALA B 254 29.57 -7.49 -30.07
N TRP B 255 29.00 -8.68 -30.04
CA TRP B 255 28.25 -9.13 -28.87
C TRP B 255 29.04 -9.26 -27.58
N LYS B 256 30.33 -8.92 -27.62
CA LYS B 256 31.14 -8.99 -26.41
C LYS B 256 31.48 -7.57 -25.96
N LYS B 257 31.50 -6.65 -26.91
CA LYS B 257 31.82 -5.26 -26.65
C LYS B 257 30.59 -4.37 -26.55
N HIS B 258 29.46 -4.82 -27.07
CA HIS B 258 28.25 -4.01 -27.05
C HIS B 258 27.01 -4.75 -26.56
N GLN B 259 26.47 -4.27 -25.44
CA GLN B 259 25.29 -4.86 -24.83
C GLN B 259 24.03 -4.80 -25.68
N MSE B 260 24.01 -3.92 -26.68
CA MSE B 260 22.86 -3.82 -27.56
C MSE B 260 23.28 -3.29 -28.90
O MSE B 260 23.11 -2.12 -29.22
CB MSE B 260 21.83 -2.88 -26.97
CG MSE B 260 21.18 -3.44 -25.74
SE MSE B 260 20.78 -2.05 -24.44
CE MSE B 260 22.54 -1.69 -23.66
N PRO B 261 23.84 -4.19 -29.73
CA PRO B 261 24.32 -3.90 -31.07
C PRO B 261 23.23 -3.36 -31.95
N ALA B 262 23.61 -2.44 -32.82
CA ALA B 262 22.64 -1.86 -33.74
C ALA B 262 23.16 -2.02 -35.16
N TRP B 263 22.23 -1.98 -36.10
CA TRP B 263 22.55 -2.10 -37.51
C TRP B 263 21.66 -1.11 -38.22
N HIS B 264 22.27 -0.26 -39.04
CA HIS B 264 21.51 0.76 -39.74
C HIS B 264 21.52 0.64 -41.25
N LEU B 265 20.36 0.36 -41.84
CA LEU B 265 20.23 0.25 -43.29
C LEU B 265 19.90 1.66 -43.74
N ILE B 266 20.95 2.41 -44.03
CA ILE B 266 20.85 3.80 -44.42
C ILE B 266 20.41 4.10 -45.85
N THR B 267 19.74 5.22 -46.04
CA THR B 267 19.31 5.63 -47.38
C THR B 267 19.75 7.09 -47.59
N ALA B 268 19.69 7.54 -48.83
CA ALA B 268 20.09 8.90 -49.17
C ALA B 268 19.51 9.91 -48.19
N ASP B 269 18.18 10.01 -48.19
CA ASP B 269 17.45 10.94 -47.36
C ASP B 269 17.33 10.55 -45.89
N GLY B 270 18.09 9.55 -45.48
CA GLY B 270 18.04 9.11 -44.09
C GLY B 270 16.71 8.58 -43.59
N GLN B 271 15.96 7.88 -44.43
CA GLN B 271 14.68 7.33 -44.04
C GLN B 271 14.78 5.83 -43.98
N GLY B 272 15.96 5.37 -43.60
CA GLY B 272 16.21 3.95 -43.52
C GLY B 272 15.55 3.23 -42.36
N ILE B 273 16.17 2.13 -41.94
CA ILE B 273 15.65 1.34 -40.85
C ILE B 273 16.78 0.97 -39.93
N THR B 274 16.64 1.27 -38.66
CA THR B 274 17.65 0.92 -37.69
C THR B 274 17.14 -0.26 -36.85
N LEU B 275 17.99 -1.25 -36.64
CA LEU B 275 17.58 -2.38 -35.85
C LEU B 275 18.53 -2.54 -34.68
N VAL B 276 17.95 -2.65 -33.49
CA VAL B 276 18.72 -2.80 -32.27
C VAL B 276 18.31 -4.10 -31.64
N ASN B 277 19.31 -4.89 -31.26
CA ASN B 277 19.02 -6.15 -30.59
C ASN B 277 19.21 -5.84 -29.12
N ILE B 278 18.10 -5.49 -28.48
CA ILE B 278 18.10 -5.13 -27.08
C ILE B 278 18.38 -6.28 -26.13
N GLY B 279 18.42 -7.49 -26.66
CA GLY B 279 18.69 -8.60 -25.79
C GLY B 279 17.52 -8.81 -24.87
N VAL B 280 17.74 -9.48 -23.74
CA VAL B 280 16.65 -9.78 -22.82
C VAL B 280 16.78 -9.15 -21.43
N GLY B 281 15.63 -8.68 -20.94
CA GLY B 281 15.51 -8.03 -19.64
C GLY B 281 14.86 -6.66 -19.79
N PRO B 282 13.89 -6.30 -18.93
CA PRO B 282 13.24 -4.98 -19.03
C PRO B 282 14.27 -3.89 -18.75
N SER B 283 15.22 -4.23 -17.89
CA SER B 283 16.30 -3.34 -17.49
C SER B 283 16.96 -2.80 -18.76
N ASN B 284 17.17 -3.69 -19.71
CA ASN B 284 17.81 -3.31 -20.96
C ASN B 284 16.95 -2.48 -21.89
N ALA B 285 15.67 -2.85 -22.01
CA ALA B 285 14.74 -2.15 -22.87
C ALA B 285 14.57 -0.71 -22.39
N LYS B 286 14.53 -0.50 -21.08
CA LYS B 286 14.39 0.87 -20.63
C LYS B 286 15.63 1.65 -20.97
N THR B 287 16.78 1.12 -20.61
CA THR B 287 18.05 1.79 -20.88
C THR B 287 18.22 2.24 -22.33
N ILE B 288 18.00 1.35 -23.27
CA ILE B 288 18.17 1.71 -24.66
C ILE B 288 17.25 2.84 -25.10
N CYS B 289 15.99 2.78 -24.67
CA CYS B 289 15.02 3.80 -25.04
C CYS B 289 15.32 5.16 -24.42
N ASP B 290 15.83 5.15 -23.20
CA ASP B 290 16.17 6.39 -22.52
C ASP B 290 17.08 7.23 -23.40
N HIS B 291 17.98 6.58 -24.14
CA HIS B 291 18.93 7.27 -25.01
C HIS B 291 18.45 7.44 -26.43
N LEU B 292 17.96 6.36 -27.02
CA LEU B 292 17.47 6.44 -28.39
C LEU B 292 16.43 7.54 -28.56
N ALA B 293 15.75 7.87 -27.46
CA ALA B 293 14.70 8.89 -27.46
C ALA B 293 15.16 10.27 -27.85
N VAL B 294 16.38 10.64 -27.47
CA VAL B 294 16.87 11.97 -27.79
C VAL B 294 17.05 12.20 -29.28
N LEU B 295 17.09 11.13 -30.09
CA LEU B 295 17.24 11.27 -31.53
C LEU B 295 15.90 11.47 -32.17
N ARG B 296 14.86 11.56 -31.34
CA ARG B 296 13.49 11.78 -31.78
C ARG B 296 13.09 10.91 -32.98
N PRO B 297 13.03 9.60 -32.78
CA PRO B 297 12.66 8.65 -33.83
C PRO B 297 11.21 8.85 -34.23
N ASP B 298 10.80 8.24 -35.33
CA ASP B 298 9.44 8.37 -35.76
C ASP B 298 8.58 7.23 -35.25
N VAL B 299 9.22 6.12 -34.92
CA VAL B 299 8.50 4.98 -34.41
C VAL B 299 9.46 3.82 -34.14
N TRP B 300 9.20 3.08 -33.06
CA TRP B 300 10.00 1.91 -32.81
C TRP B 300 9.06 0.76 -32.59
N LEU B 301 9.42 -0.39 -33.14
CA LEU B 301 8.62 -1.59 -33.07
C LEU B 301 9.35 -2.74 -32.37
N MSE B 302 8.61 -3.46 -31.52
CA MSE B 302 9.17 -4.59 -30.80
C MSE B 302 8.89 -5.82 -31.62
O MSE B 302 7.75 -6.29 -31.71
CB MSE B 302 8.49 -4.75 -29.45
CG MSE B 302 9.04 -5.90 -28.61
SE MSE B 302 11.00 -5.68 -28.16
CE MSE B 302 11.67 -7.43 -28.87
N ILE B 303 9.93 -6.33 -32.27
CA ILE B 303 9.81 -7.53 -33.08
C ILE B 303 10.64 -8.63 -32.40
N GLY B 304 9.98 -9.50 -31.64
CA GLY B 304 10.70 -10.53 -30.93
C GLY B 304 9.85 -11.74 -30.63
N HIS B 305 10.42 -12.68 -29.88
CA HIS B 305 9.75 -13.90 -29.51
C HIS B 305 8.98 -13.75 -28.21
N CYS B 306 8.08 -14.68 -27.94
CA CYS B 306 7.29 -14.63 -26.73
C CYS B 306 6.72 -16.01 -26.46
N GLY B 307 6.05 -16.17 -25.32
CA GLY B 307 5.45 -17.44 -24.99
C GLY B 307 3.96 -17.34 -25.21
N GLY B 308 3.37 -18.36 -25.82
CA GLY B 308 1.95 -18.34 -26.07
C GLY B 308 1.27 -18.92 -24.86
N LEU B 309 0.28 -18.22 -24.34
CA LEU B 309 -0.39 -18.68 -23.14
C LEU B 309 -1.70 -19.35 -23.44
N ARG B 310 -2.21 -19.17 -24.65
CA ARG B 310 -3.49 -19.79 -25.01
C ARG B 310 -3.28 -21.13 -25.68
N GLU B 311 -4.10 -22.11 -25.36
CA GLU B 311 -3.88 -23.41 -25.97
C GLU B 311 -4.10 -23.37 -27.48
N SER B 312 -5.04 -22.54 -27.93
CA SER B 312 -5.29 -22.45 -29.37
C SER B 312 -4.13 -21.88 -30.18
N GLN B 313 -3.06 -21.45 -29.51
CA GLN B 313 -1.89 -20.86 -30.19
C GLN B 313 -0.90 -21.92 -30.60
N ALA B 314 -0.27 -21.73 -31.75
CA ALA B 314 0.72 -22.68 -32.26
C ALA B 314 2.04 -21.98 -32.43
N ILE B 315 3.13 -22.68 -32.12
CA ILE B 315 4.42 -22.05 -32.27
C ILE B 315 4.56 -21.51 -33.68
N GLY B 316 4.99 -20.25 -33.79
CA GLY B 316 5.15 -19.63 -35.09
C GLY B 316 4.06 -18.62 -35.36
N ASP B 317 3.00 -18.67 -34.55
CA ASP B 317 1.91 -17.73 -34.69
C ASP B 317 2.37 -16.33 -34.26
N TYR B 318 1.58 -15.32 -34.58
CA TYR B 318 1.93 -13.96 -34.21
C TYR B 318 0.97 -13.40 -33.16
N VAL B 319 1.44 -12.39 -32.44
CA VAL B 319 0.66 -11.73 -31.42
C VAL B 319 0.80 -10.23 -31.60
N LEU B 320 -0.33 -9.56 -31.75
CA LEU B 320 -0.31 -8.11 -31.88
C LEU B 320 -0.78 -7.58 -30.54
N ALA B 321 0.15 -7.02 -29.78
CA ALA B 321 -0.19 -6.50 -28.47
C ALA B 321 -1.10 -5.30 -28.62
N HIS B 322 -2.22 -5.33 -27.92
CA HIS B 322 -3.17 -4.24 -27.94
C HIS B 322 -3.31 -3.63 -26.54
N ALA B 323 -2.48 -4.11 -25.60
CA ALA B 323 -2.45 -3.65 -24.21
C ALA B 323 -1.33 -4.41 -23.52
N TYR B 324 -0.97 -4.02 -22.30
CA TYR B 324 0.11 -4.71 -21.61
C TYR B 324 -0.14 -4.88 -20.12
N LEU B 325 0.22 -6.02 -19.56
CA LEU B 325 0.13 -6.19 -18.12
C LEU B 325 1.58 -5.92 -17.71
N ARG B 326 1.84 -4.77 -17.11
CA ARG B 326 3.20 -4.38 -16.74
C ARG B 326 3.86 -5.01 -15.52
N ASP B 327 4.36 -6.23 -15.67
CA ASP B 327 5.04 -6.86 -14.57
C ASP B 327 6.54 -6.70 -14.77
N ASP B 328 6.93 -5.58 -15.37
CA ASP B 328 8.34 -5.30 -15.65
C ASP B 328 9.05 -4.56 -14.51
N HIS B 329 8.27 -3.92 -13.61
CA HIS B 329 8.77 -3.13 -12.46
C HIS B 329 9.70 -1.96 -12.77
N VAL B 330 10.53 -2.12 -13.78
CA VAL B 330 11.50 -1.10 -14.10
C VAL B 330 10.99 0.32 -14.31
N LEU B 331 9.73 0.50 -14.69
CA LEU B 331 9.22 1.85 -14.91
C LEU B 331 8.11 2.28 -13.96
N ASP B 332 7.83 1.47 -12.94
CA ASP B 332 6.76 1.77 -11.98
C ASP B 332 6.90 3.12 -11.30
N ALA B 333 8.14 3.50 -10.98
CA ALA B 333 8.37 4.77 -10.32
C ALA B 333 7.89 5.94 -11.13
N VAL B 334 8.50 6.14 -12.29
CA VAL B 334 8.17 7.25 -13.19
C VAL B 334 6.82 7.15 -13.90
N LEU B 335 6.24 5.97 -13.94
CA LEU B 335 4.96 5.77 -14.62
C LEU B 335 4.18 4.66 -13.91
N PRO B 336 3.44 5.02 -12.86
CA PRO B 336 2.63 4.09 -12.06
C PRO B 336 1.84 3.11 -12.93
N PRO B 337 1.78 1.84 -12.51
CA PRO B 337 1.06 0.81 -13.26
C PRO B 337 -0.41 1.05 -13.54
N ASP B 338 -1.04 2.03 -12.89
CA ASP B 338 -2.44 2.24 -13.18
C ASP B 338 -2.60 3.32 -14.25
N ILE B 339 -1.51 3.81 -14.78
CA ILE B 339 -1.55 4.81 -15.84
C ILE B 339 -1.78 4.00 -17.12
N PRO B 340 -2.85 4.29 -17.87
CA PRO B 340 -3.08 3.53 -19.10
C PRO B 340 -2.14 3.78 -20.28
N ILE B 341 -1.54 2.72 -20.79
CA ILE B 341 -0.66 2.80 -21.94
C ILE B 341 -1.50 2.24 -23.08
N PRO B 342 -2.01 3.10 -23.98
CA PRO B 342 -2.85 2.68 -25.11
C PRO B 342 -2.07 2.17 -26.33
N SER B 343 -2.80 1.74 -27.34
CA SER B 343 -2.23 1.26 -28.61
C SER B 343 -2.27 2.44 -29.56
N ILE B 344 -1.30 2.54 -30.44
CA ILE B 344 -1.34 3.63 -31.38
C ILE B 344 -2.00 3.11 -32.63
N ALA B 345 -3.26 3.47 -32.83
CA ALA B 345 -4.05 3.04 -33.97
C ALA B 345 -3.27 2.97 -35.27
N GLU B 346 -2.58 4.04 -35.61
CA GLU B 346 -1.80 4.08 -36.85
C GLU B 346 -0.78 2.94 -36.90
N VAL B 347 -0.10 2.71 -35.79
CA VAL B 347 0.91 1.66 -35.73
C VAL B 347 0.25 0.29 -35.71
N GLN B 348 -0.92 0.19 -35.09
CA GLN B 348 -1.60 -1.09 -35.06
C GLN B 348 -2.01 -1.50 -36.46
N ARG B 349 -2.61 -0.60 -37.23
CA ARG B 349 -3.02 -0.95 -38.60
C ARG B 349 -1.83 -1.42 -39.40
N ALA B 350 -0.75 -0.66 -39.36
CA ALA B 350 0.45 -1.03 -40.10
C ALA B 350 0.84 -2.45 -39.72
N LEU B 351 1.03 -2.71 -38.43
CA LEU B 351 1.40 -4.05 -37.99
C LEU B 351 0.39 -5.08 -38.48
N TYR B 352 -0.90 -4.75 -38.41
CA TYR B 352 -1.93 -5.68 -38.83
C TYR B 352 -1.81 -5.97 -40.31
N ASP B 353 -1.95 -4.93 -41.13
CA ASP B 353 -1.85 -5.09 -42.58
C ASP B 353 -0.54 -5.75 -42.99
N ALA B 354 0.55 -5.36 -42.35
CA ALA B 354 1.83 -5.96 -42.69
C ALA B 354 1.75 -7.46 -42.53
N THR B 355 1.04 -7.93 -41.51
CA THR B 355 0.93 -9.36 -41.29
C THR B 355 0.03 -9.96 -42.36
N LYS B 356 -0.97 -9.20 -42.78
CA LYS B 356 -1.89 -9.65 -43.81
C LYS B 356 -1.13 -9.90 -45.09
N LEU B 357 -0.34 -8.90 -45.50
CA LEU B 357 0.44 -8.98 -46.73
C LEU B 357 1.57 -9.99 -46.67
N VAL B 358 2.49 -9.84 -45.72
CA VAL B 358 3.62 -10.76 -45.63
C VAL B 358 3.24 -12.23 -45.42
N SER B 359 2.22 -12.51 -44.61
CA SER B 359 1.83 -13.89 -44.36
C SER B 359 0.98 -14.44 -45.51
N GLY B 360 0.71 -13.56 -46.47
CA GLY B 360 -0.05 -13.91 -47.67
C GLY B 360 -1.54 -14.16 -47.61
N ARG B 361 -2.12 -14.14 -46.41
CA ARG B 361 -3.54 -14.41 -46.30
C ARG B 361 -4.39 -13.19 -45.90
N PRO B 362 -5.06 -12.58 -46.90
CA PRO B 362 -5.93 -11.39 -46.71
C PRO B 362 -7.30 -11.74 -46.12
N GLY B 363 -7.84 -10.85 -45.30
CA GLY B 363 -9.14 -11.10 -44.69
C GLY B 363 -9.08 -11.61 -43.26
N GLU B 364 -10.16 -12.24 -42.79
CA GLU B 364 -10.19 -12.77 -41.41
C GLU B 364 -9.36 -14.05 -41.38
N GLU B 365 -8.67 -14.31 -42.49
CA GLU B 365 -7.82 -15.48 -42.63
C GLU B 365 -6.62 -15.30 -41.70
N VAL B 366 -6.15 -14.06 -41.57
CA VAL B 366 -5.01 -13.75 -40.71
C VAL B 366 -5.22 -14.17 -39.27
N LYS B 367 -6.47 -14.12 -38.81
CA LYS B 367 -6.76 -14.49 -37.44
C LYS B 367 -6.37 -15.92 -37.07
N GLN B 368 -6.04 -16.72 -38.07
CA GLN B 368 -5.63 -18.10 -37.81
C GLN B 368 -4.14 -18.15 -37.54
N ARG B 369 -3.47 -17.06 -37.87
CA ARG B 369 -2.03 -16.95 -37.68
C ARG B 369 -1.67 -15.77 -36.74
N LEU B 370 -2.60 -14.83 -36.57
CA LEU B 370 -2.38 -13.67 -35.72
C LEU B 370 -3.46 -13.49 -34.66
N ARG B 371 -3.02 -13.31 -33.41
CA ARG B 371 -3.93 -13.10 -32.29
C ARG B 371 -3.67 -11.73 -31.68
N THR B 372 -4.69 -10.88 -31.66
CA THR B 372 -4.54 -9.56 -31.08
C THR B 372 -5.01 -9.65 -29.63
N GLY B 373 -4.16 -9.27 -28.70
CA GLY B 373 -4.54 -9.36 -27.31
C GLY B 373 -3.58 -8.70 -26.38
N THR B 374 -3.80 -8.91 -25.07
CA THR B 374 -2.95 -8.32 -24.02
C THR B 374 -1.67 -9.13 -23.78
N VAL B 375 -0.53 -8.45 -23.71
CA VAL B 375 0.74 -9.12 -23.49
C VAL B 375 1.27 -8.82 -22.11
N VAL B 376 1.84 -9.81 -21.46
CA VAL B 376 2.41 -9.62 -20.14
C VAL B 376 3.92 -9.50 -20.33
N THR B 377 4.52 -8.49 -19.75
CA THR B 377 5.98 -8.34 -19.83
C THR B 377 6.43 -8.49 -18.39
N THR B 378 7.46 -9.30 -18.17
CA THR B 378 7.96 -9.57 -16.82
C THR B 378 9.46 -9.55 -16.75
N ASP B 379 9.97 -9.26 -15.56
CA ASP B 379 11.40 -9.23 -15.34
C ASP B 379 11.87 -10.54 -14.70
N ASP B 380 10.91 -11.44 -14.45
CA ASP B 380 11.24 -12.74 -13.90
C ASP B 380 11.14 -13.76 -15.01
N ARG B 381 12.27 -14.12 -15.60
CA ARG B 381 12.28 -15.10 -16.67
C ARG B 381 11.78 -16.48 -16.25
N ASN B 382 12.09 -16.93 -15.04
CA ASN B 382 11.62 -18.25 -14.62
C ASN B 382 10.27 -18.06 -13.95
N TRP B 383 9.41 -17.26 -14.55
CA TRP B 383 8.11 -17.02 -13.97
C TRP B 383 7.29 -18.32 -13.87
N GLU B 384 7.61 -19.29 -14.72
CA GLU B 384 6.87 -20.56 -14.70
C GLU B 384 6.92 -21.15 -13.30
N LEU B 385 8.07 -20.99 -12.65
CA LEU B 385 8.28 -21.53 -11.31
C LEU B 385 7.26 -20.99 -10.30
N ARG B 386 6.47 -19.99 -10.69
CA ARG B 386 5.45 -19.41 -9.80
C ARG B 386 4.09 -19.29 -10.49
N TYR B 387 3.87 -20.04 -11.57
CA TYR B 387 2.62 -19.93 -12.31
C TYR B 387 1.40 -19.66 -11.45
N SER B 388 1.08 -20.58 -10.55
CA SER B 388 -0.09 -20.41 -9.68
C SER B 388 -0.32 -18.98 -9.21
N ALA B 389 0.73 -18.33 -8.72
CA ALA B 389 0.63 -16.96 -8.24
C ALA B 389 0.26 -15.97 -9.35
N SER B 390 0.83 -16.18 -10.53
CA SER B 390 0.59 -15.31 -11.66
C SER B 390 -0.78 -15.52 -12.30
N ALA B 391 -1.15 -16.79 -12.43
CA ALA B 391 -2.41 -17.22 -13.04
C ALA B 391 -3.62 -16.31 -12.84
N LEU B 392 -3.84 -15.80 -11.63
CA LEU B 392 -5.01 -14.94 -11.42
C LEU B 392 -4.94 -13.69 -12.28
N ARG B 393 -3.82 -12.97 -12.18
CA ARG B 393 -3.63 -11.75 -12.95
C ARG B 393 -3.60 -12.07 -14.44
N PHE B 394 -2.98 -13.18 -14.80
CA PHE B 394 -2.94 -13.58 -16.19
C PHE B 394 -4.34 -13.67 -16.73
N ASN B 395 -5.22 -14.33 -15.99
CA ASN B 395 -6.61 -14.50 -16.42
C ASN B 395 -7.36 -13.19 -16.36
N LEU B 396 -7.16 -12.48 -15.27
CA LEU B 396 -7.79 -11.18 -15.05
C LEU B 396 -7.54 -10.21 -16.21
N SER B 397 -6.34 -10.22 -16.76
CA SER B 397 -6.00 -9.33 -17.85
C SER B 397 -6.18 -9.92 -19.24
N ARG B 398 -6.72 -11.13 -19.30
CA ARG B 398 -6.97 -11.83 -20.55
C ARG B 398 -5.66 -11.90 -21.30
N ALA B 399 -4.60 -12.19 -20.58
CA ALA B 399 -3.28 -12.29 -21.18
C ALA B 399 -3.28 -13.33 -22.29
N VAL B 400 -2.46 -13.09 -23.30
CA VAL B 400 -2.41 -13.95 -24.46
C VAL B 400 -0.99 -14.43 -24.77
N ALA B 401 0.01 -13.72 -24.29
CA ALA B 401 1.41 -14.07 -24.49
C ALA B 401 2.23 -13.42 -23.40
N ILE B 402 3.48 -13.84 -23.24
CA ILE B 402 4.34 -13.23 -22.21
C ILE B 402 5.75 -13.02 -22.75
N ASP B 403 6.38 -11.92 -22.39
CA ASP B 403 7.73 -11.64 -22.86
C ASP B 403 8.43 -10.77 -21.82
N MSE B 404 9.54 -10.15 -22.20
CA MSE B 404 10.28 -9.32 -21.27
C MSE B 404 10.75 -7.94 -21.76
O MSE B 404 11.65 -7.37 -21.17
CB MSE B 404 11.49 -10.09 -20.77
CG MSE B 404 11.07 -11.40 -20.14
SE MSE B 404 12.62 -12.46 -19.45
CE MSE B 404 13.26 -11.26 -17.91
N GLU B 405 10.16 -7.41 -22.82
CA GLU B 405 10.57 -6.10 -23.32
C GLU B 405 9.41 -5.26 -23.79
N SER B 406 8.43 -5.88 -24.44
CA SER B 406 7.23 -5.20 -24.95
C SER B 406 6.75 -4.00 -24.18
N ALA B 407 6.11 -4.26 -23.06
CA ALA B 407 5.56 -3.21 -22.21
C ALA B 407 6.59 -2.15 -21.89
N THR B 408 7.84 -2.53 -21.73
CA THR B 408 8.86 -1.55 -21.41
C THR B 408 9.11 -0.63 -22.60
N ILE B 409 9.21 -1.22 -23.79
CA ILE B 409 9.42 -0.49 -25.03
C ILE B 409 8.23 0.43 -25.28
N ALA B 410 7.02 -0.11 -25.07
CA ALA B 410 5.79 0.64 -25.29
C ALA B 410 5.72 1.80 -24.32
N ALA B 411 5.92 1.49 -23.05
CA ALA B 411 5.88 2.48 -22.01
C ALA B 411 6.83 3.62 -22.33
N GLN B 412 8.07 3.29 -22.70
CA GLN B 412 9.05 4.31 -23.02
C GLN B 412 8.64 5.13 -24.23
N GLY B 413 7.97 4.49 -25.20
CA GLY B 413 7.52 5.20 -26.37
C GLY B 413 6.48 6.18 -25.91
N TYR B 414 5.61 5.70 -25.04
CA TYR B 414 4.56 6.52 -24.47
C TYR B 414 5.18 7.72 -23.74
N ARG B 415 6.17 7.44 -22.90
CA ARG B 415 6.82 8.49 -22.13
C ARG B 415 7.47 9.53 -23.01
N PHE B 416 8.24 9.08 -24.00
CA PHE B 416 8.98 9.98 -24.87
C PHE B 416 8.31 10.41 -26.13
N ARG B 417 7.03 10.10 -26.25
CA ARG B 417 6.29 10.51 -27.44
C ARG B 417 6.88 9.96 -28.71
N VAL B 418 7.00 8.64 -28.78
CA VAL B 418 7.51 8.00 -29.96
C VAL B 418 6.50 6.91 -30.26
N PRO B 419 5.80 7.00 -31.39
CA PRO B 419 4.82 5.97 -31.71
C PRO B 419 5.47 4.59 -31.52
N TYR B 420 4.71 3.65 -30.99
CA TYR B 420 5.25 2.33 -30.70
C TYR B 420 4.25 1.24 -31.03
N GLY B 421 4.75 0.02 -31.16
CA GLY B 421 3.89 -1.11 -31.47
C GLY B 421 4.59 -2.41 -31.17
N THR B 422 3.81 -3.45 -30.90
CA THR B 422 4.41 -4.74 -30.58
C THR B 422 3.80 -5.87 -31.38
N LEU B 423 4.63 -6.61 -32.10
CA LEU B 423 4.18 -7.76 -32.86
C LEU B 423 5.17 -8.86 -32.59
N LEU B 424 4.79 -9.77 -31.71
CA LEU B 424 5.65 -10.87 -31.33
C LEU B 424 5.33 -12.19 -32.04
N CYS B 425 6.28 -13.13 -31.99
CA CYS B 425 6.07 -14.43 -32.61
C CYS B 425 6.18 -15.49 -31.55
N VAL B 426 5.15 -16.32 -31.43
CA VAL B 426 5.15 -17.37 -30.43
C VAL B 426 6.27 -18.38 -30.63
N SER B 427 7.24 -18.41 -29.71
CA SER B 427 8.35 -19.32 -29.85
C SER B 427 8.18 -20.56 -28.97
N ASP B 428 7.11 -20.60 -28.18
CA ASP B 428 6.88 -21.75 -27.33
C ASP B 428 5.65 -21.57 -26.47
N LYS B 429 5.17 -22.68 -25.89
CA LYS B 429 3.98 -22.64 -25.06
C LYS B 429 4.25 -23.24 -23.67
N PRO B 430 4.74 -22.40 -22.75
CA PRO B 430 5.09 -22.78 -21.37
C PRO B 430 4.00 -23.54 -20.64
N LEU B 431 2.76 -23.11 -20.87
CA LEU B 431 1.64 -23.73 -20.19
C LEU B 431 1.16 -25.04 -20.80
N HIS B 432 1.80 -25.47 -21.90
CA HIS B 432 1.40 -26.69 -22.56
C HIS B 432 2.57 -27.63 -22.92
N GLY B 433 3.37 -27.96 -21.92
CA GLY B 433 4.49 -28.86 -22.13
C GLY B 433 5.60 -28.40 -23.07
N GLU B 434 5.23 -27.74 -24.16
CA GLU B 434 6.19 -27.27 -25.15
C GLU B 434 7.11 -26.14 -24.75
N ILE B 435 7.92 -26.29 -23.71
CA ILE B 435 8.83 -25.21 -23.35
C ILE B 435 10.11 -25.38 -24.15
N LYS B 436 10.44 -24.38 -24.97
CA LYS B 436 11.62 -24.41 -25.83
C LYS B 436 12.36 -23.08 -25.85
N LEU B 437 13.47 -23.03 -25.11
CA LEU B 437 14.30 -21.84 -25.00
C LEU B 437 14.99 -21.44 -26.31
N PRO B 438 14.58 -20.30 -26.91
CA PRO B 438 15.19 -19.84 -28.17
C PRO B 438 16.71 -20.04 -28.24
N GLY B 439 17.14 -20.78 -29.25
CA GLY B 439 18.55 -21.09 -29.44
C GLY B 439 18.64 -22.59 -29.64
N GLN B 440 17.58 -23.28 -29.20
CA GLN B 440 17.47 -24.73 -29.34
C GLN B 440 16.67 -25.03 -30.62
N ALA B 441 16.59 -26.30 -30.97
CA ALA B 441 15.87 -26.69 -32.17
C ALA B 441 14.36 -26.54 -32.03
N ASN B 442 13.82 -25.55 -32.72
CA ASN B 442 12.39 -25.29 -32.71
C ASN B 442 11.99 -24.91 -34.13
N ARG B 443 11.93 -25.94 -34.97
CA ARG B 443 11.59 -25.82 -36.39
C ARG B 443 10.53 -24.78 -36.68
N PHE B 444 9.34 -24.98 -36.14
CA PHE B 444 8.27 -24.03 -36.42
C PHE B 444 8.51 -22.57 -36.02
N TYR B 445 9.32 -22.31 -34.99
CA TYR B 445 9.58 -20.93 -34.62
C TYR B 445 10.64 -20.41 -35.57
N GLU B 446 11.79 -21.07 -35.53
CA GLU B 446 12.95 -20.74 -36.35
C GLU B 446 12.63 -20.47 -37.80
N GLY B 447 11.71 -21.26 -38.37
CA GLY B 447 11.35 -21.08 -39.75
C GLY B 447 10.53 -19.83 -40.01
N ALA B 448 10.08 -19.19 -38.93
CA ALA B 448 9.27 -17.99 -39.06
C ALA B 448 10.08 -16.71 -38.81
N ILE B 449 11.30 -16.84 -38.32
CA ILE B 449 12.10 -15.67 -38.04
C ILE B 449 12.23 -14.71 -39.20
N SER B 450 12.34 -15.23 -40.40
CA SER B 450 12.49 -14.37 -41.55
C SER B 450 11.17 -13.64 -41.88
N GLU B 451 10.08 -14.39 -41.91
CA GLU B 451 8.78 -13.80 -42.20
C GLU B 451 8.43 -12.73 -41.17
N HIS B 452 8.76 -13.02 -39.92
CA HIS B 452 8.49 -12.11 -38.81
C HIS B 452 9.14 -10.79 -39.11
N LEU B 453 10.46 -10.80 -39.20
CA LEU B 453 11.24 -9.60 -39.49
C LEU B 453 10.69 -8.86 -40.68
N GLN B 454 10.14 -9.59 -41.64
CA GLN B 454 9.57 -8.95 -42.81
C GLN B 454 8.29 -8.22 -42.48
N ILE B 455 7.52 -8.73 -41.55
CA ILE B 455 6.28 -8.06 -41.18
C ILE B 455 6.71 -6.76 -40.52
N GLY B 456 7.78 -6.83 -39.73
CA GLY B 456 8.27 -5.64 -39.07
C GLY B 456 8.64 -4.61 -40.10
N ILE B 457 9.48 -5.01 -41.06
CA ILE B 457 9.93 -4.11 -42.11
C ILE B 457 8.80 -3.57 -42.97
N ARG B 458 7.84 -4.41 -43.33
CA ARG B 458 6.73 -3.92 -44.14
C ARG B 458 5.91 -2.89 -43.36
N ALA B 459 5.72 -3.15 -42.07
CA ALA B 459 4.96 -2.24 -41.22
C ALA B 459 5.64 -0.88 -41.27
N ILE B 460 6.96 -0.87 -41.21
CA ILE B 460 7.69 0.36 -41.30
C ILE B 460 7.43 1.02 -42.65
N ASP B 461 7.55 0.25 -43.73
CA ASP B 461 7.29 0.79 -45.07
C ASP B 461 5.95 1.50 -45.07
N LEU B 462 4.92 0.78 -44.65
CA LEU B 462 3.57 1.32 -44.58
C LEU B 462 3.51 2.60 -43.78
N LEU B 463 4.16 2.60 -42.62
CA LEU B 463 4.16 3.77 -41.76
C LEU B 463 4.99 4.90 -42.35
N ARG B 464 6.09 4.59 -43.01
CA ARG B 464 6.90 5.65 -43.60
C ARG B 464 6.11 6.37 -44.69
N ALA B 465 5.36 5.60 -45.46
CA ALA B 465 4.55 6.15 -46.54
C ALA B 465 3.42 7.01 -45.98
N GLU B 466 3.05 6.77 -44.72
CA GLU B 466 1.99 7.51 -44.05
C GLU B 466 2.34 8.98 -43.94
N GLY B 467 3.63 9.29 -44.09
CA GLY B 467 4.07 10.66 -43.99
C GLY B 467 3.89 11.14 -42.57
N ASP B 468 3.19 12.24 -42.39
CA ASP B 468 2.96 12.79 -41.07
C ASP B 468 1.80 12.09 -40.37
N ARG B 469 0.97 11.42 -41.15
CA ARG B 469 -0.16 10.70 -40.59
C ARG B 469 0.29 9.86 -39.41
N LEU B 470 1.48 9.27 -39.54
CA LEU B 470 2.04 8.44 -38.50
C LEU B 470 1.85 9.04 -37.12
N HIS B 471 2.14 10.33 -37.00
CA HIS B 471 2.04 11.04 -35.73
C HIS B 471 0.66 11.64 -35.45
N SER B 472 0.05 11.18 -34.37
CA SER B 472 -1.26 11.67 -33.95
C SER B 472 -1.08 12.40 -32.63
N ARG B 473 -2.17 12.88 -32.05
CA ARG B 473 -2.06 13.62 -30.81
C ARG B 473 -2.11 12.73 -29.57
N LYS B 474 -2.19 11.41 -29.79
CA LYS B 474 -2.32 10.43 -28.71
C LYS B 474 -1.29 10.44 -27.57
N LEU B 475 -0.15 11.08 -27.78
CA LEU B 475 0.88 11.12 -26.76
C LEU B 475 1.25 12.51 -26.26
N ARG B 476 0.53 13.52 -26.74
CA ARG B 476 0.76 14.91 -26.35
C ARG B 476 0.34 15.09 -24.92
N THR B 477 1.19 15.72 -24.12
CA THR B 477 0.87 15.99 -22.73
C THR B 477 0.25 17.39 -22.76
N PHE B 478 -0.20 17.92 -21.62
CA PHE B 478 -0.80 19.25 -21.63
C PHE B 478 0.26 20.31 -21.87
N ASN B 479 1.47 20.04 -21.39
CA ASN B 479 2.58 20.96 -21.55
C ASN B 479 3.48 20.54 -22.71
N GLU B 480 2.95 19.72 -23.59
CA GLU B 480 3.71 19.22 -24.73
C GLU B 480 4.59 20.30 -25.39
N PRO B 481 5.92 20.06 -25.46
CA PRO B 481 6.87 20.99 -26.06
C PRO B 481 6.54 21.23 -27.54
N PRO B 482 6.81 22.45 -28.05
CA PRO B 482 6.52 22.72 -29.46
C PRO B 482 7.23 21.76 -30.41
N PHE B 483 8.49 21.46 -30.15
CA PHE B 483 9.26 20.53 -30.99
C PHE B 483 8.76 19.09 -30.89
N ARG B 484 8.72 18.39 -32.02
CA ARG B 484 8.24 17.00 -32.04
C ARG B 484 9.08 16.09 -31.17
N LEU C 8 -28.98 -36.44 -27.01
CA LEU C 8 -30.08 -35.40 -27.03
C LEU C 8 -29.72 -34.21 -27.94
N THR C 9 -30.70 -33.68 -28.67
CA THR C 9 -30.42 -32.57 -29.59
C THR C 9 -30.91 -31.20 -29.14
N PRO C 10 -30.41 -30.13 -29.80
CA PRO C 10 -30.76 -28.75 -29.50
C PRO C 10 -32.25 -28.55 -29.29
N ALA C 11 -33.02 -28.60 -30.36
CA ALA C 11 -34.46 -28.42 -30.28
C ALA C 11 -35.07 -29.24 -29.14
N GLN C 12 -34.63 -30.48 -29.01
CA GLN C 12 -35.13 -31.36 -27.96
C GLN C 12 -34.81 -30.82 -26.57
N ALA C 13 -33.53 -30.47 -26.38
CA ALA C 13 -33.04 -29.92 -25.12
C ALA C 13 -33.88 -28.70 -24.71
N LEU C 14 -34.11 -27.81 -25.67
CA LEU C 14 -34.89 -26.60 -25.45
C LEU C 14 -36.28 -26.90 -24.94
N ASP C 15 -36.93 -27.91 -25.53
CA ASP C 15 -38.27 -28.29 -25.12
C ASP C 15 -38.29 -28.90 -23.74
N LYS C 16 -37.31 -29.77 -23.44
CA LYS C 16 -37.26 -30.37 -22.11
C LYS C 16 -36.99 -29.28 -21.07
N LEU C 17 -36.20 -28.27 -21.45
CA LEU C 17 -35.90 -27.15 -20.54
C LEU C 17 -37.22 -26.43 -20.32
N ASP C 18 -37.85 -26.02 -21.43
CA ASP C 18 -39.15 -25.34 -21.37
C ASP C 18 -40.05 -26.08 -20.41
N ALA C 19 -40.23 -27.36 -20.70
CA ALA C 19 -41.07 -28.23 -19.90
C ALA C 19 -40.70 -28.20 -18.42
N LEU C 20 -39.55 -28.78 -18.09
CA LEU C 20 -39.08 -28.83 -16.70
C LEU C 20 -39.25 -27.50 -15.95
N TYR C 21 -38.94 -26.40 -16.64
CA TYR C 21 -39.04 -25.05 -16.05
C TYR C 21 -40.49 -24.74 -15.69
N GLU C 22 -41.34 -24.66 -16.70
CA GLU C 22 -42.76 -24.36 -16.49
C GLU C 22 -43.30 -25.19 -15.34
N GLN C 23 -42.97 -26.47 -15.37
CA GLN C 23 -43.43 -27.40 -14.34
C GLN C 23 -43.10 -26.88 -12.94
N SER C 24 -41.82 -26.59 -12.71
CA SER C 24 -41.35 -26.10 -11.42
C SER C 24 -41.98 -24.78 -10.99
N VAL C 25 -41.97 -23.79 -11.87
CA VAL C 25 -42.55 -22.51 -11.49
C VAL C 25 -44.01 -22.71 -11.11
N VAL C 26 -44.75 -23.46 -11.92
CA VAL C 26 -46.16 -23.73 -11.64
C VAL C 26 -46.30 -24.48 -10.32
N ALA C 27 -45.45 -25.46 -10.12
CA ALA C 27 -45.46 -26.25 -8.92
C ALA C 27 -45.25 -25.37 -7.69
N LEU C 28 -44.37 -24.38 -7.82
CA LEU C 28 -44.07 -23.49 -6.69
C LEU C 28 -45.21 -22.52 -6.45
N ARG C 29 -45.73 -21.94 -7.52
CA ARG C 29 -46.85 -21.01 -7.38
C ARG C 29 -47.95 -21.73 -6.65
N ASN C 30 -48.17 -22.98 -7.03
CA ASN C 30 -49.21 -23.79 -6.41
C ASN C 30 -48.90 -23.91 -4.92
N ALA C 31 -47.70 -24.40 -4.61
CA ALA C 31 -47.26 -24.56 -3.24
C ALA C 31 -47.52 -23.29 -2.41
N ILE C 32 -47.17 -22.13 -2.97
CA ILE C 32 -47.36 -20.87 -2.27
C ILE C 32 -48.82 -20.53 -2.01
N GLY C 33 -49.67 -20.76 -3.02
CA GLY C 33 -51.10 -20.49 -2.88
C GLY C 33 -51.67 -21.38 -1.78
N ASN C 34 -51.38 -22.67 -1.87
CA ASN C 34 -51.82 -23.69 -0.92
C ASN C 34 -51.46 -23.29 0.52
N TYR C 35 -50.32 -22.63 0.69
CA TYR C 35 -49.89 -22.19 2.02
C TYR C 35 -50.67 -20.95 2.44
N ILE C 36 -50.73 -19.98 1.53
CA ILE C 36 -51.46 -18.73 1.80
C ILE C 36 -52.92 -19.00 2.15
N THR C 37 -53.59 -19.85 1.37
CA THR C 37 -54.99 -20.16 1.60
C THR C 37 -55.25 -21.09 2.81
N SER C 38 -54.59 -22.24 2.85
CA SER C 38 -54.83 -23.17 3.96
C SER C 38 -53.71 -23.26 4.98
N GLY C 39 -52.51 -22.86 4.59
CA GLY C 39 -51.39 -22.95 5.51
C GLY C 39 -50.69 -24.28 5.33
N GLU C 40 -50.92 -24.89 4.18
CA GLU C 40 -50.32 -26.18 3.86
C GLU C 40 -48.86 -26.02 3.40
N LEU C 41 -48.02 -26.98 3.81
CA LEU C 41 -46.61 -26.98 3.45
C LEU C 41 -46.31 -28.04 2.40
N PRO C 42 -45.28 -27.83 1.58
CA PRO C 42 -44.92 -28.81 0.54
C PRO C 42 -44.25 -30.00 1.22
N ASP C 43 -44.32 -31.18 0.60
CA ASP C 43 -43.71 -32.36 1.19
C ASP C 43 -42.22 -32.44 0.83
N GLU C 44 -41.38 -32.38 1.85
CA GLU C 44 -39.94 -32.42 1.66
C GLU C 44 -39.46 -33.46 0.66
N ASN C 45 -40.23 -34.52 0.50
CA ASN C 45 -39.84 -35.57 -0.43
C ASN C 45 -39.93 -35.15 -1.90
N ALA C 46 -41.06 -34.55 -2.28
CA ALA C 46 -41.24 -34.11 -3.66
C ALA C 46 -40.23 -33.03 -4.02
N ARG C 47 -39.84 -32.22 -3.04
CA ARG C 47 -38.85 -31.15 -3.26
C ARG C 47 -37.51 -31.80 -3.55
N LYS C 48 -37.12 -32.76 -2.73
CA LYS C 48 -35.85 -33.47 -2.92
C LYS C 48 -35.85 -34.08 -4.30
N GLN C 49 -37.03 -34.47 -4.76
CA GLN C 49 -37.20 -35.09 -6.07
C GLN C 49 -37.05 -34.09 -7.22
N GLY C 50 -37.05 -32.80 -6.88
CA GLY C 50 -36.90 -31.76 -7.89
C GLY C 50 -38.18 -31.01 -8.20
N LEU C 51 -38.97 -30.78 -7.17
CA LEU C 51 -40.24 -30.09 -7.30
C LEU C 51 -40.12 -28.63 -7.73
N PHE C 52 -39.28 -27.87 -7.01
CA PHE C 52 -39.09 -26.43 -7.27
C PHE C 52 -37.79 -26.10 -8.02
N VAL C 53 -37.00 -27.12 -8.32
CA VAL C 53 -35.72 -26.96 -8.99
C VAL C 53 -35.73 -26.40 -10.42
N TYR C 54 -34.66 -25.71 -10.80
CA TYR C 54 -34.52 -25.17 -12.16
C TYR C 54 -34.02 -26.31 -13.03
N PRO C 55 -34.23 -26.22 -14.35
CA PRO C 55 -33.73 -27.30 -15.18
C PRO C 55 -32.22 -27.15 -15.14
N SER C 56 -31.50 -28.17 -15.57
CA SER C 56 -30.05 -28.10 -15.58
C SER C 56 -29.56 -28.57 -16.95
N LEU C 57 -28.92 -27.68 -17.69
CA LEU C 57 -28.44 -28.02 -19.03
C LEU C 57 -26.97 -28.43 -19.02
N THR C 58 -26.68 -29.61 -19.57
CA THR C 58 -25.30 -30.11 -19.60
C THR C 58 -24.83 -30.50 -20.99
N VAL C 59 -23.61 -30.12 -21.31
CA VAL C 59 -23.04 -30.44 -22.62
C VAL C 59 -21.70 -31.07 -22.37
N THR C 60 -21.43 -32.18 -23.06
CA THR C 60 -20.15 -32.88 -22.89
C THR C 60 -19.39 -33.04 -24.19
N TRP C 61 -18.06 -33.09 -24.07
CA TRP C 61 -17.21 -33.23 -25.23
C TRP C 61 -16.12 -34.23 -24.92
N ASP C 62 -16.00 -35.25 -25.76
CA ASP C 62 -15.00 -36.30 -25.61
C ASP C 62 -13.62 -35.76 -25.90
N GLY C 63 -13.58 -34.56 -26.45
CA GLY C 63 -12.31 -33.91 -26.73
C GLY C 63 -11.60 -34.36 -27.99
N SER C 64 -12.35 -34.84 -28.97
CA SER C 64 -11.70 -35.26 -30.20
C SER C 64 -12.53 -34.96 -31.41
N THR C 65 -12.14 -33.90 -32.10
CA THR C 65 -12.80 -33.49 -33.32
C THR C 65 -11.65 -33.19 -34.26
N THR C 66 -11.82 -33.56 -35.52
CA THR C 66 -10.81 -33.37 -36.54
C THR C 66 -10.39 -31.92 -36.81
N ASN C 67 -11.36 -31.04 -37.01
CA ASN C 67 -11.06 -29.63 -37.29
C ASN C 67 -11.77 -28.66 -36.35
N PRO C 68 -11.38 -28.63 -35.07
CA PRO C 68 -11.98 -27.76 -34.05
C PRO C 68 -11.82 -26.26 -34.35
N PRO C 69 -12.94 -25.51 -34.33
CA PRO C 69 -12.82 -24.07 -34.60
C PRO C 69 -11.87 -23.45 -33.59
N LYS C 70 -10.81 -22.81 -34.08
CA LYS C 70 -9.83 -22.19 -33.20
C LYS C 70 -9.78 -20.68 -33.35
N THR C 71 -10.55 -20.16 -34.30
CA THR C 71 -10.61 -18.72 -34.55
C THR C 71 -11.87 -18.08 -34.00
N ARG C 72 -12.97 -18.82 -33.95
CA ARG C 72 -14.20 -18.25 -33.44
C ARG C 72 -13.98 -17.75 -32.02
N ALA C 73 -14.67 -16.67 -31.68
CA ALA C 73 -14.53 -16.06 -30.36
C ALA C 73 -15.34 -16.75 -29.26
N PHE C 74 -16.42 -17.39 -29.65
CA PHE C 74 -17.27 -18.06 -28.68
C PHE C 74 -17.72 -19.42 -29.15
N GLY C 75 -18.47 -20.11 -28.29
CA GLY C 75 -18.95 -21.43 -28.63
C GLY C 75 -17.82 -22.37 -28.94
N ARG C 76 -16.78 -22.35 -28.12
CA ARG C 76 -15.63 -23.22 -28.31
C ARG C 76 -15.39 -24.05 -27.06
N PHE C 77 -14.52 -25.05 -27.17
CA PHE C 77 -14.16 -25.90 -26.04
C PHE C 77 -12.68 -25.82 -25.85
N THR C 78 -12.25 -25.49 -24.64
CA THR C 78 -10.83 -25.36 -24.32
C THR C 78 -10.25 -26.74 -24.13
N HIS C 79 -11.00 -27.54 -23.38
CA HIS C 79 -10.61 -28.91 -23.05
C HIS C 79 -11.85 -29.81 -23.18
N ALA C 80 -11.67 -31.09 -22.91
CA ALA C 80 -12.77 -32.04 -22.99
C ALA C 80 -13.39 -32.20 -21.60
N GLY C 81 -14.66 -32.56 -21.56
CA GLY C 81 -15.32 -32.75 -20.27
C GLY C 81 -16.78 -32.39 -20.28
N SER C 82 -17.33 -32.22 -19.09
CA SER C 82 -18.74 -31.86 -18.96
C SER C 82 -18.94 -30.44 -18.45
N TYR C 83 -19.73 -29.68 -19.18
CA TYR C 83 -20.03 -28.32 -18.80
C TYR C 83 -21.52 -28.22 -18.50
N THR C 84 -21.85 -27.71 -17.33
CA THR C 84 -23.24 -27.59 -16.96
C THR C 84 -23.56 -26.20 -16.42
N THR C 85 -24.85 -25.99 -16.16
CA THR C 85 -25.35 -24.73 -15.65
C THR C 85 -26.85 -24.87 -15.45
N THR C 86 -27.39 -24.09 -14.53
CA THR C 86 -28.81 -24.13 -14.31
C THR C 86 -29.40 -23.19 -15.35
N ILE C 87 -30.64 -23.42 -15.74
CA ILE C 87 -31.28 -22.59 -16.74
C ILE C 87 -32.58 -21.97 -16.21
N THR C 88 -32.91 -20.78 -16.70
CA THR C 88 -34.13 -20.12 -16.29
C THR C 88 -34.72 -19.44 -17.52
N ARG C 89 -36.01 -19.06 -17.46
CA ARG C 89 -36.69 -18.40 -18.59
C ARG C 89 -36.21 -18.95 -19.93
N PRO C 90 -36.37 -20.26 -20.17
CA PRO C 90 -35.93 -20.88 -21.41
C PRO C 90 -36.56 -20.23 -22.63
N THR C 91 -37.82 -19.81 -22.50
CA THR C 91 -38.50 -19.16 -23.60
C THR C 91 -37.79 -17.87 -23.99
N LEU C 92 -37.52 -17.02 -23.01
CA LEU C 92 -36.83 -15.76 -23.24
C LEU C 92 -35.49 -15.97 -23.91
N PHE C 93 -34.76 -16.99 -23.47
CA PHE C 93 -33.44 -17.32 -24.00
C PHE C 93 -33.43 -18.36 -25.10
N ARG C 94 -34.61 -18.73 -25.58
CA ARG C 94 -34.76 -19.75 -26.64
C ARG C 94 -33.79 -19.52 -27.78
N SER C 95 -33.83 -18.31 -28.33
CA SER C 95 -32.97 -17.94 -29.45
C SER C 95 -31.51 -18.19 -29.13
N TYR C 96 -31.02 -17.50 -28.10
CA TYR C 96 -29.65 -17.61 -27.64
C TYR C 96 -29.25 -19.05 -27.32
N LEU C 97 -30.07 -19.71 -26.51
CA LEU C 97 -29.81 -21.09 -26.11
C LEU C 97 -29.69 -22.03 -27.30
N ASN C 98 -30.55 -21.83 -28.29
CA ASN C 98 -30.50 -22.65 -29.48
C ASN C 98 -29.20 -22.38 -30.25
N GLU C 99 -28.99 -21.12 -30.64
CA GLU C 99 -27.80 -20.71 -31.37
C GLU C 99 -26.52 -21.29 -30.76
N GLN C 100 -26.42 -21.21 -29.44
CA GLN C 100 -25.24 -21.71 -28.74
C GLN C 100 -25.14 -23.24 -28.68
N LEU C 101 -26.23 -23.89 -28.28
CA LEU C 101 -26.23 -25.35 -28.21
C LEU C 101 -25.92 -25.93 -29.59
N THR C 102 -26.51 -25.35 -30.61
CA THR C 102 -26.30 -25.78 -31.99
C THR C 102 -24.81 -25.78 -32.33
N LEU C 103 -24.15 -24.66 -32.10
CA LEU C 103 -22.74 -24.56 -32.39
C LEU C 103 -21.93 -25.70 -31.77
N LEU C 104 -22.20 -26.00 -30.51
CA LEU C 104 -21.48 -27.06 -29.82
C LEU C 104 -21.87 -28.42 -30.33
N TYR C 105 -23.15 -28.56 -30.64
CA TYR C 105 -23.70 -29.82 -31.13
C TYR C 105 -23.05 -30.19 -32.46
N GLN C 106 -23.12 -29.28 -33.42
CA GLN C 106 -22.58 -29.53 -34.74
C GLN C 106 -21.07 -29.50 -34.83
N ASP C 107 -20.47 -28.33 -34.65
CA ASP C 107 -19.02 -28.18 -34.75
C ASP C 107 -18.18 -29.12 -33.89
N TYR C 108 -18.67 -29.47 -32.71
CA TYR C 108 -17.91 -30.38 -31.84
C TYR C 108 -18.58 -31.74 -31.64
N GLY C 109 -19.87 -31.85 -32.00
CA GLY C 109 -20.58 -33.10 -31.84
C GLY C 109 -20.69 -33.41 -30.37
N ALA C 110 -21.19 -32.45 -29.60
CA ALA C 110 -21.32 -32.61 -28.17
C ALA C 110 -22.58 -33.35 -27.75
N HIS C 111 -22.53 -33.93 -26.56
CA HIS C 111 -23.65 -34.66 -26.00
C HIS C 111 -24.44 -33.78 -25.04
N ILE C 112 -25.61 -33.35 -25.48
CA ILE C 112 -26.49 -32.50 -24.69
C ILE C 112 -27.41 -33.36 -23.81
N SER C 113 -27.81 -32.82 -22.67
CA SER C 113 -28.71 -33.52 -21.74
C SER C 113 -29.34 -32.52 -20.77
N VAL C 114 -30.63 -32.71 -20.50
CA VAL C 114 -31.35 -31.83 -19.59
C VAL C 114 -31.92 -32.64 -18.44
N GLN C 115 -31.99 -32.07 -17.24
CA GLN C 115 -32.49 -32.77 -16.07
C GLN C 115 -32.56 -31.86 -14.87
N PRO C 116 -33.48 -32.15 -13.93
CA PRO C 116 -33.62 -31.31 -12.73
C PRO C 116 -32.29 -31.10 -12.01
N SER C 117 -32.04 -29.84 -11.64
CA SER C 117 -30.82 -29.46 -10.94
C SER C 117 -31.01 -29.69 -9.45
N GLN C 118 -30.15 -29.11 -8.65
CA GLN C 118 -30.24 -29.24 -7.20
C GLN C 118 -30.62 -27.91 -6.58
N HIS C 119 -30.96 -26.95 -7.43
CA HIS C 119 -31.28 -25.61 -6.97
C HIS C 119 -32.71 -25.22 -7.20
N GLU C 120 -33.39 -24.87 -6.11
CA GLU C 120 -34.78 -24.47 -6.19
C GLU C 120 -34.89 -23.01 -6.59
N ILE C 121 -36.02 -22.66 -7.18
CA ILE C 121 -36.27 -21.30 -7.61
C ILE C 121 -36.80 -20.46 -6.45
N PRO C 122 -36.07 -19.38 -6.08
CA PRO C 122 -36.54 -18.53 -4.97
C PRO C 122 -37.99 -18.11 -5.25
N TYR C 123 -38.85 -18.25 -4.25
CA TYR C 123 -40.25 -17.93 -4.49
C TYR C 123 -40.59 -16.55 -5.07
N PRO C 124 -39.77 -15.53 -4.80
CA PRO C 124 -40.11 -14.22 -5.37
C PRO C 124 -40.05 -14.19 -6.92
N TYR C 125 -39.21 -15.05 -7.49
CA TYR C 125 -39.08 -15.10 -8.93
C TYR C 125 -40.26 -15.75 -9.66
N VAL C 126 -41.12 -16.46 -8.93
CA VAL C 126 -42.26 -17.11 -9.58
C VAL C 126 -43.58 -16.36 -9.37
N ILE C 127 -43.59 -15.40 -8.44
CA ILE C 127 -44.78 -14.61 -8.19
C ILE C 127 -44.89 -13.57 -9.31
N ASP C 128 -45.46 -14.02 -10.43
CA ASP C 128 -45.67 -13.23 -11.66
C ASP C 128 -46.34 -11.89 -11.32
N GLY C 129 -47.22 -11.94 -10.32
CA GLY C 129 -47.93 -10.77 -9.87
C GLY C 129 -47.09 -9.87 -8.99
N SER C 130 -47.10 -8.59 -9.34
CA SER C 130 -46.39 -7.58 -8.59
C SER C 130 -46.57 -7.96 -7.12
N GLU C 131 -47.81 -7.87 -6.63
CA GLU C 131 -48.03 -8.24 -5.23
C GLU C 131 -49.38 -8.84 -4.80
N LEU C 132 -49.37 -9.33 -3.56
CA LEU C 132 -50.49 -10.00 -2.94
C LEU C 132 -50.54 -9.86 -1.42
N THR C 133 -50.24 -8.68 -0.91
CA THR C 133 -50.30 -8.35 0.53
C THR C 133 -50.26 -9.42 1.67
N LEU C 134 -49.08 -9.77 2.20
CA LEU C 134 -49.02 -10.71 3.32
C LEU C 134 -48.57 -10.00 4.59
N ASP C 135 -49.19 -10.34 5.72
CA ASP C 135 -48.83 -9.73 7.01
C ASP C 135 -47.51 -10.25 7.52
N ARG C 136 -47.15 -9.89 8.74
CA ARG C 136 -45.89 -10.31 9.32
C ARG C 136 -45.68 -11.82 9.31
N SER C 137 -46.46 -12.53 10.12
CA SER C 137 -46.33 -13.99 10.21
C SER C 137 -46.40 -14.68 8.85
N MSE C 138 -47.31 -14.23 7.99
CA MSE C 138 -47.43 -14.81 6.66
C MSE C 138 -46.10 -14.79 5.92
O MSE C 138 -45.68 -15.78 5.33
CB MSE C 138 -48.52 -14.09 5.86
CG MSE C 138 -49.90 -14.79 5.99
SE MSE C 138 -49.84 -16.79 5.69
CE MSE C 138 -49.92 -16.79 3.75
N SER C 139 -45.44 -13.63 5.97
CA SER C 139 -44.15 -13.45 5.33
C SER C 139 -43.10 -14.38 5.96
N ALA C 140 -42.92 -14.24 7.27
CA ALA C 140 -41.96 -15.06 7.99
C ALA C 140 -42.13 -16.53 7.61
N GLY C 141 -43.39 -16.98 7.59
CA GLY C 141 -43.68 -18.36 7.23
C GLY C 141 -43.20 -18.65 5.83
N LEU C 142 -43.41 -17.70 4.93
CA LEU C 142 -42.97 -17.86 3.56
C LEU C 142 -41.46 -18.07 3.48
N THR C 143 -40.70 -17.06 3.93
CA THR C 143 -39.25 -17.15 3.89
C THR C 143 -38.67 -18.31 4.72
N ARG C 144 -39.49 -18.91 5.58
CA ARG C 144 -39.01 -20.01 6.39
C ARG C 144 -39.18 -21.40 5.76
N TYR C 145 -40.31 -21.63 5.10
CA TYR C 145 -40.60 -22.93 4.51
C TYR C 145 -40.48 -23.00 2.99
N PHE C 146 -40.05 -21.90 2.37
CA PHE C 146 -39.93 -21.89 0.92
C PHE C 146 -38.57 -21.41 0.44
N PRO C 147 -38.22 -21.69 -0.84
CA PRO C 147 -36.95 -21.30 -1.44
C PRO C 147 -36.73 -19.79 -1.43
N THR C 148 -35.58 -19.39 -0.91
CA THR C 148 -35.22 -17.97 -0.86
C THR C 148 -33.80 -17.77 -1.34
N THR C 149 -33.44 -16.50 -1.46
CA THR C 149 -32.13 -16.08 -1.89
C THR C 149 -31.23 -16.03 -0.66
N GLU C 150 -30.31 -16.98 -0.53
CA GLU C 150 -29.40 -17.00 0.61
C GLU C 150 -27.96 -16.88 0.11
N LEU C 151 -27.46 -15.63 0.05
CA LEU C 151 -26.12 -15.30 -0.43
C LEU C 151 -25.03 -16.31 -0.03
N PHE C 168 -19.55 -30.33 -14.54
CA PHE C 168 -18.39 -30.13 -13.68
C PHE C 168 -17.68 -28.77 -13.94
N SER C 169 -17.87 -28.21 -15.13
CA SER C 169 -17.30 -26.90 -15.49
C SER C 169 -18.45 -25.97 -15.87
N PRO C 170 -18.24 -24.64 -15.75
CA PRO C 170 -19.35 -23.75 -16.11
C PRO C 170 -19.64 -23.77 -17.60
N LEU C 171 -20.90 -23.92 -17.96
CA LEU C 171 -21.29 -23.93 -19.37
C LEU C 171 -21.48 -22.51 -19.86
N SER C 172 -22.01 -21.66 -19.00
CA SER C 172 -22.26 -20.27 -19.33
C SER C 172 -21.68 -19.32 -18.29
N HIS C 173 -21.83 -18.03 -18.53
CA HIS C 173 -21.34 -16.97 -17.64
C HIS C 173 -22.13 -16.83 -16.36
N PHE C 174 -23.45 -16.95 -16.44
CA PHE C 174 -24.29 -16.79 -15.29
C PHE C 174 -25.20 -17.99 -15.10
N ASP C 175 -25.42 -18.37 -13.84
CA ASP C 175 -26.28 -19.49 -13.52
C ASP C 175 -27.71 -19.01 -13.29
N ALA C 176 -28.66 -19.94 -13.27
CA ALA C 176 -30.09 -19.63 -13.10
C ALA C 176 -30.45 -18.53 -12.11
N ARG C 177 -29.98 -18.67 -10.88
CA ARG C 177 -30.27 -17.68 -9.85
C ARG C 177 -29.74 -16.30 -10.17
N ARG C 178 -28.51 -16.24 -10.68
CA ARG C 178 -27.90 -14.97 -11.03
C ARG C 178 -28.72 -14.27 -12.12
N VAL C 179 -29.16 -15.02 -13.11
CA VAL C 179 -29.97 -14.46 -14.18
C VAL C 179 -31.31 -13.96 -13.66
N ASP C 180 -32.04 -14.81 -12.95
CA ASP C 180 -33.34 -14.40 -12.40
C ASP C 180 -33.20 -13.09 -11.61
N PHE C 181 -32.16 -13.04 -10.79
CA PHE C 181 -31.84 -11.88 -9.96
C PHE C 181 -31.76 -10.61 -10.80
N SER C 182 -30.96 -10.68 -11.87
CA SER C 182 -30.75 -9.54 -12.76
C SER C 182 -31.99 -9.24 -13.60
N LEU C 183 -32.68 -10.27 -14.09
CA LEU C 183 -33.87 -10.01 -14.90
C LEU C 183 -34.88 -9.17 -14.10
N ALA C 184 -35.12 -9.54 -12.84
CA ALA C 184 -36.06 -8.82 -11.98
C ALA C 184 -35.67 -7.36 -11.90
N ARG C 185 -34.39 -7.09 -11.62
CA ARG C 185 -33.88 -5.74 -11.53
C ARG C 185 -33.99 -4.98 -12.83
N LEU C 186 -33.55 -5.58 -13.92
CA LEU C 186 -33.60 -4.92 -15.21
C LEU C 186 -34.95 -4.28 -15.46
N ARG C 187 -35.99 -5.02 -15.09
CA ARG C 187 -37.36 -4.55 -15.26
C ARG C 187 -37.60 -3.33 -14.39
N HIS C 188 -37.38 -3.48 -13.08
CA HIS C 188 -37.53 -2.40 -12.11
C HIS C 188 -36.78 -1.13 -12.54
N TYR C 189 -35.45 -1.21 -12.69
CA TYR C 189 -34.64 -0.04 -13.07
C TYR C 189 -35.02 0.54 -14.42
N THR C 190 -35.18 -0.34 -15.39
CA THR C 190 -35.50 0.06 -16.75
C THR C 190 -36.93 0.51 -17.04
N GLY C 191 -37.91 -0.10 -16.37
CA GLY C 191 -39.30 0.23 -16.61
C GLY C 191 -39.70 -0.38 -17.92
N THR C 192 -39.11 -1.54 -18.22
CA THR C 192 -39.36 -2.23 -19.46
C THR C 192 -39.29 -3.74 -19.29
N PRO C 193 -39.95 -4.50 -20.18
CA PRO C 193 -39.99 -5.97 -20.18
C PRO C 193 -38.68 -6.52 -20.75
N VAL C 194 -38.03 -7.43 -20.03
CA VAL C 194 -36.77 -7.98 -20.50
C VAL C 194 -36.81 -8.57 -21.92
N GLU C 195 -38.01 -8.90 -22.39
CA GLU C 195 -38.16 -9.50 -23.71
C GLU C 195 -37.96 -8.53 -24.85
N HIS C 196 -38.08 -7.24 -24.54
CA HIS C 196 -37.92 -6.22 -25.56
C HIS C 196 -36.50 -5.75 -25.80
N PHE C 197 -35.58 -6.08 -24.91
CA PHE C 197 -34.18 -5.66 -25.06
C PHE C 197 -33.54 -6.15 -26.35
N GLN C 198 -32.84 -5.27 -27.04
CA GLN C 198 -32.19 -5.64 -28.27
C GLN C 198 -30.71 -5.89 -28.05
N PRO C 199 -30.06 -6.61 -28.96
CA PRO C 199 -28.65 -6.98 -28.92
C PRO C 199 -27.67 -5.81 -28.98
N PHE C 200 -28.08 -4.68 -29.55
CA PHE C 200 -27.20 -3.53 -29.65
C PHE C 200 -27.66 -2.44 -28.72
N VAL C 201 -26.85 -2.16 -27.70
CA VAL C 201 -27.17 -1.17 -26.68
C VAL C 201 -26.44 0.17 -26.74
N LEU C 202 -27.15 1.23 -26.39
CA LEU C 202 -26.60 2.58 -26.38
C LEU C 202 -26.82 3.15 -24.98
N PHE C 203 -25.77 3.66 -24.36
CA PHE C 203 -25.91 4.22 -23.02
C PHE C 203 -25.75 5.74 -23.13
N THR C 204 -26.67 6.51 -22.52
CA THR C 204 -26.60 7.99 -22.53
C THR C 204 -26.77 8.59 -21.15
N ASN C 205 -26.05 9.67 -20.88
CA ASN C 205 -26.11 10.32 -19.56
C ASN C 205 -26.88 11.62 -19.60
N TYR C 206 -27.60 11.87 -20.68
CA TYR C 206 -28.34 13.11 -20.80
C TYR C 206 -29.71 12.82 -21.36
N THR C 207 -30.71 13.31 -20.65
CA THR C 207 -32.10 13.12 -21.01
C THR C 207 -32.43 13.49 -22.46
N ARG C 208 -31.86 14.57 -22.97
CA ARG C 208 -32.14 14.99 -24.33
C ARG C 208 -31.79 13.94 -25.39
N TYR C 209 -31.00 12.94 -25.02
CA TYR C 209 -30.64 11.90 -25.98
C TYR C 209 -31.83 10.99 -26.24
N VAL C 210 -32.61 10.71 -25.20
CA VAL C 210 -33.75 9.84 -25.38
C VAL C 210 -34.76 10.57 -26.25
N ASP C 211 -34.98 11.84 -25.97
CA ASP C 211 -35.94 12.63 -26.75
C ASP C 211 -35.60 12.44 -28.22
N GLU C 212 -34.35 12.72 -28.57
CA GLU C 212 -33.89 12.59 -29.94
C GLU C 212 -34.00 11.17 -30.48
N PHE C 213 -33.85 10.20 -29.60
CA PHE C 213 -33.92 8.78 -29.98
C PHE C 213 -35.36 8.40 -30.29
N VAL C 214 -36.27 8.71 -29.36
CA VAL C 214 -37.69 8.42 -29.54
C VAL C 214 -38.19 9.04 -30.84
N ARG C 215 -37.94 10.32 -31.02
CA ARG C 215 -38.35 11.02 -32.23
C ARG C 215 -37.84 10.27 -33.48
N TRP C 216 -36.54 10.00 -33.54
CA TRP C 216 -35.97 9.30 -34.67
C TRP C 216 -36.57 7.92 -34.78
N GLY C 217 -36.94 7.36 -33.64
CA GLY C 217 -37.54 6.03 -33.62
C GLY C 217 -38.88 5.98 -34.29
N CYS C 218 -39.83 6.75 -33.77
CA CYS C 218 -41.18 6.81 -34.33
C CYS C 218 -41.07 7.04 -35.82
N SER C 219 -40.23 7.99 -36.20
CA SER C 219 -40.02 8.28 -37.60
C SER C 219 -39.64 7.00 -38.35
N GLN C 220 -38.77 6.20 -37.75
CA GLN C 220 -38.31 4.94 -38.35
C GLN C 220 -39.42 3.92 -38.52
N ILE C 221 -40.34 3.89 -37.57
CA ILE C 221 -41.46 2.96 -37.62
C ILE C 221 -42.39 3.29 -38.81
N LEU C 222 -42.75 4.56 -38.93
CA LEU C 222 -43.61 5.03 -40.02
C LEU C 222 -43.01 4.78 -41.39
N ASP C 223 -41.69 4.82 -41.49
CA ASP C 223 -41.03 4.54 -42.76
C ASP C 223 -41.13 3.03 -43.00
N PRO C 224 -41.86 2.63 -44.05
CA PRO C 224 -42.07 1.23 -44.41
C PRO C 224 -40.85 0.56 -45.04
N ASP C 225 -39.66 1.05 -44.68
CA ASP C 225 -38.42 0.48 -45.20
C ASP C 225 -37.51 0.21 -44.02
N SER C 226 -37.73 0.98 -42.96
CA SER C 226 -36.95 0.85 -41.74
C SER C 226 -37.42 -0.38 -40.99
N PRO C 227 -36.53 -1.36 -40.82
CA PRO C 227 -36.82 -2.62 -40.12
C PRO C 227 -37.47 -2.40 -38.76
N TYR C 228 -37.29 -1.21 -38.21
CA TYR C 228 -37.85 -0.90 -36.90
C TYR C 228 -39.37 -0.85 -36.98
N ILE C 229 -40.02 -1.82 -36.33
CA ILE C 229 -41.47 -1.93 -36.35
C ILE C 229 -42.16 -1.68 -35.03
N ALA C 230 -41.42 -1.36 -33.98
CA ALA C 230 -42.04 -1.11 -32.68
C ALA C 230 -41.14 -0.31 -31.75
N LEU C 231 -41.68 0.12 -30.63
CA LEU C 231 -40.91 0.92 -29.69
C LEU C 231 -41.38 0.76 -28.25
N SER C 232 -40.76 -0.15 -27.51
CA SER C 232 -41.12 -0.35 -26.12
C SER C 232 -40.61 0.87 -25.36
N CYS C 233 -41.45 1.46 -24.51
CA CYS C 233 -41.06 2.65 -23.78
C CYS C 233 -41.03 2.48 -22.28
N ALA C 234 -40.04 3.10 -21.65
CA ALA C 234 -39.91 3.03 -20.21
C ALA C 234 -41.22 3.56 -19.63
N GLY C 235 -41.95 2.69 -18.94
CA GLY C 235 -43.20 3.10 -18.35
C GLY C 235 -44.31 2.15 -18.76
N GLY C 236 -44.25 1.67 -20.00
CA GLY C 236 -45.26 0.74 -20.48
C GLY C 236 -45.65 0.95 -21.93
N ASN C 237 -45.81 2.19 -22.33
CA ASN C 237 -46.21 2.51 -23.70
C ASN C 237 -45.55 1.68 -24.78
N TRP C 238 -46.36 1.04 -25.60
CA TRP C 238 -45.88 0.23 -26.70
C TRP C 238 -46.32 0.99 -27.94
N ILE C 239 -45.39 1.34 -28.81
CA ILE C 239 -45.73 2.10 -30.00
C ILE C 239 -45.44 1.36 -31.29
N THR C 240 -46.46 1.20 -32.11
CA THR C 240 -46.32 0.53 -33.40
C THR C 240 -46.80 1.45 -34.51
N ALA C 241 -46.58 1.04 -35.75
CA ALA C 241 -46.99 1.84 -36.92
C ALA C 241 -48.36 2.49 -36.74
N GLU C 242 -49.31 1.77 -36.16
CA GLU C 242 -50.66 2.32 -35.95
C GLU C 242 -50.93 2.62 -34.49
N THR C 243 -50.54 3.81 -34.06
CA THR C 243 -50.74 4.23 -32.69
C THR C 243 -51.21 5.69 -32.65
N GLU C 244 -52.50 5.88 -32.35
CA GLU C 244 -53.14 7.20 -32.27
C GLU C 244 -52.16 8.35 -32.17
N ALA C 245 -51.84 8.72 -30.93
CA ALA C 245 -50.94 9.83 -30.66
C ALA C 245 -49.62 9.36 -30.04
N PRO C 246 -48.57 9.22 -30.87
CA PRO C 246 -47.25 8.79 -30.39
C PRO C 246 -46.59 9.85 -29.51
N GLU C 247 -47.32 10.32 -28.50
CA GLU C 247 -46.83 11.36 -27.58
C GLU C 247 -46.36 10.85 -26.22
N GLU C 248 -47.19 10.04 -25.58
CA GLU C 248 -46.88 9.50 -24.26
C GLU C 248 -45.61 8.64 -24.30
N ALA C 249 -44.95 8.64 -25.46
CA ALA C 249 -43.71 7.90 -25.67
C ALA C 249 -42.69 8.23 -24.57
N ILE C 250 -42.65 9.49 -24.16
CA ILE C 250 -41.73 9.93 -23.11
C ILE C 250 -42.53 10.42 -21.90
N SER C 251 -43.38 9.54 -21.36
CA SER C 251 -44.20 9.85 -20.19
C SER C 251 -43.31 10.28 -19.02
N ASP C 252 -43.22 11.59 -18.81
CA ASP C 252 -42.39 12.15 -17.74
C ASP C 252 -42.35 11.37 -16.43
N LEU C 253 -43.44 10.68 -16.11
CA LEU C 253 -43.51 9.90 -14.86
C LEU C 253 -42.43 8.82 -14.80
N ALA C 254 -41.90 8.45 -15.95
CA ALA C 254 -40.86 7.43 -16.05
C ALA C 254 -39.67 7.79 -15.17
N TRP C 255 -39.15 8.99 -15.35
CA TRP C 255 -37.97 9.45 -14.58
C TRP C 255 -38.15 9.59 -13.08
N LYS C 256 -39.33 9.23 -12.57
CA LYS C 256 -39.56 9.31 -11.13
C LYS C 256 -39.69 7.87 -10.60
N LYS C 257 -40.11 6.95 -11.48
CA LYS C 257 -40.30 5.56 -11.10
C LYS C 257 -39.13 4.65 -11.53
N HIS C 258 -38.34 5.10 -12.49
CA HIS C 258 -37.23 4.30 -12.99
C HIS C 258 -35.89 5.04 -13.07
N GLN C 259 -34.96 4.61 -12.24
CA GLN C 259 -33.63 5.21 -12.17
C GLN C 259 -32.84 5.15 -13.47
N MSE C 260 -33.23 4.28 -14.40
CA MSE C 260 -32.54 4.17 -15.68
C MSE C 260 -33.45 3.67 -16.74
O MSE C 260 -33.40 2.50 -17.12
CB MSE C 260 -31.35 3.24 -15.57
CG MSE C 260 -30.24 3.84 -14.77
SE MSE C 260 -29.20 2.54 -13.83
CE MSE C 260 -30.41 2.04 -12.33
N PRO C 261 -34.29 4.55 -17.27
CA PRO C 261 -35.27 4.33 -18.32
C PRO C 261 -34.66 3.78 -19.58
N ALA C 262 -35.32 2.81 -20.21
CA ALA C 262 -34.84 2.23 -21.45
C ALA C 262 -35.88 2.41 -22.52
N TRP C 263 -35.44 2.34 -23.77
CA TRP C 263 -36.30 2.50 -24.92
C TRP C 263 -35.80 1.51 -25.96
N HIS C 264 -36.67 0.63 -26.41
CA HIS C 264 -36.29 -0.39 -27.38
C HIS C 264 -36.92 -0.25 -28.76
N LEU C 265 -36.10 0.02 -29.76
CA LEU C 265 -36.57 0.14 -31.12
C LEU C 265 -36.46 -1.27 -31.67
N ILE C 266 -37.51 -2.03 -31.46
CA ILE C 266 -37.58 -3.44 -31.87
C ILE C 266 -37.76 -3.71 -33.37
N THR C 267 -37.24 -4.85 -33.83
CA THR C 267 -37.42 -5.25 -35.22
C THR C 267 -37.92 -6.69 -35.21
N ALA C 268 -38.37 -7.16 -36.37
CA ALA C 268 -38.90 -8.51 -36.51
C ALA C 268 -37.97 -9.55 -35.91
N ASP C 269 -36.75 -9.61 -36.46
CA ASP C 269 -35.72 -10.55 -36.03
C ASP C 269 -35.00 -10.18 -34.73
N GLY C 270 -35.50 -9.16 -34.03
CA GLY C 270 -34.89 -8.75 -32.77
C GLY C 270 -33.48 -8.20 -32.85
N GLN C 271 -33.15 -7.49 -33.91
CA GLN C 271 -31.81 -6.92 -34.08
C GLN C 271 -31.87 -5.41 -33.98
N GLY C 272 -32.83 -4.93 -33.19
CA GLY C 272 -33.02 -3.51 -33.02
C GLY C 272 -31.96 -2.81 -32.21
N ILE C 273 -32.34 -1.72 -31.57
CA ILE C 273 -31.43 -0.95 -30.76
C ILE C 273 -32.10 -0.60 -29.46
N THR C 274 -31.40 -0.86 -28.35
CA THR C 274 -31.94 -0.53 -27.05
C THR C 274 -31.13 0.61 -26.50
N LEU C 275 -31.82 1.62 -25.96
CA LEU C 275 -31.15 2.77 -25.40
C LEU C 275 -31.51 2.89 -23.94
N VAL C 276 -30.50 3.01 -23.10
CA VAL C 276 -30.70 3.16 -21.68
C VAL C 276 -30.05 4.45 -21.22
N ASN C 277 -30.82 5.25 -20.48
CA ASN C 277 -30.32 6.49 -19.98
C ASN C 277 -29.84 6.19 -18.55
N ILE C 278 -28.59 5.78 -18.44
CA ILE C 278 -28.01 5.43 -17.15
C ILE C 278 -27.88 6.60 -16.18
N GLY C 279 -28.09 7.81 -16.67
CA GLY C 279 -27.99 8.97 -15.80
C GLY C 279 -26.55 9.18 -15.42
N VAL C 280 -26.28 9.80 -14.27
CA VAL C 280 -24.91 10.09 -13.86
C VAL C 280 -24.41 9.43 -12.57
N GLY C 281 -23.16 8.97 -12.61
CA GLY C 281 -22.53 8.33 -11.46
C GLY C 281 -22.01 6.96 -11.83
N PRO C 282 -20.78 6.58 -11.45
CA PRO C 282 -20.24 5.25 -11.78
C PRO C 282 -21.05 4.17 -11.11
N SER C 283 -21.59 4.51 -9.96
CA SER C 283 -22.40 3.59 -9.17
C SER C 283 -23.53 3.07 -10.06
N ASN C 284 -24.12 3.95 -10.83
CA ASN C 284 -25.21 3.55 -11.72
C ASN C 284 -24.77 2.73 -12.90
N ALA C 285 -23.67 3.13 -13.53
CA ALA C 285 -23.13 2.44 -14.69
C ALA C 285 -22.82 1.00 -14.36
N LYS C 286 -22.27 0.77 -13.18
CA LYS C 286 -21.95 -0.59 -12.78
C LYS C 286 -23.23 -1.38 -12.61
N THR C 287 -24.14 -0.85 -11.81
CA THR C 287 -25.41 -1.53 -11.54
C THR C 287 -26.12 -1.97 -12.81
N ILE C 288 -26.37 -1.03 -13.73
CA ILE C 288 -27.07 -1.39 -14.94
C ILE C 288 -26.38 -2.50 -15.74
N CYS C 289 -25.06 -2.44 -15.87
CA CYS C 289 -24.35 -3.45 -16.62
C CYS C 289 -24.36 -4.80 -15.96
N ASP C 290 -24.34 -4.83 -14.63
CA ASP C 290 -24.37 -6.07 -13.89
C ASP C 290 -25.57 -6.88 -14.34
N HIS C 291 -26.69 -6.21 -14.60
CA HIS C 291 -27.92 -6.90 -15.01
C HIS C 291 -28.06 -7.11 -16.50
N LEU C 292 -27.94 -6.02 -17.25
CA LEU C 292 -28.05 -6.13 -18.68
C LEU C 292 -27.09 -7.18 -19.26
N ALA C 293 -26.04 -7.51 -18.53
CA ALA C 293 -25.07 -8.49 -18.98
C ALA C 293 -25.63 -9.90 -19.16
N VAL C 294 -26.60 -10.28 -18.32
CA VAL C 294 -27.19 -11.62 -18.41
C VAL C 294 -27.95 -11.84 -19.73
N LEU C 295 -28.34 -10.76 -20.40
CA LEU C 295 -29.05 -10.88 -21.67
C LEU C 295 -28.04 -11.07 -22.78
N ARG C 296 -26.77 -11.21 -22.42
CA ARG C 296 -25.71 -11.43 -23.39
C ARG C 296 -25.80 -10.55 -24.62
N PRO C 297 -25.69 -9.23 -24.45
CA PRO C 297 -25.75 -8.28 -25.58
C PRO C 297 -24.64 -8.51 -26.58
N ASP C 298 -24.70 -7.83 -27.72
CA ASP C 298 -23.66 -7.97 -28.71
C ASP C 298 -22.66 -6.84 -28.63
N VAL C 299 -23.10 -5.74 -28.06
CA VAL C 299 -22.23 -4.58 -27.88
C VAL C 299 -22.98 -3.46 -27.23
N TRP C 300 -22.32 -2.73 -26.32
CA TRP C 300 -22.94 -1.57 -25.74
C TRP C 300 -21.98 -0.42 -25.89
N LEU C 301 -22.53 0.73 -26.26
CA LEU C 301 -21.75 1.94 -26.48
C LEU C 301 -22.13 3.08 -25.55
N MSE C 302 -21.12 3.80 -25.08
CA MSE C 302 -21.32 4.95 -24.20
C MSE C 302 -21.42 6.16 -25.08
O MSE C 302 -20.42 6.62 -25.64
CB MSE C 302 -20.13 5.14 -23.27
CG MSE C 302 -20.31 6.28 -22.30
SE MSE C 302 -21.96 5.92 -21.19
CE MSE C 302 -22.85 7.75 -21.22
N ILE C 303 -22.64 6.68 -25.23
CA ILE C 303 -22.88 7.88 -26.04
C ILE C 303 -23.34 8.97 -25.08
N GLY C 304 -22.40 9.79 -24.61
CA GLY C 304 -22.76 10.83 -23.68
C GLY C 304 -21.90 12.06 -23.77
N HIS C 305 -22.10 12.98 -22.83
CA HIS C 305 -21.35 14.22 -22.79
C HIS C 305 -20.11 14.05 -21.93
N CYS C 306 -19.19 15.00 -22.01
CA CYS C 306 -17.97 14.98 -21.23
C CYS C 306 -17.32 16.36 -21.23
N GLY C 307 -16.27 16.54 -20.44
CA GLY C 307 -15.59 17.81 -20.40
C GLY C 307 -14.31 17.72 -21.21
N GLY C 308 -14.04 18.73 -22.03
CA GLY C 308 -12.84 18.72 -22.82
C GLY C 308 -11.74 19.29 -21.96
N LEU C 309 -10.62 18.60 -21.90
CA LEU C 309 -9.51 19.05 -21.09
C LEU C 309 -8.45 19.71 -21.92
N ARG C 310 -8.50 19.54 -23.23
CA ARG C 310 -7.48 20.16 -24.05
C ARG C 310 -7.93 21.49 -24.61
N GLU C 311 -7.04 22.45 -24.58
CA GLU C 311 -7.29 23.77 -25.09
C GLU C 311 -7.83 23.73 -26.54
N SER C 312 -7.21 22.93 -27.39
CA SER C 312 -7.62 22.82 -28.79
C SER C 312 -9.00 22.27 -29.06
N GLN C 313 -9.70 21.81 -28.02
CA GLN C 313 -11.04 21.24 -28.18
C GLN C 313 -12.11 22.30 -28.13
N ALA C 314 -13.16 22.11 -28.91
CA ALA C 314 -14.27 23.06 -28.93
C ALA C 314 -15.54 22.33 -28.54
N ILE C 315 -16.40 23.00 -27.79
CA ILE C 315 -17.65 22.37 -27.38
C ILE C 315 -18.37 21.86 -28.62
N GLY C 316 -18.76 20.60 -28.61
CA GLY C 316 -19.44 20.03 -29.75
C GLY C 316 -18.56 19.01 -30.44
N ASP C 317 -17.27 19.04 -30.10
CA ASP C 317 -16.33 18.10 -30.68
C ASP C 317 -16.58 16.70 -30.10
N TYR C 318 -15.99 15.70 -30.73
CA TYR C 318 -16.15 14.33 -30.27
C TYR C 318 -14.85 13.76 -29.73
N VAL C 319 -14.99 12.76 -28.87
CA VAL C 319 -13.84 12.10 -28.27
C VAL C 319 -14.04 10.60 -28.37
N LEU C 320 -13.07 9.91 -28.96
CA LEU C 320 -13.14 8.47 -29.08
C LEU C 320 -12.17 7.93 -28.06
N ALA C 321 -12.70 7.37 -26.98
CA ALA C 321 -11.85 6.84 -25.92
C ALA C 321 -11.07 5.65 -26.43
N HIS C 322 -9.76 5.67 -26.21
CA HIS C 322 -8.92 4.57 -26.64
C HIS C 322 -8.19 3.98 -25.45
N ALA C 323 -8.58 4.45 -24.27
CA ALA C 323 -8.02 4.00 -23.00
C ALA C 323 -8.76 4.77 -21.91
N TYR C 324 -8.62 4.35 -20.66
CA TYR C 324 -9.32 5.03 -19.56
C TYR C 324 -8.49 5.17 -18.28
N LEU C 325 -8.54 6.34 -17.65
CA LEU C 325 -7.89 6.49 -16.37
C LEU C 325 -9.05 6.22 -15.39
N ARG C 326 -9.02 5.06 -14.74
CA ARG C 326 -10.09 4.66 -13.84
C ARG C 326 -10.15 5.28 -12.45
N ASP C 327 -10.74 6.46 -12.35
CA ASP C 327 -10.91 7.11 -11.06
C ASP C 327 -12.36 6.94 -10.62
N ASP C 328 -12.99 5.85 -11.06
CA ASP C 328 -14.38 5.59 -10.73
C ASP C 328 -14.58 4.81 -9.43
N HIS C 329 -13.48 4.20 -8.95
CA HIS C 329 -13.47 3.42 -7.71
C HIS C 329 -14.41 2.23 -7.60
N VAL C 330 -15.61 2.39 -8.14
CA VAL C 330 -16.63 1.36 -8.05
C VAL C 330 -16.24 -0.06 -8.47
N LEU C 331 -15.24 -0.22 -9.34
CA LEU C 331 -14.85 -1.56 -9.78
C LEU C 331 -13.45 -2.03 -9.39
N ASP C 332 -12.76 -1.22 -8.59
CA ASP C 332 -11.41 -1.50 -8.13
C ASP C 332 -11.26 -2.84 -7.39
N ALA C 333 -12.29 -3.23 -6.63
CA ALA C 333 -12.23 -4.49 -5.90
C ALA C 333 -12.14 -5.68 -6.85
N VAL C 334 -13.18 -5.85 -7.67
CA VAL C 334 -13.26 -6.94 -8.63
C VAL C 334 -12.33 -6.83 -9.84
N LEU C 335 -11.77 -5.65 -10.10
CA LEU C 335 -10.90 -5.47 -11.24
C LEU C 335 -9.88 -4.39 -10.92
N PRO C 336 -8.77 -4.77 -10.27
CA PRO C 336 -7.69 -3.87 -9.89
C PRO C 336 -7.32 -2.86 -10.97
N PRO C 337 -7.07 -1.61 -10.59
CA PRO C 337 -6.70 -0.52 -11.50
C PRO C 337 -5.50 -0.78 -12.40
N ASP C 338 -4.66 -1.75 -12.06
CA ASP C 338 -3.50 -2.01 -12.91
C ASP C 338 -3.78 -3.10 -13.97
N ILE C 339 -5.01 -3.56 -14.04
CA ILE C 339 -5.43 -4.54 -15.02
C ILE C 339 -5.77 -3.71 -16.24
N PRO C 340 -5.12 -3.99 -17.37
CA PRO C 340 -5.40 -3.22 -18.58
C PRO C 340 -6.73 -3.49 -19.29
N ILE C 341 -7.49 -2.42 -19.53
CA ILE C 341 -8.77 -2.50 -20.24
C ILE C 341 -8.47 -1.91 -21.62
N PRO C 342 -8.39 -2.75 -22.66
CA PRO C 342 -8.09 -2.30 -24.02
C PRO C 342 -9.29 -1.77 -24.77
N SER C 343 -9.05 -1.37 -26.01
CA SER C 343 -10.10 -0.87 -26.91
C SER C 343 -10.42 -2.05 -27.81
N ILE C 344 -11.68 -2.18 -28.21
CA ILE C 344 -12.02 -3.26 -29.11
C ILE C 344 -11.92 -2.72 -30.52
N ALA C 345 -10.87 -3.11 -31.23
CA ALA C 345 -10.61 -2.65 -32.57
C ALA C 345 -11.84 -2.58 -33.45
N GLU C 346 -12.61 -3.66 -33.49
CA GLU C 346 -13.82 -3.67 -34.30
C GLU C 346 -14.75 -2.52 -33.92
N VAL C 347 -14.95 -2.31 -32.62
CA VAL C 347 -15.84 -1.26 -32.17
C VAL C 347 -15.23 0.10 -32.41
N GLN C 348 -13.90 0.19 -32.34
CA GLN C 348 -13.26 1.46 -32.56
C GLN C 348 -13.48 1.89 -33.99
N ARG C 349 -13.25 1.00 -34.97
CA ARG C 349 -13.44 1.34 -36.38
C ARG C 349 -14.86 1.79 -36.61
N ALA C 350 -15.83 1.04 -36.11
CA ALA C 350 -17.23 1.41 -36.27
C ALA C 350 -17.47 2.84 -35.77
N LEU C 351 -17.07 3.12 -34.53
CA LEU C 351 -17.23 4.45 -33.97
C LEU C 351 -16.50 5.50 -34.81
N TYR C 352 -15.29 5.19 -35.26
CA TYR C 352 -14.52 6.11 -36.09
C TYR C 352 -15.23 6.40 -37.39
N ASP C 353 -15.46 5.34 -38.19
CA ASP C 353 -16.13 5.47 -39.47
C ASP C 353 -17.50 6.12 -39.34
N ALA C 354 -18.23 5.77 -38.30
CA ALA C 354 -19.54 6.37 -38.09
C ALA C 354 -19.38 7.89 -37.94
N THR C 355 -18.30 8.34 -37.33
CA THR C 355 -18.12 9.76 -37.16
C THR C 355 -17.74 10.35 -38.50
N LYS C 356 -17.00 9.60 -39.30
CA LYS C 356 -16.61 10.07 -40.63
C LYS C 356 -17.84 10.31 -41.49
N LEU C 357 -18.73 9.32 -41.53
CA LEU C 357 -19.93 9.39 -42.34
C LEU C 357 -20.93 10.41 -41.83
N VAL C 358 -21.36 10.27 -40.59
CA VAL C 358 -22.37 11.18 -40.03
C VAL C 358 -21.95 12.66 -39.98
N SER C 359 -20.72 12.95 -39.59
CA SER C 359 -20.29 14.35 -39.49
C SER C 359 -19.96 14.86 -40.89
N GLY C 360 -20.28 14.05 -41.89
CA GLY C 360 -19.97 14.48 -43.24
C GLY C 360 -18.52 14.83 -43.19
N ARG C 361 -18.00 15.40 -44.26
CA ARG C 361 -16.58 15.76 -44.33
C ARG C 361 -15.65 14.70 -43.65
N PRO C 362 -15.57 13.49 -44.24
CA PRO C 362 -14.78 12.33 -43.79
C PRO C 362 -13.31 12.47 -44.11
N GLY C 363 -12.64 11.31 -44.15
CA GLY C 363 -11.22 11.28 -44.44
C GLY C 363 -10.35 11.60 -43.23
N GLU C 364 -9.55 12.64 -43.38
CA GLU C 364 -8.63 13.08 -42.33
C GLU C 364 -9.08 14.42 -41.75
N GLU C 365 -10.22 14.92 -42.23
CA GLU C 365 -10.77 16.17 -41.73
C GLU C 365 -11.46 15.85 -40.43
N VAL C 366 -11.78 14.57 -40.24
CA VAL C 366 -12.46 14.17 -39.01
C VAL C 366 -11.67 14.59 -37.80
N LYS C 367 -10.34 14.50 -37.89
CA LYS C 367 -9.51 14.88 -36.76
C LYS C 367 -9.73 16.30 -36.27
N GLN C 368 -10.46 17.09 -37.05
CA GLN C 368 -10.74 18.47 -36.67
C GLN C 368 -11.96 18.52 -35.75
N ARG C 369 -12.73 17.45 -35.79
CA ARG C 369 -13.94 17.35 -35.02
C ARG C 369 -13.87 16.18 -34.02
N LEU C 370 -12.99 15.21 -34.29
CA LEU C 370 -12.86 14.05 -33.43
C LEU C 370 -11.45 13.83 -32.88
N ARG C 371 -11.34 13.69 -31.57
CA ARG C 371 -10.03 13.46 -30.97
C ARG C 371 -10.05 12.08 -30.34
N THR C 372 -9.07 11.26 -30.67
CA THR C 372 -8.99 9.92 -30.10
C THR C 372 -7.96 10.01 -28.98
N GLY C 373 -8.37 9.63 -27.76
CA GLY C 373 -7.44 9.73 -26.66
C GLY C 373 -7.94 9.07 -25.40
N THR C 374 -7.20 9.26 -24.32
CA THR C 374 -7.55 8.67 -23.01
C THR C 374 -8.62 9.48 -22.31
N VAL C 375 -9.61 8.79 -21.74
CA VAL C 375 -10.68 9.47 -21.02
C VAL C 375 -10.60 9.14 -19.54
N VAL C 376 -10.81 10.14 -18.69
CA VAL C 376 -10.79 9.93 -17.25
C VAL C 376 -12.25 9.81 -16.81
N THR C 377 -12.56 8.76 -16.05
CA THR C 377 -13.92 8.62 -15.52
C THR C 377 -13.77 8.75 -14.02
N THR C 378 -14.60 9.57 -13.40
CA THR C 378 -14.51 9.78 -11.96
C THR C 378 -15.85 9.79 -11.25
N ASP C 379 -15.81 9.52 -9.95
CA ASP C 379 -17.03 9.51 -9.14
C ASP C 379 -17.18 10.80 -8.35
N ASP C 380 -16.27 11.73 -8.57
CA ASP C 380 -16.31 13.02 -7.91
C ASP C 380 -16.66 14.07 -8.93
N ARG C 381 -17.94 14.40 -9.02
CA ARG C 381 -18.42 15.38 -9.98
C ARG C 381 -17.77 16.76 -9.83
N ASN C 382 -17.52 17.18 -8.59
CA ASN C 382 -16.89 18.47 -8.35
C ASN C 382 -15.37 18.31 -8.29
N TRP C 383 -14.84 17.50 -9.19
CA TRP C 383 -13.41 17.26 -9.22
C TRP C 383 -12.63 18.54 -9.47
N GLU C 384 -13.28 19.52 -10.10
CA GLU C 384 -12.62 20.78 -10.39
C GLU C 384 -12.10 21.41 -9.10
N LEU C 385 -12.86 21.24 -8.02
CA LEU C 385 -12.47 21.79 -6.72
C LEU C 385 -11.15 21.25 -6.25
N ARG C 386 -10.60 20.26 -6.95
CA ARG C 386 -9.31 19.70 -6.57
C ARG C 386 -8.36 19.58 -7.73
N TYR C 387 -8.61 20.31 -8.82
CA TYR C 387 -7.76 20.19 -9.99
C TYR C 387 -6.30 19.94 -9.68
N SER C 388 -5.66 20.86 -8.97
CA SER C 388 -4.25 20.70 -8.64
C SER C 388 -3.83 19.26 -8.37
N ALA C 389 -4.54 18.59 -7.46
CA ALA C 389 -4.24 17.20 -7.09
C ALA C 389 -4.38 16.21 -8.25
N SER C 390 -5.37 16.42 -9.10
CA SER C 390 -5.64 15.56 -10.22
C SER C 390 -4.64 15.77 -11.35
N ALA C 391 -4.36 17.03 -11.64
CA ALA C 391 -3.48 17.45 -12.70
C ALA C 391 -2.30 16.55 -13.03
N LEU C 392 -1.55 16.10 -12.03
CA LEU C 392 -0.42 15.24 -12.35
C LEU C 392 -0.86 13.97 -13.08
N ARG C 393 -1.84 13.27 -12.53
CA ARG C 393 -2.34 12.06 -13.17
C ARG C 393 -2.97 12.38 -14.52
N PHE C 394 -3.68 13.49 -14.61
CA PHE C 394 -4.30 13.85 -15.86
C PHE C 394 -3.23 13.93 -16.90
N ASN C 395 -2.15 14.64 -16.60
CA ASN C 395 -1.03 14.80 -17.53
C ASN C 395 -0.34 13.46 -17.78
N LEU C 396 -0.04 12.75 -16.71
CA LEU C 396 0.60 11.44 -16.80
C LEU C 396 -0.12 10.49 -17.76
N SER C 397 -1.44 10.52 -17.74
CA SER C 397 -2.23 9.65 -18.59
C SER C 397 -2.61 10.25 -19.94
N ARG C 398 -2.13 11.47 -20.21
CA ARG C 398 -2.41 12.15 -21.46
C ARG C 398 -3.91 12.24 -21.61
N ALA C 399 -4.60 12.50 -20.51
CA ALA C 399 -6.06 12.60 -20.51
C ALA C 399 -6.51 13.65 -21.53
N VAL C 400 -7.66 13.42 -22.14
CA VAL C 400 -8.14 14.32 -23.17
C VAL C 400 -9.57 14.79 -22.89
N ALA C 401 -10.28 14.04 -22.05
CA ALA C 401 -11.64 14.36 -21.67
C ALA C 401 -11.95 13.70 -20.30
N ILE C 402 -13.03 14.11 -19.65
CA ILE C 402 -13.40 13.52 -18.36
C ILE C 402 -14.93 13.31 -18.28
N ASP C 403 -15.36 12.20 -17.70
CA ASP C 403 -16.79 11.92 -17.56
C ASP C 403 -17.02 11.06 -16.32
N MSE C 404 -18.21 10.49 -16.21
CA MSE C 404 -18.51 9.65 -15.04
C MSE C 404 -19.16 8.28 -15.29
O MSE C 404 -19.79 7.72 -14.39
CB MSE C 404 -19.37 10.43 -14.06
CG MSE C 404 -18.71 11.69 -13.64
SE MSE C 404 -19.84 12.75 -12.32
CE MSE C 404 -19.63 11.59 -10.67
N GLU C 405 -18.97 7.73 -16.49
CA GLU C 405 -19.53 6.43 -16.81
C GLU C 405 -18.64 5.60 -17.71
N SER C 406 -18.02 6.23 -18.71
CA SER C 406 -17.14 5.56 -19.67
C SER C 406 -16.41 4.33 -19.19
N ALA C 407 -15.36 4.58 -18.43
CA ALA C 407 -14.52 3.55 -17.89
C ALA C 407 -15.32 2.48 -17.18
N THR C 408 -16.43 2.83 -16.56
CA THR C 408 -17.21 1.84 -15.85
C THR C 408 -17.92 0.92 -16.83
N ILE C 409 -18.52 1.53 -17.85
CA ILE C 409 -19.21 0.78 -18.88
C ILE C 409 -18.21 -0.12 -19.58
N ALA C 410 -17.06 0.43 -19.92
CA ALA C 410 -16.03 -0.29 -20.62
C ALA C 410 -15.55 -1.44 -19.77
N ALA C 411 -15.20 -1.14 -18.53
CA ALA C 411 -14.72 -2.19 -17.65
C ALA C 411 -15.78 -3.30 -17.50
N GLN C 412 -17.05 -2.94 -17.35
CA GLN C 412 -18.07 -3.96 -17.22
C GLN C 412 -18.16 -4.81 -18.49
N GLY C 413 -18.04 -4.16 -19.65
CA GLY C 413 -18.09 -4.89 -20.89
C GLY C 413 -16.94 -5.86 -20.84
N TYR C 414 -15.77 -5.35 -20.50
CA TYR C 414 -14.57 -6.17 -20.39
C TYR C 414 -14.84 -7.38 -19.50
N ARG C 415 -15.37 -7.15 -18.30
CA ARG C 415 -15.67 -8.23 -17.35
C ARG C 415 -16.67 -9.24 -17.88
N PHE C 416 -17.77 -8.76 -18.44
CA PHE C 416 -18.79 -9.65 -18.94
C PHE C 416 -18.66 -10.09 -20.40
N ARG C 417 -17.54 -9.80 -21.03
CA ARG C 417 -17.36 -10.19 -22.41
C ARG C 417 -18.45 -9.63 -23.32
N VAL C 418 -18.59 -8.31 -23.36
CA VAL C 418 -19.57 -7.66 -24.22
C VAL C 418 -18.76 -6.57 -24.87
N PRO C 419 -18.59 -6.62 -26.21
CA PRO C 419 -17.81 -5.59 -26.89
C PRO C 419 -18.32 -4.23 -26.47
N TYR C 420 -17.39 -3.29 -26.26
CA TYR C 420 -17.76 -1.96 -25.79
C TYR C 420 -16.97 -0.86 -26.48
N GLY C 421 -17.49 0.35 -26.38
CA GLY C 421 -16.84 1.48 -26.99
C GLY C 421 -17.39 2.77 -26.45
N THR C 422 -16.57 3.81 -26.49
CA THR C 422 -17.01 5.10 -26.00
C THR C 422 -16.73 6.22 -26.98
N LEU C 423 -17.77 6.98 -27.26
CA LEU C 423 -17.68 8.13 -28.15
C LEU C 423 -18.48 9.24 -27.48
N LEU C 424 -17.77 10.12 -26.78
CA LEU C 424 -18.39 11.22 -26.07
C LEU C 424 -18.39 12.52 -26.87
N CYS C 425 -19.16 13.48 -26.40
CA CYS C 425 -19.26 14.79 -27.06
C CYS C 425 -18.92 15.85 -26.04
N VAL C 426 -17.95 16.68 -26.35
CA VAL C 426 -17.55 17.74 -25.44
C VAL C 426 -18.67 18.73 -25.15
N SER C 427 -19.15 18.75 -23.92
CA SER C 427 -20.22 19.66 -23.56
C SER C 427 -19.69 20.89 -22.85
N ASP C 428 -18.40 20.91 -22.56
CA ASP C 428 -17.83 22.07 -21.88
C ASP C 428 -16.33 21.92 -21.64
N LYS C 429 -15.68 23.01 -21.29
CA LYS C 429 -14.25 22.95 -21.05
C LYS C 429 -13.94 23.55 -19.69
N PRO C 430 -14.00 22.73 -18.63
CA PRO C 430 -13.77 23.10 -17.23
C PRO C 430 -12.48 23.86 -16.98
N LEU C 431 -11.43 23.43 -17.67
CA LEU C 431 -10.12 24.04 -17.52
C LEU C 431 -9.96 25.35 -18.30
N HIS C 432 -10.98 25.77 -19.04
CA HIS C 432 -10.89 27.00 -19.81
C HIS C 432 -12.06 27.97 -19.66
N GLY C 433 -12.31 28.42 -18.44
CA GLY C 433 -13.37 29.39 -18.16
C GLY C 433 -14.78 29.09 -18.60
N GLU C 434 -14.99 27.91 -19.19
CA GLU C 434 -16.31 27.52 -19.67
C GLU C 434 -17.00 26.36 -18.97
N ILE C 435 -17.13 26.40 -17.65
CA ILE C 435 -17.84 25.29 -17.01
C ILE C 435 -19.34 25.44 -17.32
N LYS C 436 -19.92 24.44 -17.98
CA LYS C 436 -21.34 24.47 -18.31
C LYS C 436 -22.04 23.19 -17.82
N LEU C 437 -23.30 23.33 -17.40
CA LEU C 437 -24.04 22.19 -16.88
C LEU C 437 -25.12 21.68 -17.83
N PRO C 438 -25.30 20.34 -17.90
CA PRO C 438 -26.31 19.75 -18.78
C PRO C 438 -27.70 20.10 -18.24
N GLY C 439 -28.27 21.14 -18.81
CA GLY C 439 -29.57 21.64 -18.39
C GLY C 439 -29.42 23.11 -18.69
N GLN C 440 -28.23 23.63 -18.41
CA GLN C 440 -27.92 25.02 -18.67
C GLN C 440 -27.81 25.22 -20.18
N ALA C 441 -27.98 26.47 -20.61
CA ALA C 441 -27.92 26.85 -22.01
C ALA C 441 -26.55 26.62 -22.61
N ASN C 442 -26.47 25.66 -23.52
CA ASN C 442 -25.22 25.38 -24.18
C ASN C 442 -25.43 25.17 -25.67
N ARG C 443 -25.78 26.27 -26.32
CA ARG C 443 -26.03 26.36 -27.75
C ARG C 443 -25.29 25.33 -28.61
N PHE C 444 -23.97 25.31 -28.51
CA PHE C 444 -23.18 24.41 -29.32
C PHE C 444 -23.15 22.93 -29.00
N TYR C 445 -23.44 22.56 -27.75
CA TYR C 445 -23.48 21.14 -27.41
C TYR C 445 -24.84 20.60 -27.87
N GLU C 446 -25.90 21.26 -27.39
CA GLU C 446 -27.28 20.90 -27.74
C GLU C 446 -27.45 20.66 -29.23
N GLY C 447 -26.76 21.47 -30.02
CA GLY C 447 -26.84 21.35 -31.47
C GLY C 447 -26.30 20.06 -32.05
N ALA C 448 -25.39 19.40 -31.34
CA ALA C 448 -24.83 18.17 -31.86
C ALA C 448 -25.48 16.91 -31.30
N ILE C 449 -26.24 17.06 -30.22
CA ILE C 449 -26.90 15.92 -29.60
C ILE C 449 -27.60 15.00 -30.56
N SER C 450 -28.13 15.56 -31.64
CA SER C 450 -28.81 14.74 -32.64
C SER C 450 -27.76 14.02 -33.48
N GLU C 451 -26.77 14.76 -33.95
CA GLU C 451 -25.71 14.19 -34.77
C GLU C 451 -24.93 13.14 -33.98
N HIS C 452 -24.72 13.42 -32.69
CA HIS C 452 -23.99 12.52 -31.82
C HIS C 452 -24.73 11.20 -31.80
N LEU C 453 -25.97 11.24 -31.35
CA LEU C 453 -26.78 10.03 -31.28
C LEU C 453 -26.74 9.28 -32.60
N GLN C 454 -26.68 10.01 -33.70
CA GLN C 454 -26.64 9.37 -35.00
C GLN C 454 -25.34 8.64 -35.24
N ILE C 455 -24.27 9.15 -34.67
CA ILE C 455 -22.99 8.48 -34.85
C ILE C 455 -23.11 7.15 -34.11
N GLY C 456 -23.74 7.19 -32.94
CA GLY C 456 -23.91 5.98 -32.17
C GLY C 456 -24.68 4.96 -32.95
N ILE C 457 -25.83 5.38 -33.45
CA ILE C 457 -26.70 4.51 -34.22
C ILE C 457 -26.00 3.98 -35.47
N ARG C 458 -25.28 4.84 -36.19
CA ARG C 458 -24.58 4.39 -37.38
C ARG C 458 -23.53 3.35 -37.02
N ALA C 459 -22.81 3.58 -35.94
CA ALA C 459 -21.78 2.64 -35.50
C ALA C 459 -22.43 1.28 -35.26
N ILE C 460 -23.61 1.30 -34.67
CA ILE C 460 -24.32 0.06 -34.42
C ILE C 460 -24.64 -0.61 -35.75
N ASP C 461 -25.18 0.15 -36.69
CA ASP C 461 -25.52 -0.38 -38.02
C ASP C 461 -24.28 -1.08 -38.58
N LEU C 462 -23.18 -0.34 -38.62
CA LEU C 462 -21.93 -0.88 -39.12
C LEU C 462 -21.55 -2.18 -38.42
N LEU C 463 -21.64 -2.19 -37.10
CA LEU C 463 -21.29 -3.36 -36.32
C LEU C 463 -22.26 -4.51 -36.52
N ARG C 464 -23.54 -4.20 -36.67
CA ARG C 464 -24.54 -5.24 -36.88
C ARG C 464 -24.24 -5.95 -38.18
N ALA C 465 -23.88 -5.18 -39.20
CA ALA C 465 -23.57 -5.74 -40.50
C ALA C 465 -22.32 -6.59 -40.44
N GLU C 466 -21.50 -6.35 -39.43
CA GLU C 466 -20.25 -7.08 -39.23
C GLU C 466 -20.53 -8.54 -38.98
N GLY C 467 -21.78 -8.85 -38.65
CA GLY C 467 -22.14 -10.23 -38.39
C GLY C 467 -21.38 -10.74 -37.19
N ASP C 468 -20.67 -11.86 -37.34
CA ASP C 468 -19.91 -12.42 -36.24
C ASP C 468 -18.57 -11.73 -36.08
N ARG C 469 -18.12 -11.03 -37.11
CA ARG C 469 -16.85 -10.32 -37.05
C ARG C 469 -16.76 -9.48 -35.78
N LEU C 470 -17.90 -8.91 -35.40
CA LEU C 470 -18.01 -8.07 -34.20
C LEU C 470 -17.29 -8.68 -33.02
N HIS C 471 -17.52 -9.97 -32.80
CA HIS C 471 -16.90 -10.67 -31.68
C HIS C 471 -15.53 -11.26 -31.97
N SER C 472 -14.53 -10.79 -31.24
CA SER C 472 -13.17 -11.27 -31.37
C SER C 472 -12.79 -12.03 -30.10
N ARG C 473 -11.57 -12.53 -30.04
CA ARG C 473 -11.15 -13.28 -28.87
C ARG C 473 -10.55 -12.38 -27.79
N LYS C 474 -10.61 -11.07 -28.01
CA LYS C 474 -10.03 -10.09 -27.09
C LYS C 474 -10.53 -10.09 -25.65
N LEU C 475 -11.65 -10.74 -25.38
CA LEU C 475 -12.18 -10.76 -24.02
C LEU C 475 -12.31 -12.15 -23.41
N ARG C 476 -11.87 -13.17 -24.15
CA ARG C 476 -11.92 -14.57 -23.70
C ARG C 476 -10.95 -14.73 -22.55
N THR C 477 -11.39 -15.42 -21.51
CA THR C 477 -10.53 -15.71 -20.37
C THR C 477 -9.97 -17.11 -20.64
N PHE C 478 -9.07 -17.60 -19.80
CA PHE C 478 -8.52 -18.92 -20.04
C PHE C 478 -9.62 -19.98 -19.84
N ASN C 479 -10.52 -19.73 -18.91
CA ASN C 479 -11.59 -20.64 -18.61
C ASN C 479 -12.86 -20.22 -19.31
N GLU C 480 -12.75 -19.40 -20.33
CA GLU C 480 -13.94 -18.90 -21.03
C GLU C 480 -15.00 -19.97 -21.27
N PRO C 481 -16.22 -19.74 -20.78
CA PRO C 481 -17.33 -20.68 -20.94
C PRO C 481 -17.65 -20.91 -22.40
N PRO C 482 -18.17 -22.10 -22.75
CA PRO C 482 -18.49 -22.38 -24.15
C PRO C 482 -19.48 -21.38 -24.74
N PHE C 483 -20.56 -21.11 -24.00
CA PHE C 483 -21.57 -20.17 -24.44
C PHE C 483 -21.05 -18.73 -24.54
N ARG C 484 -21.49 -18.00 -25.57
CA ARG C 484 -21.06 -16.62 -25.80
C ARG C 484 -21.42 -15.68 -24.68
N LEU D 8 -13.81 50.23 12.01
CA LEU D 8 -15.04 49.97 11.19
C LEU D 8 -15.97 48.98 11.91
N THR D 9 -17.27 49.24 11.88
CA THR D 9 -18.21 48.37 12.59
C THR D 9 -19.01 47.43 11.74
N PRO D 10 -19.69 46.45 12.37
CA PRO D 10 -20.51 45.46 11.70
C PRO D 10 -21.39 46.05 10.62
N ALA D 11 -22.48 46.68 11.05
CA ALA D 11 -23.41 47.28 10.13
C ALA D 11 -22.69 48.07 9.03
N GLN D 12 -21.67 48.83 9.40
CA GLN D 12 -20.94 49.62 8.43
C GLN D 12 -20.27 48.74 7.39
N ALA D 13 -19.60 47.71 7.88
CA ALA D 13 -18.89 46.76 7.04
C ALA D 13 -19.85 46.13 6.02
N LEU D 14 -21.01 45.68 6.51
CA LEU D 14 -22.01 45.07 5.64
C LEU D 14 -22.42 46.00 4.52
N ASP D 15 -22.60 47.28 4.84
CA ASP D 15 -22.97 48.25 3.84
C ASP D 15 -21.89 48.47 2.81
N LYS D 16 -20.64 48.60 3.27
CA LYS D 16 -19.56 48.81 2.32
C LYS D 16 -19.39 47.56 1.45
N LEU D 17 -19.72 46.39 2.01
CA LEU D 17 -19.63 45.15 1.23
C LEU D 17 -20.72 45.23 0.18
N ASP D 18 -21.94 45.48 0.63
CA ASP D 18 -23.08 45.62 -0.26
C ASP D 18 -22.68 46.55 -1.40
N ALA D 19 -22.22 47.73 -1.03
CA ALA D 19 -21.81 48.74 -1.99
C ALA D 19 -20.81 48.22 -2.98
N LEU D 20 -19.60 47.95 -2.50
CA LEU D 20 -18.52 47.45 -3.35
C LEU D 20 -18.92 46.31 -4.28
N TYR D 21 -19.74 45.39 -3.77
CA TYR D 21 -20.19 44.24 -4.56
C TYR D 21 -21.07 44.68 -5.72
N GLU D 22 -22.21 45.31 -5.40
CA GLU D 22 -23.16 45.78 -6.40
C GLU D 22 -22.39 46.53 -7.46
N GLN D 23 -21.51 47.40 -7.03
CA GLN D 23 -20.69 48.21 -7.93
C GLN D 23 -19.98 47.35 -8.96
N SER D 24 -19.25 46.35 -8.49
CA SER D 24 -18.49 45.46 -9.38
C SER D 24 -19.35 44.63 -10.31
N VAL D 25 -20.40 44.00 -9.79
CA VAL D 25 -21.26 43.20 -10.64
C VAL D 25 -21.88 44.08 -11.72
N VAL D 26 -22.33 45.27 -11.34
CA VAL D 26 -22.91 46.22 -12.29
C VAL D 26 -21.89 46.65 -13.33
N ALA D 27 -20.69 46.90 -12.87
CA ALA D 27 -19.61 47.32 -13.76
C ALA D 27 -19.23 46.23 -14.76
N LEU D 28 -19.34 44.97 -14.35
CA LEU D 28 -19.00 43.85 -15.21
C LEU D 28 -20.10 43.64 -16.23
N ARG D 29 -21.34 43.69 -15.74
CA ARG D 29 -22.48 43.54 -16.62
C ARG D 29 -22.37 44.59 -17.71
N ASN D 30 -22.07 45.81 -17.29
CA ASN D 30 -21.93 46.89 -18.23
C ASN D 30 -20.85 46.54 -19.24
N ALA D 31 -19.69 46.13 -18.75
CA ALA D 31 -18.57 45.79 -19.62
C ALA D 31 -18.94 44.73 -20.63
N ILE D 32 -19.68 43.72 -20.19
CA ILE D 32 -20.09 42.65 -21.06
C ILE D 32 -21.03 43.13 -22.15
N GLY D 33 -21.98 43.98 -21.78
CA GLY D 33 -22.91 44.49 -22.75
C GLY D 33 -22.16 45.29 -23.79
N ASN D 34 -21.36 46.23 -23.31
CA ASN D 34 -20.56 47.08 -24.19
C ASN D 34 -19.78 46.23 -25.20
N TYR D 35 -19.32 45.06 -24.79
CA TYR D 35 -18.57 44.19 -25.68
C TYR D 35 -19.52 43.57 -26.69
N ILE D 36 -20.62 43.01 -26.18
CA ILE D 36 -21.58 42.37 -27.05
C ILE D 36 -22.13 43.29 -28.13
N THR D 37 -22.53 44.49 -27.73
CA THR D 37 -23.09 45.48 -28.64
C THR D 37 -22.09 46.15 -29.59
N SER D 38 -20.99 46.69 -29.06
CA SER D 38 -20.02 47.36 -29.93
C SER D 38 -18.69 46.64 -30.11
N GLY D 39 -18.36 45.74 -29.19
CA GLY D 39 -17.11 45.00 -29.28
C GLY D 39 -16.04 45.72 -28.52
N GLU D 40 -16.46 46.57 -27.59
CA GLU D 40 -15.55 47.36 -26.77
C GLU D 40 -14.98 46.53 -25.62
N LEU D 41 -13.71 46.75 -25.31
CA LEU D 41 -13.04 46.04 -24.22
C LEU D 41 -12.82 46.95 -23.04
N PRO D 42 -12.76 46.39 -21.83
CA PRO D 42 -12.57 47.19 -20.61
C PRO D 42 -11.13 47.70 -20.56
N ASP D 43 -10.89 48.82 -19.90
CA ASP D 43 -9.53 49.35 -19.83
C ASP D 43 -8.76 48.69 -18.68
N GLU D 44 -7.71 47.97 -19.04
CA GLU D 44 -6.90 47.25 -18.07
C GLU D 44 -6.62 48.04 -16.79
N ASN D 45 -6.53 49.35 -16.89
CA ASN D 45 -6.24 50.17 -15.72
C ASN D 45 -7.35 50.17 -14.69
N ALA D 46 -8.59 50.33 -15.14
CA ALA D 46 -9.73 50.36 -14.22
C ALA D 46 -9.90 49.00 -13.53
N ARG D 47 -9.51 47.94 -14.24
CA ARG D 47 -9.60 46.58 -13.71
C ARG D 47 -8.59 46.46 -12.57
N LYS D 48 -7.35 46.83 -12.85
CA LYS D 48 -6.28 46.80 -11.86
C LYS D 48 -6.74 47.56 -10.63
N GLN D 49 -7.53 48.61 -10.86
CA GLN D 49 -8.03 49.45 -9.79
C GLN D 49 -9.11 48.76 -8.97
N GLY D 50 -9.62 47.65 -9.48
CA GLY D 50 -10.63 46.89 -8.77
C GLY D 50 -12.02 47.02 -9.36
N LEU D 51 -12.07 47.09 -10.68
CA LEU D 51 -13.33 47.26 -11.41
C LEU D 51 -14.30 46.08 -11.26
N PHE D 52 -13.79 44.87 -11.50
CA PHE D 52 -14.59 43.64 -11.45
C PHE D 52 -14.40 42.80 -10.18
N VAL D 53 -13.53 43.26 -9.30
CA VAL D 53 -13.19 42.58 -8.06
C VAL D 53 -14.30 42.42 -7.01
N TYR D 54 -14.22 41.35 -6.21
CA TYR D 54 -15.18 41.10 -5.14
C TYR D 54 -14.74 41.94 -3.95
N PRO D 55 -15.63 42.22 -3.01
CA PRO D 55 -15.19 43.00 -1.86
C PRO D 55 -14.32 42.05 -1.08
N SER D 56 -13.54 42.58 -0.16
CA SER D 56 -12.65 41.76 0.66
C SER D 56 -12.88 42.15 2.11
N LEU D 57 -13.38 41.22 2.91
CA LEU D 57 -13.67 41.51 4.32
C LEU D 57 -12.51 41.04 5.22
N THR D 58 -12.01 41.94 6.06
CA THR D 58 -10.90 41.61 6.94
C THR D 58 -11.17 41.94 8.39
N VAL D 59 -10.76 41.04 9.28
CA VAL D 59 -10.94 41.25 10.69
C VAL D 59 -9.61 40.99 11.36
N THR D 60 -9.23 41.86 12.29
CA THR D 60 -7.95 41.70 12.98
C THR D 60 -8.10 41.69 14.49
N TRP D 61 -7.21 40.96 15.14
CA TRP D 61 -7.22 40.86 16.58
C TRP D 61 -5.79 41.00 17.12
N ASP D 62 -5.61 41.95 18.03
CA ASP D 62 -4.32 42.23 18.65
C ASP D 62 -3.92 41.08 19.58
N GLY D 63 -4.87 40.20 19.87
CA GLY D 63 -4.61 39.06 20.70
C GLY D 63 -4.61 39.29 22.19
N SER D 64 -5.36 40.26 22.65
CA SER D 64 -5.40 40.52 24.09
C SER D 64 -6.78 40.97 24.55
N THR D 65 -7.52 40.02 25.11
CA THR D 65 -8.84 40.27 25.65
C THR D 65 -8.81 39.59 27.00
N THR D 66 -9.40 40.24 27.99
CA THR D 66 -9.43 39.71 29.35
C THR D 66 -10.12 38.36 29.54
N ASN D 67 -11.32 38.21 29.01
CA ASN D 67 -12.06 36.96 29.15
C ASN D 67 -12.53 36.38 27.80
N PRO D 68 -11.57 35.89 26.99
CA PRO D 68 -11.87 35.30 25.67
C PRO D 68 -12.75 34.06 25.75
N PRO D 69 -13.87 34.03 24.99
CA PRO D 69 -14.75 32.85 25.01
C PRO D 69 -13.92 31.64 24.61
N LYS D 70 -13.88 30.62 25.48
CA LYS D 70 -13.11 29.42 25.19
C LYS D 70 -13.99 28.18 25.08
N THR D 71 -15.29 28.38 25.29
CA THR D 71 -16.24 27.28 25.21
C THR D 71 -17.08 27.30 23.96
N ARG D 72 -17.32 28.50 23.41
CA ARG D 72 -18.12 28.63 22.20
C ARG D 72 -17.50 27.83 21.07
N ALA D 73 -18.34 27.22 20.24
CA ALA D 73 -17.87 26.39 19.14
C ALA D 73 -17.37 27.19 17.95
N PHE D 74 -17.96 28.35 17.72
CA PHE D 74 -17.56 29.18 16.59
C PHE D 74 -17.34 30.64 16.96
N GLY D 75 -16.92 31.43 15.99
CA GLY D 75 -16.70 32.84 16.26
C GLY D 75 -15.63 33.08 17.30
N ARG D 76 -14.54 32.33 17.22
CA ARG D 76 -13.45 32.49 18.17
C ARG D 76 -12.15 32.80 17.45
N PHE D 77 -11.13 33.12 18.23
CA PHE D 77 -9.81 33.40 17.68
C PHE D 77 -8.82 32.47 18.35
N THR D 78 -8.05 31.76 17.53
CA THR D 78 -7.05 30.83 18.02
C THR D 78 -5.82 31.62 18.44
N HIS D 79 -5.41 32.52 17.56
CA HIS D 79 -4.25 33.35 17.78
C HIS D 79 -4.59 34.78 17.40
N ALA D 80 -3.60 35.67 17.46
CA ALA D 80 -3.82 37.07 17.10
C ALA D 80 -3.32 37.28 15.68
N GLY D 81 -3.97 38.18 14.96
CA GLY D 81 -3.56 38.45 13.59
C GLY D 81 -4.69 38.94 12.71
N SER D 82 -4.46 38.89 11.41
CA SER D 82 -5.46 39.33 10.45
C SER D 82 -6.09 38.17 9.70
N TYR D 83 -7.41 38.16 9.67
CA TYR D 83 -8.15 37.12 8.98
C TYR D 83 -8.97 37.78 7.88
N THR D 84 -8.77 37.32 6.64
CA THR D 84 -9.47 37.90 5.54
C THR D 84 -10.16 36.85 4.67
N THR D 85 -10.93 37.31 3.69
CA THR D 85 -11.66 36.45 2.76
C THR D 85 -12.41 37.34 1.78
N THR D 86 -12.64 36.83 0.57
CA THR D 86 -13.40 37.60 -0.39
C THR D 86 -14.85 37.31 -0.03
N ILE D 87 -15.73 38.25 -0.38
CA ILE D 87 -17.15 38.11 -0.07
C ILE D 87 -17.99 38.19 -1.33
N THR D 88 -19.14 37.54 -1.32
CA THR D 88 -20.03 37.59 -2.47
C THR D 88 -21.46 37.59 -1.94
N ARG D 89 -22.41 38.01 -2.76
CA ARG D 89 -23.81 38.06 -2.35
C ARG D 89 -23.98 38.49 -0.89
N PRO D 90 -23.48 39.69 -0.54
CA PRO D 90 -23.56 40.20 0.82
C PRO D 90 -24.98 40.22 1.31
N THR D 91 -25.90 40.53 0.41
CA THR D 91 -27.30 40.59 0.76
C THR D 91 -27.80 39.24 1.25
N LEU D 92 -27.53 38.21 0.46
CA LEU D 92 -27.95 36.85 0.81
C LEU D 92 -27.37 36.44 2.16
N PHE D 93 -26.12 36.80 2.40
CA PHE D 93 -25.42 36.44 3.62
C PHE D 93 -25.46 37.51 4.71
N ARG D 94 -26.23 38.57 4.49
CA ARG D 94 -26.34 39.66 5.46
C ARG D 94 -26.52 39.17 6.90
N SER D 95 -27.53 38.33 7.10
CA SER D 95 -27.83 37.78 8.43
C SER D 95 -26.60 37.12 9.01
N TYR D 96 -26.13 36.07 8.35
CA TYR D 96 -24.94 35.31 8.74
C TYR D 96 -23.74 36.22 8.97
N LEU D 97 -23.38 36.99 7.95
CA LEU D 97 -22.25 37.90 8.03
C LEU D 97 -22.33 38.84 9.24
N ASN D 98 -23.52 39.34 9.53
CA ASN D 98 -23.68 40.24 10.65
C ASN D 98 -23.43 39.47 11.95
N GLU D 99 -24.22 38.42 12.16
CA GLU D 99 -24.11 37.58 13.35
C GLU D 99 -22.67 37.22 13.67
N GLN D 100 -21.90 36.91 12.64
CA GLN D 100 -20.51 36.54 12.86
C GLN D 100 -19.60 37.73 13.15
N LEU D 101 -19.66 38.75 12.31
CA LEU D 101 -18.83 39.94 12.53
C LEU D 101 -19.10 40.55 13.91
N THR D 102 -20.35 40.52 14.32
CA THR D 102 -20.74 41.06 15.62
C THR D 102 -20.00 40.33 16.73
N LEU D 103 -20.08 39.01 16.75
CA LEU D 103 -19.42 38.22 17.77
C LEU D 103 -17.94 38.58 17.92
N LEU D 104 -17.24 38.74 16.80
CA LEU D 104 -15.82 39.07 16.85
C LEU D 104 -15.61 40.51 17.28
N TYR D 105 -16.51 41.37 16.83
CA TYR D 105 -16.43 42.79 17.15
C TYR D 105 -16.56 42.98 18.65
N GLN D 106 -17.64 42.48 19.21
CA GLN D 106 -17.91 42.63 20.63
C GLN D 106 -17.02 41.81 21.55
N ASP D 107 -17.18 40.50 21.52
CA ASP D 107 -16.41 39.59 22.36
C ASP D 107 -14.88 39.75 22.30
N TYR D 108 -14.34 40.10 21.14
CA TYR D 108 -12.90 40.25 21.05
C TYR D 108 -12.45 41.66 20.74
N GLY D 109 -13.41 42.51 20.34
CA GLY D 109 -13.11 43.90 20.00
C GLY D 109 -12.19 43.94 18.81
N ALA D 110 -12.60 43.26 17.74
CA ALA D 110 -11.80 43.17 16.53
C ALA D 110 -11.94 44.37 15.62
N HIS D 111 -10.90 44.59 14.82
CA HIS D 111 -10.87 45.70 13.86
C HIS D 111 -11.33 45.24 12.49
N ILE D 112 -12.54 45.61 12.13
CA ILE D 112 -13.11 45.25 10.84
C ILE D 112 -12.74 46.26 9.75
N SER D 113 -12.61 45.79 8.51
CA SER D 113 -12.30 46.67 7.39
C SER D 113 -12.68 46.01 6.07
N VAL D 114 -13.24 46.79 5.16
CA VAL D 114 -13.66 46.28 3.86
C VAL D 114 -12.92 47.02 2.74
N GLN D 115 -12.62 46.34 1.64
CA GLN D 115 -11.92 46.97 0.52
C GLN D 115 -11.79 46.05 -0.68
N PRO D 116 -11.64 46.61 -1.87
CA PRO D 116 -11.52 45.77 -3.06
C PRO D 116 -10.45 44.70 -2.93
N SER D 117 -10.78 43.47 -3.31
CA SER D 117 -9.83 42.38 -3.24
C SER D 117 -9.01 42.37 -4.53
N GLN D 118 -8.35 41.24 -4.82
CA GLN D 118 -7.53 41.12 -6.02
C GLN D 118 -8.16 40.10 -6.95
N HIS D 119 -9.38 39.69 -6.65
CA HIS D 119 -10.05 38.68 -7.44
C HIS D 119 -11.28 39.21 -8.15
N GLU D 120 -11.28 39.09 -9.47
CA GLU D 120 -12.42 39.53 -10.25
C GLU D 120 -13.51 38.47 -10.23
N ILE D 121 -14.76 38.89 -10.43
CA ILE D 121 -15.86 37.96 -10.46
C ILE D 121 -15.98 37.35 -11.85
N PRO D 122 -15.95 36.01 -11.95
CA PRO D 122 -16.07 35.37 -13.26
C PRO D 122 -17.38 35.85 -13.90
N TYR D 123 -17.32 36.27 -15.16
CA TYR D 123 -18.50 36.81 -15.81
C TYR D 123 -19.77 35.98 -15.74
N PRO D 124 -19.65 34.64 -15.71
CA PRO D 124 -20.89 33.87 -15.65
C PRO D 124 -21.71 34.16 -14.42
N TYR D 125 -21.05 34.53 -13.33
CA TYR D 125 -21.74 34.80 -12.09
C TYR D 125 -22.48 36.14 -12.02
N VAL D 126 -22.30 37.00 -13.00
CA VAL D 126 -23.01 38.29 -12.99
C VAL D 126 -24.13 38.33 -14.03
N ILE D 127 -24.15 37.37 -14.95
CA ILE D 127 -25.20 37.34 -15.94
C ILE D 127 -26.43 36.74 -15.28
N ASP D 128 -27.23 37.66 -14.72
CA ASP D 128 -28.46 37.38 -13.99
C ASP D 128 -29.56 36.60 -14.72
N GLY D 129 -30.10 37.14 -15.81
CA GLY D 129 -31.15 36.43 -16.52
C GLY D 129 -30.78 35.00 -16.89
N SER D 130 -30.86 34.69 -18.18
CA SER D 130 -30.53 33.35 -18.63
C SER D 130 -29.13 33.38 -19.23
N GLU D 131 -28.44 32.24 -19.15
CA GLU D 131 -27.11 32.11 -19.70
C GLU D 131 -27.06 32.72 -21.11
N LEU D 132 -25.89 33.22 -21.51
CA LEU D 132 -25.77 33.81 -22.83
C LEU D 132 -25.65 32.74 -23.91
N THR D 133 -26.05 33.09 -25.14
CA THR D 133 -26.01 32.14 -26.23
C THR D 133 -25.29 32.67 -27.48
N LEU D 134 -24.28 33.48 -27.25
CA LEU D 134 -23.44 34.08 -28.29
C LEU D 134 -22.88 33.02 -29.22
N ASP D 135 -22.48 33.45 -30.41
CA ASP D 135 -21.93 32.52 -31.39
C ASP D 135 -20.52 32.10 -30.97
N ARG D 136 -19.81 31.40 -31.86
CA ARG D 136 -18.48 30.93 -31.55
C ARG D 136 -17.53 32.04 -31.15
N SER D 137 -17.21 32.92 -32.10
CA SER D 137 -16.30 34.04 -31.87
C SER D 137 -16.69 34.89 -30.66
N MSE D 138 -17.96 35.21 -30.57
CA MSE D 138 -18.43 36.00 -29.44
C MSE D 138 -18.02 35.37 -28.11
O MSE D 138 -17.54 36.07 -27.23
CB MSE D 138 -19.96 36.15 -29.53
CG MSE D 138 -20.39 37.23 -30.52
SE MSE D 138 -19.50 38.94 -30.16
CE MSE D 138 -20.53 39.43 -28.52
N SER D 139 -18.22 34.06 -27.98
CA SER D 139 -17.87 33.32 -26.76
C SER D 139 -16.37 33.36 -26.55
N ALA D 140 -15.63 32.95 -27.57
CA ALA D 140 -14.17 32.95 -27.49
C ALA D 140 -13.69 34.29 -26.98
N GLY D 141 -14.22 35.36 -27.55
CA GLY D 141 -13.83 36.70 -27.14
C GLY D 141 -14.15 36.98 -25.70
N LEU D 142 -15.28 36.47 -25.23
CA LEU D 142 -15.69 36.66 -23.85
C LEU D 142 -14.69 36.01 -22.93
N THR D 143 -14.52 34.71 -23.05
CA THR D 143 -13.60 34.00 -22.19
C THR D 143 -12.16 34.46 -22.30
N ARG D 144 -11.85 35.23 -23.34
CA ARG D 144 -10.48 35.71 -23.53
C ARG D 144 -10.19 37.07 -22.92
N TYR D 145 -11.16 37.97 -22.93
CA TYR D 145 -10.96 39.31 -22.42
C TYR D 145 -11.68 39.61 -21.12
N PHE D 146 -12.37 38.63 -20.57
CA PHE D 146 -13.10 38.86 -19.33
C PHE D 146 -12.80 37.83 -18.25
N PRO D 147 -13.18 38.12 -17.01
CA PRO D 147 -12.97 37.24 -15.87
C PRO D 147 -13.66 35.88 -16.09
N THR D 148 -12.90 34.80 -16.00
CA THR D 148 -13.43 33.45 -16.18
C THR D 148 -13.07 32.55 -15.02
N THR D 149 -13.67 31.38 -14.98
CA THR D 149 -13.40 30.43 -13.92
C THR D 149 -12.13 29.63 -14.24
N GLU D 150 -11.03 30.01 -13.58
CA GLU D 150 -9.72 29.35 -13.77
C GLU D 150 -9.33 28.31 -12.72
N LEU D 151 -9.03 27.10 -13.18
CA LEU D 151 -8.64 26.01 -12.29
C LEU D 151 -7.14 25.70 -12.34
N PHE D 168 -4.22 37.51 6.27
CA PHE D 168 -3.31 36.37 6.16
C PHE D 168 -4.03 35.03 6.39
N SER D 169 -4.73 34.91 7.52
CA SER D 169 -5.46 33.69 7.83
C SER D 169 -6.89 33.83 7.34
N PRO D 170 -7.50 32.74 6.86
CA PRO D 170 -8.87 32.70 6.35
C PRO D 170 -9.89 33.16 7.38
N LEU D 171 -10.79 34.05 7.00
CA LEU D 171 -11.81 34.53 7.92
C LEU D 171 -12.99 33.56 7.97
N SER D 172 -13.29 32.94 6.83
CA SER D 172 -14.39 31.99 6.73
C SER D 172 -13.93 30.70 6.06
N HIS D 173 -14.87 29.77 5.90
CA HIS D 173 -14.58 28.48 5.28
C HIS D 173 -14.43 28.52 3.78
N PHE D 174 -15.27 29.31 3.09
CA PHE D 174 -15.22 29.40 1.64
C PHE D 174 -15.04 30.82 1.17
N ASP D 175 -14.25 31.01 0.12
CA ASP D 175 -14.04 32.35 -0.38
C ASP D 175 -15.09 32.68 -1.43
N ALA D 176 -15.12 33.93 -1.87
CA ALA D 176 -16.10 34.42 -2.85
C ALA D 176 -16.38 33.52 -4.06
N ARG D 177 -15.32 33.16 -4.79
CA ARG D 177 -15.48 32.32 -5.97
C ARG D 177 -16.06 30.95 -5.64
N ARG D 178 -15.56 30.33 -4.58
CA ARG D 178 -16.05 29.02 -4.18
C ARG D 178 -17.55 29.08 -3.90
N VAL D 179 -17.98 30.13 -3.21
CA VAL D 179 -19.39 30.29 -2.88
C VAL D 179 -20.25 30.49 -4.11
N ASP D 180 -19.84 31.38 -5.00
CA ASP D 180 -20.57 31.63 -6.21
C ASP D 180 -20.71 30.34 -6.99
N PHE D 181 -19.61 29.61 -7.09
CA PHE D 181 -19.58 28.33 -7.78
C PHE D 181 -20.66 27.38 -7.27
N SER D 182 -20.74 27.22 -5.95
CA SER D 182 -21.73 26.32 -5.36
C SER D 182 -23.15 26.88 -5.37
N LEU D 183 -23.29 28.19 -5.24
CA LEU D 183 -24.61 28.76 -5.27
C LEU D 183 -25.23 28.43 -6.62
N ALA D 184 -24.47 28.62 -7.69
CA ALA D 184 -24.96 28.34 -9.04
C ALA D 184 -25.43 26.91 -9.15
N ARG D 185 -24.61 25.98 -8.68
CA ARG D 185 -24.95 24.58 -8.76
C ARG D 185 -26.18 24.22 -7.93
N LEU D 186 -26.21 24.69 -6.69
CA LEU D 186 -27.33 24.39 -5.80
C LEU D 186 -28.65 24.64 -6.49
N ARG D 187 -28.74 25.76 -7.20
CA ARG D 187 -29.94 26.11 -7.93
C ARG D 187 -30.22 25.04 -8.99
N HIS D 188 -29.26 24.83 -9.88
CA HIS D 188 -29.38 23.84 -10.95
C HIS D 188 -29.81 22.45 -10.47
N TYR D 189 -29.05 21.86 -9.54
CA TYR D 189 -29.35 20.53 -9.03
C TYR D 189 -30.64 20.48 -8.24
N THR D 190 -30.84 21.49 -7.41
CA THR D 190 -32.01 21.53 -6.55
C THR D 190 -33.30 21.99 -7.22
N GLY D 191 -33.18 22.90 -8.20
CA GLY D 191 -34.37 23.41 -8.86
C GLY D 191 -35.07 24.36 -7.91
N THR D 192 -34.27 25.05 -7.10
CA THR D 192 -34.77 26.00 -6.10
C THR D 192 -33.84 27.19 -5.95
N PRO D 193 -34.37 28.32 -5.45
CA PRO D 193 -33.62 29.56 -5.23
C PRO D 193 -32.83 29.43 -3.92
N VAL D 194 -31.54 29.74 -3.95
CA VAL D 194 -30.72 29.60 -2.76
C VAL D 194 -31.23 30.37 -1.56
N GLU D 195 -32.06 31.37 -1.79
CA GLU D 195 -32.58 32.16 -0.70
C GLU D 195 -33.63 31.42 0.11
N HIS D 196 -34.19 30.35 -0.43
CA HIS D 196 -35.24 29.60 0.27
C HIS D 196 -34.72 28.50 1.17
N PHE D 197 -33.43 28.20 1.08
CA PHE D 197 -32.85 27.14 1.90
C PHE D 197 -32.89 27.42 3.40
N GLN D 198 -33.37 26.45 4.17
CA GLN D 198 -33.45 26.63 5.62
C GLN D 198 -32.26 25.99 6.32
N PRO D 199 -31.96 26.47 7.54
CA PRO D 199 -30.85 26.01 8.39
C PRO D 199 -30.87 24.55 8.76
N PHE D 200 -32.04 23.95 8.76
CA PHE D 200 -32.13 22.55 9.15
C PHE D 200 -32.49 21.73 7.94
N VAL D 201 -31.57 20.84 7.57
CA VAL D 201 -31.70 20.01 6.38
C VAL D 201 -31.97 18.52 6.58
N LEU D 202 -32.75 17.97 5.67
CA LEU D 202 -33.11 16.56 5.70
C LEU D 202 -32.77 15.95 4.34
N PHE D 203 -32.02 14.86 4.34
CA PHE D 203 -31.65 14.19 3.10
C PHE D 203 -32.39 12.87 3.04
N THR D 204 -33.03 12.61 1.90
CA THR D 204 -33.77 11.36 1.67
C THR D 204 -33.38 10.70 0.34
N ASN D 205 -33.36 9.37 0.33
CA ASN D 205 -32.99 8.61 -0.86
C ASN D 205 -34.20 7.93 -1.49
N TYR D 206 -35.40 8.32 -1.08
CA TYR D 206 -36.58 7.69 -1.62
C TYR D 206 -37.64 8.74 -1.87
N THR D 207 -38.12 8.74 -3.10
CA THR D 207 -39.13 9.68 -3.58
C THR D 207 -40.37 9.83 -2.66
N ARG D 208 -40.85 8.72 -2.13
CA ARG D 208 -42.01 8.74 -1.26
C ARG D 208 -41.85 9.63 -0.04
N TYR D 209 -40.62 9.97 0.31
CA TYR D 209 -40.37 10.83 1.46
C TYR D 209 -40.77 12.27 1.18
N VAL D 210 -40.56 12.71 -0.06
CA VAL D 210 -40.91 14.07 -0.43
C VAL D 210 -42.42 14.17 -0.41
N ASP D 211 -43.07 13.18 -1.00
CA ASP D 211 -44.53 13.15 -1.05
C ASP D 211 -45.05 13.42 0.36
N GLU D 212 -44.62 12.57 1.29
CA GLU D 212 -45.04 12.69 2.67
C GLU D 212 -44.64 14.03 3.29
N PHE D 213 -43.52 14.57 2.84
CA PHE D 213 -43.04 15.85 3.35
C PHE D 213 -43.92 16.99 2.86
N VAL D 214 -44.20 17.00 1.56
CA VAL D 214 -45.03 18.05 0.96
C VAL D 214 -46.40 18.05 1.61
N ARG D 215 -47.00 16.87 1.70
CA ARG D 215 -48.31 16.71 2.31
C ARG D 215 -48.32 17.34 3.71
N TRP D 216 -47.42 16.85 4.57
CA TRP D 216 -47.29 17.36 5.93
C TRP D 216 -47.03 18.85 5.93
N GLY D 217 -46.33 19.31 4.89
CA GLY D 217 -45.99 20.71 4.76
C GLY D 217 -47.18 21.62 4.52
N CYS D 218 -47.94 21.33 3.47
CA CYS D 218 -49.11 22.12 3.13
C CYS D 218 -49.99 22.15 4.38
N SER D 219 -50.18 20.96 4.95
CA SER D 219 -50.97 20.83 6.17
C SER D 219 -50.50 21.89 7.18
N GLN D 220 -49.20 21.92 7.43
CA GLN D 220 -48.61 22.86 8.37
C GLN D 220 -48.90 24.33 8.03
N ILE D 221 -48.90 24.65 6.75
CA ILE D 221 -49.14 26.03 6.34
C ILE D 221 -50.56 26.47 6.70
N LEU D 222 -51.52 25.62 6.36
CA LEU D 222 -52.94 25.88 6.62
C LEU D 222 -53.19 26.04 8.10
N ASP D 223 -52.46 25.30 8.94
CA ASP D 223 -52.61 25.42 10.39
C ASP D 223 -52.01 26.77 10.80
N PRO D 224 -52.87 27.69 11.31
CA PRO D 224 -52.45 29.02 11.75
C PRO D 224 -51.68 29.05 13.07
N ASP D 225 -51.01 27.94 13.39
CA ASP D 225 -50.21 27.85 14.61
C ASP D 225 -48.81 27.40 14.22
N SER D 226 -48.73 26.69 13.10
CA SER D 226 -47.48 26.16 12.58
C SER D 226 -46.71 27.31 11.93
N PRO D 227 -45.52 27.63 12.48
CA PRO D 227 -44.67 28.71 11.97
C PRO D 227 -44.42 28.63 10.48
N TYR D 228 -44.58 27.44 9.92
CA TYR D 228 -44.38 27.23 8.49
C TYR D 228 -45.43 28.00 7.68
N ILE D 229 -44.98 29.02 6.97
CA ILE D 229 -45.87 29.86 6.20
C ILE D 229 -45.71 29.80 4.70
N ALA D 230 -44.81 28.94 4.22
CA ALA D 230 -44.59 28.83 2.77
C ALA D 230 -43.92 27.50 2.40
N LEU D 231 -43.88 27.22 1.10
CA LEU D 231 -43.27 25.99 0.62
C LEU D 231 -42.65 26.11 -0.77
N SER D 232 -41.36 26.41 -0.85
CA SER D 232 -40.71 26.52 -2.16
C SER D 232 -40.56 25.10 -2.67
N CYS D 233 -40.91 24.89 -3.93
CA CYS D 233 -40.85 23.56 -4.51
C CYS D 233 -39.91 23.45 -5.69
N ALA D 234 -39.24 22.30 -5.76
CA ALA D 234 -38.32 22.04 -6.84
C ALA D 234 -39.12 22.18 -8.12
N GLY D 235 -38.76 23.16 -8.93
CA GLY D 235 -39.46 23.38 -10.18
C GLY D 235 -39.88 24.83 -10.27
N GLY D 236 -40.26 25.42 -9.15
CA GLY D 236 -40.65 26.81 -9.17
C GLY D 236 -41.84 27.11 -8.30
N ASN D 237 -42.79 26.20 -8.26
CA ASN D 237 -44.00 26.36 -7.46
C ASN D 237 -43.78 26.90 -6.06
N TRP D 238 -44.39 28.04 -5.77
CA TRP D 238 -44.29 28.66 -4.45
C TRP D 238 -45.67 28.49 -3.84
N ILE D 239 -45.73 27.85 -2.67
CA ILE D 239 -47.03 27.61 -2.03
C ILE D 239 -47.20 28.32 -0.70
N THR D 240 -48.25 29.12 -0.60
CA THR D 240 -48.55 29.85 0.63
C THR D 240 -49.97 29.51 1.06
N ALA D 241 -50.34 30.00 2.25
CA ALA D 241 -51.66 29.76 2.82
C ALA D 241 -52.79 29.87 1.78
N GLU D 242 -52.73 30.91 0.94
CA GLU D 242 -53.74 31.12 -0.08
C GLU D 242 -53.25 30.72 -1.47
N THR D 243 -53.31 29.44 -1.77
CA THR D 243 -52.87 28.94 -3.06
C THR D 243 -53.94 28.00 -3.61
N GLU D 244 -54.70 28.51 -4.59
CA GLU D 244 -55.77 27.76 -5.23
C GLU D 244 -55.68 26.24 -5.10
N ALA D 245 -54.93 25.58 -5.98
CA ALA D 245 -54.79 24.13 -5.92
C ALA D 245 -53.37 23.70 -5.57
N PRO D 246 -53.10 23.41 -4.28
CA PRO D 246 -51.77 22.97 -3.86
C PRO D 246 -51.42 21.55 -4.38
N GLU D 247 -51.56 21.34 -5.68
CA GLU D 247 -51.29 20.05 -6.31
C GLU D 247 -49.94 19.98 -7.03
N GLU D 248 -49.68 20.99 -7.87
CA GLU D 248 -48.45 21.05 -8.64
C GLU D 248 -47.21 21.10 -7.75
N ALA D 249 -47.44 20.95 -6.45
CA ALA D 249 -46.37 20.97 -5.45
C ALA D 249 -45.28 19.97 -5.84
N ILE D 250 -45.70 18.81 -6.35
CA ILE D 250 -44.77 17.78 -6.76
C ILE D 250 -44.83 17.57 -8.29
N SER D 251 -44.60 18.64 -9.04
CA SER D 251 -44.61 18.61 -10.51
C SER D 251 -43.62 17.56 -11.02
N ASP D 252 -44.13 16.38 -11.38
CA ASP D 252 -43.30 15.28 -11.86
C ASP D 252 -42.13 15.68 -12.76
N LEU D 253 -42.28 16.76 -13.51
CA LEU D 253 -41.23 17.23 -14.40
C LEU D 253 -39.94 17.54 -13.64
N ALA D 254 -40.06 17.78 -12.34
CA ALA D 254 -38.90 18.10 -11.50
C ALA D 254 -37.84 17.01 -11.59
N TRP D 255 -38.23 15.77 -11.36
CA TRP D 255 -37.30 14.64 -11.40
C TRP D 255 -36.62 14.35 -12.73
N LYS D 256 -36.90 15.16 -13.74
CA LYS D 256 -36.27 14.96 -15.05
C LYS D 256 -35.29 16.11 -15.29
N LYS D 257 -35.58 17.26 -14.67
CA LYS D 257 -34.77 18.46 -14.79
C LYS D 257 -33.81 18.69 -13.62
N HIS D 258 -34.07 18.06 -12.49
CA HIS D 258 -33.25 18.24 -11.30
C HIS D 258 -32.82 16.94 -10.65
N GLN D 259 -31.52 16.66 -10.71
CA GLN D 259 -30.95 15.44 -10.13
C GLN D 259 -31.12 15.31 -8.62
N MSE D 260 -31.45 16.41 -7.95
CA MSE D 260 -31.65 16.38 -6.51
C MSE D 260 -32.57 17.48 -6.09
O MSE D 260 -32.14 18.52 -5.56
CB MSE D 260 -30.32 16.55 -5.80
CG MSE D 260 -29.46 15.35 -5.93
SE MSE D 260 -27.61 15.83 -5.76
CE MSE D 260 -27.30 16.66 -7.54
N PRO D 261 -33.87 17.27 -6.32
CA PRO D 261 -34.94 18.21 -6.00
C PRO D 261 -34.98 18.55 -4.52
N ALA D 262 -35.32 19.80 -4.22
CA ALA D 262 -35.42 20.22 -2.83
C ALA D 262 -36.77 20.83 -2.58
N TRP D 263 -37.17 20.83 -1.31
CA TRP D 263 -38.43 21.40 -0.88
C TRP D 263 -38.15 22.16 0.40
N HIS D 264 -38.58 23.42 0.43
CA HIS D 264 -38.31 24.25 1.60
C HIS D 264 -39.54 24.72 2.34
N LEU D 265 -39.72 24.22 3.54
CA LEU D 265 -40.83 24.62 4.38
C LEU D 265 -40.33 25.84 5.15
N ILE D 266 -40.53 27.01 4.54
CA ILE D 266 -40.07 28.27 5.09
C ILE D 266 -40.89 28.84 6.24
N THR D 267 -40.24 29.66 7.07
CA THR D 267 -40.93 30.31 8.17
C THR D 267 -40.45 31.76 8.18
N ALA D 268 -41.17 32.60 8.92
CA ALA D 268 -40.86 34.02 9.01
C ALA D 268 -39.38 34.28 9.21
N ASP D 269 -38.88 33.79 10.34
CA ASP D 269 -37.48 33.96 10.73
C ASP D 269 -36.50 33.02 10.01
N GLY D 270 -36.98 32.33 8.99
CA GLY D 270 -36.13 31.42 8.23
C GLY D 270 -35.53 30.28 9.01
N GLN D 271 -36.29 29.71 9.96
CA GLN D 271 -35.79 28.58 10.74
C GLN D 271 -36.57 27.34 10.35
N GLY D 272 -36.97 27.31 9.08
CA GLY D 272 -37.75 26.20 8.55
C GLY D 272 -37.00 24.90 8.41
N ILE D 273 -37.44 24.11 7.44
CA ILE D 273 -36.82 22.82 7.20
C ILE D 273 -36.68 22.63 5.70
N THR D 274 -35.48 22.29 5.26
CA THR D 274 -35.26 22.04 3.86
C THR D 274 -35.05 20.56 3.67
N LEU D 275 -35.72 19.99 2.68
CA LEU D 275 -35.56 18.59 2.40
C LEU D 275 -35.04 18.42 0.99
N VAL D 276 -33.97 17.63 0.87
CA VAL D 276 -33.38 17.36 -0.42
C VAL D 276 -33.43 15.86 -0.67
N ASN D 277 -33.89 15.47 -1.86
CA ASN D 277 -33.92 14.06 -2.20
C ASN D 277 -32.67 13.81 -3.02
N ILE D 278 -31.60 13.44 -2.34
CA ILE D 278 -30.33 13.20 -2.98
C ILE D 278 -30.31 11.99 -3.89
N GLY D 279 -31.36 11.20 -3.86
CA GLY D 279 -31.37 10.05 -4.74
C GLY D 279 -30.33 9.07 -4.26
N VAL D 280 -29.87 8.17 -5.14
CA VAL D 280 -28.91 7.16 -4.74
C VAL D 280 -27.53 7.21 -5.40
N GLY D 281 -26.51 6.93 -4.58
CA GLY D 281 -25.12 6.92 -4.99
C GLY D 281 -24.29 7.83 -4.10
N PRO D 282 -23.07 7.43 -3.70
CA PRO D 282 -22.25 8.31 -2.85
C PRO D 282 -21.81 9.52 -3.67
N SER D 283 -21.66 9.31 -4.95
CA SER D 283 -21.25 10.34 -5.88
C SER D 283 -22.18 11.54 -5.71
N ASN D 284 -23.46 11.25 -5.57
CA ASN D 284 -24.47 12.28 -5.42
C ASN D 284 -24.47 12.97 -4.07
N ALA D 285 -24.29 12.18 -3.02
CA ALA D 285 -24.28 12.72 -1.69
C ALA D 285 -23.12 13.70 -1.57
N LYS D 286 -21.94 13.31 -2.07
CA LYS D 286 -20.81 14.21 -1.98
C LYS D 286 -21.12 15.51 -2.69
N THR D 287 -21.51 15.42 -3.94
CA THR D 287 -21.81 16.59 -4.74
C THR D 287 -22.75 17.59 -4.07
N ILE D 288 -23.88 17.11 -3.59
CA ILE D 288 -24.84 18.03 -2.96
C ILE D 288 -24.25 18.73 -1.72
N CYS D 289 -23.51 18.00 -0.89
CA CYS D 289 -22.95 18.59 0.31
C CYS D 289 -21.88 19.62 -0.01
N ASP D 290 -21.13 19.38 -1.08
CA ASP D 290 -20.08 20.30 -1.49
C ASP D 290 -20.66 21.70 -1.65
N HIS D 291 -21.87 21.78 -2.18
CA HIS D 291 -22.50 23.07 -2.41
C HIS D 291 -23.33 23.55 -1.23
N LEU D 292 -24.21 22.69 -0.74
CA LEU D 292 -25.06 23.07 0.37
C LEU D 292 -24.25 23.60 1.54
N ALA D 293 -23.00 23.17 1.62
CA ALA D 293 -22.11 23.60 2.69
C ALA D 293 -21.85 25.11 2.73
N VAL D 294 -21.80 25.78 1.58
CA VAL D 294 -21.53 27.22 1.58
C VAL D 294 -22.64 28.06 2.20
N LEU D 295 -23.78 27.43 2.44
CA LEU D 295 -24.90 28.14 3.05
C LEU D 295 -24.78 28.02 4.56
N ARG D 296 -23.73 27.34 5.02
CA ARG D 296 -23.48 27.17 6.44
C ARG D 296 -24.71 26.72 7.24
N PRO D 297 -25.28 25.56 6.89
CA PRO D 297 -26.46 25.01 7.58
C PRO D 297 -26.17 24.78 9.04
N ASP D 298 -27.20 24.46 9.82
CA ASP D 298 -26.97 24.20 11.24
C ASP D 298 -26.90 22.71 11.49
N VAL D 299 -27.45 21.94 10.57
CA VAL D 299 -27.42 20.49 10.72
C VAL D 299 -28.14 19.81 9.56
N TRP D 300 -27.60 18.69 9.08
CA TRP D 300 -28.28 17.94 8.06
C TRP D 300 -28.35 16.48 8.51
N LEU D 301 -29.54 15.90 8.31
CA LEU D 301 -29.80 14.53 8.71
C LEU D 301 -30.10 13.61 7.54
N MSE D 302 -29.53 12.41 7.58
CA MSE D 302 -29.75 11.41 6.55
C MSE D 302 -30.96 10.59 6.94
O MSE D 302 -30.88 9.74 7.82
CB MSE D 302 -28.56 10.46 6.45
CG MSE D 302 -28.71 9.45 5.33
SE MSE D 302 -28.96 10.38 3.53
CE MSE D 302 -30.52 9.29 2.82
N ILE D 303 -32.09 10.84 6.28
CA ILE D 303 -33.31 10.11 6.58
C ILE D 303 -33.65 9.25 5.36
N GLY D 304 -33.23 8.00 5.38
CA GLY D 304 -33.50 7.14 4.25
C GLY D 304 -33.63 5.68 4.61
N HIS D 305 -33.75 4.85 3.58
CA HIS D 305 -33.88 3.41 3.76
C HIS D 305 -32.52 2.76 3.79
N CYS D 306 -32.48 1.49 4.17
CA CYS D 306 -31.23 0.77 4.21
C CYS D 306 -31.52 -0.72 4.30
N GLY D 307 -30.48 -1.53 4.27
CA GLY D 307 -30.66 -2.96 4.40
C GLY D 307 -30.29 -3.41 5.80
N GLY D 308 -31.12 -4.25 6.40
CA GLY D 308 -30.83 -4.75 7.74
C GLY D 308 -29.93 -5.97 7.61
N LEU D 309 -28.79 -5.93 8.28
CA LEU D 309 -27.85 -7.04 8.20
C LEU D 309 -27.97 -8.03 9.34
N ARG D 310 -28.70 -7.66 10.39
CA ARG D 310 -28.86 -8.54 11.54
C ARG D 310 -30.18 -9.31 11.48
N GLU D 311 -30.14 -10.62 11.74
CA GLU D 311 -31.38 -11.37 11.67
C GLU D 311 -32.44 -10.85 12.63
N SER D 312 -32.04 -10.36 13.80
CA SER D 312 -33.01 -9.84 14.75
C SER D 312 -33.79 -8.59 14.28
N GLN D 313 -33.37 -8.01 13.16
CA GLN D 313 -34.01 -6.81 12.62
C GLN D 313 -35.23 -7.13 11.78
N ALA D 314 -36.24 -6.29 11.85
CA ALA D 314 -37.46 -6.49 11.08
C ALA D 314 -37.69 -5.29 10.17
N ILE D 315 -38.17 -5.53 8.96
CA ILE D 315 -38.42 -4.42 8.04
C ILE D 315 -39.29 -3.39 8.74
N GLY D 316 -38.88 -2.14 8.65
CA GLY D 316 -39.63 -1.07 9.29
C GLY D 316 -38.92 -0.56 10.53
N ASP D 317 -37.93 -1.33 11.00
CA ASP D 317 -37.16 -0.95 12.18
C ASP D 317 -36.26 0.24 11.86
N TYR D 318 -35.72 0.87 12.89
CA TYR D 318 -34.85 2.00 12.70
C TYR D 318 -33.41 1.66 13.08
N VAL D 319 -32.48 2.43 12.52
CA VAL D 319 -31.06 2.25 12.76
C VAL D 319 -30.47 3.63 12.99
N LEU D 320 -29.83 3.79 14.15
CA LEU D 320 -29.19 5.04 14.49
C LEU D 320 -27.71 4.79 14.30
N ALA D 321 -27.16 5.34 13.24
CA ALA D 321 -25.75 5.15 12.98
C ALA D 321 -24.93 5.82 14.07
N HIS D 322 -23.98 5.08 14.63
CA HIS D 322 -23.10 5.64 15.64
C HIS D 322 -21.65 5.53 15.16
N ALA D 323 -21.47 5.10 13.92
CA ALA D 323 -20.16 4.93 13.30
C ALA D 323 -20.40 4.49 11.85
N TYR D 324 -19.37 4.57 11.00
CA TYR D 324 -19.53 4.20 9.60
C TYR D 324 -18.35 3.44 9.02
N LEU D 325 -18.65 2.38 8.24
CA LEU D 325 -17.60 1.65 7.56
C LEU D 325 -17.66 2.31 6.19
N ARG D 326 -16.66 3.14 5.88
CA ARG D 326 -16.65 3.89 4.62
C ARG D 326 -16.24 3.16 3.34
N ASP D 327 -17.18 2.43 2.74
CA ASP D 327 -16.90 1.73 1.50
C ASP D 327 -17.49 2.54 0.34
N ASP D 328 -17.54 3.85 0.52
CA ASP D 328 -18.09 4.74 -0.48
C ASP D 328 -17.06 5.25 -1.46
N HIS D 329 -15.77 5.11 -1.12
CA HIS D 329 -14.64 5.55 -1.95
C HIS D 329 -14.57 7.03 -2.37
N VAL D 330 -15.72 7.62 -2.60
CA VAL D 330 -15.76 8.99 -3.09
C VAL D 330 -15.04 10.06 -2.31
N LEU D 331 -14.76 9.85 -1.03
CA LEU D 331 -14.06 10.86 -0.24
C LEU D 331 -12.71 10.41 0.32
N ASP D 332 -12.24 9.25 -0.10
CA ASP D 332 -10.98 8.68 0.36
C ASP D 332 -9.78 9.58 0.13
N ALA D 333 -9.78 10.31 -0.97
CA ALA D 333 -8.67 11.19 -1.30
C ALA D 333 -8.52 12.30 -0.27
N VAL D 334 -9.57 13.09 -0.13
CA VAL D 334 -9.60 14.24 0.80
C VAL D 334 -9.71 13.91 2.30
N LEU D 335 -10.16 12.70 2.62
CA LEU D 335 -10.33 12.27 4.00
C LEU D 335 -10.10 10.77 4.07
N PRO D 336 -8.85 10.37 4.26
CA PRO D 336 -8.43 8.96 4.35
C PRO D 336 -9.31 8.11 5.26
N PRO D 337 -9.62 6.88 4.82
CA PRO D 337 -10.46 5.96 5.60
C PRO D 337 -10.06 5.70 7.05
N ASP D 338 -8.82 5.97 7.42
CA ASP D 338 -8.42 5.74 8.80
C ASP D 338 -8.65 6.98 9.70
N ILE D 339 -9.17 8.05 9.12
CA ILE D 339 -9.50 9.24 9.90
C ILE D 339 -10.85 8.94 10.54
N PRO D 340 -10.95 9.06 11.87
CA PRO D 340 -12.19 8.79 12.60
C PRO D 340 -13.31 9.84 12.50
N ILE D 341 -14.46 9.41 11.99
CA ILE D 341 -15.63 10.28 11.86
C ILE D 341 -16.51 9.89 13.04
N PRO D 342 -16.60 10.76 14.04
CA PRO D 342 -17.41 10.52 15.24
C PRO D 342 -18.90 10.82 15.09
N SER D 343 -19.66 10.53 16.16
CA SER D 343 -21.08 10.81 16.21
C SER D 343 -21.19 12.14 16.91
N ILE D 344 -22.19 12.94 16.55
CA ILE D 344 -22.32 14.19 17.25
C ILE D 344 -23.35 13.97 18.35
N ALA D 345 -22.84 13.85 19.57
CA ALA D 345 -23.68 13.63 20.74
C ALA D 345 -25.01 14.38 20.71
N GLU D 346 -24.96 15.69 20.51
CA GLU D 346 -26.19 16.47 20.49
C GLU D 346 -27.17 15.95 19.44
N VAL D 347 -26.68 15.66 18.25
CA VAL D 347 -27.54 15.15 17.18
C VAL D 347 -28.01 13.73 17.49
N GLN D 348 -27.17 12.94 18.13
CA GLN D 348 -27.56 11.58 18.46
C GLN D 348 -28.75 11.62 19.43
N ARG D 349 -28.65 12.42 20.49
CA ARG D 349 -29.74 12.50 21.46
C ARG D 349 -31.02 12.87 20.75
N ALA D 350 -30.99 13.95 19.98
CA ALA D 350 -32.16 14.39 19.24
C ALA D 350 -32.74 13.22 18.45
N LEU D 351 -31.93 12.58 17.62
CA LEU D 351 -32.40 11.45 16.83
C LEU D 351 -33.00 10.37 17.72
N TYR D 352 -32.31 10.05 18.82
CA TYR D 352 -32.77 9.04 19.76
C TYR D 352 -34.12 9.39 20.36
N ASP D 353 -34.19 10.50 21.08
CA ASP D 353 -35.42 10.96 21.70
C ASP D 353 -36.56 11.10 20.67
N ALA D 354 -36.23 11.62 19.50
CA ALA D 354 -37.25 11.79 18.47
C ALA D 354 -37.88 10.44 18.17
N THR D 355 -37.07 9.38 18.17
CA THR D 355 -37.60 8.05 17.89
C THR D 355 -38.45 7.58 19.07
N LYS D 356 -38.04 7.97 20.28
CA LYS D 356 -38.77 7.62 21.50
C LYS D 356 -40.17 8.23 21.44
N LEU D 357 -40.21 9.53 21.19
CA LEU D 357 -41.48 10.25 21.13
C LEU D 357 -42.36 9.83 19.97
N VAL D 358 -41.86 9.95 18.75
CA VAL D 358 -42.67 9.61 17.57
C VAL D 358 -43.14 8.17 17.49
N SER D 359 -42.33 7.22 17.95
CA SER D 359 -42.74 5.81 17.86
C SER D 359 -43.58 5.41 19.06
N GLY D 360 -43.86 6.35 19.95
CA GLY D 360 -44.65 6.03 21.13
C GLY D 360 -43.82 5.36 22.20
N ARG D 361 -43.11 4.30 21.80
CA ARG D 361 -42.25 3.51 22.68
C ARG D 361 -41.28 4.35 23.53
N PRO D 362 -41.58 4.57 24.83
CA PRO D 362 -40.64 5.38 25.62
C PRO D 362 -39.61 4.53 26.39
N GLY D 363 -38.65 5.21 27.01
CA GLY D 363 -37.64 4.51 27.79
C GLY D 363 -36.71 3.58 27.04
N GLU D 364 -36.69 2.31 27.44
CA GLU D 364 -35.82 1.29 26.82
C GLU D 364 -36.63 0.38 25.90
N GLU D 365 -37.90 0.70 25.76
CA GLU D 365 -38.79 -0.06 24.91
C GLU D 365 -38.37 0.17 23.44
N VAL D 366 -37.85 1.37 23.17
CA VAL D 366 -37.40 1.75 21.84
C VAL D 366 -36.43 0.77 21.23
N LYS D 367 -35.59 0.16 22.06
CA LYS D 367 -34.61 -0.78 21.55
C LYS D 367 -35.20 -1.94 20.77
N GLN D 368 -36.53 -2.08 20.82
CA GLN D 368 -37.19 -3.16 20.09
C GLN D 368 -37.50 -2.72 18.68
N ARG D 369 -37.41 -1.42 18.45
CA ARG D 369 -37.70 -0.84 17.17
C ARG D 369 -36.49 -0.07 16.62
N LEU D 370 -35.56 0.29 17.50
CA LEU D 370 -34.38 1.05 17.10
C LEU D 370 -33.08 0.38 17.53
N ARG D 371 -32.17 0.22 16.57
CA ARG D 371 -30.88 -0.39 16.84
C ARG D 371 -29.79 0.64 16.54
N THR D 372 -28.93 0.88 17.53
CA THR D 372 -27.83 1.82 17.38
C THR D 372 -26.59 1.02 17.06
N GLY D 373 -25.96 1.31 15.93
CA GLY D 373 -24.77 0.57 15.55
C GLY D 373 -24.06 1.19 14.38
N THR D 374 -23.11 0.42 13.86
CA THR D 374 -22.33 0.86 12.73
C THR D 374 -23.05 0.59 11.38
N VAL D 375 -23.00 1.58 10.49
CA VAL D 375 -23.61 1.47 9.19
C VAL D 375 -22.54 1.44 8.12
N VAL D 376 -22.71 0.56 7.13
CA VAL D 376 -21.76 0.48 6.01
C VAL D 376 -22.41 1.23 4.85
N THR D 377 -21.64 2.12 4.24
CA THR D 377 -22.13 2.86 3.08
C THR D 377 -21.24 2.38 1.95
N THR D 378 -21.83 2.04 0.81
CA THR D 378 -21.07 1.53 -0.32
C THR D 378 -21.49 2.14 -1.65
N ASP D 379 -20.61 2.08 -2.64
CA ASP D 379 -20.96 2.62 -3.95
C ASP D 379 -21.32 1.48 -4.89
N ASP D 380 -21.29 0.26 -4.37
CA ASP D 380 -21.62 -0.92 -5.17
C ASP D 380 -22.99 -1.39 -4.74
N ARG D 381 -24.02 -0.99 -5.48
CA ARG D 381 -25.36 -1.39 -5.15
C ARG D 381 -25.59 -2.87 -5.18
N ASN D 382 -24.94 -3.60 -6.09
CA ASN D 382 -25.14 -5.05 -6.13
C ASN D 382 -24.03 -5.69 -5.31
N TRP D 383 -23.83 -5.18 -4.10
CA TRP D 383 -22.80 -5.70 -3.23
C TRP D 383 -23.10 -7.13 -2.85
N GLU D 384 -24.38 -7.50 -2.87
CA GLU D 384 -24.76 -8.85 -2.51
C GLU D 384 -24.03 -9.85 -3.40
N LEU D 385 -23.80 -9.49 -4.65
CA LEU D 385 -23.13 -10.38 -5.58
C LEU D 385 -21.71 -10.71 -5.15
N ARG D 386 -21.26 -10.11 -4.05
CA ARG D 386 -19.92 -10.37 -3.54
C ARG D 386 -19.91 -10.55 -2.04
N TYR D 387 -21.06 -10.86 -1.44
CA TYR D 387 -21.14 -10.99 0.00
C TYR D 387 -19.92 -11.60 0.68
N SER D 388 -19.57 -12.82 0.31
CA SER D 388 -18.41 -13.50 0.91
C SER D 388 -17.18 -12.57 1.11
N ALA D 389 -16.84 -11.76 0.13
CA ALA D 389 -15.70 -10.88 0.27
C ALA D 389 -15.94 -9.76 1.31
N SER D 390 -17.16 -9.26 1.37
CA SER D 390 -17.50 -8.19 2.29
C SER D 390 -17.60 -8.69 3.73
N ALA D 391 -18.32 -9.80 3.89
CA ALA D 391 -18.57 -10.44 5.18
C ALA D 391 -17.50 -10.25 6.25
N LEU D 392 -16.22 -10.41 5.91
CA LEU D 392 -15.20 -10.25 6.95
C LEU D 392 -15.24 -8.85 7.54
N ARG D 393 -15.16 -7.84 6.68
CA ARG D 393 -15.21 -6.47 7.14
C ARG D 393 -16.53 -6.17 7.84
N PHE D 394 -17.62 -6.68 7.28
CA PHE D 394 -18.93 -6.47 7.88
C PHE D 394 -18.91 -6.91 9.33
N ASN D 395 -18.40 -8.12 9.56
CA ASN D 395 -18.32 -8.67 10.89
C ASN D 395 -17.33 -7.86 11.71
N LEU D 396 -16.16 -7.64 11.15
CA LEU D 396 -15.10 -6.88 11.83
C LEU D 396 -15.58 -5.53 12.37
N SER D 397 -16.43 -4.86 11.60
CA SER D 397 -16.93 -3.57 12.01
C SER D 397 -18.27 -3.63 12.76
N ARG D 398 -18.73 -4.84 13.05
CA ARG D 398 -19.99 -5.01 13.77
C ARG D 398 -21.08 -4.26 13.01
N ALA D 399 -21.00 -4.34 11.69
CA ALA D 399 -21.97 -3.66 10.83
C ALA D 399 -23.40 -4.06 11.22
N VAL D 400 -24.34 -3.14 11.05
CA VAL D 400 -25.69 -3.45 11.47
C VAL D 400 -26.69 -3.17 10.35
N ALA D 401 -26.29 -2.32 9.42
CA ALA D 401 -27.13 -1.95 8.27
C ALA D 401 -26.18 -1.49 7.15
N ILE D 402 -26.71 -1.37 5.94
CA ILE D 402 -25.93 -0.93 4.79
C ILE D 402 -26.75 -0.02 3.91
N ASP D 403 -26.13 1.07 3.44
CA ASP D 403 -26.84 2.00 2.58
C ASP D 403 -25.82 2.62 1.64
N MSE D 404 -26.20 3.70 0.95
CA MSE D 404 -25.31 4.34 -0.02
C MSE D 404 -25.11 5.85 0.06
O MSE D 404 -24.71 6.46 -0.92
CB MSE D 404 -25.77 3.99 -1.42
CG MSE D 404 -25.70 2.48 -1.67
SE MSE D 404 -26.23 2.00 -3.54
CE MSE D 404 -24.55 2.55 -4.58
N GLU D 405 -25.38 6.45 1.21
CA GLU D 405 -25.23 7.89 1.36
C GLU D 405 -24.72 8.27 2.74
N SER D 406 -25.27 7.65 3.77
CA SER D 406 -24.91 7.92 5.17
C SER D 406 -23.52 8.43 5.44
N ALA D 407 -22.55 7.53 5.30
CA ALA D 407 -21.15 7.83 5.55
C ALA D 407 -20.66 9.01 4.73
N THR D 408 -21.23 9.20 3.55
CA THR D 408 -20.81 10.30 2.72
C THR D 408 -21.35 11.62 3.27
N ILE D 409 -22.61 11.61 3.63
CA ILE D 409 -23.24 12.78 4.21
C ILE D 409 -22.53 13.14 5.53
N ALA D 410 -22.31 12.12 6.36
CA ALA D 410 -21.65 12.28 7.65
C ALA D 410 -20.28 12.88 7.44
N ALA D 411 -19.47 12.23 6.60
CA ALA D 411 -18.11 12.70 6.33
C ALA D 411 -18.08 14.13 5.79
N GLN D 412 -19.01 14.47 4.91
CA GLN D 412 -19.05 15.83 4.39
C GLN D 412 -19.36 16.83 5.52
N GLY D 413 -20.31 16.47 6.39
CA GLY D 413 -20.65 17.33 7.51
C GLY D 413 -19.40 17.53 8.33
N TYR D 414 -18.72 16.43 8.63
CA TYR D 414 -17.47 16.45 9.39
C TYR D 414 -16.51 17.41 8.70
N ARG D 415 -16.34 17.24 7.39
CA ARG D 415 -15.45 18.10 6.63
C ARG D 415 -15.83 19.59 6.69
N PHE D 416 -17.10 19.89 6.43
CA PHE D 416 -17.53 21.28 6.43
C PHE D 416 -18.06 21.82 7.75
N ARG D 417 -17.85 21.08 8.84
CA ARG D 417 -18.32 21.56 10.15
C ARG D 417 -19.80 21.86 10.15
N VAL D 418 -20.60 20.85 9.87
CA VAL D 418 -22.04 20.98 9.87
C VAL D 418 -22.48 19.77 10.67
N PRO D 419 -23.03 19.97 11.86
CA PRO D 419 -23.47 18.83 12.67
C PRO D 419 -24.28 17.89 11.76
N TYR D 420 -24.10 16.58 11.96
CA TYR D 420 -24.75 15.59 11.12
C TYR D 420 -25.24 14.38 11.91
N GLY D 421 -26.14 13.62 11.32
CA GLY D 421 -26.64 12.43 11.99
C GLY D 421 -27.36 11.52 11.02
N THR D 422 -27.39 10.23 11.35
CA THR D 422 -28.05 9.28 10.48
C THR D 422 -29.04 8.39 11.23
N LEU D 423 -30.27 8.37 10.73
CA LEU D 423 -31.33 7.55 11.27
C LEU D 423 -32.05 6.93 10.07
N LEU D 424 -31.69 5.68 9.76
CA LEU D 424 -32.24 4.98 8.61
C LEU D 424 -33.38 4.05 9.01
N CYS D 425 -34.12 3.59 8.01
CA CYS D 425 -35.24 2.69 8.24
C CYS D 425 -35.01 1.42 7.44
N VAL D 426 -35.05 0.26 8.10
CA VAL D 426 -34.82 -1.00 7.40
C VAL D 426 -35.88 -1.25 6.35
N SER D 427 -35.49 -1.27 5.08
CA SER D 427 -36.43 -1.49 4.00
C SER D 427 -36.33 -2.91 3.46
N ASP D 428 -35.40 -3.70 3.98
CA ASP D 428 -35.26 -5.08 3.53
C ASP D 428 -34.08 -5.78 4.17
N LYS D 429 -34.04 -7.11 4.11
CA LYS D 429 -32.95 -7.87 4.72
C LYS D 429 -32.28 -8.77 3.69
N PRO D 430 -31.31 -8.21 2.97
CA PRO D 430 -30.54 -8.88 1.92
C PRO D 430 -30.00 -10.23 2.32
N LEU D 431 -29.46 -10.30 3.53
CA LEU D 431 -28.89 -11.53 4.05
C LEU D 431 -29.90 -12.58 4.52
N HIS D 432 -31.19 -12.25 4.47
CA HIS D 432 -32.23 -13.18 4.93
C HIS D 432 -33.42 -13.35 3.97
N GLY D 433 -33.12 -13.75 2.73
CA GLY D 433 -34.15 -14.00 1.72
C GLY D 433 -35.01 -12.86 1.18
N GLU D 434 -34.86 -11.67 1.75
CA GLU D 434 -35.65 -10.55 1.28
C GLU D 434 -34.78 -9.43 0.70
N ILE D 435 -34.18 -9.70 -0.45
CA ILE D 435 -33.31 -8.75 -1.13
C ILE D 435 -34.15 -7.73 -1.90
N LYS D 436 -35.27 -7.31 -1.31
CA LYS D 436 -36.18 -6.33 -1.89
C LYS D 436 -35.54 -5.19 -2.69
N LEU D 437 -36.36 -4.54 -3.53
CA LEU D 437 -35.92 -3.44 -4.38
C LEU D 437 -36.80 -2.18 -4.17
N PRO D 438 -36.51 -1.37 -3.10
CA PRO D 438 -37.27 -0.14 -2.80
C PRO D 438 -37.64 0.64 -4.05
N GLY D 439 -38.94 0.65 -4.35
CA GLY D 439 -39.46 1.28 -5.54
C GLY D 439 -40.36 0.22 -6.13
N GLN D 440 -40.73 -0.70 -5.24
CA GLN D 440 -41.57 -1.84 -5.57
C GLN D 440 -42.66 -2.08 -4.51
N ALA D 441 -43.05 -3.34 -4.37
CA ALA D 441 -44.09 -3.73 -3.42
C ALA D 441 -43.59 -4.32 -2.09
N ASN D 442 -43.02 -3.47 -1.25
CA ASN D 442 -42.56 -3.91 0.07
C ASN D 442 -43.53 -3.27 1.03
N ARG D 443 -44.61 -3.99 1.29
CA ARG D 443 -45.68 -3.53 2.17
C ARG D 443 -45.22 -2.82 3.44
N PHE D 444 -44.48 -3.51 4.28
CA PHE D 444 -44.07 -2.91 5.54
C PHE D 444 -43.15 -1.71 5.52
N TYR D 445 -42.34 -1.57 4.48
CA TYR D 445 -41.48 -0.39 4.45
C TYR D 445 -42.35 0.82 4.11
N GLU D 446 -43.23 0.66 3.14
CA GLU D 446 -44.13 1.74 2.73
C GLU D 446 -44.84 2.32 3.94
N GLY D 447 -45.41 1.44 4.74
CA GLY D 447 -46.13 1.86 5.92
C GLY D 447 -45.32 2.75 6.83
N ALA D 448 -44.06 2.37 7.03
CA ALA D 448 -43.15 3.08 7.91
C ALA D 448 -42.74 4.52 7.53
N ILE D 449 -42.59 4.77 6.24
CA ILE D 449 -42.15 6.08 5.76
C ILE D 449 -42.63 7.34 6.49
N SER D 450 -43.94 7.49 6.68
CA SER D 450 -44.42 8.68 7.33
C SER D 450 -43.85 8.86 8.72
N GLU D 451 -43.89 7.81 9.52
CA GLU D 451 -43.36 7.88 10.88
C GLU D 451 -41.88 8.25 10.86
N HIS D 452 -41.16 7.64 9.93
CA HIS D 452 -39.74 7.88 9.79
C HIS D 452 -39.53 9.37 9.60
N LEU D 453 -40.09 9.90 8.51
CA LEU D 453 -39.94 11.31 8.21
C LEU D 453 -40.27 12.15 9.44
N GLN D 454 -41.22 11.71 10.23
CA GLN D 454 -41.60 12.45 11.42
C GLN D 454 -40.51 12.44 12.47
N ILE D 455 -39.79 11.34 12.58
CA ILE D 455 -38.71 11.27 13.54
C ILE D 455 -37.67 12.30 13.10
N GLY D 456 -37.43 12.36 11.79
CA GLY D 456 -36.47 13.31 11.28
C GLY D 456 -36.87 14.72 11.67
N ILE D 457 -38.12 15.05 11.37
CA ILE D 457 -38.64 16.36 11.66
C ILE D 457 -38.62 16.67 13.16
N ARG D 458 -39.01 15.69 13.99
CA ARG D 458 -39.01 15.94 15.43
C ARG D 458 -37.60 16.18 15.93
N ALA D 459 -36.65 15.43 15.39
CA ALA D 459 -35.25 15.57 15.78
C ALA D 459 -34.81 16.99 15.48
N ILE D 460 -35.26 17.53 14.35
CA ILE D 460 -34.90 18.89 13.99
C ILE D 460 -35.49 19.85 15.00
N ASP D 461 -36.78 19.68 15.32
CA ASP D 461 -37.45 20.54 16.30
C ASP D 461 -36.62 20.58 17.56
N LEU D 462 -36.32 19.39 18.09
CA LEU D 462 -35.51 19.26 19.30
C LEU D 462 -34.21 20.04 19.19
N LEU D 463 -33.51 19.84 18.07
CA LEU D 463 -32.24 20.51 17.86
C LEU D 463 -32.39 22.02 17.66
N ARG D 464 -33.48 22.44 17.02
CA ARG D 464 -33.67 23.87 16.79
C ARG D 464 -33.85 24.55 18.15
N ALA D 465 -34.59 23.88 19.03
CA ALA D 465 -34.84 24.40 20.36
C ALA D 465 -33.54 24.48 21.16
N GLU D 466 -32.59 23.62 20.81
CA GLU D 466 -31.29 23.57 21.47
C GLU D 466 -30.55 24.89 21.38
N GLY D 467 -31.01 25.75 20.47
CA GLY D 467 -30.35 27.03 20.30
C GLY D 467 -28.92 26.82 19.86
N ASP D 468 -27.98 27.43 20.56
CA ASP D 468 -26.58 27.29 20.20
C ASP D 468 -26.01 25.97 20.69
N ARG D 469 -26.68 25.35 21.65
CA ARG D 469 -26.21 24.08 22.19
C ARG D 469 -25.85 23.12 21.05
N LEU D 470 -26.68 23.15 20.02
CA LEU D 470 -26.51 22.31 18.83
C LEU D 470 -25.05 22.23 18.43
N HIS D 471 -24.40 23.38 18.35
CA HIS D 471 -23.01 23.42 17.95
C HIS D 471 -22.00 23.24 19.08
N SER D 472 -21.16 22.22 18.95
CA SER D 472 -20.12 21.95 19.93
C SER D 472 -18.77 22.14 19.24
N ARG D 473 -17.69 21.86 19.94
CA ARG D 473 -16.37 22.04 19.35
C ARG D 473 -15.84 20.78 18.68
N LYS D 474 -16.68 19.75 18.60
CA LYS D 474 -16.28 18.47 18.03
C LYS D 474 -15.79 18.48 16.59
N LEU D 475 -16.05 19.57 15.87
CA LEU D 475 -15.62 19.64 14.48
C LEU D 475 -14.58 20.71 14.19
N ARG D 476 -14.22 21.49 15.22
CA ARG D 476 -13.23 22.55 15.06
C ARG D 476 -11.90 21.98 14.70
N THR D 477 -11.22 22.58 13.72
CA THR D 477 -9.89 22.15 13.35
C THR D 477 -8.94 23.07 14.14
N PHE D 478 -7.63 22.92 14.00
CA PHE D 478 -6.70 23.78 14.74
C PHE D 478 -6.76 25.18 14.19
N ASN D 479 -6.91 25.26 12.88
CA ASN D 479 -6.98 26.54 12.17
C ASN D 479 -8.42 27.00 11.96
N GLU D 480 -9.35 26.39 12.69
CA GLU D 480 -10.75 26.73 12.52
C GLU D 480 -10.98 28.23 12.31
N PRO D 481 -11.63 28.59 11.18
CA PRO D 481 -11.90 29.97 10.87
C PRO D 481 -12.83 30.61 11.91
N PRO D 482 -12.70 31.92 12.11
CA PRO D 482 -13.55 32.62 13.07
C PRO D 482 -15.04 32.39 12.79
N PHE D 483 -15.47 32.63 11.55
CA PHE D 483 -16.87 32.46 11.18
C PHE D 483 -17.34 31.02 11.33
N ARG D 484 -18.59 30.84 11.79
CA ARG D 484 -19.16 29.52 11.97
C ARG D 484 -19.20 28.75 10.66
N LEU E 8 -30.13 -31.80 31.27
CA LEU E 8 -29.22 -31.40 32.40
C LEU E 8 -29.43 -29.92 32.78
N THR E 9 -29.36 -29.60 34.07
CA THR E 9 -29.59 -28.22 34.52
C THR E 9 -28.35 -27.42 34.92
N PRO E 10 -28.49 -26.08 35.03
CA PRO E 10 -27.40 -25.17 35.41
C PRO E 10 -26.59 -25.70 36.58
N ALA E 11 -27.18 -25.60 37.78
CA ALA E 11 -26.53 -26.04 38.99
C ALA E 11 -25.88 -27.42 38.81
N GLN E 12 -26.59 -28.34 38.15
CA GLN E 12 -26.07 -29.68 37.92
C GLN E 12 -24.81 -29.63 37.06
N ALA E 13 -24.92 -28.88 35.97
CA ALA E 13 -23.84 -28.69 35.02
C ALA E 13 -22.58 -28.19 35.72
N LEU E 14 -22.75 -27.14 36.52
CA LEU E 14 -21.63 -26.55 37.26
C LEU E 14 -20.93 -27.59 38.13
N ASP E 15 -21.71 -28.44 38.80
CA ASP E 15 -21.14 -29.46 39.66
C ASP E 15 -20.38 -30.50 38.87
N LYS E 16 -20.95 -30.92 37.74
CA LYS E 16 -20.27 -31.93 36.93
C LYS E 16 -18.97 -31.35 36.38
N LEU E 17 -19.00 -30.04 36.11
CA LEU E 17 -17.83 -29.34 35.62
C LEU E 17 -16.81 -29.34 36.73
N ASP E 18 -17.23 -28.86 37.90
CA ASP E 18 -16.36 -28.82 39.08
C ASP E 18 -15.70 -30.19 39.21
N ALA E 19 -16.55 -31.22 39.29
CA ALA E 19 -16.13 -32.60 39.43
C ALA E 19 -15.06 -33.00 38.40
N LEU E 20 -15.50 -33.12 37.15
CA LEU E 20 -14.64 -33.49 36.04
C LEU E 20 -13.29 -32.76 36.03
N TYR E 21 -13.34 -31.46 36.33
CA TYR E 21 -12.14 -30.64 36.36
C TYR E 21 -11.18 -31.08 37.45
N GLU E 22 -11.63 -30.98 38.71
CA GLU E 22 -10.82 -31.36 39.86
C GLU E 22 -10.18 -32.70 39.59
N GLN E 23 -11.02 -33.63 39.13
CA GLN E 23 -10.58 -34.98 38.82
C GLN E 23 -9.32 -34.97 37.94
N SER E 24 -9.43 -34.31 36.79
CA SER E 24 -8.33 -34.23 35.83
C SER E 24 -7.07 -33.55 36.36
N VAL E 25 -7.23 -32.40 37.00
CA VAL E 25 -6.06 -31.71 37.54
C VAL E 25 -5.37 -32.59 38.58
N VAL E 26 -6.16 -33.21 39.45
CA VAL E 26 -5.63 -34.09 40.49
C VAL E 26 -4.91 -35.27 39.83
N ALA E 27 -5.56 -35.85 38.82
CA ALA E 27 -5.01 -36.97 38.10
C ALA E 27 -3.68 -36.63 37.41
N LEU E 28 -3.56 -35.38 36.94
CA LEU E 28 -2.35 -34.94 36.26
C LEU E 28 -1.25 -34.70 37.27
N ARG E 29 -1.59 -34.04 38.36
CA ARG E 29 -0.61 -33.77 39.40
C ARG E 29 0.00 -35.10 39.83
N ASN E 30 -0.90 -36.05 40.04
CA ASN E 30 -0.50 -37.39 40.44
C ASN E 30 0.48 -37.95 39.40
N ALA E 31 0.05 -37.99 38.14
CA ALA E 31 0.90 -38.50 37.08
C ALA E 31 2.28 -37.86 37.13
N ILE E 32 2.31 -36.54 37.30
CA ILE E 32 3.57 -35.78 37.34
C ILE E 32 4.48 -36.23 38.48
N GLY E 33 3.90 -36.30 39.68
CA GLY E 33 4.67 -36.73 40.83
C GLY E 33 5.22 -38.11 40.56
N ASN E 34 4.33 -39.04 40.19
CA ASN E 34 4.69 -40.43 39.91
C ASN E 34 5.87 -40.52 38.95
N TYR E 35 5.98 -39.55 38.05
CA TYR E 35 7.08 -39.56 37.09
C TYR E 35 8.34 -39.02 37.77
N ILE E 36 8.17 -37.89 38.46
CA ILE E 36 9.29 -37.26 39.14
C ILE E 36 9.95 -38.21 40.14
N THR E 37 9.13 -38.86 40.96
CA THR E 37 9.61 -39.80 41.98
C THR E 37 10.16 -41.12 41.45
N SER E 38 9.38 -41.83 40.64
CA SER E 38 9.84 -43.13 40.12
C SER E 38 10.23 -43.14 38.64
N GLY E 39 9.70 -42.19 37.86
CA GLY E 39 10.01 -42.14 36.44
C GLY E 39 8.92 -42.88 35.67
N GLU E 40 7.78 -43.07 36.35
CA GLU E 40 6.63 -43.76 35.78
C GLU E 40 5.85 -42.88 34.81
N LEU E 41 5.36 -43.49 33.73
CA LEU E 41 4.59 -42.76 32.72
C LEU E 41 3.11 -43.13 32.80
N PRO E 42 2.23 -42.23 32.34
CA PRO E 42 0.79 -42.50 32.38
C PRO E 42 0.46 -43.50 31.28
N ASP E 43 -0.61 -44.28 31.46
CA ASP E 43 -0.99 -45.25 30.43
C ASP E 43 -1.83 -44.56 29.36
N GLU E 44 -1.31 -44.58 28.13
CA GLU E 44 -1.97 -43.94 26.99
C GLU E 44 -3.46 -44.21 26.90
N ASN E 45 -3.89 -45.35 27.42
CA ASN E 45 -5.30 -45.69 27.37
C ASN E 45 -6.17 -44.81 28.26
N ALA E 46 -5.77 -44.62 29.52
CA ALA E 46 -6.54 -43.79 30.44
C ALA E 46 -6.62 -42.35 29.95
N ARG E 47 -5.56 -41.91 29.27
CA ARG E 47 -5.51 -40.55 28.75
C ARG E 47 -6.57 -40.44 27.67
N LYS E 48 -6.53 -41.35 26.70
CA LYS E 48 -7.51 -41.35 25.61
C LYS E 48 -8.91 -41.33 26.21
N GLN E 49 -9.04 -41.96 27.37
CA GLN E 49 -10.31 -42.05 28.06
C GLN E 49 -10.73 -40.70 28.63
N GLY E 50 -9.77 -39.78 28.75
CA GLY E 50 -10.05 -38.45 29.28
C GLY E 50 -9.47 -38.23 30.66
N LEU E 51 -8.28 -38.77 30.87
CA LEU E 51 -7.60 -38.66 32.16
C LEU E 51 -7.23 -37.21 32.53
N PHE E 52 -6.52 -36.54 31.61
CA PHE E 52 -6.05 -35.17 31.81
C PHE E 52 -6.90 -34.08 31.14
N VAL E 53 -7.91 -34.50 30.40
CA VAL E 53 -8.79 -33.59 29.68
C VAL E 53 -9.58 -32.56 30.52
N TYR E 54 -9.93 -31.42 29.91
CA TYR E 54 -10.72 -30.39 30.60
C TYR E 54 -12.17 -30.79 30.40
N PRO E 55 -13.07 -30.30 31.26
CA PRO E 55 -14.48 -30.67 31.07
C PRO E 55 -14.91 -29.95 29.80
N SER E 56 -16.00 -30.38 29.21
CA SER E 56 -16.50 -29.73 28.00
C SER E 56 -17.98 -29.37 28.22
N LEU E 57 -18.31 -28.08 28.16
CA LEU E 57 -19.69 -27.64 28.36
C LEU E 57 -20.41 -27.41 27.03
N THR E 58 -21.56 -28.05 26.86
CA THR E 58 -22.30 -27.91 25.61
C THR E 58 -23.73 -27.53 25.83
N VAL E 59 -24.22 -26.59 25.04
CA VAL E 59 -25.60 -26.14 25.15
C VAL E 59 -26.20 -26.22 23.74
N THR E 60 -27.43 -26.75 23.66
CA THR E 60 -28.10 -26.91 22.38
C THR E 60 -29.47 -26.24 22.36
N TRP E 61 -29.85 -25.76 21.18
CA TRP E 61 -31.13 -25.10 21.00
C TRP E 61 -31.77 -25.61 19.72
N ASP E 62 -33.00 -26.11 19.86
CA ASP E 62 -33.77 -26.64 18.74
C ASP E 62 -34.20 -25.51 17.80
N GLY E 63 -34.04 -24.28 18.27
CA GLY E 63 -34.36 -23.13 17.45
C GLY E 63 -35.81 -22.73 17.39
N SER E 64 -36.56 -23.05 18.45
CA SER E 64 -37.97 -22.68 18.45
C SER E 64 -38.46 -22.29 19.82
N THR E 65 -38.58 -20.99 20.03
CA THR E 65 -39.08 -20.42 21.27
C THR E 65 -40.06 -19.35 20.81
N THR E 66 -41.17 -19.25 21.52
CA THR E 66 -42.21 -18.29 21.19
C THR E 66 -41.79 -16.81 21.22
N ASN E 67 -41.15 -16.38 22.30
CA ASN E 67 -40.73 -14.98 22.43
C ASN E 67 -39.23 -14.83 22.75
N PRO E 68 -38.37 -15.17 21.78
CA PRO E 68 -36.91 -15.07 21.94
C PRO E 68 -36.42 -13.65 22.22
N PRO E 69 -35.64 -13.46 23.30
CA PRO E 69 -35.14 -12.11 23.60
C PRO E 69 -34.35 -11.60 22.41
N LYS E 70 -34.75 -10.46 21.84
CA LYS E 70 -34.07 -9.91 20.68
C LYS E 70 -33.39 -8.58 20.99
N THR E 71 -33.58 -8.11 22.22
CA THR E 71 -33.02 -6.84 22.66
C THR E 71 -31.81 -7.03 23.56
N ARG E 72 -31.78 -8.13 24.30
CA ARG E 72 -30.65 -8.35 25.19
C ARG E 72 -29.35 -8.39 24.39
N ALA E 73 -28.29 -7.86 24.98
CA ALA E 73 -27.01 -7.80 24.30
C ALA E 73 -26.24 -9.13 24.34
N PHE E 74 -26.46 -9.93 25.37
CA PHE E 74 -25.76 -11.20 25.50
C PHE E 74 -26.69 -12.33 25.88
N GLY E 75 -26.16 -13.54 25.95
CA GLY E 75 -26.96 -14.70 26.30
C GLY E 75 -28.10 -14.92 25.32
N ARG E 76 -27.80 -14.80 24.03
CA ARG E 76 -28.81 -15.00 22.99
C ARG E 76 -28.37 -16.08 22.03
N PHE E 77 -29.29 -16.50 21.17
CA PHE E 77 -29.03 -17.50 20.15
C PHE E 77 -29.32 -16.90 18.77
N THR E 78 -28.32 -16.92 17.90
CA THR E 78 -28.47 -16.38 16.57
C THR E 78 -29.28 -17.36 15.74
N HIS E 79 -28.88 -18.62 15.84
CA HIS E 79 -29.51 -19.71 15.10
C HIS E 79 -29.65 -20.90 16.05
N ALA E 80 -30.18 -22.01 15.53
CA ALA E 80 -30.34 -23.22 16.32
C ALA E 80 -29.15 -24.16 16.10
N GLY E 81 -28.81 -24.93 17.12
CA GLY E 81 -27.69 -25.82 17.00
C GLY E 81 -27.01 -26.11 18.33
N SER E 82 -25.80 -26.64 18.25
CA SER E 82 -25.02 -26.97 19.43
C SER E 82 -23.83 -26.06 19.58
N TYR E 83 -23.69 -25.48 20.77
CA TYR E 83 -22.57 -24.62 21.06
C TYR E 83 -21.78 -25.25 22.21
N THR E 84 -20.50 -25.41 22.00
CA THR E 84 -19.67 -26.00 23.01
C THR E 84 -18.41 -25.18 23.26
N THR E 85 -17.62 -25.64 24.23
CA THR E 85 -16.37 -25.01 24.62
C THR E 85 -15.77 -25.80 25.76
N THR E 86 -14.46 -25.72 25.90
CA THR E 86 -13.81 -26.41 26.99
C THR E 86 -13.94 -25.45 28.17
N ILE E 87 -13.94 -25.99 29.39
CA ILE E 87 -14.05 -25.16 30.60
C ILE E 87 -12.87 -25.41 31.54
N THR E 88 -12.50 -24.38 32.30
CA THR E 88 -11.41 -24.50 33.26
C THR E 88 -11.78 -23.67 34.47
N ARG E 89 -11.12 -23.91 35.61
CA ARG E 89 -11.40 -23.17 36.84
C ARG E 89 -12.91 -22.89 37.00
N PRO E 90 -13.74 -23.95 37.03
CA PRO E 90 -15.20 -23.82 37.17
C PRO E 90 -15.58 -23.07 38.45
N THR E 91 -14.77 -23.26 39.48
CA THR E 91 -15.01 -22.60 40.74
C THR E 91 -14.92 -21.09 40.53
N LEU E 92 -13.77 -20.64 40.02
CA LEU E 92 -13.55 -19.23 39.76
C LEU E 92 -14.68 -18.62 38.92
N PHE E 93 -15.12 -19.35 37.89
CA PHE E 93 -16.16 -18.88 36.98
C PHE E 93 -17.59 -19.32 37.32
N ARG E 94 -17.76 -19.96 38.47
CA ARG E 94 -19.07 -20.43 38.92
C ARG E 94 -20.16 -19.37 38.74
N SER E 95 -19.94 -18.19 39.30
CA SER E 95 -20.90 -17.10 39.22
C SER E 95 -21.30 -16.84 37.77
N TYR E 96 -20.29 -16.48 36.97
CA TYR E 96 -20.44 -16.20 35.55
C TYR E 96 -21.12 -17.37 34.83
N LEU E 97 -20.49 -18.54 34.92
CA LEU E 97 -21.04 -19.73 34.28
C LEU E 97 -22.49 -19.98 34.61
N ASN E 98 -22.85 -19.79 35.88
CA ASN E 98 -24.23 -20.01 36.29
C ASN E 98 -25.15 -18.97 35.63
N GLU E 99 -24.84 -17.69 35.84
CA GLU E 99 -25.61 -16.58 35.28
C GLU E 99 -25.90 -16.78 33.78
N GLN E 100 -24.88 -17.22 33.04
CA GLN E 100 -25.00 -17.44 31.61
C GLN E 100 -25.84 -18.66 31.25
N LEU E 101 -25.47 -19.83 31.78
CA LEU E 101 -26.22 -21.07 31.51
C LEU E 101 -27.68 -20.91 31.83
N THR E 102 -27.94 -20.25 32.96
CA THR E 102 -29.30 -20.00 33.42
C THR E 102 -30.08 -19.28 32.34
N LEU E 103 -29.54 -18.16 31.86
CA LEU E 103 -30.20 -17.37 30.82
C LEU E 103 -30.62 -18.22 29.63
N LEU E 104 -29.70 -19.06 29.18
CA LEU E 104 -29.98 -19.91 28.03
C LEU E 104 -30.98 -21.00 28.37
N TYR E 105 -30.83 -21.54 29.58
CA TYR E 105 -31.70 -22.61 30.08
C TYR E 105 -33.14 -22.14 30.13
N GLN E 106 -33.39 -21.04 30.81
CA GLN E 106 -34.74 -20.51 30.97
C GLN E 106 -35.33 -19.84 29.74
N ASP E 107 -34.75 -18.72 29.33
CA ASP E 107 -35.26 -17.98 28.19
C ASP E 107 -35.39 -18.75 26.87
N TYR E 108 -34.50 -19.70 26.64
CA TYR E 108 -34.55 -20.48 25.40
C TYR E 108 -34.87 -21.95 25.64
N GLY E 109 -34.76 -22.40 26.89
CA GLY E 109 -35.04 -23.79 27.18
C GLY E 109 -34.00 -24.67 26.50
N ALA E 110 -32.73 -24.34 26.71
CA ALA E 110 -31.64 -25.08 26.08
C ALA E 110 -31.27 -26.36 26.80
N HIS E 111 -30.70 -27.29 26.03
CA HIS E 111 -30.27 -28.58 26.55
C HIS E 111 -28.78 -28.54 26.92
N ILE E 112 -28.51 -28.49 28.22
CA ILE E 112 -27.14 -28.45 28.71
C ILE E 112 -26.58 -29.87 28.90
N SER E 113 -25.27 -30.02 28.78
CA SER E 113 -24.61 -31.32 28.95
C SER E 113 -23.12 -31.12 29.18
N VAL E 114 -22.54 -31.89 30.10
CA VAL E 114 -21.12 -31.78 30.38
C VAL E 114 -20.46 -33.12 30.13
N GLN E 115 -19.20 -33.13 29.70
CA GLN E 115 -18.49 -34.37 29.43
C GLN E 115 -17.05 -34.13 29.03
N PRO E 116 -16.14 -35.07 29.35
CA PRO E 116 -14.73 -34.91 29.01
C PRO E 116 -14.51 -34.47 27.57
N SER E 117 -13.68 -33.45 27.40
CA SER E 117 -13.35 -32.91 26.08
C SER E 117 -12.25 -33.75 25.46
N GLN E 118 -11.62 -33.22 24.42
CA GLN E 118 -10.55 -33.95 23.76
C GLN E 118 -9.24 -33.24 24.02
N HIS E 119 -9.28 -32.24 24.89
CA HIS E 119 -8.09 -31.46 25.17
C HIS E 119 -7.56 -31.63 26.58
N GLU E 120 -6.30 -32.04 26.66
CA GLU E 120 -5.65 -32.23 27.95
C GLU E 120 -5.17 -30.89 28.50
N ILE E 121 -5.05 -30.83 29.82
CA ILE E 121 -4.58 -29.64 30.50
C ILE E 121 -3.05 -29.62 30.48
N PRO E 122 -2.44 -28.57 29.91
CA PRO E 122 -0.98 -28.51 29.88
C PRO E 122 -0.49 -28.63 31.33
N TYR E 123 0.53 -29.45 31.58
CA TYR E 123 0.98 -29.65 32.96
C TYR E 123 1.35 -28.41 33.78
N PRO E 124 1.85 -27.35 33.13
CA PRO E 124 2.20 -26.17 33.92
C PRO E 124 1.02 -25.55 34.66
N TYR E 125 -0.16 -25.65 34.06
CA TYR E 125 -1.35 -25.08 34.68
C TYR E 125 -1.86 -25.85 35.91
N VAL E 126 -1.34 -27.04 36.18
CA VAL E 126 -1.81 -27.80 37.33
C VAL E 126 -0.82 -27.78 38.48
N ILE E 127 0.42 -27.40 38.19
CA ILE E 127 1.44 -27.31 39.23
C ILE E 127 1.14 -26.05 40.06
N ASP E 128 0.29 -26.24 41.07
CA ASP E 128 -0.18 -25.19 42.00
C ASP E 128 0.95 -24.39 42.67
N GLY E 129 1.95 -25.09 43.22
CA GLY E 129 3.05 -24.43 43.90
C GLY E 129 4.10 -23.77 43.02
N SER E 130 4.35 -24.35 41.84
CA SER E 130 5.35 -23.78 40.94
C SER E 130 6.72 -23.97 41.59
N GLU E 131 6.77 -24.83 42.61
CA GLU E 131 8.01 -25.11 43.32
C GLU E 131 8.49 -26.52 43.06
N LEU E 132 9.55 -26.61 42.27
CA LEU E 132 10.17 -27.87 41.93
C LEU E 132 11.55 -27.49 41.44
N THR E 133 12.39 -28.49 41.25
CA THR E 133 13.73 -28.24 40.77
C THR E 133 14.06 -29.33 39.77
N LEU E 134 13.56 -29.21 38.54
CA LEU E 134 13.90 -30.28 37.62
C LEU E 134 15.09 -29.96 36.74
N ASP E 135 16.04 -30.89 36.71
CA ASP E 135 17.24 -30.74 35.92
C ASP E 135 16.88 -30.83 34.43
N ARG E 136 17.91 -30.83 33.58
CA ARG E 136 17.70 -30.90 32.14
C ARG E 136 16.82 -32.06 31.72
N SER E 137 17.34 -33.27 31.87
CA SER E 137 16.63 -34.49 31.50
C SER E 137 15.21 -34.55 32.07
N MSE E 138 15.07 -34.22 33.35
CA MSE E 138 13.76 -34.25 34.00
C MSE E 138 12.73 -33.40 33.26
O MSE E 138 11.58 -33.82 33.04
CB MSE E 138 13.88 -33.81 35.46
CG MSE E 138 14.17 -34.97 36.44
SE MSE E 138 12.88 -36.52 36.38
CE MSE E 138 11.40 -35.75 37.38
N SER E 139 13.15 -32.19 32.87
CA SER E 139 12.29 -31.27 32.14
C SER E 139 11.96 -31.84 30.75
N ALA E 140 13.01 -32.20 30.01
CA ALA E 140 12.85 -32.77 28.68
C ALA E 140 11.82 -33.89 28.73
N GLY E 141 11.98 -34.78 29.72
CA GLY E 141 11.06 -35.90 29.87
C GLY E 141 9.65 -35.41 30.13
N LEU E 142 9.54 -34.36 30.93
CA LEU E 142 8.23 -33.80 31.23
C LEU E 142 7.53 -33.32 29.96
N THR E 143 8.14 -32.35 29.27
CA THR E 143 7.57 -31.80 28.04
C THR E 143 7.40 -32.84 26.92
N ARG E 144 8.04 -34.00 27.07
CA ARG E 144 7.93 -35.04 26.06
C ARG E 144 6.79 -36.04 26.29
N TYR E 145 6.52 -36.40 27.55
CA TYR E 145 5.48 -37.37 27.85
C TYR E 145 4.22 -36.81 28.48
N PHE E 146 4.17 -35.50 28.63
CA PHE E 146 3.01 -34.87 29.25
C PHE E 146 2.39 -33.74 28.43
N PRO E 147 1.14 -33.38 28.77
CA PRO E 147 0.41 -32.31 28.07
C PRO E 147 1.11 -30.97 28.22
N THR E 148 1.60 -30.43 27.09
CA THR E 148 2.28 -29.15 27.08
C THR E 148 1.49 -28.14 26.24
N THR E 149 1.96 -26.90 26.24
CA THR E 149 1.30 -25.84 25.50
C THR E 149 1.64 -25.86 24.02
N GLU E 150 0.61 -26.14 23.22
CA GLU E 150 0.73 -26.19 21.77
C GLU E 150 0.07 -24.91 21.27
N LEU E 151 0.77 -24.17 20.40
CA LEU E 151 0.23 -22.92 19.86
C LEU E 151 -0.86 -23.17 18.82
N PHE E 168 -21.33 -27.55 18.13
CA PHE E 168 -20.38 -27.28 17.05
C PHE E 168 -19.84 -25.82 17.01
N SER E 169 -20.73 -24.83 17.18
CA SER E 169 -20.33 -23.40 17.21
C SER E 169 -19.79 -23.01 18.61
N PRO E 170 -18.90 -22.00 18.68
CA PRO E 170 -18.33 -21.57 19.97
C PRO E 170 -19.41 -21.10 20.98
N LEU E 171 -19.34 -21.62 22.20
CA LEU E 171 -20.30 -21.25 23.24
C LEU E 171 -19.89 -19.95 23.94
N SER E 172 -18.57 -19.80 24.14
CA SER E 172 -18.02 -18.62 24.78
C SER E 172 -16.92 -17.97 23.91
N HIS E 173 -16.37 -16.87 24.41
CA HIS E 173 -15.33 -16.13 23.69
C HIS E 173 -13.97 -16.76 23.78
N PHE E 174 -13.68 -17.44 24.88
CA PHE E 174 -12.38 -18.06 25.03
C PHE E 174 -12.55 -19.49 25.48
N ASP E 175 -11.68 -20.37 24.99
CA ASP E 175 -11.73 -21.77 25.37
C ASP E 175 -10.79 -22.02 26.56
N ALA E 176 -10.90 -23.19 27.16
CA ALA E 176 -10.10 -23.57 28.33
C ALA E 176 -8.63 -23.18 28.30
N ARG E 177 -7.90 -23.59 27.27
CA ARG E 177 -6.49 -23.27 27.19
C ARG E 177 -6.20 -21.76 27.18
N ARG E 178 -6.99 -21.03 26.38
CA ARG E 178 -6.83 -19.58 26.27
C ARG E 178 -7.01 -18.94 27.63
N VAL E 179 -8.04 -19.36 28.35
CA VAL E 179 -8.30 -18.83 29.68
C VAL E 179 -7.18 -19.15 30.68
N ASP E 180 -6.76 -20.41 30.76
CA ASP E 180 -5.68 -20.78 31.68
C ASP E 180 -4.45 -19.92 31.41
N PHE E 181 -4.11 -19.79 30.13
CA PHE E 181 -2.97 -19.00 29.67
C PHE E 181 -3.03 -17.57 30.23
N SER E 182 -4.18 -16.93 30.06
CA SER E 182 -4.36 -15.56 30.52
C SER E 182 -4.39 -15.48 32.04
N LEU E 183 -5.09 -16.41 32.68
CA LEU E 183 -5.15 -16.40 34.15
C LEU E 183 -3.75 -16.42 34.74
N ALA E 184 -2.88 -17.30 34.23
CA ALA E 184 -1.50 -17.39 34.69
C ALA E 184 -0.82 -16.03 34.62
N ARG E 185 -0.91 -15.38 33.45
CA ARG E 185 -0.32 -14.08 33.22
C ARG E 185 -0.89 -12.97 34.11
N LEU E 186 -2.22 -12.89 34.19
CA LEU E 186 -2.89 -11.87 35.01
C LEU E 186 -2.26 -11.79 36.39
N ARG E 187 -2.00 -12.97 36.97
CA ARG E 187 -1.38 -13.07 38.29
C ARG E 187 0.02 -12.47 38.24
N HIS E 188 0.88 -13.02 37.39
CA HIS E 188 2.24 -12.54 37.23
C HIS E 188 2.33 -11.02 36.99
N TYR E 189 1.65 -10.51 35.97
CA TYR E 189 1.72 -9.08 35.68
C TYR E 189 1.11 -8.24 36.77
N THR E 190 -0.06 -8.63 37.22
CA THR E 190 -0.79 -7.90 38.24
C THR E 190 -0.30 -7.98 39.68
N GLY E 191 0.27 -9.13 40.06
CA GLY E 191 0.74 -9.32 41.42
C GLY E 191 -0.47 -9.51 42.32
N THR E 192 -1.53 -10.07 41.75
CA THR E 192 -2.78 -10.29 42.45
C THR E 192 -3.45 -11.62 42.07
N PRO E 193 -4.31 -12.17 42.95
CA PRO E 193 -5.03 -13.42 42.72
C PRO E 193 -6.22 -13.14 41.81
N VAL E 194 -6.37 -13.92 40.75
CA VAL E 194 -7.46 -13.71 39.80
C VAL E 194 -8.86 -13.68 40.41
N GLU E 195 -8.99 -14.24 41.61
CA GLU E 195 -10.31 -14.28 42.28
C GLU E 195 -10.71 -12.95 42.89
N HIS E 196 -9.76 -12.03 42.97
CA HIS E 196 -10.00 -10.71 43.55
C HIS E 196 -10.47 -9.63 42.59
N PHE E 197 -10.26 -9.87 41.29
CA PHE E 197 -10.66 -8.91 40.27
C PHE E 197 -12.16 -8.62 40.28
N GLN E 198 -12.50 -7.34 40.19
CA GLN E 198 -13.90 -6.91 40.20
C GLN E 198 -14.38 -6.66 38.78
N PRO E 199 -15.71 -6.63 38.57
CA PRO E 199 -16.36 -6.41 37.28
C PRO E 199 -16.11 -5.05 36.67
N PHE E 200 -15.83 -4.05 37.52
CA PHE E 200 -15.59 -2.70 37.01
C PHE E 200 -14.11 -2.33 37.13
N VAL E 201 -13.48 -2.11 35.98
CA VAL E 201 -12.07 -1.82 35.92
C VAL E 201 -11.66 -0.39 35.58
N LEU E 202 -10.53 0.03 36.14
CA LEU E 202 -10.00 1.35 35.91
C LEU E 202 -8.53 1.19 35.54
N PHE E 203 -8.15 1.79 34.41
CA PHE E 203 -6.77 1.75 33.95
C PHE E 203 -6.12 3.14 34.11
N THR E 204 -4.94 3.17 34.75
CA THR E 204 -4.21 4.41 34.97
C THR E 204 -2.75 4.31 34.51
N ASN E 205 -2.23 5.42 34.00
CA ASN E 205 -0.86 5.46 33.50
C ASN E 205 0.06 6.26 34.40
N TYR E 206 -0.44 6.63 35.58
CA TYR E 206 0.37 7.41 36.51
C TYR E 206 0.27 6.82 37.89
N THR E 207 1.43 6.60 38.50
CA THR E 207 1.55 6.01 39.82
C THR E 207 0.72 6.71 40.89
N ARG E 208 0.72 8.03 40.88
CA ARG E 208 -0.03 8.80 41.84
C ARG E 208 -1.53 8.49 41.88
N TYR E 209 -2.04 7.76 40.90
CA TYR E 209 -3.46 7.43 40.85
C TYR E 209 -3.74 6.28 41.80
N VAL E 210 -2.79 5.35 41.92
CA VAL E 210 -2.99 4.23 42.82
C VAL E 210 -2.97 4.77 44.24
N ASP E 211 -2.01 5.64 44.51
CA ASP E 211 -1.87 6.24 45.83
C ASP E 211 -3.22 6.76 46.26
N GLU E 212 -3.78 7.64 45.44
CA GLU E 212 -5.07 8.24 45.73
C GLU E 212 -6.18 7.21 45.82
N PHE E 213 -6.03 6.12 45.05
CA PHE E 213 -7.02 5.06 45.04
C PHE E 213 -6.95 4.29 46.36
N VAL E 214 -5.74 3.86 46.73
CA VAL E 214 -5.53 3.12 47.97
C VAL E 214 -6.10 3.92 49.14
N ARG E 215 -5.66 5.18 49.24
CA ARG E 215 -6.11 6.06 50.29
C ARG E 215 -7.64 6.10 50.38
N TRP E 216 -8.28 6.43 49.27
CA TRP E 216 -9.75 6.49 49.22
C TRP E 216 -10.35 5.11 49.56
N GLY E 217 -9.62 4.06 49.20
CA GLY E 217 -10.06 2.70 49.45
C GLY E 217 -10.10 2.37 50.92
N CYS E 218 -8.96 2.48 51.60
CA CYS E 218 -8.89 2.22 53.03
C CYS E 218 -10.00 2.98 53.74
N SER E 219 -10.12 4.26 53.40
CA SER E 219 -11.15 5.11 53.95
C SER E 219 -12.53 4.45 53.79
N GLN E 220 -12.81 3.96 52.59
CA GLN E 220 -14.10 3.31 52.33
C GLN E 220 -14.35 2.07 53.17
N ILE E 221 -13.29 1.31 53.44
CA ILE E 221 -13.42 0.11 54.24
C ILE E 221 -13.87 0.48 55.65
N LEU E 222 -13.16 1.43 56.26
CA LEU E 222 -13.45 1.91 57.61
C LEU E 222 -14.86 2.47 57.74
N ASP E 223 -15.37 3.09 56.68
CA ASP E 223 -16.73 3.60 56.73
C ASP E 223 -17.67 2.39 56.67
N PRO E 224 -18.43 2.15 57.75
CA PRO E 224 -19.38 1.04 57.85
C PRO E 224 -20.64 1.19 57.00
N ASP E 225 -20.53 1.94 55.92
CA ASP E 225 -21.66 2.15 55.01
C ASP E 225 -21.20 1.83 53.59
N SER E 226 -19.89 1.97 53.39
CA SER E 226 -19.28 1.72 52.10
C SER E 226 -19.19 0.21 51.90
N PRO E 227 -19.89 -0.31 50.89
CA PRO E 227 -19.89 -1.75 50.60
C PRO E 227 -18.49 -2.33 50.49
N TYR E 228 -17.51 -1.48 50.24
CA TYR E 228 -16.15 -1.95 50.11
C TYR E 228 -15.66 -2.48 51.45
N ILE E 229 -15.42 -3.79 51.52
CA ILE E 229 -15.00 -4.45 52.74
C ILE E 229 -13.57 -5.01 52.72
N ALA E 230 -12.85 -4.86 51.62
CA ALA E 230 -11.50 -5.39 51.56
C ALA E 230 -10.68 -4.73 50.46
N LEU E 231 -9.38 -4.97 50.46
CA LEU E 231 -8.50 -4.37 49.47
C LEU E 231 -7.30 -5.23 49.12
N SER E 232 -7.43 -6.03 48.06
CA SER E 232 -6.30 -6.86 47.64
C SER E 232 -5.27 -5.92 47.03
N CYS E 233 -4.00 -6.14 47.39
CA CYS E 233 -2.94 -5.27 46.90
C CYS E 233 -1.87 -5.98 46.11
N ALA E 234 -1.38 -5.31 45.08
CA ALA E 234 -0.33 -5.88 44.25
C ALA E 234 0.81 -6.19 45.17
N GLY E 235 1.18 -7.47 45.25
CA GLY E 235 2.24 -7.87 46.13
C GLY E 235 1.79 -8.95 47.11
N GLY E 236 0.55 -8.83 47.60
CA GLY E 236 0.05 -9.82 48.52
C GLY E 236 -0.83 -9.25 49.62
N ASN E 237 -0.41 -8.12 50.18
CA ASN E 237 -1.16 -7.49 51.26
C ASN E 237 -2.68 -7.49 51.08
N TRP E 238 -3.35 -8.06 52.06
CA TRP E 238 -4.81 -8.11 52.05
C TRP E 238 -5.24 -7.17 53.17
N ILE E 239 -6.04 -6.16 52.85
CA ILE E 239 -6.45 -5.23 53.87
C ILE E 239 -7.94 -5.23 54.13
N THR E 240 -8.30 -5.40 55.40
CA THR E 240 -9.71 -5.41 55.82
C THR E 240 -9.91 -4.40 56.94
N ALA E 241 -11.18 -4.20 57.31
CA ALA E 241 -11.52 -3.26 58.37
C ALA E 241 -10.54 -3.35 59.55
N GLU E 242 -10.19 -4.56 59.96
CA GLU E 242 -9.26 -4.74 61.08
C GLU E 242 -7.86 -5.15 60.65
N THR E 243 -7.07 -4.17 60.25
CA THR E 243 -5.70 -4.42 59.82
C THR E 243 -4.77 -3.41 60.48
N GLU E 244 -4.02 -3.89 61.47
CA GLU E 244 -3.08 -3.08 62.24
C GLU E 244 -2.61 -1.80 61.53
N ALA E 245 -1.57 -1.89 60.72
CA ALA E 245 -1.07 -0.71 60.02
C ALA E 245 -1.32 -0.78 58.51
N PRO E 246 -2.41 -0.15 58.02
CA PRO E 246 -2.71 -0.17 56.59
C PRO E 246 -1.71 0.68 55.79
N GLU E 247 -0.43 0.41 55.98
CA GLU E 247 0.65 1.14 55.30
C GLU E 247 1.26 0.37 54.12
N GLU E 248 1.60 -0.89 54.34
CA GLU E 248 2.22 -1.75 53.33
C GLU E 248 1.31 -1.94 52.12
N ALA E 249 0.17 -1.26 52.12
CA ALA E 249 -0.79 -1.32 51.04
C ALA E 249 -0.08 -1.06 49.70
N ILE E 250 0.84 -0.10 49.70
CA ILE E 250 1.60 0.24 48.48
C ILE E 250 3.08 -0.13 48.62
N SER E 251 3.33 -1.40 48.93
CA SER E 251 4.69 -1.93 49.09
C SER E 251 5.51 -1.64 47.83
N ASP E 252 6.35 -0.60 47.89
CA ASP E 252 7.18 -0.20 46.75
C ASP E 252 7.77 -1.33 45.93
N LEU E 253 8.03 -2.47 46.57
CA LEU E 253 8.60 -3.62 45.89
C LEU E 253 7.70 -4.11 44.75
N ALA E 254 6.42 -3.75 44.80
CA ALA E 254 5.47 -4.14 43.76
C ALA E 254 5.93 -3.71 42.38
N TRP E 255 6.24 -2.43 42.24
CA TRP E 255 6.67 -1.87 40.96
C TRP E 255 7.98 -2.42 40.39
N LYS E 256 8.59 -3.39 41.07
CA LYS E 256 9.82 -3.97 40.57
C LYS E 256 9.53 -5.42 40.14
N LYS E 257 8.52 -6.01 40.76
CA LYS E 257 8.13 -7.39 40.49
C LYS E 257 6.92 -7.52 39.57
N HIS E 258 6.15 -6.44 39.43
CA HIS E 258 4.97 -6.48 38.59
C HIS E 258 4.86 -5.31 37.64
N GLN E 259 4.93 -5.61 36.34
CA GLN E 259 4.86 -4.60 35.30
C GLN E 259 3.53 -3.84 35.25
N MSE E 260 2.50 -4.38 35.90
CA MSE E 260 1.20 -3.72 35.91
C MSE E 260 0.43 -4.10 37.14
O MSE E 260 -0.49 -4.91 37.08
CB MSE E 260 0.40 -4.10 34.68
CG MSE E 260 0.96 -3.51 33.40
SE MSE E 260 0.52 -4.58 31.82
CE MSE E 260 1.92 -6.03 32.01
N PRO E 261 0.80 -3.52 38.28
CA PRO E 261 0.20 -3.74 39.58
C PRO E 261 -1.28 -3.45 39.61
N ALA E 262 -2.03 -4.26 40.34
CA ALA E 262 -3.45 -4.06 40.44
C ALA E 262 -3.86 -3.88 41.90
N TRP E 263 -5.02 -3.26 42.09
CA TRP E 263 -5.56 -3.04 43.41
C TRP E 263 -7.06 -3.28 43.34
N HIS E 264 -7.57 -4.15 44.21
CA HIS E 264 -8.98 -4.48 44.16
C HIS E 264 -9.78 -4.09 45.41
N LEU E 265 -10.70 -3.16 45.25
CA LEU E 265 -11.55 -2.75 46.36
C LEU E 265 -12.74 -3.69 46.29
N ILE E 266 -12.63 -4.81 47.00
CA ILE E 266 -13.63 -5.86 47.02
C ILE E 266 -14.87 -5.60 47.85
N THR E 267 -16.00 -6.17 47.43
CA THR E 267 -17.24 -6.03 48.19
C THR E 267 -17.83 -7.44 48.36
N ALA E 268 -18.85 -7.54 49.21
CA ALA E 268 -19.50 -8.81 49.50
C ALA E 268 -19.89 -9.54 48.23
N ASP E 269 -20.74 -8.90 47.43
CA ASP E 269 -21.24 -9.45 46.17
C ASP E 269 -20.27 -9.37 44.99
N GLY E 270 -19.03 -8.95 45.24
CA GLY E 270 -18.03 -8.86 44.18
C GLY E 270 -18.30 -7.82 43.11
N GLN E 271 -18.91 -6.71 43.47
CA GLN E 271 -19.21 -5.63 42.53
C GLN E 271 -18.32 -4.44 42.85
N GLY E 272 -17.09 -4.75 43.27
CA GLY E 272 -16.15 -3.72 43.62
C GLY E 272 -15.56 -2.98 42.45
N ILE E 273 -14.33 -2.52 42.64
CA ILE E 273 -13.62 -1.78 41.62
C ILE E 273 -12.19 -2.25 41.57
N THR E 274 -11.74 -2.65 40.38
CA THR E 274 -10.35 -3.07 40.26
C THR E 274 -9.60 -1.97 39.52
N LEU E 275 -8.40 -1.67 40.00
CA LEU E 275 -7.60 -0.64 39.36
C LEU E 275 -6.27 -1.18 38.95
N VAL E 276 -5.95 -1.03 37.67
CA VAL E 276 -4.67 -1.51 37.18
C VAL E 276 -3.86 -0.35 36.65
N ASN E 277 -2.60 -0.29 37.05
CA ASN E 277 -1.73 0.76 36.58
C ASN E 277 -0.94 0.13 35.46
N ILE E 278 -1.46 0.30 34.24
CA ILE E 278 -0.88 -0.27 33.05
C ILE E 278 0.47 0.35 32.68
N GLY E 279 0.79 1.47 33.30
CA GLY E 279 2.06 2.10 32.97
C GLY E 279 1.95 2.72 31.60
N VAL E 280 3.08 2.94 30.93
CA VAL E 280 3.03 3.58 29.61
C VAL E 280 3.53 2.72 28.43
N GLY E 281 2.81 2.87 27.31
CA GLY E 281 3.14 2.13 26.10
C GLY E 281 1.91 1.36 25.62
N PRO E 282 1.60 1.38 24.30
CA PRO E 282 0.43 0.64 23.80
C PRO E 282 0.69 -0.86 23.94
N SER E 283 1.97 -1.21 23.88
CA SER E 283 2.39 -2.59 23.99
C SER E 283 1.81 -3.16 25.28
N ASN E 284 1.90 -2.38 26.35
CA ASN E 284 1.39 -2.79 27.65
C ASN E 284 -0.11 -2.88 27.71
N ALA E 285 -0.79 -1.83 27.24
CA ALA E 285 -2.25 -1.82 27.27
C ALA E 285 -2.83 -3.02 26.52
N LYS E 286 -2.22 -3.40 25.40
CA LYS E 286 -2.73 -4.54 24.68
C LYS E 286 -2.56 -5.77 25.54
N THR E 287 -1.33 -5.98 26.00
CA THR E 287 -1.03 -7.15 26.82
C THR E 287 -2.00 -7.33 27.98
N ILE E 288 -2.20 -6.29 28.78
CA ILE E 288 -3.09 -6.42 29.92
C ILE E 288 -4.54 -6.78 29.55
N CYS E 289 -5.08 -6.16 28.51
CA CYS E 289 -6.46 -6.45 28.11
C CYS E 289 -6.62 -7.86 27.54
N ASP E 290 -5.59 -8.34 26.86
CA ASP E 290 -5.62 -9.66 26.28
C ASP E 290 -6.02 -10.65 27.37
N HIS E 291 -5.47 -10.46 28.56
CA HIS E 291 -5.74 -11.36 29.67
C HIS E 291 -6.95 -10.99 30.49
N LEU E 292 -7.00 -9.76 30.94
CA LEU E 292 -8.12 -9.34 31.75
C LEU E 292 -9.47 -9.64 31.07
N ALA E 293 -9.43 -9.82 29.76
CA ALA E 293 -10.65 -10.08 29.00
C ALA E 293 -11.33 -11.40 29.31
N VAL E 294 -10.53 -12.42 29.64
CA VAL E 294 -11.07 -13.73 29.94
C VAL E 294 -11.94 -13.71 31.20
N LEU E 295 -11.77 -12.68 32.03
CA LEU E 295 -12.56 -12.59 33.25
C LEU E 295 -13.90 -11.93 32.95
N ARG E 296 -14.13 -11.66 31.68
CA ARG E 296 -15.39 -11.05 31.22
C ARG E 296 -15.87 -9.88 32.06
N PRO E 297 -15.06 -8.81 32.14
CA PRO E 297 -15.41 -7.61 32.92
C PRO E 297 -16.69 -6.96 32.42
N ASP E 298 -17.22 -6.02 33.17
CA ASP E 298 -18.43 -5.36 32.72
C ASP E 298 -18.12 -4.04 32.04
N VAL E 299 -16.91 -3.54 32.28
CA VAL E 299 -16.48 -2.28 31.69
C VAL E 299 -15.12 -1.87 32.23
N TRP E 300 -14.27 -1.36 31.36
CA TRP E 300 -13.00 -0.86 31.82
C TRP E 300 -12.84 0.56 31.27
N LEU E 301 -12.32 1.45 32.12
CA LEU E 301 -12.15 2.85 31.79
C LEU E 301 -10.71 3.29 31.85
N MSE E 302 -10.32 4.11 30.87
CA MSE E 302 -8.96 4.66 30.80
C MSE E 302 -8.92 6.00 31.54
O MSE E 302 -9.44 7.02 31.04
CB MSE E 302 -8.57 4.92 29.35
CG MSE E 302 -7.16 5.47 29.19
SE MSE E 302 -5.82 4.15 29.88
CE MSE E 302 -4.71 5.40 31.06
N ILE E 303 -8.35 6.00 32.74
CA ILE E 303 -8.26 7.21 33.53
C ILE E 303 -6.80 7.55 33.66
N GLY E 304 -6.32 8.42 32.78
CA GLY E 304 -4.93 8.78 32.81
C GLY E 304 -4.68 10.18 32.31
N HIS E 305 -3.40 10.52 32.20
CA HIS E 305 -3.02 11.85 31.74
C HIS E 305 -2.87 11.88 30.24
N CYS E 306 -2.77 13.07 29.70
CA CYS E 306 -2.63 13.26 28.27
C CYS E 306 -2.08 14.64 27.99
N GLY E 307 -1.78 14.90 26.72
CA GLY E 307 -1.29 16.20 26.32
C GLY E 307 -2.43 16.93 25.64
N GLY E 308 -2.61 18.19 25.99
CA GLY E 308 -3.65 19.00 25.37
C GLY E 308 -3.09 19.58 24.09
N LEU E 309 -3.83 19.40 23.01
CA LEU E 309 -3.36 19.89 21.72
C LEU E 309 -3.98 21.21 21.36
N ARG E 310 -5.09 21.54 22.02
CA ARG E 310 -5.76 22.80 21.72
C ARG E 310 -5.34 23.94 22.64
N GLU E 311 -5.08 25.09 22.02
CA GLU E 311 -4.68 26.29 22.73
C GLU E 311 -5.66 26.61 23.87
N SER E 312 -6.96 26.50 23.62
CA SER E 312 -7.96 26.81 24.63
C SER E 312 -7.97 25.86 25.84
N GLN E 313 -7.15 24.81 25.81
CA GLN E 313 -7.10 23.85 26.90
C GLN E 313 -6.14 24.28 28.00
N ALA E 314 -6.52 24.02 29.25
CA ALA E 314 -5.69 24.37 30.40
C ALA E 314 -5.32 23.12 31.18
N ILE E 315 -4.07 23.06 31.62
CA ILE E 315 -3.63 21.89 32.38
C ILE E 315 -4.63 21.64 33.50
N GLY E 316 -5.06 20.39 33.62
CA GLY E 316 -6.02 20.04 34.65
C GLY E 316 -7.40 19.83 34.08
N ASP E 317 -7.57 20.24 32.81
CA ASP E 317 -8.85 20.08 32.12
C ASP E 317 -9.06 18.61 31.78
N TYR E 318 -10.30 18.26 31.45
CA TYR E 318 -10.61 16.88 31.12
C TYR E 318 -10.91 16.70 29.63
N VAL E 319 -10.74 15.47 29.16
CA VAL E 319 -10.98 15.15 27.76
C VAL E 319 -11.78 13.85 27.73
N LEU E 320 -12.96 13.93 27.13
CA LEU E 320 -13.80 12.75 26.98
C LEU E 320 -13.60 12.31 25.54
N ALA E 321 -12.83 11.25 25.32
CA ALA E 321 -12.59 10.77 23.98
C ALA E 321 -13.92 10.27 23.39
N HIS E 322 -14.20 10.70 22.16
CA HIS E 322 -15.42 10.27 21.46
C HIS E 322 -15.02 9.60 20.14
N ALA E 323 -13.71 9.40 19.97
CA ALA E 323 -13.14 8.78 18.77
C ALA E 323 -11.61 8.69 18.96
N TYR E 324 -10.92 7.86 18.18
CA TYR E 324 -9.47 7.76 18.34
C TYR E 324 -8.71 7.71 17.01
N LEU E 325 -7.56 8.35 16.96
CA LEU E 325 -6.71 8.29 15.78
C LEU E 325 -5.73 7.25 16.24
N ARG E 326 -5.82 6.05 15.69
CA ARG E 326 -4.96 4.94 16.11
C ARG E 326 -3.54 4.89 15.61
N ASP E 327 -2.67 5.68 16.22
CA ASP E 327 -1.26 5.65 15.84
C ASP E 327 -0.49 4.74 16.81
N ASP E 328 -1.18 3.75 17.38
CA ASP E 328 -0.58 2.84 18.34
C ASP E 328 0.11 1.65 17.70
N HIS E 329 -0.24 1.35 16.44
CA HIS E 329 0.33 0.23 15.65
C HIS E 329 0.15 -1.20 16.17
N VAL E 330 0.23 -1.36 17.48
CA VAL E 330 0.14 -2.66 18.10
C VAL E 330 -1.10 -3.51 17.75
N LEU E 331 -2.20 -2.91 17.32
CA LEU E 331 -3.37 -3.72 16.99
C LEU E 331 -3.77 -3.70 15.51
N ASP E 332 -2.96 -3.02 14.69
CA ASP E 332 -3.22 -2.91 13.26
C ASP E 332 -3.48 -4.23 12.55
N ALA E 333 -2.68 -5.25 12.88
CA ALA E 333 -2.83 -6.56 12.25
C ALA E 333 -4.21 -7.17 12.47
N VAL E 334 -4.58 -7.35 13.74
CA VAL E 334 -5.87 -7.96 14.09
C VAL E 334 -7.09 -7.06 13.91
N LEU E 335 -6.88 -5.75 13.80
CA LEU E 335 -8.00 -4.83 13.64
C LEU E 335 -7.52 -3.63 12.82
N PRO E 336 -7.61 -3.74 11.49
CA PRO E 336 -7.19 -2.70 10.54
C PRO E 336 -7.65 -1.30 10.95
N PRO E 337 -6.76 -0.30 10.84
CA PRO E 337 -7.06 1.08 11.19
C PRO E 337 -8.30 1.67 10.57
N ASP E 338 -8.80 1.09 9.48
CA ASP E 338 -10.01 1.65 8.87
C ASP E 338 -11.28 1.05 9.47
N ILE E 339 -11.13 0.15 10.43
CA ILE E 339 -12.29 -0.41 11.07
C ILE E 339 -12.74 0.62 12.11
N PRO E 340 -14.01 1.04 12.09
CA PRO E 340 -14.46 2.03 13.07
C PRO E 340 -14.67 1.55 14.52
N ILE E 341 -14.02 2.21 15.46
CA ILE E 341 -14.17 1.93 16.87
C ILE E 341 -15.05 3.06 17.40
N PRO E 342 -16.32 2.76 17.70
CA PRO E 342 -17.26 3.76 18.20
C PRO E 342 -17.18 4.05 19.72
N SER E 343 -18.02 4.97 20.17
CA SER E 343 -18.10 5.33 21.58
C SER E 343 -19.27 4.53 22.09
N ILE E 344 -19.23 4.13 23.36
CA ILE E 344 -20.36 3.40 23.89
C ILE E 344 -21.20 4.42 24.65
N ALA E 345 -22.29 4.85 24.01
CA ALA E 345 -23.20 5.83 24.56
C ALA E 345 -23.39 5.68 26.06
N GLU E 346 -23.71 4.48 26.52
CA GLU E 346 -23.91 4.26 27.94
C GLU E 346 -22.71 4.72 28.74
N VAL E 347 -21.52 4.29 28.32
CA VAL E 347 -20.32 4.67 29.02
C VAL E 347 -20.03 6.16 28.89
N GLN E 348 -20.36 6.73 27.75
CA GLN E 348 -20.11 8.13 27.54
C GLN E 348 -20.94 8.98 28.50
N ARG E 349 -22.23 8.69 28.64
CA ARG E 349 -23.08 9.45 29.56
C ARG E 349 -22.53 9.34 30.98
N ALA E 350 -22.18 8.13 31.39
CA ALA E 350 -21.63 7.94 32.71
C ALA E 350 -20.42 8.85 32.89
N LEU E 351 -19.44 8.74 32.00
CA LEU E 351 -18.26 9.59 32.12
C LEU E 351 -18.64 11.07 32.14
N TYR E 352 -19.56 11.45 31.28
CA TYR E 352 -19.99 12.86 31.19
C TYR E 352 -20.60 13.32 32.51
N ASP E 353 -21.71 12.68 32.91
CA ASP E 353 -22.39 13.02 34.15
C ASP E 353 -21.47 12.98 35.35
N ALA E 354 -20.59 11.99 35.39
CA ALA E 354 -19.64 11.86 36.49
C ALA E 354 -18.81 13.13 36.56
N THR E 355 -18.45 13.69 35.41
CA THR E 355 -17.65 14.91 35.43
C THR E 355 -18.51 16.08 35.87
N LYS E 356 -19.79 16.04 35.52
CA LYS E 356 -20.71 17.10 35.90
C LYS E 356 -20.83 17.17 37.42
N LEU E 357 -21.05 16.00 38.03
CA LEU E 357 -21.21 15.87 39.47
C LEU E 357 -19.93 16.12 40.26
N VAL E 358 -18.90 15.33 39.98
CA VAL E 358 -17.64 15.46 40.69
C VAL E 358 -16.94 16.82 40.58
N SER E 359 -16.98 17.46 39.42
CA SER E 359 -16.33 18.77 39.25
C SER E 359 -17.32 19.82 39.69
N GLY E 360 -18.49 19.33 40.09
CA GLY E 360 -19.56 20.20 40.50
C GLY E 360 -19.92 21.10 39.36
N ARG E 361 -21.00 21.84 39.55
CA ARG E 361 -21.47 22.78 38.52
C ARG E 361 -21.78 22.10 37.17
N PRO E 362 -22.96 21.47 37.08
CA PRO E 362 -23.47 20.76 35.90
C PRO E 362 -23.97 21.74 34.83
N GLY E 363 -24.57 21.20 33.77
CA GLY E 363 -25.09 22.03 32.70
C GLY E 363 -24.08 22.28 31.59
N GLU E 364 -24.23 23.41 30.90
CA GLU E 364 -23.33 23.78 29.80
C GLU E 364 -21.99 24.29 30.34
N GLU E 365 -21.88 24.33 31.67
CA GLU E 365 -20.68 24.81 32.34
C GLU E 365 -19.52 23.83 32.28
N VAL E 366 -19.83 22.54 32.41
CA VAL E 366 -18.79 21.52 32.36
C VAL E 366 -17.88 21.73 31.17
N LYS E 367 -18.43 22.25 30.08
CA LYS E 367 -17.65 22.46 28.88
C LYS E 367 -16.43 23.37 29.07
N GLN E 368 -16.36 24.07 30.19
CA GLN E 368 -15.22 24.93 30.45
C GLN E 368 -14.08 24.13 31.05
N ARG E 369 -14.41 22.93 31.50
CA ARG E 369 -13.43 22.06 32.12
C ARG E 369 -13.29 20.75 31.36
N LEU E 370 -14.33 20.42 30.60
CA LEU E 370 -14.36 19.18 29.83
C LEU E 370 -14.54 19.37 28.32
N ARG E 371 -13.64 18.77 27.55
CA ARG E 371 -13.70 18.85 26.10
C ARG E 371 -13.93 17.44 25.55
N THR E 372 -14.98 17.28 24.77
CA THR E 372 -15.27 15.98 24.18
C THR E 372 -14.68 16.01 22.77
N GLY E 373 -13.80 15.06 22.45
CA GLY E 373 -13.22 15.09 21.13
C GLY E 373 -12.42 13.87 20.78
N THR E 374 -11.72 13.93 19.66
CA THR E 374 -10.90 12.81 19.20
C THR E 374 -9.53 12.75 19.88
N VAL E 375 -9.15 11.58 20.34
CA VAL E 375 -7.86 11.43 21.01
C VAL E 375 -6.92 10.62 20.14
N VAL E 376 -5.66 11.05 20.08
CA VAL E 376 -4.65 10.34 19.31
C VAL E 376 -3.87 9.52 20.29
N THR E 377 -3.68 8.24 19.99
CA THR E 377 -2.88 7.37 20.86
C THR E 377 -1.67 7.01 20.00
N THR E 378 -0.46 7.11 20.57
CA THR E 378 0.75 6.81 19.82
C THR E 378 1.75 5.96 20.58
N ASP E 379 2.60 5.26 19.85
CA ASP E 379 3.61 4.44 20.49
C ASP E 379 4.95 5.17 20.51
N ASP E 380 4.96 6.36 19.93
CA ASP E 380 6.17 7.16 19.89
C ASP E 380 6.02 8.29 20.90
N ARG E 381 6.62 8.12 22.07
CA ARG E 381 6.52 9.13 23.11
C ARG E 381 7.18 10.47 22.74
N ASN E 382 8.29 10.45 22.02
CA ASN E 382 8.92 11.70 21.60
C ASN E 382 8.36 12.10 20.24
N TRP E 383 7.03 12.07 20.12
CA TRP E 383 6.40 12.43 18.87
C TRP E 383 6.61 13.89 18.55
N GLU E 384 6.82 14.71 19.57
CA GLU E 384 7.03 16.14 19.36
C GLU E 384 8.21 16.34 18.43
N LEU E 385 9.19 15.45 18.50
CA LEU E 385 10.36 15.58 17.65
C LEU E 385 10.00 15.47 16.17
N ARG E 386 8.75 15.15 15.87
CA ARG E 386 8.29 15.02 14.49
C ARG E 386 6.97 15.72 14.25
N TYR E 387 6.62 16.68 15.08
CA TYR E 387 5.34 17.37 14.94
C TYR E 387 4.90 17.60 13.51
N SER E 388 5.69 18.37 12.77
CA SER E 388 5.35 18.67 11.39
C SER E 388 4.72 17.50 10.62
N ALA E 389 5.32 16.31 10.72
CA ALA E 389 4.80 15.14 10.01
C ALA E 389 3.44 14.73 10.51
N SER E 390 3.22 14.84 11.81
CA SER E 390 1.96 14.45 12.42
C SER E 390 0.85 15.46 12.19
N ALA E 391 1.20 16.73 12.34
CA ALA E 391 0.28 17.85 12.18
C ALA E 391 -0.86 17.67 11.18
N LEU E 392 -0.58 17.15 9.99
CA LEU E 392 -1.66 16.98 9.02
C LEU E 392 -2.74 16.06 9.52
N ARG E 393 -2.35 14.87 9.95
CA ARG E 393 -3.33 13.91 10.45
C ARG E 393 -3.98 14.43 11.72
N PHE E 394 -3.20 15.10 12.56
CA PHE E 394 -3.75 15.65 13.79
C PHE E 394 -4.91 16.57 13.43
N ASN E 395 -4.67 17.48 12.49
CA ASN E 395 -5.70 18.41 12.07
C ASN E 395 -6.84 17.68 11.40
N LEU E 396 -6.50 16.82 10.46
CA LEU E 396 -7.46 16.04 9.71
C LEU E 396 -8.45 15.31 10.62
N SER E 397 -7.95 14.80 11.73
CA SER E 397 -8.79 14.06 12.66
C SER E 397 -9.41 14.90 13.76
N ARG E 398 -9.13 16.20 13.74
CA ARG E 398 -9.65 17.15 14.73
C ARG E 398 -9.22 16.65 16.09
N ALA E 399 -7.97 16.20 16.17
CA ALA E 399 -7.41 15.68 17.41
C ALA E 399 -7.51 16.75 18.49
N VAL E 400 -7.74 16.34 19.72
CA VAL E 400 -7.89 17.29 20.79
C VAL E 400 -6.90 17.03 21.94
N ALA E 401 -6.38 15.81 21.99
CA ALA E 401 -5.42 15.42 23.01
C ALA E 401 -4.63 14.23 22.49
N ILE E 402 -3.52 13.90 23.13
CA ILE E 402 -2.71 12.75 22.70
C ILE E 402 -2.19 11.93 23.91
N ASP E 403 -2.18 10.61 23.81
CA ASP E 403 -1.73 9.77 24.90
C ASP E 403 -1.15 8.49 24.33
N MSE E 404 -0.95 7.48 25.17
CA MSE E 404 -0.36 6.22 24.72
C MSE E 404 -1.04 4.90 25.12
O MSE E 404 -0.41 3.86 25.10
CB MSE E 404 1.11 6.17 25.14
CG MSE E 404 1.89 7.39 24.68
SE MSE E 404 3.89 7.23 25.00
CE MSE E 404 4.37 5.77 23.66
N GLU E 405 -2.33 4.96 25.46
CA GLU E 405 -3.04 3.74 25.85
C GLU E 405 -4.52 3.75 25.43
N SER E 406 -5.16 4.92 25.49
CA SER E 406 -6.58 5.04 25.15
C SER E 406 -7.08 4.15 24.05
N ALA E 407 -6.69 4.50 22.83
CA ALA E 407 -7.10 3.76 21.65
C ALA E 407 -6.84 2.28 21.77
N THR E 408 -5.77 1.91 22.45
CA THR E 408 -5.44 0.50 22.61
C THR E 408 -6.47 -0.18 23.53
N ILE E 409 -6.79 0.50 24.63
CA ILE E 409 -7.76 0.00 25.60
C ILE E 409 -9.14 -0.10 24.96
N ALA E 410 -9.54 0.99 24.32
CA ALA E 410 -10.84 1.04 23.67
C ALA E 410 -10.91 -0.09 22.62
N ALA E 411 -9.90 -0.16 21.76
CA ALA E 411 -9.84 -1.17 20.72
C ALA E 411 -10.02 -2.55 21.31
N GLN E 412 -9.25 -2.85 22.36
CA GLN E 412 -9.34 -4.15 23.00
C GLN E 412 -10.76 -4.37 23.55
N GLY E 413 -11.32 -3.36 24.18
CA GLY E 413 -12.67 -3.49 24.69
C GLY E 413 -13.56 -3.89 23.53
N TYR E 414 -13.45 -3.12 22.44
CA TYR E 414 -14.20 -3.36 21.22
C TYR E 414 -14.02 -4.80 20.77
N ARG E 415 -12.78 -5.25 20.71
CA ARG E 415 -12.48 -6.60 20.27
C ARG E 415 -13.10 -7.68 21.14
N PHE E 416 -12.92 -7.54 22.46
CA PHE E 416 -13.42 -8.52 23.43
C PHE E 416 -14.82 -8.27 23.99
N ARG E 417 -15.53 -7.30 23.43
CA ARG E 417 -16.87 -7.02 23.88
C ARG E 417 -16.91 -6.66 25.35
N VAL E 418 -16.16 -5.63 25.72
CA VAL E 418 -16.14 -5.14 27.08
C VAL E 418 -16.35 -3.66 26.94
N PRO E 419 -17.51 -3.16 27.40
CA PRO E 419 -17.80 -1.72 27.29
C PRO E 419 -16.57 -0.94 27.76
N TYR E 420 -16.25 0.14 27.06
CA TYR E 420 -15.05 0.94 27.37
C TYR E 420 -15.26 2.43 27.20
N GLY E 421 -14.39 3.21 27.81
CA GLY E 421 -14.50 4.65 27.71
C GLY E 421 -13.20 5.32 28.11
N THR E 422 -13.00 6.54 27.65
CA THR E 422 -11.78 7.23 28.03
C THR E 422 -12.08 8.63 28.52
N LEU E 423 -11.51 8.96 29.68
CA LEU E 423 -11.63 10.29 30.25
C LEU E 423 -10.28 10.63 30.80
N LEU E 424 -9.50 11.38 30.01
CA LEU E 424 -8.16 11.78 30.38
C LEU E 424 -8.09 13.17 31.01
N CYS E 425 -6.95 13.48 31.58
CA CYS E 425 -6.76 14.76 32.22
C CYS E 425 -5.53 15.41 31.63
N VAL E 426 -5.69 16.61 31.12
CA VAL E 426 -4.58 17.35 30.51
C VAL E 426 -3.45 17.58 31.48
N SER E 427 -2.32 16.92 31.25
CA SER E 427 -1.19 17.09 32.14
C SER E 427 -0.15 18.07 31.58
N ASP E 428 -0.36 18.52 30.34
CA ASP E 428 0.56 19.48 29.74
C ASP E 428 0.15 19.83 28.34
N LYS E 429 0.76 20.88 27.79
CA LYS E 429 0.45 21.34 26.44
C LYS E 429 1.73 21.42 25.60
N PRO E 430 2.11 20.31 24.95
CA PRO E 430 3.30 20.17 24.12
C PRO E 430 3.46 21.22 23.03
N LEU E 431 2.32 21.56 22.44
CA LEU E 431 2.27 22.52 21.36
C LEU E 431 2.33 23.96 21.83
N HIS E 432 2.35 24.18 23.14
CA HIS E 432 2.37 25.53 23.68
C HIS E 432 3.40 25.82 24.77
N GLY E 433 4.68 25.60 24.44
CA GLY E 433 5.80 25.85 25.34
C GLY E 433 5.87 25.16 26.68
N GLU E 434 4.72 24.73 27.16
CA GLU E 434 4.63 24.08 28.46
C GLU E 434 4.60 22.53 28.42
N ILE E 435 5.79 21.93 28.44
CA ILE E 435 5.90 20.48 28.44
C ILE E 435 6.34 19.99 29.82
N LYS E 436 5.38 19.52 30.61
CA LYS E 436 5.64 19.02 31.96
C LYS E 436 5.53 17.50 31.96
N LEU E 437 6.61 16.82 32.31
CA LEU E 437 6.62 15.36 32.36
C LEU E 437 5.91 14.84 33.62
N PRO E 438 5.25 13.68 33.52
CA PRO E 438 4.56 13.14 34.71
C PRO E 438 5.60 12.93 35.80
N GLY E 439 5.44 13.63 36.92
CA GLY E 439 6.39 13.50 38.01
C GLY E 439 7.23 14.73 38.24
N GLN E 440 6.68 15.88 37.88
CA GLN E 440 7.38 17.14 38.04
C GLN E 440 6.46 18.16 38.69
N ALA E 441 7.01 19.32 39.02
CA ALA E 441 6.26 20.39 39.66
C ALA E 441 5.04 20.83 38.84
N ASN E 442 4.24 19.87 38.40
CA ASN E 442 3.07 20.20 37.63
C ASN E 442 1.92 20.55 38.54
N ARG E 443 1.95 21.79 39.01
CA ARG E 443 0.95 22.30 39.91
C ARG E 443 -0.47 21.81 39.67
N PHE E 444 -1.11 22.36 38.63
CA PHE E 444 -2.52 22.06 38.34
C PHE E 444 -2.95 20.65 37.91
N TYR E 445 -2.01 19.83 37.45
CA TYR E 445 -2.36 18.48 37.09
C TYR E 445 -2.48 17.70 38.39
N GLU E 446 -1.48 17.88 39.25
CA GLU E 446 -1.42 17.22 40.53
C GLU E 446 -2.66 17.51 41.36
N GLY E 447 -3.06 18.77 41.38
CA GLY E 447 -4.24 19.11 42.15
C GLY E 447 -5.47 18.37 41.68
N ALA E 448 -5.50 17.98 40.41
CA ALA E 448 -6.67 17.31 39.85
C ALA E 448 -6.72 15.79 39.99
N ILE E 449 -5.57 15.14 39.96
CA ILE E 449 -5.53 13.69 40.07
C ILE E 449 -6.62 13.08 40.95
N SER E 450 -6.78 13.62 42.16
CA SER E 450 -7.79 13.10 43.08
C SER E 450 -9.20 13.23 42.50
N GLU E 451 -9.52 14.43 42.00
CA GLU E 451 -10.83 14.67 41.41
C GLU E 451 -11.04 13.81 40.16
N HIS E 452 -9.95 13.62 39.41
CA HIS E 452 -9.99 12.81 38.19
C HIS E 452 -10.43 11.40 38.58
N LEU E 453 -9.61 10.75 39.41
CA LEU E 453 -9.92 9.41 39.88
C LEU E 453 -11.34 9.31 40.41
N GLN E 454 -11.85 10.40 40.97
CA GLN E 454 -13.20 10.37 41.49
C GLN E 454 -14.23 10.36 40.37
N ILE E 455 -13.94 11.04 39.27
CA ILE E 455 -14.87 11.02 38.15
C ILE E 455 -14.90 9.57 37.65
N GLY E 456 -13.74 8.94 37.57
CA GLY E 456 -13.69 7.55 37.13
C GLY E 456 -14.58 6.70 38.00
N ILE E 457 -14.35 6.77 39.30
CA ILE E 457 -15.12 6.01 40.26
C ILE E 457 -16.62 6.33 40.20
N ARG E 458 -16.97 7.60 40.12
CA ARG E 458 -18.39 7.93 40.06
C ARG E 458 -19.02 7.35 38.81
N ALA E 459 -18.26 7.39 37.71
CA ALA E 459 -18.72 6.88 36.43
C ALA E 459 -19.07 5.41 36.60
N ILE E 460 -18.21 4.69 37.32
CA ILE E 460 -18.44 3.28 37.60
C ILE E 460 -19.71 3.11 38.42
N ASP E 461 -19.87 3.91 39.48
CA ASP E 461 -21.07 3.84 40.32
C ASP E 461 -22.29 3.97 39.42
N LEU E 462 -22.31 5.03 38.60
CA LEU E 462 -23.40 5.28 37.67
C LEU E 462 -23.68 4.08 36.76
N LEU E 463 -22.62 3.50 36.21
CA LEU E 463 -22.75 2.35 35.34
C LEU E 463 -23.16 1.09 36.09
N ARG E 464 -22.66 0.90 37.30
CA ARG E 464 -23.02 -0.28 38.08
C ARG E 464 -24.51 -0.26 38.36
N ALA E 465 -25.01 0.93 38.67
CA ALA E 465 -26.43 1.12 38.98
C ALA E 465 -27.27 0.86 37.75
N GLU E 466 -26.67 1.04 36.58
CA GLU E 466 -27.32 0.83 35.29
C GLU E 466 -27.83 -0.61 35.15
N GLY E 467 -27.27 -1.51 35.96
CA GLY E 467 -27.68 -2.90 35.90
C GLY E 467 -27.24 -3.48 34.58
N ASP E 468 -28.19 -4.08 33.86
CA ASP E 468 -27.89 -4.68 32.55
C ASP E 468 -27.87 -3.62 31.44
N ARG E 469 -28.47 -2.46 31.70
CA ARG E 469 -28.49 -1.36 30.75
C ARG E 469 -27.08 -1.11 30.20
N LEU E 470 -26.10 -1.23 31.07
CA LEU E 470 -24.70 -1.03 30.72
C LEU E 470 -24.38 -1.71 29.39
N HIS E 471 -24.79 -2.97 29.25
CA HIS E 471 -24.52 -3.71 28.03
C HIS E 471 -25.56 -3.56 26.93
N SER E 472 -25.10 -3.11 25.77
CA SER E 472 -25.95 -2.91 24.61
C SER E 472 -25.46 -3.87 23.53
N ARG E 473 -26.06 -3.82 22.35
CA ARG E 473 -25.67 -4.72 21.25
C ARG E 473 -24.56 -4.13 20.37
N LYS E 474 -24.07 -2.94 20.73
CA LYS E 474 -23.05 -2.25 19.95
C LYS E 474 -21.75 -3.00 19.69
N LEU E 475 -21.49 -4.09 20.41
CA LEU E 475 -20.26 -4.83 20.18
C LEU E 475 -20.46 -6.28 19.73
N ARG E 476 -21.72 -6.67 19.51
CA ARG E 476 -22.07 -8.02 19.06
C ARG E 476 -21.61 -8.23 17.63
N THR E 477 -20.98 -9.36 17.37
CA THR E 477 -20.56 -9.69 16.01
C THR E 477 -21.71 -10.50 15.46
N PHE E 478 -21.60 -10.97 14.22
CA PHE E 478 -22.69 -11.77 13.65
C PHE E 478 -22.71 -13.16 14.30
N ASN E 479 -21.53 -13.68 14.59
CA ASN E 479 -21.39 -14.97 15.23
C ASN E 479 -21.21 -14.84 16.74
N GLU E 480 -21.64 -13.71 17.30
CA GLU E 480 -21.50 -13.45 18.72
C GLU E 480 -21.90 -14.65 19.57
N PRO E 481 -20.97 -15.18 20.39
CA PRO E 481 -21.21 -16.34 21.26
C PRO E 481 -22.41 -16.14 22.18
N PRO E 482 -23.06 -17.23 22.60
CA PRO E 482 -24.21 -17.03 23.49
C PRO E 482 -23.78 -16.35 24.83
N PHE E 483 -22.71 -16.85 25.44
CA PHE E 483 -22.21 -16.28 26.69
C PHE E 483 -21.72 -14.84 26.53
N ARG E 484 -22.00 -14.01 27.54
CA ARG E 484 -21.59 -12.60 27.54
C ARG E 484 -20.08 -12.42 27.49
N LEU F 8 40.75 31.50 15.91
CA LEU F 8 40.33 31.07 17.30
C LEU F 8 40.65 29.60 17.54
N THR F 9 41.18 29.28 18.72
CA THR F 9 41.56 27.91 19.04
C THR F 9 40.62 27.11 19.92
N PRO F 10 40.81 25.78 19.99
CA PRO F 10 39.99 24.88 20.80
C PRO F 10 39.74 25.39 22.20
N ALA F 11 40.77 25.38 23.03
CA ALA F 11 40.67 25.86 24.40
C ALA F 11 39.97 27.21 24.48
N GLN F 12 40.34 28.14 23.60
CA GLN F 12 39.74 29.46 23.60
C GLN F 12 38.25 29.38 23.32
N ALA F 13 37.91 28.63 22.27
CA ALA F 13 36.53 28.43 21.86
C ALA F 13 35.68 27.90 22.99
N LEU F 14 36.20 26.90 23.70
CA LEU F 14 35.50 26.32 24.84
C LEU F 14 35.21 27.36 25.91
N ASP F 15 36.18 28.23 26.20
CA ASP F 15 35.99 29.26 27.21
C ASP F 15 34.95 30.27 26.79
N LYS F 16 34.99 30.71 25.54
CA LYS F 16 34.01 31.68 25.06
C LYS F 16 32.64 31.05 25.07
N LEU F 17 32.59 29.75 24.84
CA LEU F 17 31.32 29.03 24.87
C LEU F 17 30.83 29.05 26.31
N ASP F 18 31.69 28.61 27.22
CA ASP F 18 31.40 28.58 28.65
C ASP F 18 30.85 29.93 29.08
N ALA F 19 31.61 30.96 28.72
CA ALA F 19 31.26 32.35 29.02
C ALA F 19 29.89 32.74 28.51
N LEU F 20 29.78 32.84 27.19
CA LEU F 20 28.53 33.19 26.56
C LEU F 20 27.33 32.44 27.14
N TYR F 21 27.50 31.14 27.39
CA TYR F 21 26.42 30.32 27.93
C TYR F 21 26.00 30.79 29.31
N GLU F 22 26.91 30.68 30.27
CA GLU F 22 26.62 31.08 31.65
C GLU F 22 25.93 32.44 31.64
N GLN F 23 26.49 33.34 30.85
CA GLN F 23 25.94 34.68 30.75
C GLN F 23 24.45 34.63 30.45
N SER F 24 24.09 33.94 29.37
CA SER F 24 22.69 33.84 28.94
C SER F 24 21.77 33.19 29.96
N VAL F 25 22.18 32.03 30.48
CA VAL F 25 21.34 31.36 31.47
C VAL F 25 21.16 32.27 32.68
N VAL F 26 22.24 32.92 33.12
CA VAL F 26 22.15 33.83 34.25
C VAL F 26 21.21 35.01 33.94
N ALA F 27 21.33 35.53 32.74
CA ALA F 27 20.52 36.65 32.29
C ALA F 27 19.05 36.28 32.21
N LEU F 28 18.74 35.03 31.89
CA LEU F 28 17.36 34.58 31.78
C LEU F 28 16.79 34.35 33.16
N ARG F 29 17.56 33.69 34.01
CA ARG F 29 17.11 33.43 35.38
C ARG F 29 16.77 34.77 36.00
N ASN F 30 17.65 35.75 35.77
CA ASN F 30 17.42 37.06 36.32
C ASN F 30 16.10 37.62 35.78
N ALA F 31 15.95 37.59 34.47
CA ALA F 31 14.73 38.10 33.85
C ALA F 31 13.47 37.45 34.42
N ILE F 32 13.51 36.14 34.63
CA ILE F 32 12.36 35.42 35.17
C ILE F 32 12.05 35.86 36.59
N GLY F 33 13.09 36.00 37.41
CA GLY F 33 12.89 36.43 38.77
C GLY F 33 12.26 37.81 38.77
N ASN F 34 12.88 38.72 38.05
CA ASN F 34 12.40 40.09 37.95
C ASN F 34 10.93 40.13 37.56
N TYR F 35 10.48 39.15 36.79
CA TYR F 35 9.09 39.10 36.37
C TYR F 35 8.23 38.59 37.51
N ILE F 36 8.66 37.48 38.10
CA ILE F 36 7.93 36.89 39.19
C ILE F 36 7.76 37.88 40.35
N THR F 37 8.84 38.56 40.70
CA THR F 37 8.82 39.51 41.81
C THR F 37 8.08 40.80 41.56
N SER F 38 8.43 41.51 40.50
CA SER F 38 7.79 42.78 40.20
C SER F 38 6.84 42.79 39.01
N GLY F 39 7.01 41.83 38.12
CA GLY F 39 6.17 41.77 36.93
C GLY F 39 6.84 42.48 35.78
N GLU F 40 8.14 42.68 35.91
CA GLU F 40 8.94 43.36 34.91
C GLU F 40 9.22 42.46 33.72
N LEU F 41 9.22 43.04 32.53
CA LEU F 41 9.51 42.29 31.30
C LEU F 41 10.87 42.69 30.76
N PRO F 42 11.52 41.77 30.03
CA PRO F 42 12.84 42.04 29.44
C PRO F 42 12.71 43.01 28.30
N ASP F 43 13.76 43.78 28.00
CA ASP F 43 13.66 44.73 26.90
C ASP F 43 13.98 44.06 25.57
N GLU F 44 12.99 44.06 24.69
CA GLU F 44 13.12 43.43 23.39
C GLU F 44 14.45 43.71 22.71
N ASN F 45 15.03 44.87 22.97
CA ASN F 45 16.28 45.22 22.35
C ASN F 45 17.47 44.36 22.81
N ALA F 46 17.60 44.16 24.11
CA ALA F 46 18.71 43.36 24.62
C ALA F 46 18.59 41.91 24.17
N ARG F 47 17.35 41.45 23.99
CA ARG F 47 17.11 40.06 23.55
C ARG F 47 17.61 39.93 22.13
N LYS F 48 17.20 40.86 21.26
CA LYS F 48 17.65 40.85 19.87
C LYS F 48 19.17 40.84 19.82
N GLN F 49 19.78 41.50 20.80
CA GLN F 49 21.23 41.59 20.90
C GLN F 49 21.85 40.26 21.33
N GLY F 50 21.01 39.32 21.76
CA GLY F 50 21.49 38.01 22.19
C GLY F 50 21.53 37.80 23.68
N LEU F 51 20.52 38.30 24.38
CA LEU F 51 20.42 38.21 25.83
C LEU F 51 20.25 36.80 26.37
N PHE F 52 19.26 36.10 25.83
CA PHE F 52 18.91 34.74 26.24
C PHE F 52 19.42 33.63 25.29
N VAL F 53 20.09 34.03 24.23
CA VAL F 53 20.61 33.14 23.21
C VAL F 53 21.71 32.13 23.61
N TYR F 54 21.71 30.94 22.99
CA TYR F 54 22.74 29.93 23.25
C TYR F 54 23.98 30.35 22.45
N PRO F 55 25.17 29.92 22.87
CA PRO F 55 26.35 30.31 22.10
C PRO F 55 26.19 29.56 20.79
N SER F 56 26.95 29.95 19.78
CA SER F 56 26.91 29.32 18.47
C SER F 56 28.34 28.96 18.07
N LEU F 57 28.63 27.68 17.92
CA LEU F 57 29.97 27.26 17.54
C LEU F 57 30.08 27.02 16.03
N THR F 58 31.08 27.65 15.41
CA THR F 58 31.26 27.49 13.96
C THR F 58 32.68 27.11 13.60
N VAL F 59 32.79 26.15 12.68
CA VAL F 59 34.09 25.69 12.21
C VAL F 59 34.07 25.74 10.68
N THR F 60 35.11 26.32 10.09
CA THR F 60 35.19 26.44 8.64
C THR F 60 36.44 25.77 8.08
N TRP F 61 36.33 25.29 6.84
CA TRP F 61 37.42 24.61 6.15
C TRP F 61 37.49 25.10 4.72
N ASP F 62 38.66 25.60 4.33
CA ASP F 62 38.88 26.11 2.97
C ASP F 62 38.88 25.00 1.96
N GLY F 63 38.93 23.76 2.45
CA GLY F 63 38.90 22.60 1.57
C GLY F 63 40.21 22.21 0.93
N SER F 64 41.33 22.53 1.56
CA SER F 64 42.61 22.16 0.99
C SER F 64 43.63 21.79 2.05
N THR F 65 43.81 20.49 2.22
CA THR F 65 44.78 19.95 3.16
C THR F 65 45.50 18.89 2.34
N THR F 66 46.81 18.80 2.54
CA THR F 66 47.64 17.85 1.81
C THR F 66 47.30 16.37 2.03
N ASN F 67 47.16 15.96 3.29
CA ASN F 67 46.83 14.56 3.62
C ASN F 67 45.60 14.41 4.54
N PRO F 68 44.40 14.70 4.00
CA PRO F 68 43.14 14.61 4.75
C PRO F 68 42.85 13.19 5.22
N PRO F 69 42.57 13.02 6.53
CA PRO F 69 42.26 11.66 7.01
C PRO F 69 41.04 11.15 6.25
N LYS F 70 41.16 9.99 5.60
CA LYS F 70 40.05 9.43 4.84
C LYS F 70 39.59 8.10 5.40
N THR F 71 40.29 7.64 6.44
CA THR F 71 39.96 6.37 7.07
C THR F 71 39.22 6.57 8.37
N ARG F 72 39.53 7.65 9.09
CA ARG F 72 38.85 7.90 10.36
C ARG F 72 37.34 7.90 10.18
N ALA F 73 36.62 7.43 11.20
CA ALA F 73 35.18 7.34 11.14
C ALA F 73 34.48 8.66 11.43
N PHE F 74 35.10 9.49 12.25
CA PHE F 74 34.50 10.76 12.62
C PHE F 74 35.50 11.89 12.59
N GLY F 75 35.02 13.10 12.84
CA GLY F 75 35.88 14.26 12.82
C GLY F 75 36.49 14.50 11.45
N ARG F 76 35.68 14.32 10.40
CA ARG F 76 36.17 14.53 9.04
C ARG F 76 35.36 15.58 8.32
N PHE F 77 35.85 16.00 7.16
CA PHE F 77 35.18 16.98 6.33
C PHE F 77 34.90 16.36 4.97
N THR F 78 33.63 16.39 4.56
CA THR F 78 33.21 15.83 3.29
C THR F 78 33.55 16.80 2.19
N HIS F 79 33.25 18.06 2.47
CA HIS F 79 33.48 19.14 1.53
C HIS F 79 34.01 20.34 2.31
N ALA F 80 34.23 21.44 1.60
CA ALA F 80 34.74 22.64 2.23
C ALA F 80 33.57 23.56 2.52
N GLY F 81 33.71 24.39 3.55
CA GLY F 81 32.63 25.31 3.88
C GLY F 81 32.53 25.60 5.35
N SER F 82 31.38 26.13 5.77
CA SER F 82 31.16 26.45 7.16
C SER F 82 30.17 25.51 7.81
N TYR F 83 30.54 24.98 8.97
CA TYR F 83 29.68 24.09 9.72
C TYR F 83 29.41 24.75 11.07
N THR F 84 28.13 24.89 11.41
CA THR F 84 27.76 25.51 12.66
C THR F 84 26.72 24.71 13.45
N THR F 85 26.50 25.12 14.68
CA THR F 85 25.52 24.51 15.58
C THR F 85 25.45 25.33 16.86
N THR F 86 24.29 25.30 17.53
CA THR F 86 24.15 26.01 18.77
C THR F 86 24.72 25.03 19.79
N ILE F 87 25.23 25.58 20.89
CA ILE F 87 25.83 24.76 21.94
C ILE F 87 25.15 24.97 23.28
N THR F 88 25.13 23.94 24.12
CA THR F 88 24.53 24.06 25.44
C THR F 88 25.40 23.28 26.41
N ARG F 89 25.24 23.53 27.70
CA ARG F 89 26.03 22.84 28.73
C ARG F 89 27.46 22.57 28.25
N PRO F 90 28.20 23.65 27.91
CA PRO F 90 29.57 23.50 27.43
C PRO F 90 30.42 22.77 28.45
N THR F 91 30.12 22.97 29.73
CA THR F 91 30.88 22.32 30.77
C THR F 91 30.72 20.82 30.65
N LEU F 92 29.47 20.37 30.65
CA LEU F 92 29.19 18.94 30.54
C LEU F 92 29.87 18.29 29.34
N PHE F 93 29.85 18.99 28.20
CA PHE F 93 30.43 18.51 26.95
C PHE F 93 31.86 18.96 26.68
N ARG F 94 32.48 19.60 27.67
CA ARG F 94 33.85 20.11 27.55
C ARG F 94 34.78 19.09 26.92
N SER F 95 34.83 17.90 27.53
CA SER F 95 35.68 16.81 27.05
C SER F 95 35.42 16.59 25.58
N TYR F 96 34.19 16.17 25.29
CA TYR F 96 33.73 15.89 23.93
C TYR F 96 34.04 17.04 22.98
N LEU F 97 33.54 18.22 23.30
CA LEU F 97 33.74 19.39 22.45
C LEU F 97 35.20 19.66 22.14
N ASN F 98 36.04 19.47 23.15
CA ASN F 98 37.46 19.71 22.95
C ASN F 98 38.00 18.68 21.97
N GLU F 99 37.84 17.39 22.32
CA GLU F 99 38.29 16.28 21.50
C GLU F 99 37.95 16.47 20.03
N GLN F 100 36.71 16.86 19.76
CA GLN F 100 36.28 17.05 18.40
C GLN F 100 36.87 18.30 17.75
N LEU F 101 36.75 19.45 18.41
CA LEU F 101 37.29 20.69 17.86
C LEU F 101 38.78 20.55 17.54
N THR F 102 39.49 19.89 18.44
CA THR F 102 40.92 19.65 18.28
C THR F 102 41.19 18.93 16.96
N LEU F 103 40.52 17.81 16.75
CA LEU F 103 40.71 17.02 15.54
C LEU F 103 40.56 17.88 14.28
N LEU F 104 39.52 18.70 14.25
CA LEU F 104 39.29 19.54 13.07
C LEU F 104 40.34 20.64 12.96
N TYR F 105 40.72 21.18 14.12
CA TYR F 105 41.70 22.26 14.19
C TYR F 105 43.05 21.82 13.65
N GLN F 106 43.55 20.72 14.19
CA GLN F 106 44.84 20.19 13.80
C GLN F 106 44.86 19.49 12.45
N ASP F 107 44.20 18.35 12.35
CA ASP F 107 44.16 17.59 11.11
C ASP F 107 43.75 18.38 9.86
N TYR F 108 42.81 19.31 9.98
CA TYR F 108 42.37 20.07 8.82
C TYR F 108 42.75 21.53 8.86
N GLY F 109 43.16 22.01 10.03
CA GLY F 109 43.52 23.41 10.18
C GLY F 109 42.30 24.29 9.96
N ALA F 110 41.23 23.95 10.68
CA ALA F 110 39.97 24.66 10.56
C ALA F 110 39.90 25.96 11.37
N HIS F 111 39.04 26.86 10.90
CA HIS F 111 38.86 28.16 11.54
C HIS F 111 37.68 28.12 12.49
N ILE F 112 37.98 28.10 13.79
CA ILE F 112 36.94 28.07 14.82
C ILE F 112 36.49 29.49 15.18
N SER F 113 35.24 29.62 15.59
CA SER F 113 34.69 30.92 15.99
C SER F 113 33.42 30.70 16.81
N VAL F 114 33.28 31.50 17.88
CA VAL F 114 32.12 31.39 18.75
C VAL F 114 31.40 32.73 18.77
N GLN F 115 30.08 32.72 18.92
CA GLN F 115 29.31 33.96 18.95
C GLN F 115 27.83 33.69 19.19
N PRO F 116 27.12 34.66 19.79
CA PRO F 116 25.69 34.48 20.06
C PRO F 116 24.90 33.99 18.86
N SER F 117 24.06 32.99 19.09
CA SER F 117 23.23 32.44 18.02
C SER F 117 21.97 33.29 17.90
N GLN F 118 20.95 32.73 17.26
CA GLN F 118 19.69 33.45 17.07
C GLN F 118 18.61 32.72 17.84
N HIS F 119 19.03 31.73 18.62
CA HIS F 119 18.10 30.92 19.39
C HIS F 119 18.18 31.12 20.90
N GLU F 120 17.05 31.52 21.48
CA GLU F 120 16.99 31.75 22.91
C GLU F 120 16.79 30.41 23.63
N ILE F 121 17.24 30.36 24.89
CA ILE F 121 17.10 29.17 25.68
C ILE F 121 15.72 29.13 26.30
N PRO F 122 14.95 28.06 26.07
CA PRO F 122 13.62 27.98 26.68
C PRO F 122 13.78 28.14 28.19
N TYR F 123 12.94 28.98 28.81
CA TYR F 123 13.08 29.22 30.25
C TYR F 123 13.08 27.99 31.13
N PRO F 124 12.36 26.93 30.75
CA PRO F 124 12.37 25.76 31.63
C PRO F 124 13.76 25.16 31.82
N TYR F 125 14.62 25.28 30.81
CA TYR F 125 15.94 24.70 30.91
C TYR F 125 16.91 25.50 31.78
N VAL F 126 16.51 26.68 32.23
CA VAL F 126 17.42 27.46 33.08
C VAL F 126 16.98 27.47 34.54
N ILE F 127 15.76 27.02 34.81
CA ILE F 127 15.28 26.95 36.17
C ILE F 127 15.89 25.72 36.82
N ASP F 128 17.06 25.94 37.40
CA ASP F 128 17.89 24.94 38.06
C ASP F 128 17.29 24.14 39.21
N GLY F 129 17.17 24.79 40.37
CA GLY F 129 16.64 24.11 41.55
C GLY F 129 15.30 23.43 41.37
N SER F 130 14.32 23.86 42.14
CA SER F 130 12.96 23.32 42.07
C SER F 130 12.37 23.68 40.70
N GLU F 131 11.08 23.43 40.52
CA GLU F 131 10.42 23.77 39.28
C GLU F 131 9.34 24.77 39.63
N LEU F 132 9.03 25.65 38.70
CA LEU F 132 8.05 26.68 38.96
C LEU F 132 6.63 26.20 39.25
N THR F 133 6.07 26.76 40.31
CA THR F 133 4.74 26.43 40.76
C THR F 133 3.87 27.68 40.89
N LEU F 134 3.97 28.54 39.88
CA LEU F 134 3.23 29.78 39.77
C LEU F 134 1.76 29.48 39.50
N ASP F 135 0.89 30.44 39.81
CA ASP F 135 -0.53 30.26 39.59
C ASP F 135 -0.84 30.32 38.10
N ARG F 136 -2.12 30.36 37.76
CA ARG F 136 -2.51 30.40 36.36
C ARG F 136 -1.89 31.57 35.60
N SER F 137 -2.33 32.78 35.91
CA SER F 137 -1.84 33.98 35.25
C SER F 137 -0.32 34.07 35.20
N MSE F 138 0.33 33.77 36.31
CA MSE F 138 1.79 33.83 36.36
C MSE F 138 2.41 32.96 35.29
O MSE F 138 3.39 33.36 34.66
CB MSE F 138 2.29 33.39 37.74
CG MSE F 138 2.26 34.51 38.79
SE MSE F 138 3.21 36.15 38.20
CE MSE F 138 5.07 35.44 38.33
N SER F 139 1.84 31.77 35.09
CA SER F 139 2.34 30.84 34.08
C SER F 139 2.07 31.39 32.69
N ALA F 140 0.81 31.72 32.43
CA ALA F 140 0.42 32.26 31.15
C ALA F 140 1.39 33.36 30.76
N GLY F 141 1.64 34.27 31.70
CA GLY F 141 2.54 35.38 31.45
C GLY F 141 3.94 34.90 31.12
N LEU F 142 4.37 33.85 31.79
CA LEU F 142 5.69 33.29 31.53
C LEU F 142 5.78 32.82 30.10
N THR F 143 4.95 31.84 29.76
CA THR F 143 4.97 31.28 28.41
C THR F 143 4.67 32.31 27.31
N ARG F 144 4.14 33.47 27.68
CA ARG F 144 3.84 34.48 26.69
C ARG F 144 4.96 35.48 26.41
N TYR F 145 5.69 35.90 27.43
CA TYR F 145 6.75 36.89 27.22
C TYR F 145 8.15 36.35 27.30
N PHE F 146 8.28 35.05 27.48
CA PHE F 146 9.60 34.44 27.60
C PHE F 146 9.82 33.31 26.62
N PRO F 147 11.09 32.92 26.45
CA PRO F 147 11.48 31.83 25.55
C PRO F 147 10.85 30.50 25.95
N THR F 148 10.01 29.97 25.09
CA THR F 148 9.39 28.69 25.38
C THR F 148 9.82 27.65 24.38
N THR F 149 9.44 26.43 24.69
CA THR F 149 9.76 25.28 23.87
C THR F 149 8.51 24.83 23.13
N GLU F 150 8.19 25.53 22.04
CA GLU F 150 7.04 25.19 21.22
C GLU F 150 7.52 24.61 19.88
N LEU F 151 7.20 23.34 19.65
CA LEU F 151 7.60 22.62 18.43
C LEU F 151 6.91 23.13 17.18
N PHE F 168 26.30 27.25 7.56
CA PHE F 168 25.31 26.72 6.63
C PHE F 168 25.13 25.19 6.67
N SER F 169 26.04 24.47 7.32
CA SER F 169 25.94 23.01 7.43
C SER F 169 26.00 22.62 8.91
N PRO F 170 25.30 21.54 9.30
CA PRO F 170 25.31 21.12 10.70
C PRO F 170 26.71 20.74 11.17
N LEU F 171 27.12 21.22 12.33
CA LEU F 171 28.44 20.87 12.84
C LEU F 171 28.35 19.60 13.67
N SER F 172 27.20 19.40 14.30
CA SER F 172 26.99 18.21 15.11
C SER F 172 25.65 17.56 14.81
N HIS F 173 25.36 16.49 15.51
CA HIS F 173 24.13 15.73 15.33
C HIS F 173 22.91 16.38 15.93
N PHE F 174 23.06 17.01 17.09
CA PHE F 174 21.92 17.64 17.74
C PHE F 174 22.28 19.06 18.10
N ASP F 175 21.28 19.94 18.02
CA ASP F 175 21.52 21.35 18.35
C ASP F 175 21.18 21.60 19.81
N ALA F 176 21.54 22.78 20.31
CA ALA F 176 21.30 23.15 21.70
C ALA F 176 19.96 22.73 22.30
N ARG F 177 18.86 23.14 21.65
CA ARG F 177 17.52 22.82 22.16
C ARG F 177 17.21 21.36 22.24
N ARG F 178 17.64 20.62 21.23
CA ARG F 178 17.41 19.18 21.18
C ARG F 178 18.15 18.51 22.33
N VAL F 179 19.37 18.95 22.58
CA VAL F 179 20.17 18.39 23.66
C VAL F 179 19.55 18.70 25.02
N ASP F 180 19.25 19.96 25.29
CA ASP F 180 18.65 20.32 26.56
C ASP F 180 17.41 19.49 26.79
N PHE F 181 16.63 19.33 25.73
CA PHE F 181 15.40 18.55 25.78
C PHE F 181 15.63 17.13 26.28
N SER F 182 16.63 16.45 25.71
CA SER F 182 16.94 15.07 26.08
C SER F 182 17.66 14.98 27.42
N LEU F 183 18.50 15.96 27.74
CA LEU F 183 19.19 15.95 29.01
C LEU F 183 18.15 15.95 30.13
N ALA F 184 17.17 16.83 30.03
CA ALA F 184 16.10 16.92 31.03
C ALA F 184 15.40 15.55 31.20
N ARG F 185 15.03 14.94 30.08
CA ARG F 185 14.38 13.64 30.10
C ARG F 185 15.26 12.54 30.72
N LEU F 186 16.50 12.43 30.23
CA LEU F 186 17.42 11.41 30.71
C LEU F 186 17.44 11.33 32.23
N ARG F 187 17.46 12.49 32.87
CA ARG F 187 17.47 12.57 34.30
C ARG F 187 16.17 11.94 34.81
N HIS F 188 15.05 12.49 34.37
CA HIS F 188 13.73 12.04 34.78
C HIS F 188 13.52 10.53 34.66
N TYR F 189 13.70 10.00 33.46
CA TYR F 189 13.50 8.56 33.22
C TYR F 189 14.52 7.70 33.95
N THR F 190 15.76 8.15 33.93
CA THR F 190 16.83 7.40 34.54
C THR F 190 16.98 7.50 36.06
N GLY F 191 16.66 8.67 36.61
CA GLY F 191 16.80 8.87 38.05
C GLY F 191 18.28 9.01 38.38
N THR F 192 19.01 9.63 37.45
CA THR F 192 20.44 9.81 37.58
C THR F 192 20.87 11.12 36.93
N PRO F 193 22.02 11.66 37.35
CA PRO F 193 22.59 12.91 36.84
C PRO F 193 23.31 12.65 35.53
N VAL F 194 22.97 13.41 34.50
CA VAL F 194 23.59 13.20 33.19
C VAL F 194 25.12 13.19 33.19
N GLU F 195 25.73 13.73 34.23
CA GLU F 195 27.19 13.79 34.30
C GLU F 195 27.82 12.44 34.62
N HIS F 196 27.03 11.54 35.16
CA HIS F 196 27.52 10.22 35.56
C HIS F 196 27.50 9.17 34.46
N PHE F 197 26.80 9.45 33.37
CA PHE F 197 26.71 8.48 32.29
C PHE F 197 28.07 8.16 31.70
N GLN F 198 28.31 6.88 31.45
CA GLN F 198 29.58 6.46 30.87
C GLN F 198 29.43 6.18 29.38
N PRO F 199 30.56 6.17 28.64
CA PRO F 199 30.62 5.92 27.20
C PRO F 199 30.16 4.53 26.76
N PHE F 200 30.25 3.55 27.64
CA PHE F 200 29.84 2.20 27.30
C PHE F 200 28.56 1.83 28.02
N VAL F 201 27.52 1.62 27.23
CA VAL F 201 26.18 1.33 27.76
C VAL F 201 25.69 -0.11 27.60
N LEU F 202 24.91 -0.53 28.58
CA LEU F 202 24.34 -1.86 28.59
C LEU F 202 22.84 -1.71 28.86
N PHE F 203 22.02 -2.30 28.00
CA PHE F 203 20.56 -2.24 28.12
C PHE F 203 20.07 -3.61 28.55
N THR F 204 19.20 -3.64 29.57
CA THR F 204 18.65 -4.90 30.06
C THR F 204 17.14 -4.79 30.23
N ASN F 205 16.44 -5.90 29.99
CA ASN F 205 14.98 -5.93 30.10
C ASN F 205 14.49 -6.70 31.32
N TYR F 206 15.43 -7.12 32.16
CA TYR F 206 15.09 -7.88 33.36
C TYR F 206 15.76 -7.29 34.56
N THR F 207 14.94 -7.07 35.59
CA THR F 207 15.36 -6.49 36.85
C THR F 207 16.57 -7.22 37.49
N ARG F 208 16.57 -8.54 37.42
CA ARG F 208 17.65 -9.31 37.99
C ARG F 208 19.03 -8.99 37.41
N TYR F 209 19.08 -8.26 36.31
CA TYR F 209 20.37 -7.90 35.70
C TYR F 209 21.02 -6.77 36.47
N VAL F 210 20.20 -5.86 36.99
CA VAL F 210 20.74 -4.73 37.74
C VAL F 210 21.31 -5.27 39.06
N ASP F 211 20.54 -6.14 39.71
CA ASP F 211 20.98 -6.74 40.96
C ASP F 211 22.39 -7.27 40.74
N GLU F 212 22.52 -8.18 39.79
CA GLU F 212 23.81 -8.76 39.51
C GLU F 212 24.85 -7.71 39.15
N PHE F 213 24.42 -6.63 38.51
CA PHE F 213 25.34 -5.57 38.09
C PHE F 213 25.84 -4.79 39.30
N VAL F 214 24.90 -4.41 40.16
CA VAL F 214 25.20 -3.65 41.38
C VAL F 214 26.20 -4.45 42.23
N ARG F 215 25.84 -5.70 42.50
CA ARG F 215 26.68 -6.58 43.29
C ARG F 215 28.10 -6.61 42.71
N TRP F 216 28.24 -6.96 41.43
CA TRP F 216 29.55 -7.01 40.78
C TRP F 216 30.21 -5.63 40.85
N GLY F 217 29.38 -4.60 40.83
CA GLY F 217 29.87 -3.23 40.86
C GLY F 217 30.57 -2.91 42.15
N CYS F 218 29.84 -3.00 43.26
CA CYS F 218 30.40 -2.73 44.58
C CYS F 218 31.70 -3.51 44.74
N SER F 219 31.63 -4.80 44.43
CA SER F 219 32.79 -5.68 44.48
C SER F 219 33.99 -5.03 43.78
N GLN F 220 33.75 -4.52 42.57
CA GLN F 220 34.81 -3.87 41.79
C GLN F 220 35.38 -2.62 42.44
N ILE F 221 34.54 -1.90 43.17
CA ILE F 221 34.97 -0.68 43.84
C ILE F 221 35.97 -1.02 44.95
N LEU F 222 35.57 -1.96 45.81
CA LEU F 222 36.40 -2.41 46.93
C LEU F 222 37.75 -2.97 46.44
N ASP F 223 37.76 -3.65 45.30
CA ASP F 223 39.00 -4.16 44.76
C ASP F 223 39.85 -2.95 44.31
N PRO F 224 41.00 -2.74 44.95
CA PRO F 224 41.90 -1.62 44.65
C PRO F 224 42.69 -1.76 43.35
N ASP F 225 42.16 -2.53 42.41
CA ASP F 225 42.80 -2.74 41.12
C ASP F 225 41.79 -2.41 40.01
N SER F 226 40.52 -2.52 40.37
CA SER F 226 39.41 -2.26 39.45
C SER F 226 39.27 -0.75 39.32
N PRO F 227 39.46 -0.22 38.10
CA PRO F 227 39.37 1.21 37.83
C PRO F 227 38.05 1.82 38.29
N TYR F 228 37.05 0.96 38.54
CA TYR F 228 35.74 1.42 38.99
C TYR F 228 35.84 1.94 40.42
N ILE F 229 35.69 3.25 40.57
CA ILE F 229 35.82 3.91 41.85
C ILE F 229 34.52 4.49 42.43
N ALA F 230 33.40 4.32 41.73
CA ALA F 230 32.12 4.84 42.22
C ALA F 230 30.92 4.16 41.56
N LEU F 231 29.73 4.45 42.07
CA LEU F 231 28.52 3.85 41.54
C LEU F 231 27.29 4.72 41.74
N SER F 232 26.96 5.54 40.74
CA SER F 232 25.77 6.38 40.82
C SER F 232 24.58 5.45 40.67
N CYS F 233 23.59 5.62 41.52
CA CYS F 233 22.42 4.74 41.50
C CYS F 233 21.13 5.47 41.22
N ALA F 234 20.25 4.80 40.50
CA ALA F 234 18.95 5.37 40.17
C ALA F 234 18.26 5.68 41.49
N GLY F 235 18.03 6.96 41.74
CA GLY F 235 17.38 7.35 42.97
C GLY F 235 18.21 8.41 43.67
N GLY F 236 19.53 8.31 43.55
CA GLY F 236 20.38 9.31 44.18
C GLY F 236 21.63 8.74 44.81
N ASN F 237 21.48 7.61 45.50
CA ASN F 237 22.59 6.96 46.18
C ASN F 237 23.89 6.94 45.41
N TRP F 238 24.93 7.52 46.03
CA TRP F 238 26.25 7.56 45.43
C TRP F 238 27.08 6.63 46.30
N ILE F 239 27.71 5.63 45.67
CA ILE F 239 28.49 4.67 46.42
C ILE F 239 29.95 4.66 46.06
N THR F 240 30.79 4.88 47.06
CA THR F 240 32.24 4.90 46.87
C THR F 240 32.89 3.87 47.78
N ALA F 241 34.20 3.67 47.61
CA ALA F 241 34.95 2.71 48.42
C ALA F 241 34.57 2.76 49.90
N GLU F 242 34.40 3.96 50.44
CA GLU F 242 34.02 4.14 51.84
C GLU F 242 32.57 4.55 52.00
N THR F 243 31.68 3.57 51.96
CA THR F 243 30.26 3.83 52.11
C THR F 243 29.69 2.81 53.11
N GLU F 244 29.42 3.29 54.32
CA GLU F 244 28.88 2.47 55.40
C GLU F 244 28.17 1.17 54.97
N ALA F 245 26.88 1.25 54.65
CA ALA F 245 26.13 0.06 54.22
C ALA F 245 25.72 0.13 52.75
N PRO F 246 26.51 -0.49 51.85
CA PRO F 246 26.20 -0.49 50.41
C PRO F 246 24.94 -1.31 50.08
N GLU F 247 23.85 -1.02 50.78
CA GLU F 247 22.57 -1.72 50.60
C GLU F 247 21.55 -0.96 49.78
N GLU F 248 21.32 0.30 50.16
CA GLU F 248 20.34 1.16 49.49
C GLU F 248 20.67 1.37 48.01
N ALA F 249 21.71 0.67 47.55
CA ALA F 249 22.14 0.75 46.16
C ALA F 249 20.96 0.49 45.21
N ILE F 250 20.09 -0.45 45.59
CA ILE F 250 18.92 -0.79 44.79
C ILE F 250 17.63 -0.40 45.55
N SER F 251 17.52 0.87 45.93
CA SER F 251 16.33 1.37 46.64
C SER F 251 15.08 1.10 45.82
N ASP F 252 14.34 0.07 46.21
CA ASP F 252 13.12 -0.33 45.51
C ASP F 252 12.24 0.81 45.03
N LEU F 253 12.27 1.93 45.74
CA LEU F 253 11.48 3.09 45.37
C LEU F 253 11.81 3.58 43.94
N ALA F 254 13.00 3.23 43.46
CA ALA F 254 13.44 3.63 42.13
C ALA F 254 12.46 3.19 41.04
N TRP F 255 12.13 1.90 41.04
CA TRP F 255 11.20 1.35 40.06
C TRP F 255 9.78 1.89 40.09
N LYS F 256 9.51 2.86 40.97
CA LYS F 256 8.19 3.45 41.02
C LYS F 256 8.26 4.89 40.51
N LYS F 257 9.44 5.48 40.67
CA LYS F 257 9.69 6.86 40.26
C LYS F 257 10.39 6.99 38.91
N HIS F 258 11.05 5.92 38.47
CA HIS F 258 11.79 5.96 37.21
C HIS F 258 11.49 4.79 36.28
N GLN F 259 10.90 5.10 35.13
CA GLN F 259 10.54 4.11 34.13
C GLN F 259 11.72 3.35 33.53
N MSE F 260 12.92 3.88 33.68
CA MSE F 260 14.11 3.22 33.17
C MSE F 260 15.32 3.59 33.98
O MSE F 260 16.14 4.41 33.56
CB MSE F 260 14.35 3.57 31.72
CG MSE F 260 13.28 3.05 30.78
SE MSE F 260 13.00 4.24 29.23
CE MSE F 260 11.76 5.59 30.03
N PRO F 261 15.45 2.99 35.16
CA PRO F 261 16.54 3.21 36.12
C PRO F 261 17.92 2.92 35.50
N ALA F 262 18.89 3.74 35.84
CA ALA F 262 20.23 3.52 35.35
C ALA F 262 21.20 3.41 36.53
N TRP F 263 22.34 2.79 36.25
CA TRP F 263 23.38 2.58 37.25
C TRP F 263 24.71 2.81 36.54
N HIS F 264 25.52 3.70 37.09
CA HIS F 264 26.79 4.03 36.44
C HIS F 264 28.03 3.65 37.24
N LEU F 265 28.77 2.66 36.75
CA LEU F 265 29.99 2.24 37.41
C LEU F 265 31.07 3.17 36.86
N ILE F 266 31.24 4.30 37.54
CA ILE F 266 32.18 5.33 37.14
C ILE F 266 33.65 5.07 37.44
N THR F 267 34.52 5.64 36.61
CA THR F 267 35.97 5.52 36.81
C THR F 267 36.56 6.92 36.69
N ALA F 268 37.82 7.05 37.09
CA ALA F 268 38.53 8.31 37.06
C ALA F 268 38.33 9.03 35.75
N ASP F 269 38.82 8.42 34.69
CA ASP F 269 38.76 8.96 33.35
C ASP F 269 37.39 8.84 32.67
N GLY F 270 36.38 8.45 33.43
CA GLY F 270 35.04 8.32 32.88
C GLY F 270 34.85 7.32 31.75
N GLN F 271 35.53 6.18 31.83
CA GLN F 271 35.42 5.14 30.81
C GLN F 271 34.74 3.94 31.45
N GLY F 272 33.82 4.25 32.36
CA GLY F 272 33.11 3.21 33.07
C GLY F 272 32.07 2.47 32.25
N ILE F 273 31.04 2.00 32.94
CA ILE F 273 29.98 1.28 32.28
C ILE F 273 28.64 1.72 32.84
N THR F 274 27.73 2.12 31.95
CA THR F 274 26.43 2.57 32.35
C THR F 274 25.44 1.50 31.98
N LEU F 275 24.54 1.16 32.91
CA LEU F 275 23.54 0.15 32.63
C LEU F 275 22.15 0.73 32.83
N VAL F 276 21.31 0.57 31.82
CA VAL F 276 19.95 1.07 31.91
C VAL F 276 19.01 -0.11 31.79
N ASN F 277 18.01 -0.16 32.65
CA ASN F 277 17.04 -1.22 32.58
C ASN F 277 15.85 -0.61 31.86
N ILE F 278 15.83 -0.76 30.55
CA ILE F 278 14.79 -0.20 29.70
C ILE F 278 13.42 -0.82 29.90
N GLY F 279 13.36 -1.93 30.61
CA GLY F 279 12.08 -2.55 30.83
C GLY F 279 11.63 -3.17 29.53
N VAL F 280 10.33 -3.40 29.37
CA VAL F 280 9.82 -4.05 28.16
C VAL F 280 8.85 -3.20 27.33
N GLY F 281 9.02 -3.31 26.00
CA GLY F 281 8.23 -2.60 25.03
C GLY F 281 9.14 -1.83 24.08
N PRO F 282 8.89 -1.82 22.75
CA PRO F 282 9.77 -1.07 21.85
C PRO F 282 9.60 0.43 22.05
N SER F 283 8.42 0.79 22.53
CA SER F 283 8.07 2.18 22.80
C SER F 283 9.14 2.75 23.74
N ASN F 284 9.49 1.98 24.76
CA ASN F 284 10.49 2.38 25.73
C ASN F 284 11.89 2.43 25.19
N ALA F 285 12.26 1.42 24.42
CA ALA F 285 13.59 1.36 23.86
C ALA F 285 13.85 2.56 22.95
N LYS F 286 12.82 2.99 22.23
CA LYS F 286 13.01 4.14 21.35
C LYS F 286 13.22 5.40 22.19
N THR F 287 12.31 5.61 23.12
CA THR F 287 12.36 6.78 24.00
C THR F 287 13.73 6.95 24.65
N ILE F 288 14.21 5.93 25.33
CA ILE F 288 15.50 6.03 25.99
C ILE F 288 16.67 6.36 25.04
N CYS F 289 16.71 5.75 23.87
CA CYS F 289 17.82 6.02 22.95
C CYS F 289 17.74 7.41 22.36
N ASP F 290 16.52 7.90 22.19
CA ASP F 290 16.33 9.26 21.66
C ASP F 290 17.10 10.27 22.49
N HIS F 291 17.12 10.09 23.81
CA HIS F 291 17.82 10.98 24.70
C HIS F 291 19.27 10.59 24.94
N LEU F 292 19.50 9.32 25.28
CA LEU F 292 20.85 8.87 25.55
C LEU F 292 21.79 9.18 24.39
N ALA F 293 21.21 9.37 23.21
CA ALA F 293 21.98 9.65 22.02
C ALA F 293 22.75 10.96 22.05
N VAL F 294 22.18 11.99 22.68
CA VAL F 294 22.84 13.29 22.70
C VAL F 294 24.12 13.30 23.52
N LEU F 295 24.34 12.26 24.33
CA LEU F 295 25.56 12.17 25.13
C LEU F 295 26.66 11.50 24.32
N ARG F 296 26.35 11.21 23.06
CA ARG F 296 27.30 10.61 22.14
C ARG F 296 28.08 9.44 22.70
N PRO F 297 27.38 8.36 23.09
CA PRO F 297 28.00 7.15 23.65
C PRO F 297 28.99 6.56 22.66
N ASP F 298 29.76 5.58 23.10
CA ASP F 298 30.70 4.93 22.20
C ASP F 298 30.12 3.62 21.71
N VAL F 299 29.13 3.11 22.43
CA VAL F 299 28.46 1.86 22.06
C VAL F 299 27.46 1.42 23.11
N TRP F 300 26.33 0.89 22.68
CA TRP F 300 25.36 0.37 23.63
C TRP F 300 25.02 -1.02 23.17
N LEU F 301 24.87 -1.91 24.14
CA LEU F 301 24.56 -3.31 23.87
C LEU F 301 23.29 -3.74 24.54
N MSE F 302 22.51 -4.53 23.81
CA MSE F 302 21.25 -5.08 24.31
C MSE F 302 21.56 -6.38 25.03
O MSE F 302 21.86 -7.39 24.38
CB MSE F 302 20.31 -5.40 23.15
CG MSE F 302 18.98 -5.99 23.61
SE MSE F 302 18.06 -4.69 24.82
CE MSE F 302 17.34 -5.93 26.29
N ILE F 303 21.49 -6.39 26.35
CA ILE F 303 21.75 -7.62 27.09
C ILE F 303 20.46 -7.99 27.81
N GLY F 304 19.67 -8.86 27.20
CA GLY F 304 18.40 -9.25 27.79
C GLY F 304 17.95 -10.64 27.40
N HIS F 305 16.75 -10.98 27.84
CA HIS F 305 16.17 -12.29 27.59
C HIS F 305 15.39 -12.31 26.30
N CYS F 306 15.05 -13.52 25.85
CA CYS F 306 14.33 -13.69 24.62
C CYS F 306 13.75 -15.11 24.54
N GLY F 307 12.94 -15.35 23.51
CA GLY F 307 12.36 -16.65 23.33
C GLY F 307 13.13 -17.36 22.24
N GLY F 308 13.44 -18.63 22.47
CA GLY F 308 14.17 -19.40 21.49
C GLY F 308 13.12 -19.98 20.56
N LEU F 309 13.35 -19.82 19.26
CA LEU F 309 12.39 -20.29 18.28
C LEU F 309 12.81 -21.59 17.66
N ARG F 310 14.08 -21.93 17.80
CA ARG F 310 14.57 -23.18 17.24
C ARG F 310 14.54 -24.33 18.24
N GLU F 311 14.06 -25.47 17.78
CA GLU F 311 13.97 -26.68 18.58
C GLU F 311 15.33 -26.98 19.24
N SER F 312 16.42 -26.91 18.47
CA SER F 312 17.76 -27.21 18.99
C SER F 312 18.28 -26.27 20.08
N GLN F 313 17.52 -25.24 20.43
CA GLN F 313 17.95 -24.29 21.46
C GLN F 313 17.52 -24.76 22.85
N ALA F 314 18.37 -24.51 23.83
CA ALA F 314 18.08 -24.87 25.23
C ALA F 314 18.06 -23.60 26.11
N ILE F 315 17.08 -23.50 27.00
CA ILE F 315 17.01 -22.33 27.87
C ILE F 315 18.38 -22.08 28.49
N GLY F 316 18.84 -20.84 28.41
CA GLY F 316 20.13 -20.50 28.97
C GLY F 316 21.15 -20.26 27.87
N ASP F 317 20.79 -20.70 26.66
CA ASP F 317 21.68 -20.52 25.51
C ASP F 317 21.72 -19.05 25.11
N TYR F 318 22.72 -18.69 24.31
CA TYR F 318 22.87 -17.32 23.86
C TYR F 318 22.55 -17.16 22.37
N VAL F 319 22.19 -15.92 22.02
CA VAL F 319 21.86 -15.58 20.65
C VAL F 319 22.57 -14.29 20.30
N LEU F 320 23.35 -14.33 19.24
CA LEU F 320 24.03 -13.13 18.79
C LEU F 320 23.29 -12.68 17.54
N ALA F 321 22.53 -11.60 17.67
CA ALA F 321 21.76 -11.09 16.54
C ALA F 321 22.71 -10.60 15.45
N HIS F 322 22.44 -11.02 14.21
CA HIS F 322 23.25 -10.59 13.08
C HIS F 322 22.33 -9.92 12.07
N ALA F 323 21.06 -9.73 12.46
CA ALA F 323 20.06 -9.11 11.61
C ALA F 323 18.77 -9.04 12.42
N TYR F 324 17.82 -8.21 11.98
CA TYR F 324 16.56 -8.09 12.72
C TYR F 324 15.33 -8.03 11.82
N LEU F 325 14.27 -8.74 12.22
CA LEU F 325 13.01 -8.67 11.50
C LEU F 325 12.28 -7.61 12.34
N ARG F 326 12.14 -6.41 11.80
CA ARG F 326 11.53 -5.31 12.54
C ARG F 326 10.00 -5.27 12.70
N ASP F 327 9.47 -6.05 13.64
CA ASP F 327 8.04 -6.01 13.87
C ASP F 327 7.74 -5.12 15.08
N ASP F 328 8.60 -4.13 15.31
CA ASP F 328 8.45 -3.21 16.44
C ASP F 328 7.54 -2.01 16.13
N HIS F 329 7.37 -1.71 14.83
CA HIS F 329 6.54 -0.60 14.34
C HIS F 329 6.96 0.80 14.75
N VAL F 330 7.39 0.94 15.99
CA VAL F 330 7.75 2.23 16.56
C VAL F 330 8.71 3.10 15.75
N LEU F 331 9.52 2.53 14.88
CA LEU F 331 10.45 3.34 14.08
C LEU F 331 10.19 3.33 12.57
N ASP F 332 9.10 2.70 12.17
CA ASP F 332 8.74 2.57 10.76
C ASP F 332 8.66 3.89 10.01
N ALA F 333 8.13 4.92 10.64
CA ALA F 333 8.02 6.21 9.98
C ALA F 333 9.37 6.83 9.63
N VAL F 334 10.22 7.03 10.64
CA VAL F 334 11.53 7.64 10.43
C VAL F 334 12.57 6.75 9.75
N LEU F 335 12.32 5.44 9.75
CA LEU F 335 13.24 4.49 9.14
C LEU F 335 12.45 3.31 8.60
N PRO F 336 12.00 3.40 7.34
CA PRO F 336 11.23 2.35 6.68
C PRO F 336 11.83 0.95 6.82
N PRO F 337 10.96 -0.05 7.08
CA PRO F 337 11.36 -1.45 7.26
C PRO F 337 12.23 -2.05 6.16
N ASP F 338 12.27 -1.44 4.99
CA ASP F 338 13.11 -1.98 3.92
C ASP F 338 14.51 -1.38 3.93
N ILE F 339 14.78 -0.53 4.90
CA ILE F 339 16.09 0.06 5.02
C ILE F 339 16.89 -0.97 5.78
N PRO F 340 18.02 -1.41 5.21
CA PRO F 340 18.85 -2.40 5.88
C PRO F 340 19.66 -1.94 7.10
N ILE F 341 19.44 -2.61 8.24
CA ILE F 341 20.19 -2.32 9.47
C ILE F 341 21.23 -3.43 9.59
N PRO F 342 22.49 -3.13 9.30
CA PRO F 342 23.57 -4.12 9.38
C PRO F 342 24.08 -4.41 10.79
N SER F 343 25.04 -5.34 10.88
CA SER F 343 25.69 -5.72 12.13
C SER F 343 27.01 -4.94 12.12
N ILE F 344 27.47 -4.53 13.29
CA ILE F 344 28.72 -3.81 13.34
C ILE F 344 29.79 -4.85 13.65
N ALA F 345 30.58 -5.18 12.64
CA ALA F 345 31.66 -6.16 12.73
C ALA F 345 32.44 -6.08 14.03
N GLU F 346 32.93 -4.88 14.35
CA GLU F 346 33.71 -4.70 15.57
C GLU F 346 32.92 -5.13 16.80
N VAL F 347 31.65 -4.73 16.88
CA VAL F 347 30.85 -5.11 18.03
C VAL F 347 30.49 -6.60 18.01
N GLN F 348 30.36 -7.14 16.81
CA GLN F 348 30.03 -8.55 16.68
C GLN F 348 31.17 -9.39 17.23
N ARG F 349 32.41 -9.10 16.82
CA ARG F 349 33.55 -9.87 17.32
C ARG F 349 33.58 -9.81 18.85
N ALA F 350 33.53 -8.59 19.39
CA ALA F 350 33.55 -8.37 20.84
C ALA F 350 32.52 -9.28 21.48
N LEU F 351 31.27 -9.18 21.06
CA LEU F 351 30.24 -10.02 21.64
C LEU F 351 30.58 -11.52 21.48
N TYR F 352 31.08 -11.89 20.32
CA TYR F 352 31.42 -13.28 20.07
C TYR F 352 32.50 -13.74 21.04
N ASP F 353 33.68 -13.15 20.92
CA ASP F 353 34.81 -13.49 21.78
C ASP F 353 34.44 -13.43 23.24
N ALA F 354 33.65 -12.43 23.63
CA ALA F 354 33.23 -12.31 25.03
C ALA F 354 32.50 -13.58 25.44
N THR F 355 31.75 -14.17 24.53
CA THR F 355 31.02 -15.37 24.86
C THR F 355 31.99 -16.54 24.89
N LYS F 356 33.02 -16.48 24.06
CA LYS F 356 34.02 -17.55 24.05
C LYS F 356 34.74 -17.60 25.39
N LEU F 357 35.22 -16.45 25.84
CA LEU F 357 35.96 -16.34 27.10
C LEU F 357 35.12 -16.59 28.35
N VAL F 358 34.05 -15.82 28.51
CA VAL F 358 33.21 -15.96 29.68
C VAL F 358 32.53 -17.32 29.85
N SER F 359 32.12 -17.97 28.76
CA SER F 359 31.46 -19.27 28.90
C SER F 359 32.52 -20.35 28.82
N GLY F 360 33.75 -19.89 28.52
CA GLY F 360 34.86 -20.81 28.39
C GLY F 360 34.65 -21.60 27.12
N ARG F 361 35.23 -22.80 27.07
CA ARG F 361 35.05 -23.68 25.91
C ARG F 361 34.92 -22.84 24.62
N PRO F 362 36.04 -22.26 24.16
CA PRO F 362 36.11 -21.43 22.95
C PRO F 362 36.10 -22.25 21.66
N GLY F 363 36.81 -21.77 20.63
CA GLY F 363 36.83 -22.46 19.35
C GLY F 363 35.47 -22.46 18.67
N GLU F 364 35.06 -23.62 18.17
CA GLU F 364 33.76 -23.79 17.50
C GLU F 364 32.85 -24.51 18.48
N GLU F 365 33.36 -24.66 19.69
CA GLU F 365 32.67 -25.32 20.80
C GLU F 365 31.54 -24.40 21.30
N VAL F 366 31.77 -23.08 21.17
CA VAL F 366 30.81 -22.04 21.57
C VAL F 366 29.47 -22.22 20.87
N LYS F 367 29.51 -22.68 19.63
CA LYS F 367 28.29 -22.87 18.86
C LYS F 367 27.26 -23.78 19.51
N GLN F 368 27.66 -24.47 20.58
CA GLN F 368 26.73 -25.35 21.28
C GLN F 368 25.96 -24.57 22.32
N ARG F 369 26.46 -23.37 22.60
CA ARG F 369 25.85 -22.52 23.59
C ARG F 369 25.39 -21.19 22.95
N LEU F 370 26.00 -20.83 21.83
CA LEU F 370 25.69 -19.58 21.15
C LEU F 370 25.27 -19.71 19.68
N ARG F 371 24.08 -19.21 19.39
CA ARG F 371 23.55 -19.25 18.02
C ARG F 371 23.55 -17.83 17.42
N THR F 372 24.20 -17.67 16.27
CA THR F 372 24.21 -16.37 15.59
C THR F 372 23.10 -16.40 14.53
N GLY F 373 22.13 -15.50 14.64
CA GLY F 373 21.06 -15.50 13.66
C GLY F 373 20.23 -14.24 13.69
N THR F 374 19.12 -14.27 12.98
CA THR F 374 18.22 -13.14 12.91
C THR F 374 17.25 -13.12 14.07
N VAL F 375 17.05 -11.94 14.65
CA VAL F 375 16.14 -11.80 15.77
C VAL F 375 14.92 -10.97 15.40
N VAL F 376 13.75 -11.43 15.83
CA VAL F 376 12.51 -10.73 15.57
C VAL F 376 12.22 -9.91 16.83
N THR F 377 11.94 -8.62 16.68
CA THR F 377 11.59 -7.79 17.83
C THR F 377 10.15 -7.42 17.51
N THR F 378 9.27 -7.52 18.50
CA THR F 378 7.86 -7.21 18.30
C THR F 378 7.24 -6.35 19.42
N ASP F 379 6.14 -5.68 19.10
CA ASP F 379 5.48 -4.85 20.09
C ASP F 379 4.25 -5.57 20.62
N ASP F 380 4.05 -6.79 20.13
CA ASP F 380 2.92 -7.61 20.59
C ASP F 380 3.48 -8.71 21.45
N ARG F 381 3.43 -8.53 22.76
CA ARG F 381 3.96 -9.53 23.65
C ARG F 381 3.21 -10.86 23.52
N ASN F 382 1.89 -10.83 23.38
CA ASN F 382 1.13 -12.07 23.25
C ASN F 382 1.08 -12.51 21.79
N TRP F 383 2.23 -12.44 21.14
CA TRP F 383 2.32 -12.82 19.73
C TRP F 383 1.99 -14.29 19.52
N GLU F 384 2.23 -15.11 20.53
CA GLU F 384 1.93 -16.51 20.40
C GLU F 384 0.47 -16.68 20.01
N LEU F 385 -0.39 -15.84 20.57
CA LEU F 385 -1.81 -15.93 20.25
C LEU F 385 -2.11 -15.80 18.76
N ARG F 386 -1.08 -15.54 17.96
CA ARG F 386 -1.27 -15.41 16.52
C ARG F 386 -0.17 -16.12 15.75
N TYR F 387 0.51 -17.06 16.38
CA TYR F 387 1.61 -17.74 15.71
C TYR F 387 1.41 -17.97 14.22
N SER F 388 0.38 -18.73 13.87
CA SER F 388 0.10 -19.04 12.47
C SER F 388 0.40 -17.87 11.52
N ALA F 389 -0.13 -16.69 11.83
CA ALA F 389 0.08 -15.53 10.98
C ALA F 389 1.54 -15.12 10.91
N SER F 390 2.25 -15.25 12.02
CA SER F 390 3.64 -14.85 12.07
C SER F 390 4.56 -15.84 11.39
N ALA F 391 4.33 -17.11 11.67
CA ALA F 391 5.12 -18.22 11.16
C ALA F 391 5.75 -18.04 9.77
N LEU F 392 4.99 -17.55 8.79
CA LEU F 392 5.57 -17.39 7.45
C LEU F 392 6.76 -16.43 7.47
N ARG F 393 6.57 -15.27 8.04
CA ARG F 393 7.63 -14.28 8.15
C ARG F 393 8.79 -14.82 8.99
N PHE F 394 8.45 -15.47 10.09
CA PHE F 394 9.48 -16.05 10.95
C PHE F 394 10.36 -16.97 10.14
N ASN F 395 9.73 -17.85 9.36
CA ASN F 395 10.47 -18.79 8.54
C ASN F 395 11.22 -18.03 7.46
N LEU F 396 10.51 -17.15 6.79
CA LEU F 396 11.07 -16.34 5.71
C LEU F 396 12.38 -15.62 6.10
N SER F 397 12.39 -15.12 7.32
CA SER F 397 13.55 -14.41 7.82
C SER F 397 14.55 -15.27 8.55
N ARG F 398 14.28 -16.57 8.61
CA ARG F 398 15.17 -17.50 9.30
C ARG F 398 15.32 -17.02 10.76
N ALA F 399 14.21 -16.57 11.31
CA ALA F 399 14.19 -16.11 12.69
C ALA F 399 14.76 -17.20 13.61
N VAL F 400 15.44 -16.77 14.66
CA VAL F 400 16.06 -17.72 15.57
C VAL F 400 15.62 -17.45 17.02
N ALA F 401 15.21 -16.21 17.30
CA ALA F 401 14.77 -15.80 18.63
C ALA F 401 13.81 -14.61 18.51
N ILE F 402 13.09 -14.29 19.56
CA ILE F 402 12.17 -13.15 19.49
C ILE F 402 12.22 -12.37 20.80
N ASP F 403 12.18 -11.05 20.72
CA ASP F 403 12.21 -10.19 21.90
C ASP F 403 11.45 -8.90 21.61
N MSE F 404 11.63 -7.88 22.44
CA MSE F 404 10.91 -6.64 22.25
C MSE F 404 11.71 -5.37 22.35
O MSE F 404 11.15 -4.30 22.62
CB MSE F 404 9.76 -6.60 23.26
CG MSE F 404 8.96 -7.85 23.16
SE MSE F 404 7.28 -7.82 24.21
CE MSE F 404 6.27 -6.18 23.45
N GLU F 405 13.01 -5.44 22.10
CA GLU F 405 13.80 -4.22 22.19
C GLU F 405 14.97 -4.20 21.20
N SER F 406 15.61 -5.35 21.03
CA SER F 406 16.76 -5.46 20.12
C SER F 406 16.75 -4.54 18.91
N ALA F 407 15.89 -4.91 17.96
CA ALA F 407 15.78 -4.18 16.72
C ALA F 407 15.60 -2.68 16.96
N THR F 408 14.92 -2.32 18.03
CA THR F 408 14.71 -0.91 18.30
C THR F 408 16.00 -0.23 18.73
N ILE F 409 16.72 -0.88 19.62
CA ILE F 409 18.00 -0.37 20.11
C ILE F 409 18.97 -0.30 18.94
N ALA F 410 19.00 -1.38 18.17
CA ALA F 410 19.88 -1.48 17.04
C ALA F 410 19.59 -0.33 16.08
N ALA F 411 18.32 -0.26 15.68
CA ALA F 411 17.85 0.78 14.76
C ALA F 411 18.23 2.18 15.23
N GLN F 412 17.98 2.46 16.51
CA GLN F 412 18.32 3.76 17.05
C GLN F 412 19.83 4.00 16.99
N GLY F 413 20.62 2.99 17.31
CA GLY F 413 22.07 3.15 17.24
C GLY F 413 22.41 3.51 15.81
N TYR F 414 21.82 2.77 14.89
CA TYR F 414 22.04 2.99 13.47
C TYR F 414 21.72 4.46 13.15
N ARG F 415 20.53 4.90 13.54
CA ARG F 415 20.09 6.27 13.29
C ARG F 415 21.04 7.32 13.88
N PHE F 416 21.41 7.13 15.14
CA PHE F 416 22.27 8.08 15.82
C PHE F 416 23.77 7.85 15.76
N ARG F 417 24.19 6.92 14.91
CA ARG F 417 25.62 6.64 14.78
C ARG F 417 26.26 6.24 16.09
N VAL F 418 25.68 5.24 16.74
CA VAL F 418 26.22 4.75 17.99
C VAL F 418 26.36 3.26 17.75
N PRO F 419 27.61 2.74 17.75
CA PRO F 419 27.81 1.31 17.53
C PRO F 419 26.88 0.52 18.46
N TYR F 420 26.31 -0.56 17.94
CA TYR F 420 25.35 -1.35 18.70
C TYR F 420 25.52 -2.85 18.43
N GLY F 421 24.96 -3.65 19.32
CA GLY F 421 25.03 -5.08 19.17
C GLY F 421 24.03 -5.74 20.08
N THR F 422 23.59 -6.94 19.71
CA THR F 422 22.64 -7.65 20.56
C THR F 422 23.10 -9.07 20.88
N LEU F 423 23.09 -9.38 22.17
CA LEU F 423 23.45 -10.71 22.67
C LEU F 423 22.41 -11.08 23.70
N LEU F 424 21.40 -11.83 23.27
CA LEU F 424 20.34 -12.22 24.18
C LEU F 424 20.57 -13.60 24.77
N CYS F 425 19.77 -13.92 25.78
CA CYS F 425 19.86 -15.21 26.44
C CYS F 425 18.48 -15.86 26.40
N VAL F 426 18.41 -17.08 25.89
CA VAL F 426 17.12 -17.75 25.79
C VAL F 426 16.50 -17.98 27.16
N SER F 427 15.37 -17.34 27.42
CA SER F 427 14.73 -17.53 28.70
C SER F 427 13.55 -18.49 28.59
N ASP F 428 13.23 -18.96 27.38
CA ASP F 428 12.12 -19.88 27.20
C ASP F 428 11.91 -20.23 25.74
N LYS F 429 11.12 -21.26 25.48
CA LYS F 429 10.86 -21.70 24.12
C LYS F 429 9.35 -21.81 23.90
N PRO F 430 8.73 -20.69 23.51
CA PRO F 430 7.28 -20.58 23.26
C PRO F 430 6.73 -21.62 22.31
N LEU F 431 7.52 -21.94 21.29
CA LEU F 431 7.11 -22.90 20.27
C LEU F 431 7.21 -24.36 20.70
N HIS F 432 7.78 -24.59 21.89
CA HIS F 432 7.96 -25.93 22.41
C HIS F 432 7.51 -26.13 23.87
N GLY F 433 6.27 -25.72 24.17
CA GLY F 433 5.72 -25.88 25.50
C GLY F 433 6.19 -24.93 26.60
N GLU F 434 7.50 -24.78 26.74
CA GLU F 434 8.10 -23.93 27.75
C GLU F 434 7.86 -22.44 27.53
N ILE F 435 6.63 -21.99 27.78
CA ILE F 435 6.28 -20.58 27.60
C ILE F 435 6.30 -19.84 28.94
N LYS F 436 7.49 -19.67 29.53
CA LYS F 436 7.63 -18.99 30.82
C LYS F 436 7.65 -17.46 30.71
N LEU F 437 7.82 -16.81 31.85
CA LEU F 437 7.88 -15.34 31.90
C LEU F 437 8.96 -14.93 32.87
N PRO F 438 10.15 -14.53 32.36
CA PRO F 438 11.26 -14.11 33.23
C PRO F 438 10.75 -13.36 34.49
N GLY F 439 11.14 -13.86 35.65
CA GLY F 439 10.69 -13.27 36.90
C GLY F 439 9.61 -14.19 37.41
N GLN F 440 9.81 -15.48 37.14
CA GLN F 440 8.89 -16.53 37.53
C GLN F 440 9.72 -17.80 37.79
N ALA F 441 9.05 -18.93 37.98
CA ALA F 441 9.72 -20.19 38.25
C ALA F 441 10.52 -20.78 37.08
N ASN F 442 11.42 -19.98 36.50
CA ASN F 442 12.25 -20.50 35.43
C ASN F 442 13.65 -20.64 35.97
N ARG F 443 13.89 -21.80 36.55
CA ARG F 443 15.17 -22.13 37.18
C ARG F 443 16.41 -21.96 36.30
N PHE F 444 16.40 -22.54 35.11
CA PHE F 444 17.56 -22.48 34.24
C PHE F 444 17.95 -21.12 33.67
N TYR F 445 17.01 -20.18 33.63
CA TYR F 445 17.34 -18.86 33.10
C TYR F 445 18.06 -18.04 34.17
N GLU F 446 17.44 -17.96 35.35
CA GLU F 446 18.01 -17.19 36.45
C GLU F 446 19.49 -17.53 36.62
N GLY F 447 19.83 -18.79 36.36
CA GLY F 447 21.20 -19.23 36.50
C GLY F 447 22.21 -18.58 35.59
N ALA F 448 21.79 -18.26 34.37
CA ALA F 448 22.71 -17.67 33.42
C ALA F 448 22.91 -16.16 33.57
N ILE F 449 21.87 -15.47 34.02
CA ILE F 449 21.91 -14.01 34.20
C ILE F 449 23.28 -13.45 34.57
N SER F 450 23.93 -14.05 35.55
CA SER F 450 25.23 -13.54 35.95
C SER F 450 26.25 -13.70 34.82
N GLU F 451 26.34 -14.90 34.26
CA GLU F 451 27.28 -15.15 33.17
C GLU F 451 26.96 -14.26 31.98
N HIS F 452 25.67 -14.11 31.70
CA HIS F 452 25.21 -13.28 30.60
C HIS F 452 25.78 -11.87 30.78
N LEU F 453 25.36 -11.22 31.86
CA LEU F 453 25.83 -9.87 32.17
C LEU F 453 27.35 -9.79 32.08
N GLN F 454 28.02 -10.88 32.36
CA GLN F 454 29.48 -10.88 32.30
C GLN F 454 29.96 -10.84 30.86
N ILE F 455 29.21 -11.49 29.97
CA ILE F 455 29.59 -11.48 28.56
C ILE F 455 29.45 -10.05 28.07
N GLY F 456 28.39 -9.39 28.52
CA GLY F 456 28.17 -8.01 28.14
C GLY F 456 29.34 -7.14 28.56
N ILE F 457 29.68 -7.24 29.84
CA ILE F 457 30.77 -6.47 30.39
C ILE F 457 32.09 -6.79 29.70
N ARG F 458 32.36 -8.06 29.48
CA ARG F 458 33.61 -8.42 28.84
C ARG F 458 33.66 -7.82 27.43
N ALA F 459 32.52 -7.86 26.74
CA ALA F 459 32.42 -7.32 25.40
C ALA F 459 32.84 -5.86 25.44
N ILE F 460 32.34 -5.15 26.45
CA ILE F 460 32.67 -3.75 26.59
C ILE F 460 34.17 -3.58 26.79
N ASP F 461 34.75 -4.36 27.70
CA ASP F 461 36.20 -4.31 27.97
C ASP F 461 36.94 -4.43 26.65
N LEU F 462 36.61 -5.49 25.90
CA LEU F 462 37.23 -5.74 24.61
C LEU F 462 37.13 -4.52 23.70
N LEU F 463 35.93 -3.96 23.64
CA LEU F 463 35.67 -2.80 22.79
C LEU F 463 36.36 -1.55 23.29
N ARG F 464 36.39 -1.36 24.60
CA ARG F 464 37.05 -0.18 25.16
C ARG F 464 38.52 -0.20 24.79
N ALA F 465 39.12 -1.38 24.87
CA ALA F 465 40.53 -1.57 24.55
C ALA F 465 40.77 -1.32 23.08
N GLU F 466 39.72 -1.49 22.28
CA GLU F 466 39.80 -1.28 20.84
C GLU F 466 40.20 0.18 20.50
N GLY F 467 40.04 1.07 21.48
CA GLY F 467 40.39 2.46 21.25
C GLY F 467 39.47 3.04 20.19
N ASP F 468 40.04 3.65 19.16
CA ASP F 468 39.21 4.23 18.10
C ASP F 468 38.72 3.18 17.13
N ARG F 469 39.38 2.04 17.08
CA ARG F 469 38.98 0.96 16.18
C ARG F 469 37.47 0.72 16.28
N LEU F 470 36.95 0.83 17.50
CA LEU F 470 35.53 0.63 17.74
C LEU F 470 34.69 1.31 16.69
N HIS F 471 35.03 2.56 16.38
CA HIS F 471 34.29 3.34 15.41
C HIS F 471 34.74 3.15 13.96
N SER F 472 33.84 2.66 13.11
CA SER F 472 34.10 2.46 11.70
C SER F 472 33.22 3.46 10.92
N ARG F 473 33.28 3.39 9.59
CA ARG F 473 32.50 4.30 8.74
C ARG F 473 31.10 3.75 8.41
N LYS F 474 30.81 2.57 8.97
CA LYS F 474 29.54 1.89 8.72
C LYS F 474 28.22 2.65 8.96
N LEU F 475 28.27 3.73 9.73
CA LEU F 475 27.05 4.47 10.01
C LEU F 475 27.09 5.90 9.49
N ARG F 476 28.18 6.28 8.83
CA ARG F 476 28.33 7.62 8.26
C ARG F 476 27.30 7.86 7.18
N THR F 477 26.65 9.01 7.20
CA THR F 477 25.69 9.35 6.15
C THR F 477 26.50 10.19 5.17
N PHE F 478 25.89 10.62 4.07
CA PHE F 478 26.61 11.43 3.08
C PHE F 478 26.95 12.81 3.65
N ASN F 479 26.02 13.33 4.44
CA ASN F 479 26.13 14.63 5.07
C ASN F 479 26.63 14.51 6.51
N GLU F 480 27.19 13.36 6.87
CA GLU F 480 27.67 13.13 8.24
C GLU F 480 28.38 14.34 8.83
N PRO F 481 27.89 14.83 9.99
CA PRO F 481 28.46 15.99 10.69
C PRO F 481 29.91 15.74 11.08
N PRO F 482 30.71 16.80 11.12
CA PRO F 482 32.12 16.64 11.50
C PRO F 482 32.29 15.98 12.87
N PHE F 483 31.53 16.43 13.86
CA PHE F 483 31.61 15.85 15.21
C PHE F 483 31.10 14.41 15.26
N ARG F 484 31.76 13.58 16.07
CA ARG F 484 31.39 12.19 16.22
C ARG F 484 29.99 12.04 16.77
P PO4 G . 25.60 -20.20 13.58
O1 PO4 G . 26.62 -19.20 13.17
O2 PO4 G . 26.05 -21.56 13.19
O3 PO4 G . 25.43 -20.12 15.06
O4 PO4 G . 24.31 -19.90 12.92
P PO4 H . -5.82 11.93 -32.48
O1 PO4 H . -5.30 10.70 -33.13
O2 PO4 H . -5.07 13.09 -32.99
O3 PO4 H . -7.27 12.06 -32.80
O4 PO4 H . -5.64 11.82 -31.02
P PO4 I . -8.38 -11.52 -32.05
O1 PO4 I . -8.68 -10.22 -32.70
O2 PO4 I . -9.48 -12.47 -32.31
O3 PO4 I . -7.09 -12.06 -32.59
O4 PO4 I . -8.24 -11.31 -30.59
P PO4 J . -17.30 19.75 23.13
O1 PO4 J . -18.72 19.28 23.07
O2 PO4 J . -17.27 21.21 22.95
O3 PO4 J . -16.72 19.38 24.45
O4 PO4 J . -16.53 19.11 22.06
P PO4 K . -27.98 -1.05 20.89
O1 PO4 K . -27.34 -0.15 21.88
O2 PO4 K . -28.42 -2.30 21.57
O3 PO4 K . -29.17 -0.35 20.28
O4 PO4 K . -27.00 -1.39 19.82
P PO4 L . 34.44 0.49 7.24
O1 PO4 L . 34.54 -0.49 8.35
O2 PO4 L . 34.87 1.84 7.70
O3 PO4 L . 35.29 0.05 6.09
O4 PO4 L . 33.03 0.56 6.81
#